data_7XCL
#
_entry.id   7XCL
#
_cell.length_a   175.492
_cell.length_b   175.492
_cell.length_c   300.996
_cell.angle_alpha   90.000
_cell.angle_beta   90.000
_cell.angle_gamma   120.000
#
_symmetry.space_group_name_H-M   'P 32 2 1'
#
loop_
_entity.id
_entity.type
_entity.pdbx_description
1 polymer 'Trimethylamine methyltransferase'
2 non-polymer GLYCEROL
3 non-polymer 'SODIUM ION'
4 water water
#
_entity_poly.entity_id   1
_entity_poly.type   'polypeptide(L)'
_entity_poly.pdbx_seq_one_letter_code
;MAKNNAVAGFNALNGVELNLFTTDELKAIHYATMEVLMDPGIQVSDPEARQIFKENGCEVNEKTNVVKIPEYLVRKALQL
APSRFVLWGRDKKFNTVQECGGKVHWTCFGTGVKVCKYQDGKYVTVDSVEKDIADIAKLCDWAENIDYFSLPVSARDIAG
QGAQDVHETLTPLANTAKHFHHIDPVGENVEYYRDIVKAYYGGDEEEARKKPIFSMLLCPTSPLELSVNACQVIIKGARF
GIPVNVLSMAMSGGSSPVYLAGTLVTHNAEVLSGIVLAQLTVPGAKVWYGSSTTTFDLKKGTAPVGSPELGLISAAVAKL
AQFYGLPSYVAGSOSDAKVPDDQAGHEKTMTTLLPALAGANTIYGAGMLELGMTFSMEQLVIDNDIFSMVKKAMQGIPVS
EETLAVESIQKVGIGNNFLALKQTRQLVDYPSNPMLLDRHMFGDWAAAGSKDLATVAHEKVEDVLKNHQVTPIDADIFKD
MQAIVDKADKAFRGMGGHHHHHH
;
_entity_poly.pdbx_strand_id   A,B,C,D,E,F
#
# COMPACT_ATOMS: atom_id res chain seq x y z
N ALA A 2 23.51 -17.91 -19.60
CA ALA A 2 22.91 -17.32 -20.82
C ALA A 2 22.03 -16.12 -20.48
N LYS A 3 21.51 -15.45 -21.51
CA LYS A 3 20.63 -14.30 -21.33
C LYS A 3 19.43 -14.78 -20.53
N ASN A 4 19.09 -14.06 -19.46
CA ASN A 4 17.98 -14.45 -18.61
C ASN A 4 16.64 -14.53 -19.32
N ASN A 5 15.82 -15.46 -18.85
CA ASN A 5 14.49 -15.66 -19.39
C ASN A 5 13.62 -16.23 -18.27
N ALA A 6 13.82 -15.68 -17.07
CA ALA A 6 13.07 -16.09 -15.88
C ALA A 6 13.10 -14.97 -14.84
N VAL A 7 11.96 -14.32 -14.65
CA VAL A 7 11.89 -13.23 -13.68
C VAL A 7 10.75 -13.45 -12.70
N ALA A 8 11.07 -13.31 -11.42
CA ALA A 8 10.07 -13.48 -10.37
C ALA A 8 9.14 -12.27 -10.40
N GLY A 9 7.95 -12.45 -9.82
CA GLY A 9 6.96 -11.39 -9.75
C GLY A 9 7.54 -10.00 -9.86
N PHE A 10 6.94 -9.20 -10.73
CA PHE A 10 7.42 -7.84 -11.00
C PHE A 10 6.25 -6.84 -11.03
N ASN A 11 6.32 -5.80 -10.21
CA ASN A 11 5.27 -4.77 -10.17
C ASN A 11 5.47 -3.74 -11.28
N ALA A 12 4.47 -3.56 -12.12
CA ALA A 12 4.59 -2.62 -13.23
C ALA A 12 3.50 -1.57 -13.34
N LEU A 13 3.86 -0.46 -14.01
CA LEU A 13 2.94 0.64 -14.26
C LEU A 13 2.90 0.95 -15.76
N ASN A 14 1.76 0.56 -16.32
CA ASN A 14 1.47 0.72 -17.74
C ASN A 14 0.64 1.96 -17.96
N GLY A 15 1.24 2.92 -18.65
CA GLY A 15 0.55 4.16 -18.93
C GLY A 15 0.93 5.21 -17.90
N VAL A 16 0.02 6.14 -17.68
CA VAL A 16 0.26 7.20 -16.72
C VAL A 16 -0.92 7.21 -15.76
N GLU A 17 -0.62 7.32 -14.48
CA GLU A 17 -1.69 7.35 -13.49
C GLU A 17 -1.82 8.76 -12.92
N LEU A 18 -3.06 9.22 -12.77
CA LEU A 18 -3.33 10.54 -12.23
C LEU A 18 -4.31 10.38 -11.07
N ASN A 19 -3.93 10.84 -9.89
CA ASN A 19 -4.77 10.72 -8.70
C ASN A 19 -5.28 12.02 -8.10
N LEU A 20 -6.53 12.00 -7.70
CA LEU A 20 -7.15 13.16 -7.10
C LEU A 20 -7.69 12.91 -5.72
N PHE A 21 -8.01 11.66 -5.42
CA PHE A 21 -8.59 11.34 -4.13
C PHE A 21 -8.02 10.08 -3.49
N THR A 22 -8.26 9.98 -2.19
CA THR A 22 -7.90 8.81 -1.41
C THR A 22 -9.29 8.20 -1.19
N THR A 23 -9.34 6.95 -0.73
CA THR A 23 -10.63 6.34 -0.51
C THR A 23 -11.42 7.10 0.56
N ASP A 24 -10.71 7.66 1.53
CA ASP A 24 -11.39 8.42 2.57
C ASP A 24 -12.09 9.66 2.01
N GLU A 25 -11.49 10.30 1.01
CA GLU A 25 -12.12 11.49 0.42
C GLU A 25 -13.29 11.12 -0.48
N LEU A 26 -13.18 10.00 -1.18
CA LEU A 26 -14.28 9.56 -2.03
C LEU A 26 -15.50 9.36 -1.14
N LYS A 27 -15.31 8.65 -0.04
CA LYS A 27 -16.39 8.39 0.90
C LYS A 27 -16.95 9.68 1.47
N ALA A 28 -16.08 10.65 1.72
CA ALA A 28 -16.50 11.93 2.26
C ALA A 28 -17.50 12.59 1.30
N ILE A 29 -17.16 12.59 0.02
CA ILE A 29 -18.04 13.18 -0.98
C ILE A 29 -19.36 12.41 -0.97
N HIS A 30 -19.27 11.09 -0.90
CA HIS A 30 -20.45 10.22 -0.89
C HIS A 30 -21.41 10.49 0.26
N TYR A 31 -20.89 10.58 1.48
CA TYR A 31 -21.75 10.82 2.64
C TYR A 31 -22.41 12.19 2.48
N ALA A 32 -21.66 13.15 1.96
CA ALA A 32 -22.20 14.48 1.76
C ALA A 32 -23.37 14.37 0.78
N THR A 33 -23.16 13.62 -0.29
CA THR A 33 -24.18 13.44 -1.29
C THR A 33 -25.43 12.79 -0.69
N MET A 34 -25.25 11.67 0.02
CA MET A 34 -26.37 10.98 0.64
C MET A 34 -27.16 11.89 1.58
N GLU A 35 -26.45 12.80 2.25
CA GLU A 35 -27.11 13.70 3.17
C GLU A 35 -27.98 14.68 2.38
N VAL A 36 -27.44 15.19 1.28
CA VAL A 36 -28.18 16.13 0.46
C VAL A 36 -29.43 15.47 -0.16
N LEU A 37 -29.31 14.19 -0.54
CA LEU A 37 -30.44 13.48 -1.15
C LEU A 37 -31.61 13.28 -0.17
N MET A 38 -31.33 13.36 1.12
CA MET A 38 -32.37 13.22 2.13
C MET A 38 -32.84 14.58 2.61
N ASP A 39 -32.01 15.60 2.36
CA ASP A 39 -32.31 16.97 2.74
C ASP A 39 -31.42 17.90 1.94
N PRO A 40 -32.01 18.75 1.08
CA PRO A 40 -33.44 18.94 0.80
C PRO A 40 -34.10 17.88 -0.06
N GLY A 41 -33.30 17.07 -0.74
CA GLY A 41 -33.87 16.07 -1.61
C GLY A 41 -33.87 16.61 -3.04
N ILE A 42 -34.66 15.99 -3.92
CA ILE A 42 -34.70 16.42 -5.30
C ILE A 42 -36.09 16.68 -5.83
N GLN A 43 -36.23 17.76 -6.60
CA GLN A 43 -37.52 18.11 -7.17
C GLN A 43 -37.74 17.39 -8.50
N VAL A 44 -38.62 16.39 -8.45
CA VAL A 44 -38.98 15.58 -9.61
C VAL A 44 -40.27 16.16 -10.18
N SER A 45 -40.16 16.94 -11.24
CA SER A 45 -41.33 17.57 -11.83
C SER A 45 -42.29 16.62 -12.55
N ASP A 46 -41.78 15.50 -13.06
CA ASP A 46 -42.64 14.56 -13.77
C ASP A 46 -43.37 13.60 -12.83
N PRO A 47 -44.70 13.68 -12.81
CA PRO A 47 -45.54 12.82 -11.96
C PRO A 47 -45.31 11.32 -12.10
N GLU A 48 -45.01 10.87 -13.32
CA GLU A 48 -44.77 9.44 -13.53
C GLU A 48 -43.49 8.98 -12.84
N ALA A 49 -42.46 9.83 -12.88
CA ALA A 49 -41.19 9.50 -12.23
C ALA A 49 -41.37 9.53 -10.72
N ARG A 50 -42.13 10.50 -10.22
CA ARG A 50 -42.40 10.62 -8.79
C ARG A 50 -43.03 9.33 -8.28
N GLN A 51 -43.95 8.79 -9.07
CA GLN A 51 -44.64 7.55 -8.74
C GLN A 51 -43.62 6.42 -8.62
N ILE A 52 -42.76 6.30 -9.62
CA ILE A 52 -41.72 5.28 -9.62
C ILE A 52 -40.92 5.41 -8.33
N PHE A 53 -40.56 6.64 -7.97
CA PHE A 53 -39.79 6.87 -6.75
C PHE A 53 -40.58 6.44 -5.51
N LYS A 54 -41.83 6.90 -5.41
CA LYS A 54 -42.68 6.57 -4.27
C LYS A 54 -42.82 5.06 -4.04
N GLU A 55 -43.18 4.35 -5.08
CA GLU A 55 -43.36 2.90 -5.02
C GLU A 55 -42.18 2.16 -4.45
N ASN A 56 -40.99 2.67 -4.71
CA ASN A 56 -39.77 2.01 -4.26
C ASN A 56 -39.23 2.47 -2.91
N GLY A 57 -40.02 3.27 -2.19
CA GLY A 57 -39.60 3.70 -0.87
C GLY A 57 -39.23 5.14 -0.65
N CYS A 58 -39.28 5.99 -1.66
CA CYS A 58 -38.92 7.39 -1.45
C CYS A 58 -40.04 8.21 -0.84
N GLU A 59 -39.69 9.15 0.03
CA GLU A 59 -40.68 10.01 0.62
C GLU A 59 -40.94 11.06 -0.45
N VAL A 60 -42.18 11.19 -0.88
CA VAL A 60 -42.51 12.16 -1.91
C VAL A 60 -43.56 13.16 -1.46
N ASN A 61 -43.18 14.43 -1.38
CA ASN A 61 -44.10 15.49 -1.00
C ASN A 61 -44.76 15.90 -2.30
N GLU A 62 -46.01 15.47 -2.49
CA GLU A 62 -46.74 15.73 -3.72
C GLU A 62 -47.06 17.19 -4.03
N LYS A 63 -47.10 18.04 -3.00
CA LYS A 63 -47.40 19.44 -3.22
C LYS A 63 -46.17 20.27 -3.59
N THR A 64 -44.98 19.70 -3.45
CA THR A 64 -43.75 20.42 -3.81
C THR A 64 -42.94 19.64 -4.82
N ASN A 65 -43.30 18.37 -5.01
CA ASN A 65 -42.62 17.50 -5.94
C ASN A 65 -41.22 17.07 -5.45
N VAL A 66 -40.94 17.32 -4.18
CA VAL A 66 -39.65 16.95 -3.62
C VAL A 66 -39.60 15.47 -3.20
N VAL A 67 -38.62 14.78 -3.75
CA VAL A 67 -38.39 13.36 -3.50
C VAL A 67 -37.11 13.16 -2.71
N LYS A 68 -37.20 12.55 -1.53
CA LYS A 68 -36.01 12.28 -0.74
C LYS A 68 -35.62 10.83 -1.01
N ILE A 69 -34.42 10.64 -1.56
CA ILE A 69 -33.94 9.31 -1.90
C ILE A 69 -33.03 8.71 -0.84
N PRO A 70 -33.43 7.57 -0.26
CA PRO A 70 -32.62 6.91 0.77
C PRO A 70 -31.43 6.18 0.14
N GLU A 71 -30.34 6.10 0.90
CA GLU A 71 -29.10 5.48 0.42
C GLU A 71 -29.21 4.04 -0.08
N TYR A 72 -30.11 3.23 0.49
CA TYR A 72 -30.22 1.85 0.02
C TYR A 72 -30.72 1.79 -1.43
N LEU A 73 -31.49 2.79 -1.84
CA LEU A 73 -31.97 2.82 -3.22
C LEU A 73 -30.80 3.21 -4.14
N VAL A 74 -29.94 4.11 -3.67
CA VAL A 74 -28.78 4.52 -4.44
C VAL A 74 -27.90 3.29 -4.63
N ARG A 75 -27.81 2.48 -3.57
CA ARG A 75 -27.02 1.27 -3.61
C ARG A 75 -27.62 0.26 -4.57
N LYS A 76 -28.93 0.10 -4.49
CA LYS A 76 -29.66 -0.84 -5.34
C LYS A 76 -29.44 -0.50 -6.81
N ALA A 77 -29.61 0.77 -7.14
CA ALA A 77 -29.44 1.24 -8.51
C ALA A 77 -28.05 0.93 -9.03
N LEU A 78 -27.04 1.20 -8.22
CA LEU A 78 -25.66 0.95 -8.60
C LEU A 78 -25.37 -0.53 -8.81
N GLN A 79 -26.04 -1.39 -8.06
CA GLN A 79 -25.82 -2.82 -8.22
C GLN A 79 -26.56 -3.35 -9.45
N LEU A 80 -27.62 -2.66 -9.86
CA LEU A 80 -28.40 -3.06 -11.02
C LEU A 80 -27.81 -2.59 -12.36
N ALA A 81 -27.29 -1.37 -12.39
CA ALA A 81 -26.72 -0.82 -13.62
C ALA A 81 -25.53 -1.65 -14.12
N PRO A 82 -25.45 -1.86 -15.44
CA PRO A 82 -24.34 -2.63 -16.00
C PRO A 82 -23.04 -1.84 -15.93
N SER A 83 -21.91 -2.53 -15.84
CA SER A 83 -20.63 -1.85 -15.76
C SER A 83 -20.12 -1.49 -17.15
N ARG A 84 -20.70 -2.11 -18.18
N ARG A 84 -20.68 -2.13 -18.17
CA ARG A 84 -20.28 -1.86 -19.55
CA ARG A 84 -20.27 -1.84 -19.54
C ARG A 84 -21.40 -2.07 -20.56
C ARG A 84 -21.38 -2.10 -20.58
N PHE A 85 -21.21 -1.50 -21.75
CA PHE A 85 -22.14 -1.65 -22.85
C PHE A 85 -21.45 -1.13 -24.12
N VAL A 86 -21.93 -1.62 -25.26
CA VAL A 86 -21.35 -1.26 -26.54
C VAL A 86 -22.20 -0.31 -27.38
N LEU A 87 -21.57 0.72 -27.92
CA LEU A 87 -22.24 1.67 -28.78
C LEU A 87 -21.96 1.18 -30.20
N TRP A 88 -23.01 0.86 -30.95
CA TRP A 88 -22.83 0.38 -32.31
C TRP A 88 -22.91 1.47 -33.35
N GLY A 89 -22.20 1.27 -34.44
CA GLY A 89 -22.24 2.21 -35.55
C GLY A 89 -22.97 1.46 -36.64
N ARG A 90 -23.20 2.08 -37.79
CA ARG A 90 -23.88 1.37 -38.87
C ARG A 90 -22.79 0.46 -39.43
N ASP A 91 -21.56 0.89 -39.20
CA ASP A 91 -20.36 0.16 -39.61
C ASP A 91 -19.78 -0.42 -38.32
N LYS A 92 -19.86 -1.74 -38.18
CA LYS A 92 -19.36 -2.41 -36.99
C LYS A 92 -17.93 -1.97 -36.63
N LYS A 93 -17.16 -1.56 -37.62
CA LYS A 93 -15.78 -1.13 -37.37
C LYS A 93 -15.71 0.15 -36.54
N PHE A 94 -16.85 0.74 -36.24
CA PHE A 94 -16.87 1.97 -35.45
C PHE A 94 -17.41 1.72 -34.06
N ASN A 95 -17.78 0.47 -33.78
CA ASN A 95 -18.31 0.11 -32.47
C ASN A 95 -17.39 0.65 -31.38
N THR A 96 -18.00 1.15 -30.30
CA THR A 96 -17.22 1.71 -29.21
C THR A 96 -17.72 1.22 -27.85
N VAL A 97 -16.78 0.79 -27.03
CA VAL A 97 -17.09 0.27 -25.71
C VAL A 97 -17.09 1.37 -24.67
N GLN A 98 -18.04 1.29 -23.75
CA GLN A 98 -18.15 2.23 -22.65
C GLN A 98 -18.15 1.30 -21.45
N GLU A 99 -17.05 1.32 -20.71
CA GLU A 99 -16.86 0.43 -19.58
C GLU A 99 -16.18 1.08 -18.38
N CYS A 100 -16.64 0.76 -17.18
CA CYS A 100 -16.04 1.29 -15.96
C CYS A 100 -14.53 1.05 -16.03
N GLY A 101 -13.75 2.07 -15.76
CA GLY A 101 -12.32 1.93 -15.83
C GLY A 101 -11.68 3.11 -16.56
N GLY A 102 -10.47 2.90 -17.08
CA GLY A 102 -9.77 3.98 -17.75
C GLY A 102 -9.63 3.89 -19.26
N LYS A 103 -10.55 3.19 -19.92
CA LYS A 103 -10.50 3.11 -21.38
C LYS A 103 -11.13 4.41 -21.88
N VAL A 104 -10.28 5.28 -22.41
CA VAL A 104 -10.71 6.58 -22.88
C VAL A 104 -11.12 6.63 -24.36
N HIS A 105 -12.13 7.46 -24.64
CA HIS A 105 -12.63 7.66 -26.00
C HIS A 105 -13.05 9.12 -26.13
N TRP A 106 -13.12 9.60 -27.37
CA TRP A 106 -13.48 10.99 -27.63
C TRP A 106 -14.67 11.10 -28.58
N THR A 107 -15.45 12.16 -28.41
CA THR A 107 -16.59 12.43 -29.28
C THR A 107 -16.56 13.94 -29.46
N CYS A 108 -17.23 14.45 -30.50
CA CYS A 108 -17.22 15.89 -30.73
C CYS A 108 -18.16 16.61 -29.79
N PHE A 109 -18.05 17.94 -29.76
CA PHE A 109 -18.91 18.74 -28.91
C PHE A 109 -20.36 18.74 -29.38
N GLY A 110 -21.25 19.06 -28.47
CA GLY A 110 -22.67 19.11 -28.78
C GLY A 110 -23.40 19.78 -27.63
N THR A 111 -24.35 20.66 -27.95
CA THR A 111 -24.64 21.01 -29.32
C THR A 111 -24.76 22.53 -29.41
N GLY A 112 -23.98 23.12 -30.29
CA GLY A 112 -23.98 24.56 -30.45
C GLY A 112 -25.13 25.15 -31.26
N VAL A 113 -25.16 26.47 -31.32
CA VAL A 113 -26.17 27.19 -32.05
C VAL A 113 -25.54 28.04 -33.16
N LYS A 114 -24.21 28.02 -33.19
CA LYS A 114 -23.47 28.77 -34.20
C LYS A 114 -22.36 27.93 -34.82
N VAL A 115 -21.83 28.41 -35.94
CA VAL A 115 -20.76 27.72 -36.63
C VAL A 115 -19.72 28.73 -37.06
N CYS A 116 -18.45 28.43 -36.77
CA CYS A 116 -17.33 29.30 -37.11
C CYS A 116 -16.79 28.84 -38.48
N LYS A 117 -16.93 29.69 -39.48
N LYS A 117 -16.90 29.70 -39.48
CA LYS A 117 -16.47 29.37 -40.83
CA LYS A 117 -16.42 29.37 -40.82
C LYS A 117 -15.90 30.59 -41.57
C LYS A 117 -15.15 30.14 -41.20
N TYR A 118 -15.00 30.32 -42.51
N TYR A 118 -14.39 29.56 -42.12
CA TYR A 118 -14.35 31.36 -43.31
CA TYR A 118 -13.15 30.16 -42.63
C TYR A 118 -15.31 31.96 -44.33
C TYR A 118 -13.45 30.73 -44.01
N GLN A 119 -15.40 33.29 -44.36
N GLN A 119 -13.92 31.98 -44.05
CA GLN A 119 -16.30 33.97 -45.28
CA GLN A 119 -14.26 32.64 -45.32
C GLN A 119 -15.52 34.59 -46.44
C GLN A 119 -13.05 32.83 -46.22
N ASP A 120 -14.95 35.76 -46.20
N ASP A 120 -12.39 33.98 -46.12
CA ASP A 120 -14.16 36.47 -47.21
CA ASP A 120 -11.23 34.26 -46.95
C ASP A 120 -12.90 37.07 -46.60
C ASP A 120 -10.06 34.72 -46.10
N GLY A 121 -11.89 36.23 -46.40
N GLY A 121 -9.62 33.85 -45.19
CA GLY A 121 -10.65 36.71 -45.83
CA GLY A 121 -8.51 34.18 -44.31
C GLY A 121 -10.57 36.59 -44.32
C GLY A 121 -9.01 34.65 -42.96
N LYS A 122 -11.60 36.00 -43.71
N LYS A 122 -10.28 35.08 -42.93
CA LYS A 122 -11.63 35.83 -42.26
CA LYS A 122 -10.89 35.55 -41.69
C LYS A 122 -12.72 34.86 -41.81
C LYS A 122 -11.94 34.58 -41.16
N TYR A 123 -12.71 34.52 -40.52
N TYR A 123 -12.34 34.77 -39.91
CA TYR A 123 -13.70 33.62 -39.96
CA TYR A 123 -13.31 33.89 -39.27
C TYR A 123 -14.92 34.39 -39.48
C TYR A 123 -14.65 34.57 -39.00
N VAL A 124 -16.11 33.89 -39.81
N VAL A 124 -15.73 33.91 -39.43
CA VAL A 124 -17.35 34.52 -39.42
CA VAL A 124 -17.08 34.43 -39.25
C VAL A 124 -18.23 33.49 -38.72
C VAL A 124 -17.93 33.39 -38.52
N THR A 125 -18.70 33.84 -37.53
CA THR A 125 -19.54 32.94 -36.77
C THR A 125 -21.01 33.25 -37.05
N VAL A 126 -21.71 32.28 -37.62
CA VAL A 126 -23.12 32.44 -37.96
C VAL A 126 -23.97 31.34 -37.32
N ASP A 127 -25.27 31.60 -37.17
CA ASP A 127 -26.17 30.61 -36.58
C ASP A 127 -26.21 29.34 -37.42
N SER A 128 -26.30 28.20 -36.75
CA SER A 128 -26.30 26.92 -37.44
C SER A 128 -27.60 26.53 -38.14
N VAL A 129 -27.49 25.60 -39.08
CA VAL A 129 -28.61 25.08 -39.83
C VAL A 129 -28.39 23.60 -40.05
N GLU A 130 -29.45 22.87 -40.36
CA GLU A 130 -29.36 21.43 -40.56
C GLU A 130 -28.22 21.02 -41.48
N LYS A 131 -27.97 21.81 -42.52
CA LYS A 131 -26.91 21.48 -43.47
C LYS A 131 -25.55 21.40 -42.78
N ASP A 132 -25.35 22.23 -41.75
CA ASP A 132 -24.10 22.24 -41.00
C ASP A 132 -23.88 20.89 -40.31
N ILE A 133 -24.96 20.35 -39.75
CA ILE A 133 -24.90 19.05 -39.09
C ILE A 133 -24.43 17.97 -40.07
N ALA A 134 -24.99 18.00 -41.28
CA ALA A 134 -24.64 17.02 -42.29
C ALA A 134 -23.17 17.08 -42.67
N ASP A 135 -22.58 18.28 -42.68
CA ASP A 135 -21.18 18.42 -43.04
C ASP A 135 -20.27 18.00 -41.89
N ILE A 136 -20.64 18.42 -40.68
CA ILE A 136 -19.84 18.08 -39.53
C ILE A 136 -19.86 16.57 -39.33
N ALA A 137 -20.98 15.93 -39.66
CA ALA A 137 -21.08 14.47 -39.51
C ALA A 137 -20.09 13.78 -40.44
N LYS A 138 -19.98 14.29 -41.67
CA LYS A 138 -19.08 13.74 -42.67
C LYS A 138 -17.63 13.86 -42.21
N LEU A 139 -17.30 15.05 -41.72
CA LEU A 139 -15.96 15.34 -41.23
C LEU A 139 -15.59 14.35 -40.13
N CYS A 140 -16.44 14.25 -39.11
CA CYS A 140 -16.20 13.34 -38.00
C CYS A 140 -16.10 11.87 -38.43
N ASP A 141 -16.77 11.51 -39.52
CA ASP A 141 -16.74 10.14 -40.02
C ASP A 141 -15.31 9.83 -40.42
N TRP A 142 -14.62 10.86 -40.88
CA TRP A 142 -13.23 10.75 -41.31
C TRP A 142 -12.28 10.72 -40.10
N ALA A 143 -12.36 11.75 -39.25
CA ALA A 143 -11.51 11.82 -38.05
C ALA A 143 -11.52 10.48 -37.32
N GLU A 144 -10.34 9.90 -37.18
CA GLU A 144 -10.22 8.60 -36.52
C GLU A 144 -10.39 8.64 -35.02
N ASN A 145 -9.83 9.67 -34.38
CA ASN A 145 -9.93 9.75 -32.93
C ASN A 145 -11.31 10.13 -32.40
N ILE A 146 -12.24 10.37 -33.33
CA ILE A 146 -13.62 10.69 -32.95
C ILE A 146 -14.33 9.34 -33.04
N ASP A 147 -14.40 8.65 -31.93
CA ASP A 147 -15.04 7.33 -31.86
C ASP A 147 -16.48 7.37 -32.35
N TYR A 148 -17.31 8.20 -31.71
CA TYR A 148 -18.69 8.32 -32.15
C TYR A 148 -19.08 9.77 -32.34
N PHE A 149 -20.29 9.98 -32.83
CA PHE A 149 -20.79 11.30 -33.17
C PHE A 149 -21.89 11.84 -32.26
N SER A 150 -21.65 12.99 -31.65
CA SER A 150 -22.63 13.63 -30.79
C SER A 150 -23.18 14.86 -31.54
N LEU A 151 -24.50 15.06 -31.51
CA LEU A 151 -25.13 16.19 -32.20
C LEU A 151 -24.35 17.50 -32.03
N PRO A 152 -23.53 17.85 -33.04
CA PRO A 152 -22.72 19.07 -33.01
C PRO A 152 -23.46 20.39 -32.86
N VAL A 153 -24.37 20.69 -33.78
CA VAL A 153 -25.12 21.95 -33.72
C VAL A 153 -26.61 21.75 -33.95
N SER A 154 -27.39 22.80 -33.78
CA SER A 154 -28.84 22.73 -33.96
C SER A 154 -29.30 23.00 -35.39
N ALA A 155 -30.30 22.22 -35.84
CA ALA A 155 -30.87 22.37 -37.18
C ALA A 155 -31.89 23.52 -37.06
N ARG A 156 -31.39 24.69 -36.69
CA ARG A 156 -32.19 25.89 -36.45
C ARG A 156 -33.15 26.33 -37.55
N ASP A 157 -32.83 26.02 -38.80
CA ASP A 157 -33.70 26.39 -39.90
C ASP A 157 -35.03 25.61 -39.87
N ILE A 158 -35.08 24.54 -39.09
CA ILE A 158 -36.30 23.73 -38.99
C ILE A 158 -37.21 24.25 -37.88
N ALA A 159 -36.66 25.12 -37.03
CA ALA A 159 -37.43 25.67 -35.93
C ALA A 159 -38.76 26.27 -36.42
N GLY A 160 -39.86 25.82 -35.82
CA GLY A 160 -41.16 26.33 -36.19
C GLY A 160 -41.85 25.68 -37.37
N GLN A 161 -41.17 24.78 -38.09
CA GLN A 161 -41.75 24.12 -39.25
C GLN A 161 -42.02 22.64 -39.02
N GLY A 162 -41.23 22.02 -38.16
CA GLY A 162 -41.38 20.60 -37.89
C GLY A 162 -40.68 20.15 -36.63
N ALA A 163 -40.60 18.84 -36.43
CA ALA A 163 -39.95 18.29 -35.25
C ALA A 163 -38.45 18.35 -35.48
N GLN A 164 -37.85 19.45 -34.98
CA GLN A 164 -36.41 19.68 -35.14
C GLN A 164 -35.56 18.56 -34.55
N ASP A 165 -35.96 18.05 -33.39
CA ASP A 165 -35.22 16.98 -32.72
C ASP A 165 -35.22 15.70 -33.55
N VAL A 166 -36.27 15.51 -34.36
CA VAL A 166 -36.37 14.33 -35.19
C VAL A 166 -35.55 14.49 -36.46
N HIS A 167 -35.38 15.74 -36.89
CA HIS A 167 -34.56 16.01 -38.06
C HIS A 167 -33.14 15.80 -37.58
N GLU A 168 -32.90 16.29 -36.36
CA GLU A 168 -31.60 16.19 -35.72
C GLU A 168 -31.19 14.75 -35.45
N THR A 169 -32.08 13.81 -35.76
CA THR A 169 -31.76 12.42 -35.57
C THR A 169 -31.34 11.79 -36.90
N LEU A 170 -32.23 11.86 -37.89
CA LEU A 170 -31.96 11.27 -39.20
C LEU A 170 -30.76 11.85 -39.96
N THR A 171 -30.56 13.17 -39.88
CA THR A 171 -29.43 13.76 -40.58
C THR A 171 -28.12 13.17 -40.08
N PRO A 172 -27.90 13.16 -38.75
CA PRO A 172 -26.66 12.59 -38.25
C PRO A 172 -26.45 11.15 -38.73
N LEU A 173 -27.45 10.29 -38.50
CA LEU A 173 -27.36 8.89 -38.92
C LEU A 173 -27.07 8.70 -40.41
N ALA A 174 -27.55 9.63 -41.22
CA ALA A 174 -27.36 9.53 -42.66
C ALA A 174 -26.01 10.02 -43.13
N ASN A 175 -25.41 10.93 -42.36
CA ASN A 175 -24.14 11.49 -42.78
C ASN A 175 -22.87 10.85 -42.21
N THR A 176 -23.03 9.91 -41.28
CA THR A 176 -21.91 9.20 -40.71
C THR A 176 -22.33 7.79 -40.35
N ALA A 177 -21.38 6.86 -40.43
CA ALA A 177 -21.68 5.48 -40.11
C ALA A 177 -21.33 5.17 -38.66
N LYS A 178 -20.97 6.21 -37.90
CA LYS A 178 -20.61 6.05 -36.50
C LYS A 178 -21.82 6.17 -35.60
N HIS A 179 -21.72 5.63 -34.40
CA HIS A 179 -22.83 5.69 -33.44
C HIS A 179 -23.20 7.15 -33.18
N PHE A 180 -24.51 7.41 -33.06
CA PHE A 180 -25.00 8.76 -32.82
C PHE A 180 -25.50 8.98 -31.38
N HIS A 181 -25.00 10.05 -30.77
CA HIS A 181 -25.38 10.42 -29.42
C HIS A 181 -26.16 11.72 -29.54
N HIS A 182 -27.47 11.66 -29.32
CA HIS A 182 -28.30 12.85 -29.42
C HIS A 182 -28.27 13.64 -28.11
N ILE A 183 -27.77 14.87 -28.21
CA ILE A 183 -27.64 15.72 -27.04
C ILE A 183 -28.87 16.59 -26.73
N ASP A 184 -29.83 16.64 -27.65
CA ASP A 184 -31.04 17.42 -27.42
C ASP A 184 -32.31 16.62 -27.66
N PRO A 185 -32.46 15.47 -26.98
CA PRO A 185 -33.66 14.68 -27.19
C PRO A 185 -34.89 15.34 -26.56
N VAL A 186 -36.05 15.04 -27.11
CA VAL A 186 -37.29 15.57 -26.58
C VAL A 186 -38.10 14.42 -26.01
N GLY A 187 -38.23 14.41 -24.69
CA GLY A 187 -38.94 13.35 -24.00
C GLY A 187 -40.16 12.77 -24.70
N GLU A 188 -41.00 13.65 -25.23
CA GLU A 188 -42.21 13.23 -25.93
C GLU A 188 -41.97 12.54 -27.26
N ASN A 189 -40.86 12.84 -27.92
CA ASN A 189 -40.57 12.23 -29.21
C ASN A 189 -39.65 11.02 -29.20
N VAL A 190 -39.29 10.52 -28.03
CA VAL A 190 -38.40 9.36 -27.97
C VAL A 190 -38.94 8.23 -28.86
N GLU A 191 -40.25 8.05 -28.89
CA GLU A 191 -40.86 7.00 -29.71
C GLU A 191 -40.41 7.14 -31.17
N TYR A 192 -40.31 8.36 -31.66
CA TYR A 192 -39.86 8.59 -33.04
C TYR A 192 -38.43 8.09 -33.24
N TYR A 193 -37.56 8.36 -32.26
CA TYR A 193 -36.18 7.91 -32.36
C TYR A 193 -36.18 6.39 -32.38
N ARG A 194 -36.90 5.77 -31.44
CA ARG A 194 -36.94 4.31 -31.43
C ARG A 194 -37.34 3.78 -32.80
N ASP A 195 -38.33 4.42 -33.42
CA ASP A 195 -38.82 3.99 -34.72
C ASP A 195 -37.83 4.19 -35.85
N ILE A 196 -37.08 5.27 -35.82
CA ILE A 196 -36.07 5.52 -36.86
C ILE A 196 -35.09 4.35 -36.84
N VAL A 197 -34.58 4.05 -35.65
CA VAL A 197 -33.64 2.96 -35.49
C VAL A 197 -34.28 1.62 -35.85
N LYS A 198 -35.54 1.45 -35.46
CA LYS A 198 -36.25 0.21 -35.76
C LYS A 198 -36.37 0.05 -37.27
N ALA A 199 -36.60 1.17 -37.95
CA ALA A 199 -36.75 1.15 -39.40
C ALA A 199 -35.41 0.78 -40.05
N TYR A 200 -34.32 1.32 -39.50
CA TYR A 200 -32.99 1.05 -40.04
C TYR A 200 -32.71 -0.46 -40.01
N TYR A 201 -33.24 -1.14 -39.01
CA TYR A 201 -33.03 -2.57 -38.87
C TYR A 201 -34.18 -3.40 -39.44
N GLY A 202 -34.78 -2.88 -40.50
CA GLY A 202 -35.87 -3.59 -41.16
C GLY A 202 -37.07 -3.97 -40.32
N GLY A 203 -37.34 -3.21 -39.26
CA GLY A 203 -38.48 -3.52 -38.43
C GLY A 203 -38.21 -4.50 -37.30
N ASP A 204 -36.93 -4.87 -37.12
CA ASP A 204 -36.57 -5.80 -36.06
C ASP A 204 -36.19 -5.05 -34.78
N GLU A 205 -37.14 -4.92 -33.87
CA GLU A 205 -36.87 -4.20 -32.62
C GLU A 205 -35.80 -4.92 -31.79
N GLU A 206 -35.71 -6.24 -31.92
CA GLU A 206 -34.71 -6.99 -31.16
C GLU A 206 -33.31 -6.57 -31.62
N GLU A 207 -33.09 -6.54 -32.93
CA GLU A 207 -31.81 -6.13 -33.48
C GLU A 207 -31.47 -4.70 -33.06
N ALA A 208 -32.49 -3.84 -33.02
CA ALA A 208 -32.29 -2.46 -32.62
C ALA A 208 -31.81 -2.37 -31.18
N ARG A 209 -32.35 -3.22 -30.32
CA ARG A 209 -31.95 -3.22 -28.92
C ARG A 209 -30.60 -3.86 -28.69
N LYS A 210 -30.24 -4.79 -29.57
CA LYS A 210 -28.98 -5.51 -29.48
C LYS A 210 -27.80 -4.76 -30.08
N LYS A 211 -28.06 -3.90 -31.07
CA LYS A 211 -27.00 -3.15 -31.73
C LYS A 211 -27.34 -1.66 -31.80
N PRO A 212 -27.47 -1.01 -30.64
CA PRO A 212 -27.80 0.41 -30.52
C PRO A 212 -26.91 1.38 -31.29
N ILE A 213 -27.48 2.00 -32.32
CA ILE A 213 -26.75 2.99 -33.11
C ILE A 213 -27.11 4.40 -32.64
N PHE A 214 -28.09 4.47 -31.73
CA PHE A 214 -28.57 5.73 -31.20
C PHE A 214 -28.61 5.72 -29.67
N SER A 215 -28.15 6.80 -29.06
CA SER A 215 -28.17 6.95 -27.62
C SER A 215 -28.48 8.42 -27.32
N MET A 216 -28.90 8.73 -26.11
CA MET A 216 -29.22 10.12 -25.80
C MET A 216 -28.72 10.63 -24.46
N LEU A 217 -28.72 11.95 -24.33
CA LEU A 217 -28.25 12.64 -23.14
C LEU A 217 -29.32 13.54 -22.53
N LEU A 218 -29.28 13.70 -21.21
CA LEU A 218 -30.22 14.58 -20.50
C LEU A 218 -29.46 15.24 -19.35
N CYS A 219 -30.00 16.35 -18.84
CA CYS A 219 -29.36 17.08 -17.76
C CYS A 219 -30.26 17.38 -16.59
N PRO A 220 -29.80 17.07 -15.37
CA PRO A 220 -30.63 17.38 -14.21
C PRO A 220 -30.58 18.91 -14.19
N THR A 221 -31.52 19.57 -13.54
CA THR A 221 -31.47 21.03 -13.50
C THR A 221 -30.87 21.45 -12.18
N SER A 222 -29.79 22.23 -12.26
CA SER A 222 -29.10 22.68 -11.06
C SER A 222 -29.70 23.95 -10.47
N PRO A 223 -29.87 23.98 -9.15
CA PRO A 223 -29.50 22.82 -8.32
C PRO A 223 -30.63 21.89 -7.88
N LEU A 224 -30.34 20.58 -7.90
CA LEU A 224 -31.23 19.52 -7.43
C LEU A 224 -32.63 19.33 -8.03
N GLU A 225 -32.73 19.30 -9.36
CA GLU A 225 -34.02 19.11 -10.00
C GLU A 225 -34.00 18.20 -11.23
N LEU A 226 -35.08 17.44 -11.42
CA LEU A 226 -35.21 16.58 -12.59
C LEU A 226 -36.47 17.08 -13.31
N SER A 227 -36.28 17.82 -14.39
CA SER A 227 -37.37 18.38 -15.19
C SER A 227 -38.23 17.26 -15.78
N VAL A 228 -39.39 17.64 -16.32
CA VAL A 228 -40.24 16.64 -16.92
C VAL A 228 -39.54 16.05 -18.14
N ASN A 229 -38.94 16.90 -18.96
CA ASN A 229 -38.26 16.39 -20.14
C ASN A 229 -37.17 15.41 -19.76
N ALA A 230 -36.40 15.73 -18.72
CA ALA A 230 -35.32 14.88 -18.27
C ALA A 230 -35.81 13.53 -17.76
N CYS A 231 -36.95 13.54 -17.08
CA CYS A 231 -37.52 12.31 -16.53
C CYS A 231 -38.01 11.38 -17.63
N GLN A 232 -38.62 11.98 -18.65
CA GLN A 232 -39.15 11.20 -19.76
C GLN A 232 -38.06 10.59 -20.63
N VAL A 233 -36.96 11.30 -20.82
CA VAL A 233 -35.86 10.76 -21.60
C VAL A 233 -35.32 9.53 -20.86
N ILE A 234 -35.20 9.65 -19.54
CA ILE A 234 -34.70 8.55 -18.73
C ILE A 234 -35.65 7.36 -18.78
N ILE A 235 -36.91 7.61 -18.46
CA ILE A 235 -37.91 6.55 -18.43
C ILE A 235 -38.06 5.82 -19.76
N LYS A 236 -38.12 6.55 -20.86
CA LYS A 236 -38.29 5.92 -22.16
C LYS A 236 -37.02 5.23 -22.67
N GLY A 237 -35.87 5.84 -22.37
CA GLY A 237 -34.61 5.25 -22.80
C GLY A 237 -34.44 3.90 -22.16
N ALA A 238 -34.79 3.80 -20.89
CA ALA A 238 -34.67 2.56 -20.16
C ALA A 238 -35.63 1.53 -20.75
N ARG A 239 -36.87 1.95 -20.97
CA ARG A 239 -37.90 1.08 -21.52
C ARG A 239 -37.71 0.68 -22.98
N PHE A 240 -37.02 1.49 -23.77
CA PHE A 240 -36.84 1.15 -25.19
C PHE A 240 -35.46 0.56 -25.47
N GLY A 241 -34.66 0.41 -24.42
CA GLY A 241 -33.33 -0.13 -24.58
C GLY A 241 -32.39 0.85 -25.26
N ILE A 242 -32.46 2.11 -24.83
CA ILE A 242 -31.62 3.16 -25.38
C ILE A 242 -30.70 3.70 -24.29
N PRO A 243 -29.38 3.63 -24.52
CA PRO A 243 -28.38 4.11 -23.55
C PRO A 243 -28.59 5.59 -23.20
N VAL A 244 -28.78 5.86 -21.91
CA VAL A 244 -29.00 7.23 -21.45
C VAL A 244 -27.82 7.79 -20.67
N ASN A 245 -27.43 9.02 -21.04
CA ASN A 245 -26.34 9.73 -20.40
C ASN A 245 -26.88 10.81 -19.44
N VAL A 246 -26.78 10.55 -18.15
CA VAL A 246 -27.22 11.49 -17.12
C VAL A 246 -26.02 12.41 -16.87
N LEU A 247 -26.00 13.55 -17.56
CA LEU A 247 -24.89 14.50 -17.46
C LEU A 247 -25.26 15.81 -16.76
N SER A 248 -24.49 16.17 -15.75
CA SER A 248 -24.76 17.39 -15.00
C SER A 248 -24.17 18.65 -15.65
N MET A 249 -24.80 19.78 -15.34
CA MET A 249 -24.38 21.08 -15.86
C MET A 249 -24.44 22.06 -14.70
N ALA A 250 -23.85 21.67 -13.58
CA ALA A 250 -23.85 22.54 -12.42
C ALA A 250 -22.81 23.62 -12.71
N MET A 251 -22.75 24.62 -11.82
CA MET A 251 -21.85 25.74 -12.01
C MET A 251 -21.37 26.30 -10.66
N SER A 252 -20.07 26.19 -10.38
CA SER A 252 -19.53 26.69 -9.13
C SER A 252 -19.81 28.18 -8.97
N GLY A 253 -20.39 28.55 -7.82
CA GLY A 253 -20.71 29.94 -7.55
C GLY A 253 -22.09 30.33 -8.08
N GLY A 254 -22.64 29.52 -8.98
CA GLY A 254 -23.94 29.81 -9.55
C GLY A 254 -25.02 28.87 -9.04
N SER A 255 -24.84 27.57 -9.27
CA SER A 255 -25.81 26.56 -8.84
C SER A 255 -25.21 25.53 -7.88
N SER A 256 -24.00 25.82 -7.40
CA SER A 256 -23.31 24.94 -6.45
C SER A 256 -22.22 25.76 -5.74
N PRO A 257 -21.67 25.23 -4.65
CA PRO A 257 -20.62 25.97 -3.92
C PRO A 257 -19.45 26.37 -4.83
N VAL A 258 -18.71 27.39 -4.44
CA VAL A 258 -17.57 27.84 -5.22
C VAL A 258 -16.49 26.75 -5.20
N TYR A 259 -16.31 26.14 -4.03
CA TYR A 259 -15.33 25.07 -3.89
C TYR A 259 -15.67 23.94 -4.86
N LEU A 260 -14.65 23.26 -5.36
CA LEU A 260 -14.90 22.17 -6.30
C LEU A 260 -15.48 20.91 -5.62
N ALA A 261 -15.19 20.71 -4.33
CA ALA A 261 -15.72 19.54 -3.64
C ALA A 261 -17.24 19.69 -3.50
N GLY A 262 -17.67 20.85 -3.01
CA GLY A 262 -19.08 21.11 -2.85
C GLY A 262 -19.79 20.93 -4.19
N THR A 263 -19.14 21.43 -5.25
CA THR A 263 -19.69 21.33 -6.60
C THR A 263 -19.86 19.85 -7.00
N LEU A 264 -18.89 19.01 -6.64
CA LEU A 264 -18.97 17.60 -6.96
C LEU A 264 -20.13 16.97 -6.17
N VAL A 265 -20.42 17.50 -4.99
CA VAL A 265 -21.52 16.99 -4.19
C VAL A 265 -22.85 17.30 -4.87
N THR A 266 -23.01 18.54 -5.36
CA THR A 266 -24.24 18.92 -6.04
C THR A 266 -24.37 18.04 -7.30
N HIS A 267 -23.30 17.97 -8.06
CA HIS A 267 -23.25 17.16 -9.26
C HIS A 267 -23.63 15.71 -8.94
N ASN A 268 -23.07 15.18 -7.87
CA ASN A 268 -23.31 13.80 -7.48
C ASN A 268 -24.76 13.49 -7.14
N ALA A 269 -25.39 14.37 -6.35
CA ALA A 269 -26.78 14.18 -5.95
C ALA A 269 -27.67 14.14 -7.18
N GLU A 270 -27.46 15.09 -8.07
CA GLU A 270 -28.24 15.19 -9.29
C GLU A 270 -28.05 14.01 -10.23
N VAL A 271 -26.81 13.66 -10.52
CA VAL A 271 -26.56 12.55 -11.42
C VAL A 271 -27.04 11.21 -10.87
N LEU A 272 -26.80 10.96 -9.57
CA LEU A 272 -27.24 9.70 -8.98
C LEU A 272 -28.78 9.58 -8.96
N SER A 273 -29.48 10.69 -8.81
CA SER A 273 -30.93 10.63 -8.79
C SER A 273 -31.45 10.20 -10.15
N GLY A 274 -30.75 10.62 -11.20
CA GLY A 274 -31.15 10.24 -12.54
C GLY A 274 -30.94 8.77 -12.75
N ILE A 275 -29.82 8.26 -12.25
CA ILE A 275 -29.48 6.87 -12.39
C ILE A 275 -30.44 5.98 -11.59
N VAL A 276 -30.84 6.44 -10.41
CA VAL A 276 -31.78 5.67 -9.60
C VAL A 276 -33.08 5.49 -10.39
N LEU A 277 -33.63 6.60 -10.89
CA LEU A 277 -34.86 6.57 -11.66
C LEU A 277 -34.73 5.50 -12.75
N ALA A 278 -33.64 5.57 -13.52
CA ALA A 278 -33.40 4.62 -14.59
C ALA A 278 -33.51 3.17 -14.14
N GLN A 279 -32.71 2.79 -13.15
CA GLN A 279 -32.70 1.41 -12.68
C GLN A 279 -34.01 1.00 -12.05
N LEU A 280 -34.73 1.95 -11.49
CA LEU A 280 -36.02 1.63 -10.88
C LEU A 280 -37.05 1.43 -11.99
N THR A 281 -36.82 2.08 -13.11
CA THR A 281 -37.73 1.97 -14.26
C THR A 281 -37.49 0.65 -14.97
N VAL A 282 -36.23 0.31 -15.18
CA VAL A 282 -35.88 -0.94 -15.83
C VAL A 282 -34.53 -1.41 -15.30
N PRO A 283 -34.55 -2.39 -14.38
CA PRO A 283 -33.28 -2.87 -13.85
C PRO A 283 -32.32 -3.30 -14.96
N GLY A 284 -31.09 -2.80 -14.90
CA GLY A 284 -30.09 -3.14 -15.90
C GLY A 284 -29.96 -2.17 -17.06
N ALA A 285 -30.73 -1.08 -17.03
CA ALA A 285 -30.68 -0.08 -18.12
C ALA A 285 -29.30 0.54 -18.25
N LYS A 286 -28.84 0.67 -19.49
CA LYS A 286 -27.51 1.23 -19.75
C LYS A 286 -27.52 2.72 -19.46
N VAL A 287 -26.60 3.15 -18.60
CA VAL A 287 -26.50 4.54 -18.24
C VAL A 287 -25.06 5.01 -18.08
N TRP A 288 -24.87 6.31 -18.25
CA TRP A 288 -23.57 6.94 -18.10
C TRP A 288 -23.63 7.80 -16.86
N TYR A 289 -22.47 8.02 -16.25
CA TYR A 289 -22.35 8.90 -15.10
C TYR A 289 -21.62 10.04 -15.82
N GLY A 290 -22.33 11.13 -16.09
CA GLY A 290 -21.70 12.20 -16.84
C GLY A 290 -21.71 13.58 -16.26
N SER A 291 -20.87 14.44 -16.82
CA SER A 291 -20.77 15.80 -16.35
C SER A 291 -20.16 16.74 -17.35
N SER A 292 -20.57 18.01 -17.24
CA SER A 292 -20.05 19.10 -18.04
C SER A 292 -20.15 20.27 -17.09
N THR A 293 -20.17 19.92 -15.81
CA THR A 293 -20.22 20.88 -14.72
C THR A 293 -18.94 21.71 -14.77
N THR A 294 -19.06 23.01 -14.53
CA THR A 294 -17.88 23.86 -14.55
C THR A 294 -18.00 24.93 -13.48
N THR A 295 -16.99 25.78 -13.37
CA THR A 295 -16.98 26.86 -12.40
C THR A 295 -17.49 28.11 -13.10
N PHE A 296 -18.09 29.02 -12.34
CA PHE A 296 -18.58 30.27 -12.92
C PHE A 296 -17.49 31.31 -12.62
N ASP A 297 -17.17 32.16 -13.60
CA ASP A 297 -16.16 33.18 -13.37
C ASP A 297 -16.88 34.40 -12.81
N LEU A 298 -16.93 34.48 -11.49
CA LEU A 298 -17.61 35.57 -10.83
C LEU A 298 -17.18 36.95 -11.36
N LYS A 299 -15.91 37.06 -11.77
CA LYS A 299 -15.40 38.32 -12.27
C LYS A 299 -15.80 38.68 -13.69
N LYS A 300 -15.85 37.69 -14.59
CA LYS A 300 -16.22 37.96 -15.97
C LYS A 300 -17.70 37.77 -16.29
N GLY A 301 -18.48 37.37 -15.29
CA GLY A 301 -19.91 37.16 -15.52
C GLY A 301 -20.21 36.11 -16.57
N THR A 302 -19.29 35.17 -16.77
CA THR A 302 -19.45 34.09 -17.74
C THR A 302 -19.01 32.76 -17.13
N ALA A 303 -19.31 31.65 -17.80
CA ALA A 303 -18.93 30.32 -17.30
C ALA A 303 -17.81 29.74 -18.16
N PRO A 304 -16.55 30.06 -17.82
CA PRO A 304 -15.42 29.54 -18.59
C PRO A 304 -15.42 28.03 -18.57
N VAL A 305 -15.26 27.45 -19.76
CA VAL A 305 -15.28 26.01 -19.90
C VAL A 305 -13.96 25.51 -20.48
N GLY A 306 -13.00 26.41 -20.62
CA GLY A 306 -11.68 26.07 -21.12
C GLY A 306 -10.68 26.28 -19.99
N SER A 307 -11.21 26.31 -18.78
CA SER A 307 -10.42 26.54 -17.56
C SER A 307 -9.86 25.29 -16.90
N PRO A 308 -8.89 25.47 -16.00
CA PRO A 308 -8.37 24.26 -15.36
C PRO A 308 -9.47 23.65 -14.49
N GLU A 309 -10.39 24.49 -14.00
CA GLU A 309 -11.51 23.99 -13.18
C GLU A 309 -12.33 22.97 -13.93
N LEU A 310 -12.64 23.23 -15.21
CA LEU A 310 -13.44 22.28 -15.96
C LEU A 310 -12.66 20.97 -16.09
N GLY A 311 -11.37 21.08 -16.41
CA GLY A 311 -10.55 19.90 -16.54
C GLY A 311 -10.53 19.09 -15.25
N LEU A 312 -10.39 19.78 -14.12
CA LEU A 312 -10.38 19.12 -12.82
C LEU A 312 -11.72 18.48 -12.50
N ILE A 313 -12.81 19.20 -12.76
CA ILE A 313 -14.12 18.67 -12.45
C ILE A 313 -14.39 17.40 -13.25
N SER A 314 -14.12 17.45 -14.55
CA SER A 314 -14.35 16.30 -15.41
C SER A 314 -13.52 15.11 -14.96
N ALA A 315 -12.27 15.37 -14.57
CA ALA A 315 -11.39 14.31 -14.10
C ALA A 315 -11.96 13.68 -12.83
N ALA A 316 -12.36 14.52 -11.88
CA ALA A 316 -12.92 14.04 -10.63
C ALA A 316 -14.18 13.21 -10.90
N VAL A 317 -14.99 13.67 -11.84
CA VAL A 317 -16.21 12.95 -12.18
C VAL A 317 -15.86 11.57 -12.71
N ALA A 318 -14.77 11.48 -13.47
CA ALA A 318 -14.32 10.20 -14.02
C ALA A 318 -13.87 9.27 -12.87
N LYS A 319 -13.32 9.87 -11.82
CA LYS A 319 -12.88 9.08 -10.67
C LYS A 319 -14.08 8.62 -9.89
N LEU A 320 -15.08 9.49 -9.77
CA LEU A 320 -16.30 9.16 -9.05
C LEU A 320 -17.03 8.04 -9.80
N ALA A 321 -17.03 8.11 -11.12
CA ALA A 321 -17.68 7.08 -11.91
C ALA A 321 -16.99 5.73 -11.65
N GLN A 322 -15.66 5.75 -11.67
CA GLN A 322 -14.89 4.54 -11.42
C GLN A 322 -15.14 4.05 -10.00
N PHE A 323 -15.32 4.99 -9.09
CA PHE A 323 -15.59 4.65 -7.70
C PHE A 323 -16.92 3.93 -7.57
N TYR A 324 -17.92 4.40 -8.32
CA TYR A 324 -19.26 3.80 -8.27
C TYR A 324 -19.49 2.63 -9.24
N GLY A 325 -18.49 2.35 -10.08
CA GLY A 325 -18.60 1.25 -11.02
C GLY A 325 -19.34 1.52 -12.30
N LEU A 326 -19.32 2.77 -12.76
CA LEU A 326 -20.04 3.16 -13.98
C LEU A 326 -19.16 3.80 -15.05
N PRO A 327 -19.63 3.78 -16.31
CA PRO A 327 -18.90 4.38 -17.43
C PRO A 327 -19.08 5.89 -17.30
N SER A 328 -18.10 6.66 -17.74
CA SER A 328 -18.19 8.11 -17.62
C SER A 328 -18.24 8.84 -18.95
N TYR A 329 -18.91 9.99 -18.95
CA TYR A 329 -19.04 10.85 -20.12
C TYR A 329 -18.81 12.24 -19.55
N VAL A 330 -17.69 12.86 -19.92
CA VAL A 330 -17.38 14.18 -19.39
C VAL A 330 -16.91 15.20 -20.43
N ALA A 331 -17.08 16.47 -20.06
CA ALA A 331 -16.67 17.56 -20.92
C ALA A 331 -15.16 17.62 -20.94
N GLY A 332 -14.59 17.80 -22.13
CA GLY A 332 -13.16 17.89 -22.28
C GLY A 332 -12.82 18.41 -23.66
N SER A 333 -11.62 18.95 -23.84
CA SER A 333 -11.22 19.47 -25.13
C SER A 333 -12.11 20.67 -25.46
CA PYL A 334 -13.18 22.70 -24.63
C PYL A 334 -12.35 23.98 -24.55
N PYL A 334 -12.35 21.51 -24.46
N SER A 335 -12.90 25.07 -25.09
CA SER A 335 -12.19 26.34 -25.06
C SER A 335 -13.17 27.50 -24.98
N ASP A 336 -12.68 28.64 -24.52
CA ASP A 336 -13.51 29.83 -24.40
C ASP A 336 -13.13 30.83 -25.49
N ALA A 337 -12.17 30.45 -26.32
CA ALA A 337 -11.70 31.31 -27.40
C ALA A 337 -12.75 31.46 -28.51
N LYS A 338 -12.80 32.65 -29.11
CA LYS A 338 -13.77 32.89 -30.17
C LYS A 338 -13.25 32.51 -31.56
N VAL A 339 -11.98 32.15 -31.63
CA VAL A 339 -11.35 31.74 -32.89
C VAL A 339 -10.30 30.70 -32.59
N PRO A 340 -9.99 29.84 -33.58
CA PRO A 340 -8.97 28.80 -33.36
C PRO A 340 -7.56 29.41 -33.27
N ASP A 341 -7.21 29.94 -32.10
CA ASP A 341 -5.92 30.59 -31.90
C ASP A 341 -5.04 29.91 -30.85
N ASP A 342 -4.06 30.66 -30.34
CA ASP A 342 -3.13 30.18 -29.33
C ASP A 342 -3.90 29.79 -28.06
N GLN A 343 -4.90 30.60 -27.69
CA GLN A 343 -5.71 30.30 -26.52
C GLN A 343 -6.41 28.95 -26.71
N ALA A 344 -7.01 28.77 -27.88
CA ALA A 344 -7.70 27.53 -28.20
C ALA A 344 -6.84 26.31 -27.87
N GLY A 345 -5.68 26.22 -28.52
CA GLY A 345 -4.79 25.10 -28.32
C GLY A 345 -4.48 24.80 -26.86
N HIS A 346 -4.21 25.85 -26.10
CA HIS A 346 -3.90 25.69 -24.69
C HIS A 346 -5.08 25.07 -23.95
N GLU A 347 -6.20 25.79 -23.94
CA GLU A 347 -7.42 25.36 -23.24
C GLU A 347 -7.91 23.99 -23.65
N LYS A 348 -7.82 23.70 -24.94
CA LYS A 348 -8.24 22.41 -25.45
C LYS A 348 -7.39 21.32 -24.81
N THR A 349 -6.09 21.57 -24.74
CA THR A 349 -5.14 20.62 -24.17
C THR A 349 -5.30 20.49 -22.64
N MET A 350 -5.44 21.63 -21.97
CA MET A 350 -5.63 21.63 -20.53
C MET A 350 -6.84 20.78 -20.15
N THR A 351 -7.97 21.07 -20.78
CA THR A 351 -9.22 20.37 -20.48
C THR A 351 -9.36 18.96 -21.05
N THR A 352 -8.45 18.53 -21.90
CA THR A 352 -8.58 17.18 -22.42
C THR A 352 -7.60 16.25 -21.71
N LEU A 353 -6.43 16.78 -21.39
CA LEU A 353 -5.38 16.01 -20.74
C LEU A 353 -5.74 15.51 -19.35
N LEU A 354 -6.31 16.38 -18.51
CA LEU A 354 -6.69 15.97 -17.16
C LEU A 354 -7.69 14.81 -17.18
N PRO A 355 -8.81 14.95 -17.91
CA PRO A 355 -9.82 13.89 -17.97
C PRO A 355 -9.29 12.59 -18.62
N ALA A 356 -8.42 12.73 -19.62
CA ALA A 356 -7.85 11.58 -20.32
C ALA A 356 -6.96 10.77 -19.39
N LEU A 357 -6.03 11.44 -18.73
CA LEU A 357 -5.13 10.78 -17.80
C LEU A 357 -5.93 10.18 -16.64
N ALA A 358 -7.03 10.84 -16.28
CA ALA A 358 -7.88 10.36 -15.19
C ALA A 358 -8.59 9.07 -15.58
N GLY A 359 -8.86 8.90 -16.87
CA GLY A 359 -9.54 7.71 -17.36
C GLY A 359 -10.99 7.88 -17.80
N ALA A 360 -11.40 9.09 -18.15
CA ALA A 360 -12.77 9.33 -18.59
C ALA A 360 -13.11 8.42 -19.77
N ASN A 361 -14.24 7.75 -19.72
CA ASN A 361 -14.60 6.83 -20.79
C ASN A 361 -14.98 7.51 -22.10
N THR A 362 -15.49 8.74 -22.01
CA THR A 362 -15.80 9.54 -23.18
C THR A 362 -15.51 10.98 -22.82
N ILE A 363 -14.83 11.68 -23.72
CA ILE A 363 -14.52 13.09 -23.52
C ILE A 363 -15.14 13.82 -24.70
N TYR A 364 -16.13 14.67 -24.43
CA TYR A 364 -16.79 15.40 -25.49
C TYR A 364 -16.45 16.88 -25.43
N GLY A 365 -16.28 17.48 -26.61
CA GLY A 365 -15.94 18.90 -26.67
C GLY A 365 -15.17 19.25 -27.93
N ALA A 366 -14.72 18.23 -28.64
CA ALA A 366 -13.96 18.40 -29.88
C ALA A 366 -14.67 19.26 -30.91
N GLY A 367 -13.96 20.27 -31.41
CA GLY A 367 -14.53 21.15 -32.41
C GLY A 367 -15.18 22.40 -31.87
N MET A 368 -15.49 22.40 -30.58
CA MET A 368 -16.15 23.53 -29.94
C MET A 368 -15.28 24.75 -29.72
N LEU A 369 -15.93 25.90 -29.60
CA LEU A 369 -15.30 27.18 -29.37
C LEU A 369 -16.33 28.11 -28.75
N GLU A 370 -15.87 29.25 -28.26
CA GLU A 370 -16.76 30.26 -27.71
C GLU A 370 -17.67 29.80 -26.57
N LEU A 371 -17.08 29.16 -25.56
CA LEU A 371 -17.82 28.72 -24.38
C LEU A 371 -19.02 27.78 -24.59
N GLY A 372 -18.97 26.97 -25.65
CA GLY A 372 -20.05 26.03 -25.91
C GLY A 372 -21.18 26.56 -26.78
N MET A 373 -20.88 27.66 -27.46
CA MET A 373 -21.85 28.30 -28.32
C MET A 373 -21.61 27.94 -29.78
N THR A 374 -20.34 27.85 -30.16
CA THR A 374 -19.96 27.60 -31.54
C THR A 374 -19.18 26.32 -31.83
N PHE A 375 -19.29 25.86 -33.07
CA PHE A 375 -18.56 24.69 -33.52
C PHE A 375 -17.67 25.12 -34.67
N SER A 376 -16.41 24.68 -34.63
CA SER A 376 -15.45 25.02 -35.68
C SER A 376 -14.90 23.76 -36.32
N MET A 377 -15.06 23.63 -37.64
CA MET A 377 -14.55 22.47 -38.33
C MET A 377 -13.02 22.45 -38.29
N GLU A 378 -12.41 23.62 -38.34
CA GLU A 378 -10.95 23.74 -38.29
C GLU A 378 -10.45 23.21 -36.95
N GLN A 379 -11.02 23.75 -35.86
CA GLN A 379 -10.64 23.34 -34.52
C GLN A 379 -10.89 21.85 -34.33
N LEU A 380 -11.86 21.30 -35.06
CA LEU A 380 -12.19 19.89 -34.95
C LEU A 380 -11.06 19.00 -35.48
N VAL A 381 -10.51 19.33 -36.65
CA VAL A 381 -9.42 18.53 -37.20
C VAL A 381 -8.17 18.72 -36.36
N ILE A 382 -8.09 19.88 -35.72
CA ILE A 382 -6.95 20.18 -34.86
C ILE A 382 -7.06 19.34 -33.59
N ASP A 383 -8.23 19.33 -32.97
CA ASP A 383 -8.43 18.56 -31.75
C ASP A 383 -8.14 17.08 -32.00
N ASN A 384 -8.59 16.59 -33.15
CA ASN A 384 -8.37 15.20 -33.53
C ASN A 384 -6.87 14.90 -33.56
N ASP A 385 -6.08 15.84 -34.05
CA ASP A 385 -4.64 15.64 -34.12
C ASP A 385 -4.13 15.64 -32.68
N ILE A 386 -4.67 16.55 -31.87
CA ILE A 386 -4.29 16.67 -30.47
C ILE A 386 -4.53 15.36 -29.71
N PHE A 387 -5.62 14.70 -30.03
CA PHE A 387 -5.95 13.45 -29.38
C PHE A 387 -4.92 12.36 -29.69
N SER A 388 -4.25 12.46 -30.84
CA SER A 388 -3.23 11.48 -31.21
C SER A 388 -2.02 11.68 -30.29
N MET A 389 -1.63 12.93 -30.08
CA MET A 389 -0.51 13.24 -29.22
C MET A 389 -0.82 12.76 -27.81
N VAL A 390 -2.07 12.97 -27.38
CA VAL A 390 -2.50 12.54 -26.06
C VAL A 390 -2.45 11.02 -25.94
N LYS A 391 -2.77 10.32 -27.03
CA LYS A 391 -2.75 8.87 -27.00
C LYS A 391 -1.30 8.40 -26.83
N LYS A 392 -0.36 9.14 -27.41
CA LYS A 392 1.05 8.78 -27.30
C LYS A 392 1.50 9.01 -25.86
N ALA A 393 1.13 10.17 -25.31
CA ALA A 393 1.50 10.50 -23.95
C ALA A 393 0.96 9.46 -22.98
N MET A 394 -0.25 8.98 -23.26
CA MET A 394 -0.91 7.98 -22.42
C MET A 394 -0.20 6.63 -22.45
N GLN A 395 0.87 6.55 -23.21
CA GLN A 395 1.63 5.32 -23.28
C GLN A 395 2.62 5.28 -22.10
N GLY A 396 2.99 6.47 -21.61
CA GLY A 396 3.92 6.56 -20.51
C GLY A 396 5.23 5.91 -20.86
N ILE A 397 5.94 5.40 -19.85
CA ILE A 397 7.19 4.73 -20.10
C ILE A 397 7.03 3.23 -19.87
N PRO A 398 7.08 2.47 -20.97
CA PRO A 398 6.95 1.02 -20.89
C PRO A 398 8.35 0.56 -20.52
N VAL A 399 8.50 -0.05 -19.36
CA VAL A 399 9.78 -0.53 -18.89
C VAL A 399 9.87 -2.04 -19.01
N SER A 400 10.82 -2.51 -19.82
CA SER A 400 11.05 -3.94 -20.04
C SER A 400 12.52 -4.09 -20.41
N GLU A 401 13.01 -5.32 -20.43
CA GLU A 401 14.41 -5.54 -20.80
C GLU A 401 14.60 -5.01 -22.21
N GLU A 402 13.62 -5.25 -23.07
CA GLU A 402 13.68 -4.79 -24.44
C GLU A 402 13.68 -3.27 -24.57
N THR A 403 12.78 -2.60 -23.86
CA THR A 403 12.73 -1.14 -23.95
C THR A 403 13.93 -0.47 -23.32
N LEU A 404 14.56 -1.14 -22.35
CA LEU A 404 15.75 -0.57 -21.71
C LEU A 404 16.94 -0.63 -22.68
N ALA A 405 16.85 -1.54 -23.65
CA ALA A 405 17.85 -1.74 -24.70
C ALA A 405 19.30 -1.49 -24.33
N VAL A 406 19.77 -2.08 -23.24
CA VAL A 406 21.16 -1.85 -22.87
C VAL A 406 22.13 -2.36 -23.94
N GLU A 407 21.77 -3.45 -24.63
CA GLU A 407 22.64 -3.98 -25.69
C GLU A 407 22.79 -2.99 -26.84
N SER A 408 21.72 -2.30 -27.20
CA SER A 408 21.76 -1.33 -28.28
C SER A 408 22.71 -0.22 -27.89
N ILE A 409 22.56 0.27 -26.66
CA ILE A 409 23.41 1.33 -26.15
C ILE A 409 24.87 0.89 -26.20
N GLN A 410 25.11 -0.37 -25.84
CA GLN A 410 26.45 -0.92 -25.83
C GLN A 410 26.99 -1.17 -27.23
N LYS A 411 26.14 -1.71 -28.10
CA LYS A 411 26.55 -1.99 -29.48
C LYS A 411 26.90 -0.69 -30.20
N VAL A 412 26.08 0.35 -30.02
CA VAL A 412 26.34 1.64 -30.64
C VAL A 412 27.60 2.25 -30.05
N GLY A 413 27.71 2.16 -28.72
CA GLY A 413 28.88 2.70 -28.04
C GLY A 413 28.97 4.21 -27.95
N ILE A 414 30.07 4.68 -27.36
CA ILE A 414 30.32 6.10 -27.18
C ILE A 414 30.47 6.87 -28.49
N GLY A 415 29.97 8.11 -28.48
CA GLY A 415 30.06 8.99 -29.64
C GLY A 415 29.50 8.56 -30.98
N ASN A 416 28.55 7.62 -31.01
CA ASN A 416 27.97 7.16 -32.27
C ASN A 416 26.45 7.41 -32.31
N ASN A 417 25.78 6.91 -33.34
CA ASN A 417 24.33 7.09 -33.46
C ASN A 417 23.56 5.80 -33.70
N PHE A 418 22.24 5.87 -33.50
CA PHE A 418 21.36 4.71 -33.66
C PHE A 418 20.63 4.66 -35.01
N LEU A 419 20.98 5.58 -35.92
CA LEU A 419 20.34 5.65 -37.22
C LEU A 419 20.35 4.35 -38.05
N ALA A 420 21.48 3.66 -38.06
CA ALA A 420 21.58 2.42 -38.85
C ALA A 420 21.24 1.16 -38.08
N LEU A 421 21.10 1.28 -36.77
CA LEU A 421 20.75 0.13 -35.94
C LEU A 421 19.44 -0.47 -36.46
N LYS A 422 19.40 -1.79 -36.65
CA LYS A 422 18.19 -2.44 -37.17
C LYS A 422 16.96 -2.23 -36.30
N GLN A 423 17.15 -2.25 -34.97
CA GLN A 423 16.04 -2.04 -34.05
C GLN A 423 15.38 -0.70 -34.36
N THR A 424 16.20 0.32 -34.59
CA THR A 424 15.74 1.67 -34.90
C THR A 424 14.85 1.74 -36.14
N ARG A 425 15.29 1.11 -37.23
CA ARG A 425 14.53 1.14 -38.46
C ARG A 425 13.24 0.32 -38.35
N GLN A 426 13.20 -0.59 -37.38
CA GLN A 426 12.01 -1.42 -37.18
C GLN A 426 10.94 -0.63 -36.46
N LEU A 427 11.37 0.38 -35.72
CA LEU A 427 10.46 1.23 -34.96
C LEU A 427 10.23 2.56 -35.66
N VAL A 428 10.24 2.53 -37.00
CA VAL A 428 10.05 3.73 -37.78
C VAL A 428 8.69 4.36 -37.56
N ASP A 429 7.72 3.56 -37.12
CA ASP A 429 6.38 4.05 -36.87
C ASP A 429 6.05 4.17 -35.39
N TYR A 430 7.04 3.95 -34.54
CA TYR A 430 6.83 4.00 -33.10
C TYR A 430 6.56 5.41 -32.54
N PRO A 431 7.37 6.41 -32.94
CA PRO A 431 7.21 7.79 -32.46
C PRO A 431 5.89 8.44 -32.87
N SER A 432 5.53 9.52 -32.19
CA SER A 432 4.31 10.23 -32.50
C SER A 432 4.46 10.92 -33.86
N ASN A 433 3.42 10.82 -34.70
CA ASN A 433 3.48 11.45 -36.01
C ASN A 433 2.23 12.27 -36.29
N PRO A 434 2.20 13.52 -35.81
CA PRO A 434 1.05 14.41 -36.02
C PRO A 434 0.70 14.65 -37.48
N MET A 435 -0.60 14.71 -37.73
CA MET A 435 -1.12 14.96 -39.07
C MET A 435 -1.00 16.44 -39.47
N LEU A 436 -1.30 17.33 -38.53
CA LEU A 436 -1.26 18.76 -38.81
C LEU A 436 -0.11 19.54 -38.17
N LEU A 437 0.14 19.30 -36.89
CA LEU A 437 1.23 20.00 -36.20
C LEU A 437 2.51 20.01 -37.06
N ASP A 438 3.07 21.19 -37.24
CA ASP A 438 4.26 21.38 -38.07
C ASP A 438 5.57 21.22 -37.29
N ARG A 439 6.40 20.28 -37.73
CA ARG A 439 7.69 20.02 -37.09
C ARG A 439 8.86 20.32 -38.01
N HIS A 440 8.59 21.08 -39.07
CA HIS A 440 9.62 21.44 -40.04
C HIS A 440 10.49 22.62 -39.64
N MET A 441 11.64 22.71 -40.31
CA MET A 441 12.59 23.80 -40.08
C MET A 441 11.96 25.05 -40.70
N PHE A 442 12.35 26.23 -40.23
CA PHE A 442 11.80 27.48 -40.74
C PHE A 442 11.74 27.53 -42.27
N GLY A 443 12.84 27.10 -42.90
CA GLY A 443 12.92 27.11 -44.35
C GLY A 443 11.81 26.37 -45.07
N ASP A 444 11.58 25.12 -44.69
CA ASP A 444 10.54 24.31 -45.32
C ASP A 444 9.15 24.84 -45.02
N TRP A 445 9.00 25.44 -43.83
CA TRP A 445 7.73 25.98 -43.40
C TRP A 445 7.34 27.22 -44.22
N ALA A 446 8.27 28.18 -44.30
CA ALA A 446 8.04 29.41 -45.05
C ALA A 446 7.84 29.09 -46.54
N ALA A 447 8.51 28.04 -46.99
CA ALA A 447 8.43 27.61 -48.38
C ALA A 447 7.07 27.02 -48.69
N ALA A 448 6.34 26.62 -47.65
CA ALA A 448 5.02 26.03 -47.83
C ALA A 448 3.97 27.12 -47.68
N GLY A 449 4.42 28.35 -47.43
CA GLY A 449 3.49 29.46 -47.28
C GLY A 449 3.42 30.12 -45.93
N SER A 450 4.30 29.73 -45.00
CA SER A 450 4.29 30.31 -43.66
C SER A 450 2.88 30.26 -43.06
N LYS A 451 2.20 29.15 -43.25
CA LYS A 451 0.84 28.94 -42.74
C LYS A 451 0.77 28.50 -41.29
N ASP A 452 -0.13 29.11 -40.52
CA ASP A 452 -0.29 28.70 -39.13
C ASP A 452 -1.24 27.50 -39.11
N LEU A 453 -1.30 26.81 -37.97
CA LEU A 453 -2.14 25.62 -37.85
C LEU A 453 -3.58 25.82 -38.30
N ALA A 454 -4.14 26.99 -38.00
CA ALA A 454 -5.52 27.29 -38.37
C ALA A 454 -5.80 27.08 -39.86
N THR A 455 -5.06 27.78 -40.70
CA THR A 455 -5.26 27.66 -42.13
C THR A 455 -4.88 26.28 -42.65
N VAL A 456 -3.87 25.65 -42.06
CA VAL A 456 -3.49 24.31 -42.52
C VAL A 456 -4.68 23.42 -42.20
N ALA A 457 -5.28 23.66 -41.04
CA ALA A 457 -6.44 22.89 -40.61
C ALA A 457 -7.56 23.09 -41.62
N HIS A 458 -7.81 24.35 -41.96
CA HIS A 458 -8.85 24.68 -42.92
C HIS A 458 -8.68 23.92 -44.22
N GLU A 459 -7.46 23.88 -44.75
CA GLU A 459 -7.23 23.19 -46.00
C GLU A 459 -7.56 21.70 -45.88
N LYS A 460 -7.37 21.14 -44.69
CA LYS A 460 -7.67 19.73 -44.48
C LYS A 460 -9.19 19.51 -44.50
N VAL A 461 -9.92 20.44 -43.89
CA VAL A 461 -11.38 20.36 -43.84
C VAL A 461 -11.90 20.25 -45.27
N GLU A 462 -11.54 21.23 -46.10
CA GLU A 462 -11.94 21.29 -47.49
C GLU A 462 -11.71 19.95 -48.18
N ASP A 463 -10.49 19.44 -48.03
CA ASP A 463 -10.09 18.19 -48.63
C ASP A 463 -10.98 17.03 -48.18
N VAL A 464 -11.24 16.93 -46.88
CA VAL A 464 -12.07 15.86 -46.38
C VAL A 464 -13.51 15.96 -46.89
N LEU A 465 -14.09 17.15 -46.76
CA LEU A 465 -15.45 17.37 -47.20
C LEU A 465 -15.62 17.00 -48.66
N LYS A 466 -14.69 17.48 -49.50
CA LYS A 466 -14.74 17.21 -50.92
C LYS A 466 -14.48 15.76 -51.31
N ASN A 467 -13.63 15.06 -50.57
CA ASN A 467 -13.34 13.68 -50.96
C ASN A 467 -13.70 12.52 -50.04
N HIS A 468 -13.94 12.77 -48.76
CA HIS A 468 -14.28 11.65 -47.88
C HIS A 468 -15.58 10.96 -48.28
N GLN A 469 -15.56 9.64 -48.28
CA GLN A 469 -16.74 8.85 -48.63
C GLN A 469 -17.33 8.20 -47.38
N VAL A 470 -18.63 8.36 -47.21
CA VAL A 470 -19.34 7.82 -46.05
C VAL A 470 -20.20 6.64 -46.50
N THR A 471 -20.30 5.60 -45.68
CA THR A 471 -21.12 4.46 -46.04
C THR A 471 -22.57 4.89 -45.97
N PRO A 472 -23.27 4.92 -47.11
CA PRO A 472 -24.68 5.31 -47.17
C PRO A 472 -25.62 4.25 -46.65
N ILE A 473 -26.84 4.67 -46.32
CA ILE A 473 -27.86 3.75 -45.83
C ILE A 473 -28.61 3.24 -47.06
N ASP A 474 -29.07 1.99 -47.02
CA ASP A 474 -29.80 1.42 -48.15
C ASP A 474 -30.91 2.37 -48.59
N ALA A 475 -30.90 2.71 -49.88
CA ALA A 475 -31.88 3.62 -50.45
C ALA A 475 -33.29 3.40 -49.92
N ASP A 476 -33.71 2.13 -49.88
CA ASP A 476 -35.05 1.79 -49.43
C ASP A 476 -35.24 1.88 -47.93
N ILE A 477 -34.22 1.50 -47.17
CA ILE A 477 -34.28 1.58 -45.72
C ILE A 477 -34.42 3.06 -45.36
N PHE A 478 -33.58 3.88 -45.97
CA PHE A 478 -33.61 5.31 -45.73
C PHE A 478 -35.02 5.85 -45.92
N LYS A 479 -35.65 5.48 -47.05
CA LYS A 479 -37.01 5.93 -47.34
C LYS A 479 -37.92 5.70 -46.16
N ASP A 480 -37.83 4.51 -45.55
CA ASP A 480 -38.67 4.19 -44.41
C ASP A 480 -38.36 5.08 -43.21
N MET A 481 -37.08 5.39 -43.02
CA MET A 481 -36.68 6.25 -41.91
C MET A 481 -37.17 7.67 -42.15
N GLN A 482 -36.88 8.18 -43.34
CA GLN A 482 -37.29 9.53 -43.73
C GLN A 482 -38.79 9.75 -43.49
N ALA A 483 -39.56 8.68 -43.67
CA ALA A 483 -41.01 8.74 -43.48
C ALA A 483 -41.38 9.04 -42.04
N ILE A 484 -40.61 8.48 -41.10
CA ILE A 484 -40.89 8.71 -39.68
C ILE A 484 -40.73 10.19 -39.41
N VAL A 485 -39.70 10.79 -40.03
CA VAL A 485 -39.44 12.22 -39.87
C VAL A 485 -40.60 13.05 -40.41
N ASP A 486 -41.05 12.72 -41.62
CA ASP A 486 -42.15 13.47 -42.21
C ASP A 486 -43.40 13.35 -41.34
N LYS A 487 -43.64 12.15 -40.83
CA LYS A 487 -44.78 11.90 -39.97
C LYS A 487 -44.73 12.83 -38.76
N ALA A 488 -43.57 12.91 -38.12
CA ALA A 488 -43.40 13.76 -36.94
C ALA A 488 -43.55 15.23 -37.28
N ASP A 489 -43.14 15.62 -38.48
CA ASP A 489 -43.26 17.00 -38.94
C ASP A 489 -44.72 17.38 -39.13
N LYS A 490 -45.51 16.45 -39.63
CA LYS A 490 -46.92 16.72 -39.84
C LYS A 490 -47.60 16.88 -38.50
N ALA A 491 -47.39 15.89 -37.63
CA ALA A 491 -47.98 15.93 -36.29
C ALA A 491 -47.62 17.22 -35.58
N PHE A 492 -46.39 17.68 -35.81
CA PHE A 492 -45.93 18.92 -35.19
C PHE A 492 -46.80 20.08 -35.65
N ARG A 493 -46.95 20.22 -36.96
CA ARG A 493 -47.76 21.31 -37.52
C ARG A 493 -49.21 21.18 -37.10
N GLY A 494 -49.67 19.95 -36.92
CA GLY A 494 -51.03 19.73 -36.48
C GLY A 494 -51.11 20.21 -35.05
N MET A 495 -50.13 21.04 -34.68
CA MET A 495 -50.01 21.63 -33.34
C MET A 495 -50.37 20.67 -32.22
N ALA B 2 -10.82 -32.90 7.79
CA ALA B 2 -10.48 -32.62 9.21
C ALA B 2 -10.25 -31.13 9.41
N LYS B 3 -9.99 -30.74 10.66
CA LYS B 3 -9.74 -29.34 10.98
C LYS B 3 -8.57 -28.86 10.12
N ASN B 4 -8.67 -27.63 9.62
CA ASN B 4 -7.63 -27.09 8.77
C ASN B 4 -6.31 -26.88 9.51
N ASN B 5 -5.22 -27.16 8.82
CA ASN B 5 -3.90 -26.97 9.40
C ASN B 5 -2.96 -26.58 8.26
N ALA B 6 -3.49 -25.77 7.34
CA ALA B 6 -2.76 -25.28 6.18
C ALA B 6 -3.45 -24.00 5.67
N VAL B 7 -2.77 -22.86 5.80
CA VAL B 7 -3.34 -21.58 5.35
C VAL B 7 -2.37 -20.73 4.54
N ALA B 8 -2.80 -20.31 3.35
CA ALA B 8 -1.95 -19.49 2.49
C ALA B 8 -1.56 -18.17 3.15
N GLY B 9 -0.52 -17.52 2.61
CA GLY B 9 -0.05 -16.26 3.15
C GLY B 9 -1.16 -15.39 3.70
N PHE B 10 -0.95 -14.89 4.92
CA PHE B 10 -1.93 -14.08 5.64
C PHE B 10 -1.28 -12.79 6.19
N ASN B 11 -1.93 -11.64 6.02
CA ASN B 11 -1.41 -10.36 6.53
C ASN B 11 -1.99 -10.05 7.91
N ALA B 12 -1.12 -9.85 8.90
CA ALA B 12 -1.59 -9.60 10.25
C ALA B 12 -1.11 -8.32 10.90
N LEU B 13 -1.84 -7.91 11.93
CA LEU B 13 -1.49 -6.73 12.69
C LEU B 13 -1.42 -7.11 14.17
N ASN B 14 -0.17 -7.19 14.59
CA ASN B 14 0.18 -7.53 15.94
C ASN B 14 0.38 -6.25 16.73
N GLY B 15 -0.44 -6.07 17.76
CA GLY B 15 -0.34 -4.89 18.58
C GLY B 15 -1.27 -3.79 18.11
N VAL B 16 -0.90 -2.56 18.43
CA VAL B 16 -1.69 -1.40 18.05
C VAL B 16 -0.79 -0.43 17.31
N GLU B 17 -1.20 -0.07 16.10
CA GLU B 17 -0.41 0.85 15.29
C GLU B 17 -0.97 2.28 15.34
N LEU B 18 -0.07 3.24 15.57
CA LEU B 18 -0.44 4.65 15.64
C LEU B 18 0.39 5.45 14.63
N ASN B 19 -0.30 6.09 13.68
CA ASN B 19 0.37 6.88 12.64
C ASN B 19 0.14 8.38 12.76
N LEU B 20 1.20 9.16 12.55
CA LEU B 20 1.14 10.62 12.62
C LEU B 20 1.65 11.25 11.33
N PHE B 21 2.42 10.50 10.55
CA PHE B 21 2.99 11.04 9.32
C PHE B 21 2.99 10.08 8.14
N THR B 22 3.04 10.66 6.95
CA THR B 22 3.15 9.91 5.72
C THR B 22 4.63 10.14 5.43
N THR B 23 5.21 9.38 4.52
CA THR B 23 6.63 9.57 4.22
C THR B 23 6.91 10.97 3.67
N ASP B 24 5.98 11.52 2.91
CA ASP B 24 6.14 12.85 2.35
C ASP B 24 6.28 13.89 3.45
N GLU B 25 5.54 13.71 4.54
CA GLU B 25 5.58 14.68 5.62
C GLU B 25 6.88 14.57 6.40
N LEU B 26 7.34 13.34 6.62
CA LEU B 26 8.60 13.16 7.33
C LEU B 26 9.71 13.86 6.54
N LYS B 27 9.68 13.73 5.22
CA LYS B 27 10.69 14.37 4.40
C LYS B 27 10.59 15.88 4.52
N ALA B 28 9.36 16.41 4.43
CA ALA B 28 9.14 17.83 4.55
C ALA B 28 9.80 18.36 5.81
N ILE B 29 9.66 17.61 6.91
CA ILE B 29 10.27 18.02 8.18
C ILE B 29 11.79 17.99 8.07
N HIS B 30 12.29 16.99 7.36
CA HIS B 30 13.73 16.84 7.18
C HIS B 30 14.33 18.01 6.37
N TYR B 31 13.78 18.27 5.20
CA TYR B 31 14.26 19.36 4.37
C TYR B 31 14.28 20.67 5.15
N ALA B 32 13.25 20.90 5.96
CA ALA B 32 13.18 22.12 6.75
C ALA B 32 14.36 22.21 7.70
N THR B 33 14.63 21.10 8.39
CA THR B 33 15.73 21.05 9.35
C THR B 33 17.05 21.34 8.65
N MET B 34 17.28 20.68 7.52
CA MET B 34 18.52 20.86 6.76
C MET B 34 18.70 22.33 6.38
N GLU B 35 17.60 22.98 6.02
CA GLU B 35 17.67 24.39 5.65
C GLU B 35 18.08 25.22 6.87
N VAL B 36 17.53 24.87 8.04
CA VAL B 36 17.83 25.55 9.28
C VAL B 36 19.25 25.28 9.76
N LEU B 37 19.78 24.09 9.49
CA LEU B 37 21.14 23.76 9.91
C LEU B 37 22.17 24.56 9.13
N MET B 38 21.76 25.10 7.98
CA MET B 38 22.66 25.89 7.15
C MET B 38 22.39 27.39 7.34
N ASP B 39 21.27 27.70 7.96
CA ASP B 39 20.91 29.09 8.22
C ASP B 39 19.70 29.14 9.16
N PRO B 40 19.89 29.69 10.37
CA PRO B 40 21.12 30.31 10.90
C PRO B 40 22.25 29.36 11.25
N GLY B 41 21.94 28.09 11.34
CA GLY B 41 22.96 27.14 11.72
C GLY B 41 22.88 26.99 13.23
N ILE B 42 23.94 26.47 13.84
CA ILE B 42 23.96 26.24 15.27
C ILE B 42 25.17 26.82 15.97
N GLN B 43 24.92 27.49 17.08
CA GLN B 43 25.98 28.09 17.87
C GLN B 43 26.62 27.05 18.79
N VAL B 44 27.87 26.72 18.50
CA VAL B 44 28.66 25.74 19.26
C VAL B 44 29.62 26.50 20.17
N SER B 45 29.31 26.56 21.46
CA SER B 45 30.10 27.28 22.44
C SER B 45 31.40 26.62 22.88
N ASP B 46 31.55 25.34 22.62
CA ASP B 46 32.79 24.67 23.00
C ASP B 46 33.79 24.68 21.85
N PRO B 47 34.95 25.31 22.07
CA PRO B 47 35.99 25.40 21.05
C PRO B 47 36.46 24.06 20.52
N GLU B 48 36.58 23.07 21.40
CA GLU B 48 37.02 21.75 20.95
C GLU B 48 36.02 21.12 19.98
N ALA B 49 34.74 21.24 20.28
CA ALA B 49 33.70 20.69 19.41
C ALA B 49 33.68 21.46 18.09
N ARG B 50 33.86 22.77 18.19
CA ARG B 50 33.85 23.66 17.02
C ARG B 50 34.94 23.23 16.06
N GLN B 51 36.03 22.70 16.61
CA GLN B 51 37.14 22.22 15.82
C GLN B 51 36.76 20.93 15.10
N ILE B 52 36.11 20.02 15.83
CA ILE B 52 35.66 18.74 15.27
C ILE B 52 34.77 19.00 14.07
N PHE B 53 33.85 19.95 14.19
CA PHE B 53 32.94 20.27 13.10
C PHE B 53 33.73 20.83 11.92
N LYS B 54 34.54 21.85 12.20
CA LYS B 54 35.36 22.50 11.18
C LYS B 54 36.18 21.48 10.39
N GLU B 55 36.89 20.61 11.11
CA GLU B 55 37.73 19.58 10.51
C GLU B 55 37.01 18.66 9.53
N ASN B 56 35.72 18.41 9.78
CA ASN B 56 34.98 17.50 8.91
C ASN B 56 34.18 18.15 7.79
N GLY B 57 34.38 19.45 7.58
CA GLY B 57 33.69 20.12 6.49
C GLY B 57 32.65 21.19 6.80
N CYS B 58 32.51 21.59 8.06
CA CYS B 58 31.53 22.62 8.41
C CYS B 58 32.10 24.02 8.31
N GLU B 59 31.24 24.99 8.00
CA GLU B 59 31.63 26.39 7.95
C GLU B 59 31.50 26.83 9.40
N VAL B 60 32.53 27.48 9.93
CA VAL B 60 32.51 27.91 11.33
C VAL B 60 32.88 29.36 11.49
N ASN B 61 31.94 30.19 11.89
CA ASN B 61 32.23 31.60 12.11
C ASN B 61 32.83 31.63 13.51
N GLU B 62 34.16 31.74 13.57
CA GLU B 62 34.87 31.72 14.83
C GLU B 62 34.57 32.85 15.81
N LYS B 63 34.01 33.95 15.33
CA LYS B 63 33.69 35.06 16.23
C LYS B 63 32.31 34.87 16.88
N THR B 64 31.34 34.39 16.09
CA THR B 64 29.99 34.18 16.59
C THR B 64 29.79 32.75 17.13
N ASN B 65 30.72 31.86 16.82
CA ASN B 65 30.66 30.46 17.25
C ASN B 65 29.59 29.68 16.49
N VAL B 66 29.07 30.26 15.42
CA VAL B 66 28.04 29.60 14.64
C VAL B 66 28.57 28.58 13.65
N VAL B 67 28.09 27.35 13.78
CA VAL B 67 28.49 26.26 12.91
C VAL B 67 27.34 25.92 11.97
N LYS B 68 27.64 25.78 10.69
CA LYS B 68 26.63 25.42 9.71
C LYS B 68 26.92 24.00 9.26
N ILE B 69 25.99 23.11 9.61
CA ILE B 69 26.15 21.70 9.27
C ILE B 69 25.47 21.33 7.96
N PRO B 70 26.25 20.89 6.97
CA PRO B 70 25.76 20.48 5.65
C PRO B 70 25.10 19.11 5.73
N GLU B 71 24.09 18.89 4.89
CA GLU B 71 23.35 17.64 4.91
C GLU B 71 24.18 16.36 4.84
N TYR B 72 25.20 16.33 4.00
CA TYR B 72 26.00 15.11 3.87
C TYR B 72 26.64 14.68 5.19
N LEU B 73 26.78 15.60 6.16
CA LEU B 73 27.37 15.22 7.45
C LEU B 73 26.31 14.60 8.35
N VAL B 74 25.05 15.00 8.17
CA VAL B 74 23.98 14.42 8.97
C VAL B 74 23.82 12.97 8.49
N ARG B 75 23.87 12.80 7.18
CA ARG B 75 23.76 11.48 6.57
C ARG B 75 24.89 10.57 7.04
N LYS B 76 26.10 11.09 7.05
CA LYS B 76 27.25 10.30 7.49
C LYS B 76 27.03 9.89 8.94
N ALA B 77 26.70 10.88 9.77
CA ALA B 77 26.46 10.63 11.20
C ALA B 77 25.46 9.50 11.42
N LEU B 78 24.35 9.57 10.70
CA LEU B 78 23.29 8.58 10.82
C LEU B 78 23.73 7.20 10.32
N GLN B 79 24.67 7.18 9.38
CA GLN B 79 25.16 5.91 8.86
C GLN B 79 26.20 5.34 9.84
N LEU B 80 26.72 6.18 10.73
CA LEU B 80 27.70 5.73 11.72
C LEU B 80 27.06 5.28 13.03
N ALA B 81 26.05 6.02 13.48
CA ALA B 81 25.36 5.68 14.71
C ALA B 81 24.71 4.30 14.65
N PRO B 82 24.98 3.46 15.66
CA PRO B 82 24.41 2.10 15.70
C PRO B 82 22.89 2.17 15.89
N SER B 83 22.17 1.21 15.32
CA SER B 83 20.71 1.22 15.47
C SER B 83 20.26 0.67 16.82
N ARG B 84 21.15 -0.02 17.52
N ARG B 84 21.14 -0.04 17.52
CA ARG B 84 20.81 -0.59 18.82
CA ARG B 84 20.78 -0.57 18.83
C ARG B 84 22.01 -0.72 19.75
C ARG B 84 22.00 -0.73 19.74
N PHE B 85 21.72 -0.86 21.03
CA PHE B 85 22.74 -1.04 22.05
C PHE B 85 22.02 -1.50 23.32
N VAL B 86 22.77 -2.12 24.23
CA VAL B 86 22.19 -2.63 25.47
C VAL B 86 22.67 -1.88 26.71
N LEU B 87 21.72 -1.53 27.58
CA LEU B 87 22.05 -0.85 28.83
C LEU B 87 22.16 -1.97 29.85
N TRP B 88 23.30 -2.06 30.52
CA TRP B 88 23.51 -3.10 31.51
C TRP B 88 23.18 -2.66 32.93
N GLY B 89 22.71 -3.61 33.72
CA GLY B 89 22.42 -3.35 35.12
C GLY B 89 23.52 -4.07 35.87
N ARG B 90 23.60 -3.91 37.18
CA ARG B 90 24.62 -4.63 37.96
C ARG B 90 24.13 -6.07 37.99
N ASP B 91 22.82 -6.19 37.84
CA ASP B 91 22.15 -7.47 37.80
C ASP B 91 21.74 -7.63 36.33
N LYS B 92 22.42 -8.53 35.64
CA LYS B 92 22.17 -8.79 34.23
C LYS B 92 20.69 -8.98 33.88
N LYS B 93 19.87 -9.34 34.85
CA LYS B 93 18.46 -9.55 34.56
C LYS B 93 17.74 -8.23 34.27
N PHE B 94 18.36 -7.11 34.63
CA PHE B 94 17.74 -5.81 34.38
C PHE B 94 18.21 -5.21 33.07
N ASN B 95 19.12 -5.88 32.38
CA ASN B 95 19.61 -5.39 31.10
C ASN B 95 18.45 -4.95 30.22
N THR B 96 18.57 -3.76 29.64
CA THR B 96 17.51 -3.23 28.80
C THR B 96 18.05 -2.87 27.43
N VAL B 97 17.32 -3.28 26.41
CA VAL B 97 17.71 -3.00 25.04
C VAL B 97 17.07 -1.72 24.52
N GLN B 98 17.87 -0.93 23.81
CA GLN B 98 17.41 0.31 23.21
C GLN B 98 17.68 0.11 21.74
N GLU B 99 16.62 -0.06 20.98
CA GLU B 99 16.73 -0.37 19.57
C GLU B 99 15.77 0.43 18.71
N CYS B 100 16.21 0.80 17.51
CA CYS B 100 15.35 1.54 16.60
C CYS B 100 14.14 0.69 16.24
N GLY B 101 12.96 1.20 16.56
CA GLY B 101 11.73 0.45 16.30
C GLY B 101 10.70 0.69 17.38
N GLY B 102 9.81 -0.27 17.58
CA GLY B 102 8.75 -0.09 18.56
C GLY B 102 8.85 -0.74 19.93
N LYS B 103 10.02 -1.22 20.32
CA LYS B 103 10.18 -1.83 21.64
C LYS B 103 10.21 -0.73 22.69
N VAL B 104 9.12 -0.65 23.45
CA VAL B 104 8.93 0.36 24.48
C VAL B 104 9.42 -0.06 25.86
N HIS B 105 9.99 0.90 26.58
CA HIS B 105 10.50 0.69 27.92
C HIS B 105 10.25 1.97 28.74
N TRP B 106 10.28 1.84 30.06
CA TRP B 106 10.03 2.99 30.94
C TRP B 106 11.12 3.21 31.97
N THR B 107 11.33 4.47 32.30
CA THR B 107 12.30 4.85 33.33
C THR B 107 11.61 5.96 34.13
N CYS B 108 12.07 6.19 35.35
CA CYS B 108 11.46 7.23 36.19
C CYS B 108 11.86 8.63 35.73
N PHE B 109 11.14 9.63 36.21
CA PHE B 109 11.45 11.01 35.86
C PHE B 109 12.76 11.43 36.46
N GLY B 110 13.32 12.49 35.88
CA GLY B 110 14.58 13.05 36.34
C GLY B 110 14.80 14.39 35.69
N THR B 111 15.26 15.37 36.47
CA THR B 111 15.51 15.18 37.89
C THR B 111 14.94 16.41 38.60
N GLY B 112 14.00 16.17 39.49
CA GLY B 112 13.38 17.26 40.22
C GLY B 112 14.24 17.78 41.34
N VAL B 113 13.78 18.88 41.93
CA VAL B 113 14.48 19.53 43.03
C VAL B 113 13.66 19.39 44.30
N LYS B 114 12.48 18.81 44.17
CA LYS B 114 11.59 18.63 45.32
C LYS B 114 10.99 17.23 45.41
N VAL B 115 10.45 16.92 46.58
CA VAL B 115 9.82 15.63 46.83
C VAL B 115 8.51 15.83 47.57
N CYS B 116 7.46 15.20 47.04
CA CYS B 116 6.11 15.24 47.61
C CYS B 116 5.99 14.02 48.52
N LYS B 117 6.06 14.26 49.82
N LYS B 117 6.02 14.26 49.83
CA LYS B 117 5.96 13.19 50.83
CA LYS B 117 5.90 13.18 50.81
C LYS B 117 4.84 13.45 51.82
C LYS B 117 4.51 13.10 51.43
N TYR B 118 4.28 12.38 52.38
N TYR B 118 4.08 11.86 51.71
CA TYR B 118 3.19 12.48 53.33
CA TYR B 118 2.78 11.60 52.31
C TYR B 118 3.63 12.96 54.71
C TYR B 118 3.02 11.43 53.81
N GLN B 119 3.29 14.20 55.02
N GLN B 119 2.90 12.52 54.55
CA GLN B 119 3.61 14.84 56.30
CA GLN B 119 3.11 12.49 56.00
C GLN B 119 2.59 14.40 57.34
C GLN B 119 2.01 11.72 56.74
N ASP B 120 2.81 14.81 58.59
N ASP B 120 0.96 12.43 57.14
CA ASP B 120 1.89 14.46 59.67
CA ASP B 120 -0.15 11.82 57.85
C ASP B 120 0.58 15.20 59.47
C ASP B 120 -1.48 12.17 57.19
N GLY B 121 -0.37 14.52 58.85
N GLY B 121 -1.74 11.56 56.04
CA GLY B 121 -1.67 15.11 58.60
CA GLY B 121 -2.97 11.83 55.32
C GLY B 121 -2.06 15.09 57.13
C GLY B 121 -2.88 13.09 54.47
N LYS B 122 -1.21 15.68 56.29
N LYS B 122 -1.90 13.92 54.79
CA LYS B 122 -1.47 15.74 54.85
CA LYS B 122 -1.69 15.17 54.06
C LYS B 122 -0.19 15.53 54.04
C LYS B 122 -0.42 15.12 53.19
N TYR B 123 -0.18 16.02 52.80
N TYR B 123 -0.29 16.10 52.30
CA TYR B 123 0.98 15.91 51.91
CA TYR B 123 0.85 16.17 51.40
C TYR B 123 1.78 17.20 51.87
C TYR B 123 1.76 17.36 51.68
N VAL B 124 3.11 17.08 51.93
N VAL B 124 3.07 17.12 51.68
CA VAL B 124 3.98 18.25 51.89
CA VAL B 124 4.06 18.16 51.92
C VAL B 124 5.07 18.09 50.84
C VAL B 124 5.14 18.08 50.85
N THR B 125 5.38 19.20 50.16
CA THR B 125 6.41 19.21 49.12
C THR B 125 7.61 19.98 49.63
N VAL B 126 8.75 19.30 49.74
CA VAL B 126 9.96 19.94 50.23
C VAL B 126 11.16 19.69 49.32
N ASP B 127 12.18 20.53 49.45
CA ASP B 127 13.37 20.40 48.63
C ASP B 127 14.08 19.08 48.91
N SER B 128 14.63 18.48 47.84
CA SER B 128 15.29 17.18 47.93
C SER B 128 16.70 17.12 48.48
N VAL B 129 17.08 15.93 48.93
CA VAL B 129 18.41 15.67 49.48
C VAL B 129 18.87 14.31 48.97
N GLU B 130 20.16 14.03 49.10
CA GLU B 130 20.75 12.78 48.62
C GLU B 130 20.02 11.54 49.11
N LYS B 131 19.47 11.59 50.31
CA LYS B 131 18.77 10.45 50.88
C LYS B 131 17.56 10.07 50.03
N ASP B 132 16.79 11.07 49.62
CA ASP B 132 15.61 10.85 48.79
C ASP B 132 15.97 10.02 47.56
N ILE B 133 17.15 10.27 47.01
CA ILE B 133 17.62 9.55 45.84
C ILE B 133 17.76 8.08 46.19
N ALA B 134 18.34 7.81 47.35
CA ALA B 134 18.55 6.43 47.79
C ALA B 134 17.23 5.71 47.97
N ASP B 135 16.26 6.39 48.59
CA ASP B 135 14.95 5.78 48.79
C ASP B 135 14.27 5.50 47.45
N ILE B 136 14.18 6.52 46.61
CA ILE B 136 13.57 6.37 45.29
C ILE B 136 14.22 5.24 44.49
N ALA B 137 15.54 5.14 44.54
CA ALA B 137 16.27 4.11 43.82
C ALA B 137 15.80 2.73 44.29
N LYS B 138 15.53 2.61 45.58
CA LYS B 138 15.08 1.35 46.15
C LYS B 138 13.71 1.01 45.58
N LEU B 139 12.83 2.01 45.55
CA LEU B 139 11.49 1.85 45.05
C LEU B 139 11.49 1.45 43.58
N CYS B 140 12.35 2.08 42.79
CA CYS B 140 12.42 1.76 41.37
C CYS B 140 13.06 0.40 41.12
N ASP B 141 13.95 0.00 42.02
CA ASP B 141 14.61 -1.29 41.88
C ASP B 141 13.51 -2.36 41.93
N TRP B 142 12.46 -2.05 42.69
CA TRP B 142 11.30 -2.92 42.89
C TRP B 142 10.26 -2.89 41.77
N ALA B 143 9.91 -1.69 41.30
CA ALA B 143 8.92 -1.54 40.23
C ALA B 143 9.35 -2.26 38.95
N GLU B 144 8.61 -3.30 38.59
CA GLU B 144 8.92 -4.10 37.42
C GLU B 144 8.87 -3.39 36.07
N ASN B 145 7.96 -2.45 35.92
CA ASN B 145 7.84 -1.74 34.65
C ASN B 145 8.87 -0.62 34.48
N ILE B 146 9.67 -0.38 35.51
CA ILE B 146 10.72 0.62 35.45
C ILE B 146 11.97 -0.15 35.03
N ASP B 147 12.26 -0.16 33.73
CA ASP B 147 13.42 -0.89 33.23
C ASP B 147 14.76 -0.41 33.79
N TYR B 148 14.99 0.90 33.79
CA TYR B 148 16.22 1.42 34.36
C TYR B 148 16.00 2.70 35.16
N PHE B 149 17.02 3.09 35.92
CA PHE B 149 16.95 4.24 36.81
C PHE B 149 17.57 5.53 36.27
N SER B 150 16.77 6.59 36.24
CA SER B 150 17.23 7.91 35.79
C SER B 150 17.24 8.82 37.02
N LEU B 151 18.32 9.57 37.23
CA LEU B 151 18.44 10.46 38.40
C LEU B 151 17.12 11.19 38.69
N PRO B 152 16.39 10.73 39.73
CA PRO B 152 15.10 11.31 40.11
C PRO B 152 15.14 12.73 40.65
N VAL B 153 15.98 12.98 41.65
CA VAL B 153 16.06 14.32 42.22
C VAL B 153 17.50 14.66 42.52
N SER B 154 17.76 15.94 42.79
CA SER B 154 19.11 16.38 43.10
C SER B 154 19.51 16.24 44.56
N ALA B 155 20.77 15.86 44.76
CA ALA B 155 21.33 15.72 46.09
C ALA B 155 21.70 17.14 46.53
N ARG B 156 20.68 17.96 46.69
CA ARG B 156 20.85 19.36 47.03
C ARG B 156 21.61 19.62 48.33
N ASP B 157 21.50 18.72 49.30
CA ASP B 157 22.19 18.90 50.57
C ASP B 157 23.71 18.84 50.40
N ILE B 158 24.17 18.47 49.22
CA ILE B 158 25.60 18.36 48.93
C ILE B 158 26.17 19.63 48.32
N ALA B 159 25.30 20.45 47.74
CA ALA B 159 25.71 21.71 47.10
C ALA B 159 26.60 22.59 47.96
N GLY B 160 27.63 23.15 47.34
CA GLY B 160 28.53 24.03 48.06
C GLY B 160 29.65 23.36 48.84
N GLN B 161 29.53 22.08 49.15
CA GLN B 161 30.57 21.42 49.91
C GLN B 161 31.19 20.19 49.26
N GLY B 162 30.72 19.84 48.07
CA GLY B 162 31.24 18.68 47.38
C GLY B 162 30.80 18.60 45.93
N ALA B 163 31.27 17.57 45.23
CA ALA B 163 30.91 17.37 43.83
C ALA B 163 29.56 16.65 43.79
N GLN B 164 28.49 17.44 43.85
CA GLN B 164 27.12 16.94 43.85
C GLN B 164 26.84 15.90 42.77
N ASP B 165 27.25 16.21 41.55
CA ASP B 165 27.06 15.33 40.42
C ASP B 165 27.77 13.98 40.59
N VAL B 166 28.76 13.92 41.47
CA VAL B 166 29.45 12.65 41.66
C VAL B 166 28.74 11.84 42.72
N HIS B 167 28.13 12.52 43.68
CA HIS B 167 27.37 11.82 44.70
C HIS B 167 26.17 11.26 43.97
N GLU B 168 25.65 12.06 43.04
CA GLU B 168 24.50 11.70 42.23
C GLU B 168 24.80 10.53 41.29
N THR B 169 26.02 10.02 41.34
CA THR B 169 26.41 8.89 40.52
C THR B 169 26.54 7.62 41.38
N LEU B 170 27.21 7.73 42.53
CA LEU B 170 27.39 6.56 43.39
C LEU B 170 26.15 6.16 44.19
N THR B 171 25.44 7.14 44.74
CA THR B 171 24.25 6.79 45.50
C THR B 171 23.30 5.94 44.65
N PRO B 172 23.03 6.36 43.41
CA PRO B 172 22.14 5.57 42.54
C PRO B 172 22.65 4.15 42.32
N LEU B 173 23.89 4.02 41.88
CA LEU B 173 24.47 2.71 41.61
C LEU B 173 24.43 1.78 42.83
N ALA B 174 24.51 2.35 44.02
CA ALA B 174 24.51 1.57 45.24
C ALA B 174 23.12 1.21 45.75
N ASN B 175 22.12 1.99 45.38
CA ASN B 175 20.78 1.72 45.87
C ASN B 175 19.84 0.98 44.93
N THR B 176 20.34 0.62 43.75
CA THR B 176 19.56 -0.14 42.78
C THR B 176 20.55 -0.92 41.94
N ALA B 177 20.12 -2.07 41.44
CA ALA B 177 20.99 -2.90 40.62
C ALA B 177 20.65 -2.74 39.15
N LYS B 178 19.79 -1.77 38.84
CA LYS B 178 19.40 -1.52 37.46
C LYS B 178 20.35 -0.50 36.84
N HIS B 179 20.30 -0.37 35.52
CA HIS B 179 21.14 0.59 34.81
C HIS B 179 20.84 2.00 35.30
N PHE B 180 21.84 2.88 35.29
CA PHE B 180 21.66 4.25 35.74
C PHE B 180 21.87 5.27 34.62
N HIS B 181 20.91 6.17 34.46
CA HIS B 181 21.00 7.21 33.44
C HIS B 181 21.09 8.54 34.18
N HIS B 182 22.28 9.14 34.16
CA HIS B 182 22.50 10.41 34.84
C HIS B 182 21.94 11.58 34.04
N ILE B 183 20.90 12.22 34.56
CA ILE B 183 20.25 13.35 33.89
C ILE B 183 20.99 14.68 34.07
N ASP B 184 21.87 14.75 35.07
CA ASP B 184 22.64 15.98 35.33
C ASP B 184 24.13 15.75 35.28
N PRO B 185 24.64 15.26 34.15
CA PRO B 185 26.09 15.03 34.06
C PRO B 185 26.86 16.34 33.95
N VAL B 186 28.07 16.37 34.52
CA VAL B 186 28.92 17.55 34.44
C VAL B 186 30.06 17.23 33.49
N GLY B 187 30.12 17.97 32.38
CA GLY B 187 31.14 17.74 31.38
C GLY B 187 32.57 17.55 31.86
N GLU B 188 33.05 18.47 32.70
CA GLU B 188 34.40 18.38 33.21
C GLU B 188 34.63 17.16 34.08
N ASN B 189 33.56 16.67 34.71
CA ASN B 189 33.66 15.52 35.60
C ASN B 189 33.36 14.14 35.01
N VAL B 190 33.17 14.03 33.70
CA VAL B 190 32.86 12.71 33.17
C VAL B 190 33.92 11.67 33.53
N GLU B 191 35.19 12.08 33.57
CA GLU B 191 36.26 11.16 33.93
C GLU B 191 35.94 10.47 35.25
N TYR B 192 35.36 11.23 36.19
CA TYR B 192 34.99 10.69 37.49
C TYR B 192 33.95 9.59 37.33
N TYR B 193 32.94 9.85 36.50
CA TYR B 193 31.89 8.84 36.28
C TYR B 193 32.54 7.58 35.69
N ARG B 194 33.38 7.77 34.68
CA ARG B 194 34.07 6.66 34.05
C ARG B 194 34.89 5.87 35.06
N ASP B 195 35.70 6.58 35.85
CA ASP B 195 36.54 5.93 36.86
C ASP B 195 35.74 5.11 37.88
N ILE B 196 34.53 5.57 38.21
CA ILE B 196 33.68 4.86 39.15
C ILE B 196 33.21 3.55 38.54
N VAL B 197 32.80 3.61 37.27
CA VAL B 197 32.33 2.42 36.58
C VAL B 197 33.49 1.45 36.40
N LYS B 198 34.69 1.99 36.28
CA LYS B 198 35.89 1.17 36.12
C LYS B 198 36.18 0.41 37.41
N ALA B 199 36.01 1.09 38.53
CA ALA B 199 36.25 0.46 39.83
C ALA B 199 35.22 -0.64 40.08
N TYR B 200 33.99 -0.44 39.59
CA TYR B 200 32.96 -1.45 39.78
C TYR B 200 33.38 -2.75 39.13
N TYR B 201 34.01 -2.64 37.97
CA TYR B 201 34.48 -3.81 37.23
C TYR B 201 35.92 -4.16 37.57
N GLY B 202 36.34 -3.82 38.78
CA GLY B 202 37.70 -4.12 39.22
C GLY B 202 38.83 -3.59 38.37
N GLY B 203 38.69 -2.37 37.86
CA GLY B 203 39.75 -1.79 37.07
C GLY B 203 39.78 -2.17 35.60
N ASP B 204 38.91 -3.09 35.20
CA ASP B 204 38.85 -3.52 33.81
C ASP B 204 37.97 -2.60 32.97
N GLU B 205 38.62 -1.72 32.20
CA GLU B 205 37.94 -0.78 31.34
C GLU B 205 37.27 -1.48 30.15
N GLU B 206 37.79 -2.63 29.75
CA GLU B 206 37.20 -3.38 28.64
C GLU B 206 35.79 -3.78 29.02
N GLU B 207 35.64 -4.28 30.25
CA GLU B 207 34.35 -4.69 30.76
C GLU B 207 33.44 -3.50 30.94
N ALA B 208 34.00 -2.41 31.46
CA ALA B 208 33.21 -1.20 31.67
C ALA B 208 32.55 -0.79 30.36
N ARG B 209 33.30 -0.86 29.27
CA ARG B 209 32.79 -0.49 27.96
C ARG B 209 31.83 -1.53 27.36
N LYS B 210 32.11 -2.80 27.62
CA LYS B 210 31.28 -3.88 27.10
C LYS B 210 29.93 -3.96 27.82
N LYS B 211 29.93 -3.72 29.12
CA LYS B 211 28.71 -3.80 29.91
C LYS B 211 28.41 -2.50 30.66
N PRO B 212 28.09 -1.42 29.91
CA PRO B 212 27.78 -0.10 30.51
C PRO B 212 26.62 -0.09 31.48
N ILE B 213 26.91 0.21 32.75
CA ILE B 213 25.88 0.28 33.77
C ILE B 213 25.55 1.76 33.96
N PHE B 214 26.25 2.61 33.23
CA PHE B 214 26.07 4.05 33.33
C PHE B 214 25.94 4.73 31.95
N SER B 215 25.04 5.71 31.85
CA SER B 215 24.82 6.47 30.64
C SER B 215 24.36 7.87 31.06
N MET B 216 24.39 8.82 30.15
CA MET B 216 24.01 10.19 30.51
C MET B 216 23.25 10.98 29.46
N LEU B 217 22.53 11.99 29.95
CA LEU B 217 21.72 12.86 29.12
C LEU B 217 22.30 14.28 29.05
N LEU B 218 22.05 14.95 27.94
CA LEU B 218 22.48 16.33 27.74
C LEU B 218 21.43 16.98 26.85
N CYS B 219 21.25 18.29 26.99
CA CYS B 219 20.25 19.00 26.22
C CYS B 219 20.79 20.15 25.38
N PRO B 220 20.45 20.21 24.10
CA PRO B 220 20.96 21.34 23.33
C PRO B 220 20.23 22.51 24.00
N THR B 221 20.63 23.74 23.72
CA THR B 221 19.94 24.90 24.30
C THR B 221 19.08 25.58 23.24
N SER B 222 17.76 25.61 23.45
CA SER B 222 16.86 26.20 22.47
C SER B 222 16.79 27.73 22.54
N PRO B 223 16.82 28.39 21.38
CA PRO B 223 16.92 27.68 20.10
C PRO B 223 18.27 27.67 19.41
N LEU B 224 18.64 26.49 18.92
CA LEU B 224 19.87 26.30 18.15
C LEU B 224 21.25 26.50 18.76
N GLU B 225 21.43 26.12 20.02
CA GLU B 225 22.74 26.28 20.66
C GLU B 225 23.22 24.99 21.34
N LEU B 226 24.52 24.72 21.24
CA LEU B 226 25.11 23.58 21.92
C LEU B 226 26.06 24.19 22.94
N SER B 227 25.70 24.10 24.22
CA SER B 227 26.53 24.67 25.28
C SER B 227 27.83 23.90 25.45
N VAL B 228 28.75 24.52 26.18
CA VAL B 228 30.05 23.92 26.42
C VAL B 228 29.87 22.59 27.15
N ASN B 229 29.06 22.58 28.20
CA ASN B 229 28.85 21.36 28.96
C ASN B 229 28.25 20.27 28.06
N ALA B 230 27.25 20.64 27.28
CA ALA B 230 26.59 19.70 26.39
C ALA B 230 27.62 19.09 25.44
N CYS B 231 28.46 19.94 24.86
CA CYS B 231 29.47 19.47 23.92
C CYS B 231 30.47 18.53 24.59
N GLN B 232 30.88 18.86 25.80
CA GLN B 232 31.82 18.04 26.53
C GLN B 232 31.22 16.71 26.96
N VAL B 233 29.93 16.74 27.33
CA VAL B 233 29.29 15.51 27.73
C VAL B 233 29.24 14.59 26.51
N ILE B 234 28.96 15.18 25.35
CA ILE B 234 28.91 14.42 24.10
C ILE B 234 30.28 13.85 23.74
N ILE B 235 31.28 14.72 23.70
CA ILE B 235 32.63 14.32 23.33
C ILE B 235 33.23 13.24 24.24
N LYS B 236 33.17 13.47 25.54
CA LYS B 236 33.73 12.49 26.47
C LYS B 236 32.93 11.20 26.49
N GLY B 237 31.62 11.31 26.40
CA GLY B 237 30.78 10.12 26.39
C GLY B 237 31.14 9.25 25.21
N ALA B 238 31.34 9.89 24.06
CA ALA B 238 31.70 9.17 22.86
C ALA B 238 33.07 8.53 23.02
N ARG B 239 34.03 9.29 23.54
CA ARG B 239 35.38 8.78 23.72
C ARG B 239 35.55 7.75 24.83
N PHE B 240 34.65 7.72 25.82
CA PHE B 240 34.76 6.75 26.91
C PHE B 240 33.81 5.57 26.73
N GLY B 241 33.00 5.59 25.69
CA GLY B 241 32.08 4.50 25.46
C GLY B 241 30.89 4.53 26.41
N ILE B 242 30.40 5.72 26.71
CA ILE B 242 29.23 5.89 27.58
C ILE B 242 28.09 6.36 26.69
N PRO B 243 26.99 5.60 26.63
CA PRO B 243 25.84 5.99 25.81
C PRO B 243 25.38 7.40 26.15
N VAL B 244 25.08 8.20 25.13
CA VAL B 244 24.63 9.56 25.35
C VAL B 244 23.25 9.86 24.80
N ASN B 245 22.44 10.48 25.64
CA ASN B 245 21.07 10.86 25.32
C ASN B 245 21.03 12.33 24.91
N VAL B 246 20.92 12.58 23.60
CA VAL B 246 20.85 13.93 23.08
C VAL B 246 19.37 14.31 23.09
N LEU B 247 18.93 14.90 24.20
CA LEU B 247 17.53 15.27 24.42
C LEU B 247 17.20 16.76 24.28
N SER B 248 16.22 17.06 23.44
CA SER B 248 15.79 18.45 23.21
C SER B 248 14.84 18.93 24.30
N MET B 249 14.81 20.24 24.50
CA MET B 249 13.92 20.87 25.48
C MET B 249 13.41 22.19 24.94
N ALA B 250 12.96 22.19 23.70
CA ALA B 250 12.42 23.39 23.06
C ALA B 250 11.05 23.67 23.66
N MET B 251 10.50 24.84 23.36
CA MET B 251 9.22 25.20 23.92
C MET B 251 8.39 26.01 22.91
N SER B 252 7.29 25.44 22.46
CA SER B 252 6.43 26.10 21.48
C SER B 252 5.99 27.46 21.99
N GLY B 253 6.25 28.50 21.20
CA GLY B 253 5.86 29.83 21.60
C GLY B 253 6.93 30.51 22.45
N GLY B 254 7.89 29.72 22.92
CA GLY B 254 8.98 30.25 23.72
C GLY B 254 10.28 30.21 22.94
N SER B 255 10.76 29.00 22.64
CA SER B 255 12.01 28.84 21.88
C SER B 255 11.82 28.20 20.51
N SER B 256 10.56 28.01 20.11
CA SER B 256 10.26 27.43 18.80
C SER B 256 8.86 27.87 18.39
N PRO B 257 8.53 27.72 17.10
CA PRO B 257 7.20 28.12 16.62
C PRO B 257 6.06 27.49 17.44
N VAL B 258 4.95 28.23 17.60
CA VAL B 258 3.79 27.74 18.33
C VAL B 258 3.29 26.44 17.70
N TYR B 259 3.35 26.36 16.37
CA TYR B 259 2.94 25.15 15.65
C TYR B 259 3.82 23.97 16.08
N LEU B 260 3.22 22.79 16.18
CA LEU B 260 3.99 21.61 16.57
C LEU B 260 4.96 21.16 15.48
N ALA B 261 4.61 21.35 14.22
CA ALA B 261 5.50 20.94 13.13
C ALA B 261 6.80 21.74 13.20
N GLY B 262 6.65 23.05 13.33
CA GLY B 262 7.82 23.91 13.41
C GLY B 262 8.62 23.64 14.66
N THR B 263 7.91 23.31 15.72
CA THR B 263 8.56 23.01 16.99
C THR B 263 9.43 21.77 16.79
N LEU B 264 8.95 20.86 15.96
CA LEU B 264 9.70 19.64 15.68
C LEU B 264 10.92 19.96 14.84
N VAL B 265 10.84 20.97 13.98
CA VAL B 265 11.99 21.33 13.15
C VAL B 265 13.11 21.81 14.07
N THR B 266 12.77 22.68 15.02
CA THR B 266 13.76 23.21 15.96
C THR B 266 14.36 22.03 16.74
N HIS B 267 13.49 21.18 17.25
CA HIS B 267 13.94 19.99 17.96
C HIS B 267 14.93 19.18 17.11
N ASN B 268 14.54 18.88 15.88
CA ASN B 268 15.36 18.09 14.97
C ASN B 268 16.74 18.71 14.74
N ALA B 269 16.78 19.98 14.38
CA ALA B 269 18.04 20.69 14.14
C ALA B 269 18.99 20.51 15.32
N GLU B 270 18.47 20.79 16.51
CA GLU B 270 19.22 20.70 17.76
C GLU B 270 19.73 19.30 18.11
N VAL B 271 18.86 18.31 18.03
CA VAL B 271 19.28 16.96 18.36
C VAL B 271 20.22 16.42 17.30
N LEU B 272 19.95 16.68 16.03
CA LEU B 272 20.83 16.16 14.98
C LEU B 272 22.24 16.77 15.04
N SER B 273 22.36 18.00 15.51
CA SER B 273 23.69 18.61 15.60
C SER B 273 24.50 17.90 16.69
N GLY B 274 23.83 17.56 17.79
CA GLY B 274 24.52 16.87 18.86
C GLY B 274 24.93 15.49 18.41
N ILE B 275 24.06 14.84 17.65
CA ILE B 275 24.34 13.51 17.15
C ILE B 275 25.49 13.54 16.15
N VAL B 276 25.56 14.59 15.34
CA VAL B 276 26.65 14.71 14.39
C VAL B 276 27.97 14.88 15.15
N LEU B 277 27.94 15.70 16.19
CA LEU B 277 29.14 15.92 16.99
C LEU B 277 29.62 14.58 17.53
N ALA B 278 28.70 13.83 18.12
CA ALA B 278 29.01 12.53 18.69
C ALA B 278 29.67 11.60 17.70
N GLN B 279 29.08 11.46 16.52
CA GLN B 279 29.61 10.57 15.50
C GLN B 279 30.92 11.03 14.85
N LEU B 280 31.16 12.34 14.81
CA LEU B 280 32.39 12.87 14.23
C LEU B 280 33.51 12.69 15.26
N THR B 281 33.15 12.64 16.53
CA THR B 281 34.12 12.46 17.59
C THR B 281 34.57 11.01 17.56
N VAL B 282 33.61 10.09 17.62
CA VAL B 282 33.93 8.68 17.56
C VAL B 282 32.88 7.95 16.75
N PRO B 283 33.24 7.51 15.54
CA PRO B 283 32.25 6.80 14.72
C PRO B 283 31.72 5.56 15.46
N GLY B 284 30.41 5.37 15.38
CA GLY B 284 29.78 4.23 16.02
C GLY B 284 29.45 4.46 17.48
N ALA B 285 29.59 5.67 17.98
CA ALA B 285 29.27 5.96 19.37
C ALA B 285 27.78 5.72 19.63
N LYS B 286 27.45 5.30 20.85
CA LYS B 286 26.07 5.03 21.24
C LYS B 286 25.33 6.31 21.58
N VAL B 287 24.20 6.56 20.91
CA VAL B 287 23.42 7.78 21.15
C VAL B 287 21.92 7.59 21.03
N TRP B 288 21.18 8.47 21.70
CA TRP B 288 19.72 8.46 21.68
C TRP B 288 19.25 9.72 20.97
N TYR B 289 18.11 9.60 20.31
CA TYR B 289 17.46 10.71 19.64
C TYR B 289 16.36 10.95 20.68
N GLY B 290 16.54 11.97 21.52
CA GLY B 290 15.57 12.24 22.57
C GLY B 290 14.88 13.59 22.61
N SER B 291 13.86 13.69 23.46
CA SER B 291 13.10 14.92 23.61
C SER B 291 12.24 15.02 24.85
N SER B 292 12.03 16.25 25.29
CA SER B 292 11.17 16.56 26.42
C SER B 292 10.60 17.93 26.07
N THR B 293 10.60 18.20 24.77
CA THR B 293 10.09 19.44 24.24
C THR B 293 8.58 19.47 24.44
N THR B 294 8.07 20.62 24.88
CA THR B 294 6.66 20.77 25.12
C THR B 294 6.18 22.11 24.58
N THR B 295 4.97 22.50 24.96
CA THR B 295 4.38 23.74 24.51
C THR B 295 4.29 24.64 25.72
N PHE B 296 4.49 25.94 25.51
CA PHE B 296 4.39 26.91 26.59
C PHE B 296 2.92 27.35 26.66
N ASP B 297 2.36 27.43 27.86
CA ASP B 297 0.98 27.89 27.97
C ASP B 297 1.03 29.40 28.11
N LEU B 298 0.76 30.10 27.01
CA LEU B 298 0.79 31.55 26.98
C LEU B 298 -0.17 32.19 27.97
N LYS B 299 -1.32 31.56 28.17
CA LYS B 299 -2.35 32.06 29.09
C LYS B 299 -2.11 31.71 30.57
N LYS B 300 -1.15 30.86 30.86
CA LYS B 300 -0.88 30.50 32.25
C LYS B 300 0.55 30.86 32.65
N GLY B 301 1.36 31.20 31.65
CA GLY B 301 2.74 31.56 31.91
C GLY B 301 3.59 30.40 32.40
N THR B 302 3.26 29.19 31.97
CA THR B 302 4.00 28.00 32.37
C THR B 302 4.10 27.00 31.22
N ALA B 303 4.97 26.01 31.37
CA ALA B 303 5.15 25.00 30.34
C ALA B 303 4.51 23.68 30.77
N PRO B 304 3.19 23.55 30.54
CA PRO B 304 2.44 22.34 30.90
C PRO B 304 3.02 21.12 30.21
N VAL B 305 3.36 20.13 31.01
CA VAL B 305 3.94 18.92 30.46
C VAL B 305 3.01 17.69 30.66
N GLY B 306 1.78 17.95 31.07
CA GLY B 306 0.79 16.90 31.25
C GLY B 306 -0.28 17.12 30.20
N SER B 307 0.07 17.93 29.21
CA SER B 307 -0.82 18.30 28.13
C SER B 307 -0.83 17.35 26.94
N PRO B 308 -1.86 17.46 26.09
CA PRO B 308 -1.91 16.58 24.91
C PRO B 308 -0.73 16.90 23.98
N GLU B 309 -0.31 18.16 23.99
CA GLU B 309 0.82 18.56 23.15
C GLU B 309 2.10 17.79 23.47
N LEU B 310 2.42 17.63 24.76
CA LEU B 310 3.62 16.90 25.13
C LEU B 310 3.55 15.48 24.60
N GLY B 311 2.40 14.84 24.78
CA GLY B 311 2.23 13.49 24.30
C GLY B 311 2.48 13.44 22.80
N LEU B 312 1.83 14.33 22.05
CA LEU B 312 1.99 14.38 20.60
C LEU B 312 3.45 14.58 20.17
N ILE B 313 4.11 15.54 20.80
CA ILE B 313 5.51 15.84 20.48
C ILE B 313 6.40 14.63 20.71
N SER B 314 6.28 14.01 21.87
CA SER B 314 7.08 12.83 22.18
C SER B 314 6.80 11.72 21.18
N ALA B 315 5.53 11.51 20.85
CA ALA B 315 5.14 10.49 19.90
C ALA B 315 5.75 10.80 18.53
N ALA B 316 5.71 12.07 18.16
CA ALA B 316 6.26 12.50 16.87
C ALA B 316 7.77 12.26 16.84
N VAL B 317 8.44 12.52 17.96
CA VAL B 317 9.88 12.29 18.04
C VAL B 317 10.19 10.81 17.87
N ALA B 318 9.38 9.96 18.49
CA ALA B 318 9.60 8.52 18.36
C ALA B 318 9.51 8.15 16.88
N LYS B 319 8.53 8.71 16.19
CA LYS B 319 8.35 8.46 14.76
C LYS B 319 9.57 8.98 13.98
N LEU B 320 10.08 10.14 14.34
CA LEU B 320 11.24 10.73 13.68
C LEU B 320 12.48 9.89 13.92
N ALA B 321 12.60 9.37 15.13
CA ALA B 321 13.74 8.52 15.47
C ALA B 321 13.71 7.29 14.56
N GLN B 322 12.54 6.67 14.47
CA GLN B 322 12.37 5.48 13.64
C GLN B 322 12.66 5.82 12.19
N PHE B 323 12.30 7.02 11.78
CA PHE B 323 12.54 7.46 10.43
C PHE B 323 14.03 7.59 10.20
N TYR B 324 14.76 8.02 11.22
CA TYR B 324 16.20 8.21 11.11
C TYR B 324 16.99 6.95 11.47
N GLY B 325 16.31 5.95 12.01
CA GLY B 325 16.96 4.70 12.36
C GLY B 325 17.69 4.69 13.69
N LEU B 326 17.28 5.57 14.59
CA LEU B 326 17.91 5.68 15.90
C LEU B 326 16.94 5.34 17.05
N PRO B 327 17.48 4.96 18.22
CA PRO B 327 16.66 4.63 19.39
C PRO B 327 16.14 5.97 19.91
N SER B 328 14.96 5.96 20.55
CA SER B 328 14.37 7.19 21.06
C SER B 328 14.22 7.21 22.58
N TYR B 329 14.20 8.41 23.14
CA TYR B 329 14.06 8.61 24.58
C TYR B 329 13.20 9.86 24.72
N VAL B 330 11.96 9.69 25.16
CA VAL B 330 11.06 10.81 25.25
C VAL B 330 10.30 10.99 26.56
N ALA B 331 9.81 12.20 26.75
CA ALA B 331 9.04 12.56 27.92
C ALA B 331 7.68 11.90 27.79
N GLY B 332 7.21 11.32 28.88
CA GLY B 332 5.92 10.66 28.88
C GLY B 332 5.58 10.28 30.30
N SER B 333 4.29 10.19 30.60
CA SER B 333 3.88 9.84 31.96
C SER B 333 4.24 11.01 32.86
CA PYL B 334 4.16 13.43 33.15
C PYL B 334 2.84 14.11 33.50
N PYL B 334 3.90 12.21 32.41
N SER B 335 2.88 14.96 34.51
CA SER B 335 1.68 15.69 34.94
C SER B 335 2.02 17.06 35.50
N ASP B 336 1.03 17.95 35.51
CA ASP B 336 1.23 19.28 36.04
C ASP B 336 0.54 19.41 37.40
N ALA B 337 -0.05 18.31 37.84
CA ALA B 337 -0.76 18.30 39.11
C ALA B 337 0.22 18.43 40.27
N LYS B 338 -0.22 19.06 41.34
CA LYS B 338 0.61 19.24 42.53
C LYS B 338 0.44 18.09 43.53
N VAL B 339 -0.58 17.27 43.31
CA VAL B 339 -0.84 16.12 44.18
C VAL B 339 -1.33 14.96 43.32
N PRO B 340 -1.17 13.72 43.80
CA PRO B 340 -1.60 12.52 43.05
C PRO B 340 -3.13 12.39 43.05
N ASP B 341 -3.78 13.16 42.18
CA ASP B 341 -5.24 13.18 42.10
C ASP B 341 -5.79 12.78 40.74
N ASP B 342 -7.06 13.12 40.50
CA ASP B 342 -7.73 12.83 39.24
C ASP B 342 -6.95 13.40 38.05
N GLN B 343 -6.35 14.57 38.22
CA GLN B 343 -5.57 15.20 37.15
C GLN B 343 -4.31 14.37 36.84
N ALA B 344 -3.60 14.01 37.89
CA ALA B 344 -2.38 13.21 37.75
C ALA B 344 -2.69 11.98 36.91
N GLY B 345 -3.66 11.20 37.36
CA GLY B 345 -4.03 9.98 36.64
C GLY B 345 -4.33 10.23 35.18
N HIS B 346 -5.14 11.23 34.90
CA HIS B 346 -5.49 11.54 33.53
C HIS B 346 -4.29 11.93 32.68
N GLU B 347 -3.54 12.93 33.14
CA GLU B 347 -2.38 13.44 32.40
C GLU B 347 -1.26 12.43 32.20
N LYS B 348 -1.03 11.59 33.20
CA LYS B 348 0.01 10.58 33.12
C LYS B 348 -0.32 9.62 32.00
N THR B 349 -1.60 9.29 31.89
CA THR B 349 -2.10 8.36 30.88
C THR B 349 -2.10 8.99 29.48
N MET B 350 -2.53 10.25 29.41
CA MET B 350 -2.56 10.98 28.15
C MET B 350 -1.17 11.08 27.53
N THR B 351 -0.19 11.43 28.38
CA THR B 351 1.18 11.61 27.94
C THR B 351 2.02 10.33 27.85
N THR B 352 1.50 9.21 28.36
CA THR B 352 2.27 7.98 28.28
C THR B 352 1.74 7.12 27.14
N LEU B 353 0.43 7.12 26.97
CA LEU B 353 -0.23 6.34 25.94
C LEU B 353 0.16 6.70 24.51
N LEU B 354 0.24 8.00 24.21
CA LEU B 354 0.60 8.43 22.86
C LEU B 354 2.00 7.97 22.40
N PRO B 355 3.05 8.26 23.17
CA PRO B 355 4.41 7.85 22.82
C PRO B 355 4.54 6.31 22.78
N ALA B 356 3.88 5.64 23.72
CA ALA B 356 3.94 4.18 23.83
C ALA B 356 3.36 3.52 22.60
N LEU B 357 2.16 3.92 22.21
CA LEU B 357 1.54 3.34 21.02
C LEU B 357 2.37 3.68 19.79
N ALA B 358 3.05 4.84 19.85
CA ALA B 358 3.88 5.30 18.75
C ALA B 358 5.17 4.47 18.65
N GLY B 359 5.62 3.91 19.77
CA GLY B 359 6.83 3.10 19.75
C GLY B 359 8.08 3.66 20.41
N ALA B 360 7.94 4.69 21.26
CA ALA B 360 9.09 5.27 21.94
C ALA B 360 9.86 4.20 22.69
N ASN B 361 11.19 4.16 22.48
CA ASN B 361 12.04 3.15 23.11
C ASN B 361 12.24 3.34 24.62
N THR B 362 12.13 4.58 25.08
CA THR B 362 12.21 4.87 26.50
C THR B 362 11.26 6.04 26.75
N ILE B 363 10.38 5.87 27.73
CA ILE B 363 9.45 6.93 28.10
C ILE B 363 9.78 7.25 29.54
N TYR B 364 10.15 8.51 29.80
CA TYR B 364 10.52 8.90 31.15
C TYR B 364 9.61 9.96 31.74
N GLY B 365 9.33 9.83 33.03
CA GLY B 365 8.46 10.76 33.73
C GLY B 365 7.84 10.12 34.96
N ALA B 366 7.74 8.78 34.95
CA ALA B 366 7.15 8.04 36.07
C ALA B 366 7.52 8.64 37.42
N GLY B 367 6.50 8.91 38.24
CA GLY B 367 6.74 9.47 39.56
C GLY B 367 6.74 10.99 39.64
N MET B 368 6.95 11.65 38.50
CA MET B 368 6.98 13.11 38.51
C MET B 368 5.64 13.82 38.70
N LEU B 369 5.71 14.97 39.35
CA LEU B 369 4.53 15.81 39.57
C LEU B 369 4.99 17.25 39.49
N GLU B 370 4.04 18.17 39.56
CA GLU B 370 4.34 19.60 39.56
C GLU B 370 5.20 20.12 38.41
N LEU B 371 4.76 19.89 37.17
CA LEU B 371 5.48 20.35 35.99
C LEU B 371 6.97 20.04 35.85
N GLY B 372 7.45 18.97 36.47
CA GLY B 372 8.85 18.61 36.35
C GLY B 372 9.70 19.08 37.53
N MET B 373 9.03 19.57 38.55
CA MET B 373 9.69 20.10 39.74
C MET B 373 9.82 19.09 40.88
N THR B 374 8.81 18.25 41.01
CA THR B 374 8.72 17.29 42.11
C THR B 374 8.65 15.82 41.76
N PHE B 375 9.05 14.97 42.71
CA PHE B 375 8.98 13.54 42.54
C PHE B 375 8.12 12.96 43.67
N SER B 376 7.16 12.13 43.30
CA SER B 376 6.25 11.52 44.27
C SER B 376 6.36 9.99 44.22
N MET B 377 6.67 9.38 45.36
CA MET B 377 6.79 7.93 45.43
C MET B 377 5.42 7.31 45.24
N GLU B 378 4.40 7.97 45.76
CA GLU B 378 3.05 7.45 45.62
C GLU B 378 2.70 7.40 44.14
N GLN B 379 2.97 8.50 43.44
CA GLN B 379 2.66 8.55 42.02
C GLN B 379 3.53 7.56 41.25
N LEU B 380 4.75 7.34 41.71
CA LEU B 380 5.65 6.41 41.03
C LEU B 380 5.06 5.01 40.96
N VAL B 381 4.61 4.48 42.10
CA VAL B 381 4.04 3.14 42.08
C VAL B 381 2.74 3.13 41.30
N ILE B 382 2.02 4.25 41.32
CA ILE B 382 0.77 4.33 40.57
C ILE B 382 1.12 4.22 39.08
N ASP B 383 2.06 5.07 38.65
CA ASP B 383 2.51 5.08 37.25
C ASP B 383 2.99 3.70 36.81
N ASN B 384 3.66 2.98 37.70
CA ASN B 384 4.16 1.65 37.39
C ASN B 384 2.98 0.71 37.08
N ASP B 385 1.90 0.90 37.81
CA ASP B 385 0.73 0.08 37.60
C ASP B 385 0.08 0.46 36.27
N ILE B 386 0.01 1.76 36.00
CA ILE B 386 -0.54 2.28 34.75
C ILE B 386 0.21 1.68 33.55
N PHE B 387 1.51 1.50 33.70
CA PHE B 387 2.30 0.94 32.61
C PHE B 387 1.89 -0.51 32.34
N SER B 388 1.50 -1.22 33.40
CA SER B 388 1.05 -2.59 33.23
C SER B 388 -0.21 -2.61 32.38
N MET B 389 -1.09 -1.64 32.62
CA MET B 389 -2.33 -1.56 31.85
C MET B 389 -2.00 -1.21 30.40
N VAL B 390 -1.00 -0.35 30.19
CA VAL B 390 -0.61 0.02 28.84
C VAL B 390 -0.06 -1.21 28.11
N LYS B 391 0.71 -2.02 28.81
CA LYS B 391 1.25 -3.23 28.18
C LYS B 391 0.14 -4.15 27.67
N LYS B 392 -0.99 -4.20 28.38
CA LYS B 392 -2.10 -5.03 27.91
C LYS B 392 -2.71 -4.36 26.68
N ALA B 393 -2.97 -3.07 26.79
CA ALA B 393 -3.53 -2.32 25.67
C ALA B 393 -2.68 -2.50 24.42
N MET B 394 -1.36 -2.52 24.60
CA MET B 394 -0.45 -2.68 23.47
C MET B 394 -0.51 -4.10 22.88
N GLN B 395 -1.28 -4.97 23.51
CA GLN B 395 -1.41 -6.32 22.99
C GLN B 395 -2.36 -6.27 21.78
N GLY B 396 -3.21 -5.25 21.76
CA GLY B 396 -4.16 -5.11 20.67
C GLY B 396 -5.10 -6.29 20.58
N ILE B 397 -5.48 -6.66 19.36
CA ILE B 397 -6.35 -7.81 19.16
C ILE B 397 -5.65 -8.84 18.30
N PRO B 398 -5.16 -9.90 18.97
CA PRO B 398 -4.47 -10.98 18.26
C PRO B 398 -5.57 -11.79 17.58
N VAL B 399 -5.48 -11.92 16.26
CA VAL B 399 -6.48 -12.69 15.53
C VAL B 399 -5.87 -13.98 15.00
N SER B 400 -6.40 -15.11 15.46
CA SER B 400 -5.97 -16.44 15.04
C SER B 400 -7.13 -17.39 15.26
N GLU B 401 -7.04 -18.58 14.67
CA GLU B 401 -8.09 -19.56 14.84
C GLU B 401 -8.33 -19.77 16.33
N GLU B 402 -7.25 -19.89 17.09
CA GLU B 402 -7.37 -20.09 18.52
C GLU B 402 -8.11 -18.96 19.24
N THR B 403 -7.72 -17.71 18.97
CA THR B 403 -8.35 -16.58 19.64
C THR B 403 -9.78 -16.31 19.17
N LEU B 404 -10.11 -16.70 17.95
CA LEU B 404 -11.48 -16.49 17.47
C LEU B 404 -12.39 -17.42 18.29
N ALA B 405 -11.81 -18.56 18.69
CA ALA B 405 -12.48 -19.54 19.53
C ALA B 405 -13.94 -19.86 19.19
N VAL B 406 -14.22 -20.16 17.93
CA VAL B 406 -15.58 -20.51 17.52
C VAL B 406 -16.08 -21.76 18.26
N GLU B 407 -15.22 -22.77 18.37
CA GLU B 407 -15.61 -24.00 19.06
C GLU B 407 -16.06 -23.73 20.49
N SER B 408 -15.30 -22.90 21.19
CA SER B 408 -15.66 -22.57 22.58
C SER B 408 -17.04 -21.94 22.57
N ILE B 409 -17.26 -21.03 21.63
CA ILE B 409 -18.55 -20.36 21.53
C ILE B 409 -19.67 -21.37 21.31
N GLN B 410 -19.41 -22.35 20.45
CA GLN B 410 -20.39 -23.38 20.17
C GLN B 410 -20.54 -24.37 21.32
N LYS B 411 -19.43 -24.76 21.95
CA LYS B 411 -19.49 -25.70 23.06
C LYS B 411 -20.23 -25.12 24.26
N VAL B 412 -20.10 -23.81 24.46
CA VAL B 412 -20.79 -23.18 25.58
C VAL B 412 -22.26 -22.98 25.19
N GLY B 413 -22.50 -22.69 23.92
CA GLY B 413 -23.86 -22.52 23.44
C GLY B 413 -24.65 -21.34 23.95
N ILE B 414 -25.83 -21.16 23.35
CA ILE B 414 -26.75 -20.08 23.70
C ILE B 414 -27.10 -20.01 25.19
N GLY B 415 -27.10 -18.80 25.72
CA GLY B 415 -27.47 -18.56 27.11
C GLY B 415 -26.67 -19.22 28.21
N ASN B 416 -25.55 -19.86 27.89
CA ASN B 416 -24.72 -20.49 28.92
C ASN B 416 -23.50 -19.62 29.24
N ASN B 417 -22.67 -20.04 30.18
CA ASN B 417 -21.50 -19.21 30.51
C ASN B 417 -20.15 -19.91 30.42
N PHE B 418 -19.10 -19.10 30.34
CA PHE B 418 -17.74 -19.59 30.19
C PHE B 418 -16.95 -19.84 31.47
N LEU B 419 -17.44 -19.35 32.60
CA LEU B 419 -16.73 -19.55 33.86
C LEU B 419 -16.37 -21.01 34.06
N ALA B 420 -17.23 -21.89 33.59
CA ALA B 420 -17.01 -23.33 33.73
C ALA B 420 -15.89 -23.84 32.83
N LEU B 421 -15.98 -23.50 31.55
CA LEU B 421 -15.03 -23.92 30.52
C LEU B 421 -13.58 -24.08 30.98
N LYS B 422 -12.96 -25.16 30.53
CA LYS B 422 -11.57 -25.46 30.89
C LYS B 422 -10.61 -24.43 30.31
N GLN B 423 -10.88 -24.00 29.08
CA GLN B 423 -10.03 -23.01 28.42
C GLN B 423 -10.02 -21.74 29.26
N THR B 424 -11.17 -21.40 29.81
CA THR B 424 -11.29 -20.22 30.65
C THR B 424 -10.44 -20.35 31.91
N ARG B 425 -10.46 -21.52 32.54
CA ARG B 425 -9.66 -21.73 33.74
C ARG B 425 -8.18 -21.67 33.42
N GLN B 426 -7.81 -22.16 32.24
CA GLN B 426 -6.41 -22.16 31.83
C GLN B 426 -5.90 -20.76 31.53
N LEU B 427 -6.82 -19.83 31.30
CA LEU B 427 -6.47 -18.45 30.97
C LEU B 427 -6.77 -17.46 32.09
N VAL B 428 -6.71 -17.93 33.32
CA VAL B 428 -6.98 -17.07 34.47
C VAL B 428 -6.00 -15.89 34.57
N ASP B 429 -4.79 -16.08 34.03
CA ASP B 429 -3.77 -15.03 34.06
C ASP B 429 -3.69 -14.21 32.78
N TYR B 430 -4.69 -14.32 31.91
CA TYR B 430 -4.66 -13.59 30.66
C TYR B 430 -5.12 -12.14 30.79
N PRO B 431 -6.26 -11.91 31.44
CA PRO B 431 -6.74 -10.53 31.59
C PRO B 431 -5.78 -9.64 32.39
N SER B 432 -5.90 -8.34 32.19
CA SER B 432 -5.06 -7.39 32.91
C SER B 432 -5.29 -7.58 34.40
N ASN B 433 -4.22 -7.51 35.17
CA ASN B 433 -4.33 -7.69 36.63
C ASN B 433 -3.58 -6.60 37.40
N PRO B 434 -4.19 -5.41 37.52
CA PRO B 434 -3.59 -4.27 38.22
C PRO B 434 -3.25 -4.54 39.68
N MET B 435 -2.13 -4.00 40.12
CA MET B 435 -1.64 -4.18 41.48
C MET B 435 -2.29 -3.23 42.47
N LEU B 436 -2.59 -2.02 42.04
CA LEU B 436 -3.18 -1.01 42.92
C LEU B 436 -4.60 -0.58 42.52
N LEU B 437 -4.84 -0.44 41.22
CA LEU B 437 -6.16 -0.04 40.75
C LEU B 437 -7.18 -1.00 41.36
N ASP B 438 -8.22 -0.43 41.98
CA ASP B 438 -9.24 -1.21 42.66
C ASP B 438 -10.44 -1.59 41.79
N ARG B 439 -10.68 -2.89 41.68
CA ARG B 439 -11.78 -3.41 40.87
C ARG B 439 -12.84 -4.13 41.72
N HIS B 440 -12.96 -3.73 42.98
CA HIS B 440 -13.91 -4.36 43.91
C HIS B 440 -15.29 -3.72 43.92
N MET B 441 -16.26 -4.49 44.38
CA MET B 441 -17.63 -3.99 44.49
C MET B 441 -17.57 -3.04 45.66
N PHE B 442 -18.44 -2.04 45.67
CA PHE B 442 -18.44 -1.05 46.74
C PHE B 442 -18.35 -1.65 48.13
N GLY B 443 -19.13 -2.70 48.36
CA GLY B 443 -19.12 -3.35 49.66
C GLY B 443 -17.73 -3.73 50.12
N ASP B 444 -17.03 -4.52 49.32
CA ASP B 444 -15.69 -4.96 49.65
C ASP B 444 -14.71 -3.80 49.78
N TRP B 445 -14.92 -2.78 48.95
CA TRP B 445 -14.06 -1.61 48.97
C TRP B 445 -14.24 -0.85 50.26
N ALA B 446 -15.51 -0.62 50.62
CA ALA B 446 -15.85 0.09 51.84
C ALA B 446 -15.33 -0.69 53.05
N ALA B 447 -15.43 -2.01 52.97
CA ALA B 447 -14.98 -2.90 54.04
C ALA B 447 -13.47 -2.84 54.19
N ALA B 448 -12.79 -2.39 53.15
CA ALA B 448 -11.33 -2.29 53.16
C ALA B 448 -10.86 -0.94 53.69
N GLY B 449 -11.80 -0.03 53.94
CA GLY B 449 -11.44 1.27 54.45
C GLY B 449 -11.77 2.44 53.54
N SER B 450 -12.46 2.18 52.44
CA SER B 450 -12.83 3.22 51.48
C SER B 450 -11.65 4.11 51.11
N LYS B 451 -10.50 3.47 50.91
CA LYS B 451 -9.27 4.15 50.56
C LYS B 451 -9.16 4.48 49.06
N ASP B 452 -8.78 5.72 48.74
CA ASP B 452 -8.60 6.10 47.34
C ASP B 452 -7.22 5.61 46.91
N LEU B 453 -6.91 5.77 45.63
CA LEU B 453 -5.63 5.30 45.11
C LEU B 453 -4.39 5.87 45.78
N ALA B 454 -4.41 7.16 46.10
CA ALA B 454 -3.25 7.81 46.72
C ALA B 454 -2.82 7.15 48.03
N THR B 455 -3.77 6.84 48.90
CA THR B 455 -3.44 6.22 50.18
C THR B 455 -2.98 4.76 49.98
N VAL B 456 -3.56 4.10 48.98
CA VAL B 456 -3.20 2.72 48.69
C VAL B 456 -1.77 2.68 48.15
N ALA B 457 -1.40 3.73 47.43
CA ALA B 457 -0.07 3.84 46.87
C ALA B 457 0.90 4.02 48.02
N HIS B 458 0.54 4.92 48.93
CA HIS B 458 1.36 5.22 50.09
C HIS B 458 1.69 3.96 50.88
N GLU B 459 0.67 3.16 51.14
CA GLU B 459 0.87 1.93 51.88
C GLU B 459 1.84 1.02 51.14
N LYS B 460 1.75 0.99 49.81
CA LYS B 460 2.65 0.15 49.06
C LYS B 460 4.08 0.69 49.17
N VAL B 461 4.21 2.02 49.10
CA VAL B 461 5.52 2.64 49.21
C VAL B 461 6.20 2.21 50.50
N GLU B 462 5.49 2.39 51.62
CA GLU B 462 6.01 2.03 52.94
C GLU B 462 6.46 0.57 52.99
N ASP B 463 5.62 -0.31 52.46
CA ASP B 463 5.92 -1.73 52.46
C ASP B 463 7.20 -2.02 51.67
N VAL B 464 7.30 -1.48 50.46
CA VAL B 464 8.48 -1.71 49.63
C VAL B 464 9.75 -1.18 50.27
N LEU B 465 9.69 0.06 50.76
CA LEU B 465 10.84 0.67 51.40
C LEU B 465 11.27 -0.14 52.61
N LYS B 466 10.30 -0.64 53.37
CA LYS B 466 10.61 -1.43 54.55
C LYS B 466 11.12 -2.84 54.27
N ASN B 467 10.54 -3.51 53.27
CA ASN B 467 10.92 -4.89 52.99
C ASN B 467 11.69 -5.25 51.73
N HIS B 468 11.76 -4.36 50.74
CA HIS B 468 12.46 -4.71 49.53
C HIS B 468 13.97 -4.83 49.73
N GLN B 469 14.56 -5.86 49.15
CA GLN B 469 16.00 -6.11 49.25
C GLN B 469 16.68 -5.82 47.92
N VAL B 470 17.72 -5.00 47.94
CA VAL B 470 18.44 -4.68 46.73
C VAL B 470 19.79 -5.37 46.73
N THR B 471 20.21 -5.88 45.59
CA THR B 471 21.50 -6.56 45.48
C THR B 471 22.63 -5.58 45.74
N PRO B 472 23.33 -5.72 46.88
CA PRO B 472 24.42 -4.81 47.21
C PRO B 472 25.68 -5.00 46.39
N ILE B 473 26.47 -3.95 46.30
CA ILE B 473 27.74 -3.98 45.57
C ILE B 473 28.77 -4.58 46.53
N ASP B 474 29.71 -5.35 45.99
CA ASP B 474 30.75 -5.95 46.84
C ASP B 474 31.28 -4.86 47.76
N ALA B 475 31.41 -5.18 49.04
CA ALA B 475 31.88 -4.23 50.05
C ALA B 475 33.25 -3.63 49.72
N ASP B 476 34.14 -4.44 49.16
CA ASP B 476 35.47 -3.94 48.81
C ASP B 476 35.43 -3.10 47.55
N ILE B 477 34.65 -3.53 46.56
CA ILE B 477 34.53 -2.79 45.32
C ILE B 477 33.92 -1.43 45.64
N PHE B 478 32.90 -1.43 46.49
CA PHE B 478 32.25 -0.19 46.87
C PHE B 478 33.25 0.81 47.45
N LYS B 479 34.20 0.33 48.25
CA LYS B 479 35.18 1.22 48.85
C LYS B 479 35.98 1.94 47.78
N ASP B 480 36.32 1.22 46.72
CA ASP B 480 37.08 1.83 45.64
C ASP B 480 36.28 2.93 44.96
N MET B 481 34.98 2.69 44.78
CA MET B 481 34.10 3.66 44.15
C MET B 481 33.92 4.87 45.06
N GLN B 482 33.77 4.61 46.35
CA GLN B 482 33.60 5.67 47.35
C GLN B 482 34.85 6.55 47.31
N ALA B 483 36.00 5.90 47.17
CA ALA B 483 37.27 6.61 47.12
C ALA B 483 37.25 7.67 46.02
N ILE B 484 36.64 7.33 44.88
CA ILE B 484 36.55 8.26 43.76
C ILE B 484 35.69 9.48 44.12
N VAL B 485 34.58 9.25 44.80
CA VAL B 485 33.71 10.34 45.18
C VAL B 485 34.41 11.25 46.18
N ASP B 486 35.22 10.65 47.04
CA ASP B 486 35.94 11.43 48.03
C ASP B 486 37.01 12.26 47.33
N LYS B 487 37.68 11.67 46.35
CA LYS B 487 38.70 12.42 45.62
C LYS B 487 38.03 13.60 44.90
N ALA B 488 36.85 13.36 44.34
CA ALA B 488 36.11 14.38 43.62
C ALA B 488 35.65 15.50 44.54
N ASP B 489 35.31 15.14 45.78
CA ASP B 489 34.84 16.12 46.76
C ASP B 489 35.97 17.01 47.24
N LYS B 490 37.10 16.38 47.52
CA LYS B 490 38.29 17.07 47.98
C LYS B 490 38.78 18.04 46.90
N ALA B 491 38.77 17.58 45.65
CA ALA B 491 39.22 18.42 44.53
C ALA B 491 38.26 19.59 44.36
N PHE B 492 36.99 19.34 44.67
CA PHE B 492 35.97 20.37 44.55
C PHE B 492 36.30 21.51 45.51
N ARG B 493 36.48 21.17 46.78
CA ARG B 493 36.80 22.16 47.80
C ARG B 493 38.13 22.84 47.52
N GLY B 494 39.02 22.13 46.83
CA GLY B 494 40.30 22.73 46.50
C GLY B 494 40.07 23.80 45.44
N MET B 495 38.80 24.22 45.32
CA MET B 495 38.36 25.24 44.36
C MET B 495 39.06 25.12 43.02
N ALA C 2 14.63 -4.41 31.86
CA ALA C 2 14.37 -5.87 31.76
C ALA C 2 14.07 -6.24 30.32
N LYS C 3 13.93 -7.54 30.07
CA LYS C 3 13.62 -8.03 28.72
C LYS C 3 12.34 -7.33 28.27
N ASN C 4 12.26 -6.94 27.00
CA ASN C 4 11.08 -6.24 26.53
C ASN C 4 9.82 -7.09 26.47
N ASN C 5 8.71 -6.46 26.81
CA ASN C 5 7.42 -7.12 26.79
C ASN C 5 6.38 -6.05 26.46
N ALA C 6 6.72 -5.23 25.47
CA ALA C 6 5.85 -4.14 25.01
C ALA C 6 6.33 -3.65 23.64
N VAL C 7 5.62 -4.03 22.59
CA VAL C 7 5.97 -3.64 21.22
C VAL C 7 4.82 -2.94 20.50
N ALA C 8 5.11 -1.81 19.86
CA ALA C 8 4.09 -1.07 19.13
C ALA C 8 3.68 -1.81 17.86
N GLY C 9 2.56 -1.37 17.27
CA GLY C 9 2.04 -1.97 16.04
C GLY C 9 3.13 -2.51 15.14
N PHE C 10 2.99 -3.78 14.78
CA PHE C 10 3.95 -4.49 13.96
C PHE C 10 3.22 -5.17 12.78
N ASN C 11 3.74 -5.01 11.56
CA ASN C 11 3.13 -5.64 10.39
C ASN C 11 3.76 -7.00 10.13
N ALA C 12 2.94 -8.05 10.06
CA ALA C 12 3.48 -9.38 9.87
C ALA C 12 2.94 -10.20 8.71
N LEU C 13 3.74 -11.18 8.29
CA LEU C 13 3.36 -12.10 7.22
C LEU C 13 3.48 -13.54 7.73
N ASN C 14 2.29 -14.10 7.98
CA ASN C 14 2.13 -15.47 8.47
C ASN C 14 1.91 -16.35 7.26
N GLY C 15 2.85 -17.28 7.06
CA GLY C 15 2.74 -18.18 5.94
C GLY C 15 3.53 -17.69 4.75
N VAL C 16 3.06 -18.08 3.57
CA VAL C 16 3.71 -17.71 2.32
C VAL C 16 2.64 -17.15 1.41
N GLU C 17 2.86 -15.95 0.89
CA GLU C 17 1.88 -15.30 0.05
C GLU C 17 2.23 -15.44 -1.42
N LEU C 18 1.25 -15.85 -2.23
CA LEU C 18 1.45 -16.01 -3.66
C LEU C 18 0.49 -15.10 -4.43
N ASN C 19 1.05 -14.15 -5.18
CA ASN C 19 0.22 -13.22 -5.94
C ASN C 19 0.35 -13.35 -7.44
N LEU C 20 -0.80 -13.37 -8.11
CA LEU C 20 -0.86 -13.50 -9.56
C LEU C 20 -1.55 -12.32 -10.23
N PHE C 21 -2.37 -11.59 -9.47
CA PHE C 21 -3.12 -10.46 -10.04
C PHE C 21 -3.16 -9.19 -9.19
N THR C 22 -3.43 -8.06 -9.84
CA THR C 22 -3.63 -6.79 -9.16
C THR C 22 -5.15 -6.63 -9.24
N THR C 23 -5.72 -5.73 -8.46
CA THR C 23 -7.17 -5.56 -8.51
C THR C 23 -7.64 -5.11 -9.90
N ASP C 24 -6.82 -4.32 -10.59
CA ASP C 24 -7.21 -3.85 -11.91
C ASP C 24 -7.28 -4.99 -12.91
N GLU C 25 -6.46 -6.02 -12.70
CA GLU C 25 -6.47 -7.16 -13.61
C GLU C 25 -7.65 -8.07 -13.33
N LEU C 26 -7.99 -8.23 -12.05
CA LEU C 26 -9.14 -9.05 -11.67
C LEU C 26 -10.39 -8.44 -12.30
N LYS C 27 -10.49 -7.12 -12.24
CA LYS C 27 -11.62 -6.41 -12.82
C LYS C 27 -11.66 -6.63 -14.33
N ALA C 28 -10.51 -6.46 -14.99
CA ALA C 28 -10.42 -6.64 -16.44
C ALA C 28 -10.95 -8.01 -16.84
N ILE C 29 -10.57 -9.04 -16.09
CA ILE C 29 -11.03 -10.39 -16.37
C ILE C 29 -12.55 -10.42 -16.18
N HIS C 30 -13.01 -9.81 -15.08
CA HIS C 30 -14.43 -9.77 -14.78
C HIS C 30 -15.26 -9.13 -15.90
N TYR C 31 -14.84 -7.95 -16.36
CA TYR C 31 -15.56 -7.25 -17.43
C TYR C 31 -15.62 -8.13 -18.69
N ALA C 32 -14.51 -8.78 -19.01
CA ALA C 32 -14.45 -9.67 -20.17
C ALA C 32 -15.54 -10.72 -20.06
N THR C 33 -15.69 -11.25 -18.85
CA THR C 33 -16.70 -12.27 -18.58
C THR C 33 -18.12 -11.71 -18.73
N MET C 34 -18.40 -10.56 -18.13
CA MET C 34 -19.73 -9.96 -18.24
C MET C 34 -20.04 -9.68 -19.70
N GLU C 35 -19.00 -9.41 -20.47
CA GLU C 35 -19.14 -9.14 -21.90
C GLU C 35 -19.55 -10.42 -22.62
N VAL C 36 -18.85 -11.51 -22.30
CA VAL C 36 -19.14 -12.80 -22.89
C VAL C 36 -20.54 -13.31 -22.51
N LEU C 37 -20.93 -13.08 -21.26
CA LEU C 37 -22.24 -13.53 -20.78
C LEU C 37 -23.41 -12.92 -21.55
N MET C 38 -23.18 -11.74 -22.11
CA MET C 38 -24.24 -11.09 -22.89
C MET C 38 -24.12 -11.46 -24.37
N ASP C 39 -22.91 -11.75 -24.81
CA ASP C 39 -22.68 -12.14 -26.20
C ASP C 39 -21.39 -12.93 -26.32
N PRO C 40 -21.48 -14.20 -26.76
CA PRO C 40 -22.65 -14.97 -27.21
C PRO C 40 -23.68 -15.34 -26.15
N GLY C 41 -23.26 -15.41 -24.90
CA GLY C 41 -24.18 -15.81 -23.85
C GLY C 41 -23.95 -17.29 -23.64
N ILE C 42 -24.83 -17.95 -22.88
CA ILE C 42 -24.66 -19.38 -22.61
C ILE C 42 -25.86 -20.22 -23.03
N GLN C 43 -25.56 -21.36 -23.66
CA GLN C 43 -26.58 -22.29 -24.12
C GLN C 43 -27.02 -23.23 -22.99
N VAL C 44 -28.22 -23.02 -22.49
CA VAL C 44 -28.79 -23.83 -21.42
C VAL C 44 -29.78 -24.82 -22.04
N SER C 45 -29.47 -26.11 -21.94
CA SER C 45 -30.31 -27.15 -22.52
C SER C 45 -31.55 -27.54 -21.72
N ASP C 46 -31.43 -27.53 -20.40
CA ASP C 46 -32.56 -27.89 -19.55
C ASP C 46 -33.63 -26.81 -19.61
N PRO C 47 -34.84 -27.18 -20.03
CA PRO C 47 -35.97 -26.26 -20.14
C PRO C 47 -36.38 -25.68 -18.79
N GLU C 48 -36.22 -26.47 -17.72
CA GLU C 48 -36.57 -26.00 -16.40
C GLU C 48 -35.62 -24.86 -16.01
N ALA C 49 -34.34 -25.05 -16.32
CA ALA C 49 -33.32 -24.06 -16.02
C ALA C 49 -33.57 -22.80 -16.82
N ARG C 50 -33.92 -22.96 -18.10
CA ARG C 50 -34.19 -21.80 -18.94
C ARG C 50 -35.33 -20.97 -18.36
N GLN C 51 -36.35 -21.64 -17.83
CA GLN C 51 -37.48 -20.95 -17.24
C GLN C 51 -37.02 -20.15 -16.03
N ILE C 52 -36.18 -20.76 -15.20
CA ILE C 52 -35.64 -20.10 -14.01
C ILE C 52 -34.93 -18.81 -14.42
N PHE C 53 -34.04 -18.93 -15.40
CA PHE C 53 -33.27 -17.79 -15.90
C PHE C 53 -34.20 -16.70 -16.43
N LYS C 54 -35.14 -17.10 -17.29
CA LYS C 54 -36.09 -16.17 -17.89
C LYS C 54 -36.90 -15.44 -16.82
N GLU C 55 -37.46 -16.20 -15.87
CA GLU C 55 -38.26 -15.64 -14.77
C GLU C 55 -37.56 -14.49 -14.05
N ASN C 56 -36.23 -14.56 -13.99
CA ASN C 56 -35.45 -13.55 -13.27
C ASN C 56 -34.87 -12.39 -14.08
N GLY C 57 -35.08 -12.35 -15.39
CA GLY C 57 -34.55 -11.24 -16.17
C GLY C 57 -33.66 -11.54 -17.36
N CYS C 58 -33.26 -12.78 -17.52
CA CYS C 58 -32.40 -13.12 -18.64
C CYS C 58 -33.18 -13.20 -19.93
N GLU C 59 -32.51 -12.88 -21.04
CA GLU C 59 -33.12 -12.98 -22.35
C GLU C 59 -32.93 -14.42 -22.76
N VAL C 60 -34.02 -15.11 -23.08
CA VAL C 60 -33.91 -16.49 -23.48
C VAL C 60 -34.45 -16.72 -24.88
N ASN C 61 -33.56 -17.05 -25.82
CA ASN C 61 -33.96 -17.34 -27.19
C ASN C 61 -34.39 -18.81 -27.12
N GLU C 62 -35.69 -19.07 -27.11
CA GLU C 62 -36.19 -20.42 -26.97
C GLU C 62 -35.90 -21.41 -28.10
N LYS C 63 -35.46 -20.90 -29.25
CA LYS C 63 -35.14 -21.79 -30.37
C LYS C 63 -33.68 -22.24 -30.31
N THR C 64 -32.77 -21.32 -30.02
CA THR C 64 -31.34 -21.65 -29.92
C THR C 64 -30.97 -22.04 -28.49
N ASN C 65 -31.88 -21.79 -27.55
CA ASN C 65 -31.67 -22.10 -26.13
C ASN C 65 -30.61 -21.24 -25.46
N VAL C 66 -30.13 -20.23 -26.17
CA VAL C 66 -29.12 -19.34 -25.63
C VAL C 66 -29.68 -18.37 -24.58
N VAL C 67 -29.05 -18.37 -23.42
CA VAL C 67 -29.44 -17.50 -22.31
C VAL C 67 -28.41 -16.38 -22.14
N LYS C 68 -28.86 -15.14 -22.09
CA LYS C 68 -27.94 -14.01 -21.91
C LYS C 68 -28.17 -13.48 -20.50
N ILE C 69 -27.12 -13.59 -19.69
CA ILE C 69 -27.17 -13.18 -18.29
C ILE C 69 -26.67 -11.76 -17.99
N PRO C 70 -27.56 -10.87 -17.55
CA PRO C 70 -27.17 -9.49 -17.24
C PRO C 70 -26.26 -9.49 -16.02
N GLU C 71 -25.34 -8.54 -15.96
CA GLU C 71 -24.42 -8.46 -14.86
C GLU C 71 -25.07 -8.34 -13.48
N TYR C 72 -26.22 -7.67 -13.40
CA TYR C 72 -26.87 -7.50 -12.11
C TYR C 72 -27.31 -8.81 -11.50
N LEU C 73 -27.55 -9.81 -12.35
CA LEU C 73 -27.94 -11.11 -11.83
C LEU C 73 -26.73 -11.83 -11.27
N VAL C 74 -25.56 -11.60 -11.86
CA VAL C 74 -24.32 -12.21 -11.37
C VAL C 74 -24.05 -11.66 -9.96
N ARG C 75 -24.25 -10.35 -9.80
CA ARG C 75 -24.03 -9.71 -8.50
C ARG C 75 -25.00 -10.24 -7.46
N LYS C 76 -26.26 -10.38 -7.84
CA LYS C 76 -27.28 -10.87 -6.93
C LYS C 76 -26.96 -12.29 -6.47
N ALA C 77 -26.46 -13.11 -7.40
CA ALA C 77 -26.11 -14.49 -7.09
C ALA C 77 -24.96 -14.55 -6.09
N LEU C 78 -23.96 -13.69 -6.29
CA LEU C 78 -22.81 -13.65 -5.41
C LEU C 78 -23.15 -13.09 -4.03
N GLN C 79 -24.16 -12.24 -3.96
CA GLN C 79 -24.55 -11.69 -2.66
C GLN C 79 -25.35 -12.75 -1.92
N LEU C 80 -25.94 -13.68 -2.67
CA LEU C 80 -26.74 -14.76 -2.08
C LEU C 80 -25.93 -15.96 -1.61
N ALA C 81 -24.99 -16.41 -2.43
CA ALA C 81 -24.17 -17.57 -2.07
C ALA C 81 -23.45 -17.40 -0.74
N PRO C 82 -23.46 -18.45 0.09
CA PRO C 82 -22.78 -18.36 1.39
C PRO C 82 -21.26 -18.34 1.20
N SER C 83 -20.56 -17.62 2.07
CA SER C 83 -19.12 -17.54 1.97
C SER C 83 -18.44 -18.80 2.52
N ARG C 84 -19.20 -19.59 3.28
N ARG C 84 -19.18 -19.58 3.31
CA ARG C 84 -18.66 -20.81 3.85
CA ARG C 84 -18.64 -20.81 3.87
C ARG C 84 -19.73 -21.80 4.27
C ARG C 84 -19.72 -21.80 4.28
N PHE C 85 -19.36 -23.08 4.29
CA PHE C 85 -20.25 -24.15 4.71
C PHE C 85 -19.37 -25.31 5.18
N VAL C 86 -19.92 -26.17 6.05
CA VAL C 86 -19.16 -27.29 6.58
C VAL C 86 -19.49 -28.66 6.01
N LEU C 87 -18.48 -29.36 5.52
CA LEU C 87 -18.67 -30.69 4.98
C LEU C 87 -18.60 -31.65 6.16
N TRP C 88 -19.59 -32.53 6.28
CA TRP C 88 -19.60 -33.49 7.38
C TRP C 88 -19.25 -34.89 6.92
N GLY C 89 -18.58 -35.61 7.80
CA GLY C 89 -18.25 -37.00 7.51
C GLY C 89 -19.15 -37.78 8.45
N ARG C 90 -19.14 -39.11 8.37
CA ARG C 90 -19.98 -39.86 9.29
C ARG C 90 -19.36 -39.67 10.67
N ASP C 91 -18.04 -39.46 10.66
CA ASP C 91 -17.26 -39.22 11.86
C ASP C 91 -17.01 -37.72 11.95
N LYS C 92 -17.59 -37.07 12.96
CA LYS C 92 -17.44 -35.63 13.14
C LYS C 92 -15.99 -35.13 13.09
N LYS C 93 -15.05 -36.00 13.46
CA LYS C 93 -13.64 -35.61 13.45
C LYS C 93 -13.08 -35.40 12.06
N PHE C 94 -13.83 -35.81 11.05
CA PHE C 94 -13.38 -35.63 9.67
C PHE C 94 -14.06 -34.42 9.03
N ASN C 95 -14.87 -33.72 9.82
CA ASN C 95 -15.56 -32.54 9.32
C ASN C 95 -14.57 -31.58 8.67
N THR C 96 -14.95 -31.03 7.52
CA THR C 96 -14.09 -30.10 6.81
C THR C 96 -14.83 -28.83 6.41
N VAL C 97 -14.22 -27.69 6.68
CA VAL C 97 -14.83 -26.41 6.32
C VAL C 97 -14.38 -25.98 4.94
N GLN C 98 -15.30 -25.35 4.22
CA GLN C 98 -15.02 -24.83 2.89
C GLN C 98 -15.45 -23.38 3.00
N GLU C 99 -14.44 -22.51 3.12
CA GLU C 99 -14.66 -21.10 3.34
C GLU C 99 -13.85 -20.21 2.41
N CYS C 100 -14.43 -19.07 2.02
CA CYS C 100 -13.74 -18.13 1.15
C CYS C 100 -12.46 -17.71 1.85
N GLY C 101 -11.34 -17.80 1.14
CA GLY C 101 -10.07 -17.44 1.74
C GLY C 101 -8.94 -18.36 1.34
N GLY C 102 -7.94 -18.47 2.22
CA GLY C 102 -6.79 -19.31 1.94
C GLY C 102 -6.65 -20.60 2.73
N LYS C 103 -7.73 -21.06 3.38
CA LYS C 103 -7.65 -22.31 4.13
C LYS C 103 -7.68 -23.47 3.15
N VAL C 104 -6.54 -24.14 3.01
CA VAL C 104 -6.36 -25.24 2.08
C VAL C 104 -6.66 -26.65 2.62
N HIS C 105 -7.18 -27.49 1.73
CA HIS C 105 -7.51 -28.88 2.04
C HIS C 105 -7.27 -29.72 0.78
N TRP C 106 -7.18 -31.04 0.97
CA TRP C 106 -6.95 -31.96 -0.15
C TRP C 106 -7.95 -33.10 -0.20
N THR C 107 -8.19 -33.58 -1.42
CA THR C 107 -9.08 -34.72 -1.68
C THR C 107 -8.48 -35.48 -2.85
N CYS C 108 -8.74 -36.78 -2.90
CA CYS C 108 -8.21 -37.63 -3.97
C CYS C 108 -8.80 -37.28 -5.31
N PHE C 109 -8.20 -37.79 -6.37
CA PHE C 109 -8.68 -37.55 -7.73
C PHE C 109 -10.02 -38.24 -7.98
N GLY C 110 -10.64 -37.91 -9.11
CA GLY C 110 -11.91 -38.49 -9.50
C GLY C 110 -12.30 -37.97 -10.87
N THR C 111 -12.75 -38.83 -11.76
CA THR C 111 -12.89 -40.27 -11.50
C THR C 111 -12.26 -41.03 -12.66
N GLY C 112 -11.33 -41.92 -12.35
CA GLY C 112 -10.69 -42.68 -13.40
C GLY C 112 -11.48 -43.91 -13.78
N VAL C 113 -10.98 -44.62 -14.79
CA VAL C 113 -11.61 -45.84 -15.26
C VAL C 113 -10.69 -47.03 -15.07
N LYS C 114 -9.40 -46.76 -14.87
CA LYS C 114 -8.41 -47.82 -14.68
C LYS C 114 -7.71 -47.68 -13.34
N VAL C 115 -7.08 -48.76 -12.89
CA VAL C 115 -6.36 -48.77 -11.61
C VAL C 115 -4.98 -49.38 -11.76
N CYS C 116 -3.97 -48.65 -11.32
CA CYS C 116 -2.57 -49.08 -11.41
C CYS C 116 -2.24 -49.97 -10.21
N LYS C 117 -2.20 -51.28 -10.44
N LYS C 117 -2.15 -51.28 -10.44
CA LYS C 117 -1.90 -52.25 -9.37
CA LYS C 117 -1.82 -52.23 -9.37
C LYS C 117 -0.84 -53.28 -9.76
C LYS C 117 -0.36 -52.68 -9.42
N TYR C 118 -0.14 -53.80 -8.75
N TYR C 118 0.18 -52.99 -8.23
CA TYR C 118 0.90 -54.79 -8.93
CA TYR C 118 1.56 -53.45 -8.11
C TYR C 118 0.29 -56.12 -9.38
C TYR C 118 1.51 -54.98 -7.99
N GLN C 119 0.89 -56.75 -10.38
N GLN C 119 1.94 -55.66 -9.04
CA GLN C 119 0.37 -58.02 -10.91
CA GLN C 119 1.94 -57.11 -9.07
C GLN C 119 1.32 -59.19 -10.66
C GLN C 119 3.13 -57.75 -8.36
N ASP C 120 2.05 -59.57 -11.71
N ASP C 120 4.20 -58.00 -9.10
CA ASP C 120 3.02 -60.67 -11.61
CA ASP C 120 5.39 -58.62 -8.53
C ASP C 120 4.44 -60.14 -11.63
C ASP C 120 6.66 -57.83 -8.89
N GLY C 121 4.74 -59.21 -10.74
N GLY C 121 6.62 -56.52 -8.67
CA GLY C 121 6.08 -58.65 -10.67
CA GLY C 121 7.76 -55.68 -8.99
C GLY C 121 6.16 -57.21 -11.12
C GLY C 121 7.50 -54.84 -10.22
N LYS C 122 5.07 -56.68 -11.67
N LYS C 122 6.57 -55.30 -11.06
CA LYS C 122 5.05 -55.29 -12.16
CA LYS C 122 6.21 -54.61 -12.29
C LYS C 122 3.69 -54.64 -11.93
C LYS C 122 4.88 -53.86 -12.10
N TYR C 123 3.60 -53.35 -12.26
N TYR C 123 4.55 -52.99 -13.05
CA TYR C 123 2.36 -52.61 -12.10
CA TYR C 123 3.32 -52.21 -12.96
C TYR C 123 1.57 -52.66 -13.40
C TYR C 123 2.28 -52.64 -13.98
N VAL C 124 0.41 -53.31 -13.37
N VAL C 124 1.01 -52.62 -13.58
CA VAL C 124 -0.44 -53.44 -14.54
CA VAL C 124 -0.10 -53.01 -14.45
C VAL C 124 -1.70 -52.59 -14.38
C VAL C 124 -1.31 -52.09 -14.27
N THR C 125 -1.97 -51.75 -15.38
CA THR C 125 -3.15 -50.88 -15.34
C THR C 125 -4.39 -51.58 -15.87
N VAL C 126 -5.29 -51.95 -14.97
CA VAL C 126 -6.51 -52.66 -15.33
C VAL C 126 -7.75 -51.81 -15.12
N ASP C 127 -8.85 -52.16 -15.80
CA ASP C 127 -10.09 -51.41 -15.66
C ASP C 127 -10.63 -51.49 -14.23
N SER C 128 -11.42 -50.49 -13.84
CA SER C 128 -11.97 -50.40 -12.50
C SER C 128 -13.30 -51.10 -12.27
N VAL C 129 -13.57 -51.38 -11.00
CA VAL C 129 -14.80 -52.05 -10.57
C VAL C 129 -15.22 -51.48 -9.21
N GLU C 130 -16.49 -51.65 -8.87
CA GLU C 130 -17.02 -51.16 -7.60
C GLU C 130 -16.21 -51.64 -6.41
N LYS C 131 -15.48 -52.74 -6.58
CA LYS C 131 -14.66 -53.27 -5.50
C LYS C 131 -13.46 -52.35 -5.28
N ASP C 132 -12.85 -51.89 -6.39
CA ASP C 132 -11.70 -51.00 -6.32
C ASP C 132 -12.06 -49.72 -5.56
N ILE C 133 -13.27 -49.20 -5.77
CA ILE C 133 -13.72 -48.00 -5.08
C ILE C 133 -13.63 -48.23 -3.58
N ALA C 134 -14.19 -49.35 -3.13
CA ALA C 134 -14.17 -49.72 -1.72
C ALA C 134 -12.78 -49.71 -1.11
N ASP C 135 -11.80 -50.27 -1.83
CA ASP C 135 -10.44 -50.33 -1.33
C ASP C 135 -9.81 -48.95 -1.17
N ILE C 136 -9.95 -48.12 -2.21
CA ILE C 136 -9.41 -46.78 -2.18
C ILE C 136 -10.05 -45.99 -1.03
N ALA C 137 -11.36 -46.13 -0.87
CA ALA C 137 -12.04 -45.43 0.21
C ALA C 137 -11.40 -45.76 1.56
N LYS C 138 -10.99 -47.01 1.73
CA LYS C 138 -10.36 -47.46 2.96
C LYS C 138 -8.97 -46.83 3.10
N LEU C 139 -8.24 -46.77 1.98
CA LEU C 139 -6.90 -46.19 1.98
C LEU C 139 -6.99 -44.72 2.35
N CYS C 140 -7.89 -44.00 1.67
CA CYS C 140 -8.06 -42.58 1.91
C CYS C 140 -8.60 -42.29 3.31
N ASP C 141 -9.41 -43.21 3.84
CA ASP C 141 -9.96 -43.03 5.17
C ASP C 141 -8.81 -42.97 6.17
N TRP C 142 -7.68 -43.56 5.79
CA TRP C 142 -6.49 -43.59 6.62
C TRP C 142 -5.56 -42.39 6.39
N ALA C 143 -5.46 -41.96 5.14
CA ALA C 143 -4.60 -40.83 4.76
C ALA C 143 -5.06 -39.54 5.43
N GLU C 144 -4.24 -39.05 6.36
CA GLU C 144 -4.59 -37.83 7.09
C GLU C 144 -4.73 -36.55 6.29
N ASN C 145 -3.90 -36.38 5.25
CA ASN C 145 -3.99 -35.16 4.46
C ASN C 145 -5.09 -35.15 3.40
N ILE C 146 -5.94 -36.17 3.44
CA ILE C 146 -7.08 -36.26 2.52
C ILE C 146 -8.28 -35.97 3.41
N ASP C 147 -8.78 -34.74 3.36
CA ASP C 147 -9.89 -34.32 4.21
C ASP C 147 -11.22 -35.00 3.92
N TYR C 148 -11.53 -35.18 2.64
CA TYR C 148 -12.76 -35.87 2.27
C TYR C 148 -12.54 -36.71 1.02
N PHE C 149 -13.45 -37.66 0.81
CA PHE C 149 -13.36 -38.61 -0.29
C PHE C 149 -14.16 -38.19 -1.53
N SER C 150 -13.51 -38.22 -2.68
CA SER C 150 -14.16 -37.88 -3.95
C SER C 150 -14.10 -39.16 -4.79
N LEU C 151 -15.22 -39.51 -5.43
CA LEU C 151 -15.30 -40.72 -6.26
C LEU C 151 -14.05 -40.96 -7.11
N PRO C 152 -13.16 -41.88 -6.66
CA PRO C 152 -11.91 -42.18 -7.36
C PRO C 152 -11.98 -42.86 -8.74
N VAL C 153 -12.76 -43.92 -8.85
CA VAL C 153 -12.90 -44.63 -10.12
C VAL C 153 -14.33 -45.08 -10.36
N SER C 154 -14.63 -45.45 -11.60
CA SER C 154 -15.98 -45.88 -11.98
C SER C 154 -16.29 -47.34 -11.68
N ALA C 155 -17.48 -47.60 -11.16
CA ALA C 155 -17.92 -48.96 -10.86
C ALA C 155 -18.38 -49.53 -12.20
N ARG C 156 -17.43 -49.72 -13.10
CA ARG C 156 -17.69 -50.22 -14.45
C ARG C 156 -18.47 -51.53 -14.51
N ASP C 157 -18.28 -52.40 -13.52
CA ASP C 157 -18.96 -53.68 -13.50
C ASP C 157 -20.48 -53.57 -13.25
N ILE C 158 -20.97 -52.35 -13.05
CA ILE C 158 -22.41 -52.14 -12.82
C ILE C 158 -23.02 -51.45 -14.04
N ALA C 159 -22.17 -51.11 -15.01
CA ALA C 159 -22.63 -50.44 -16.22
C ALA C 159 -23.63 -51.33 -16.94
N GLY C 160 -24.84 -50.80 -17.15
CA GLY C 160 -25.87 -51.56 -17.83
C GLY C 160 -26.25 -52.83 -17.10
N GLN C 161 -26.32 -52.76 -15.78
CA GLN C 161 -26.68 -53.91 -14.95
C GLN C 161 -27.41 -53.39 -13.71
N GLY C 162 -27.32 -52.09 -13.51
CA GLY C 162 -27.95 -51.45 -12.37
C GLY C 162 -27.57 -49.99 -12.39
N ALA C 163 -28.08 -49.21 -11.44
CA ALA C 163 -27.76 -47.79 -11.37
C ALA C 163 -26.33 -47.61 -10.88
N GLN C 164 -25.40 -47.47 -11.82
CA GLN C 164 -23.99 -47.31 -11.48
C GLN C 164 -23.77 -46.17 -10.48
N ASP C 165 -24.38 -45.01 -10.78
CA ASP C 165 -24.25 -43.83 -9.95
C ASP C 165 -24.71 -44.01 -8.51
N VAL C 166 -25.74 -44.81 -8.29
CA VAL C 166 -26.24 -45.04 -6.94
C VAL C 166 -25.35 -46.02 -6.19
N HIS C 167 -24.67 -46.89 -6.93
CA HIS C 167 -23.76 -47.85 -6.32
C HIS C 167 -22.54 -47.05 -5.89
N GLU C 168 -22.17 -46.10 -6.74
CA GLU C 168 -21.02 -45.24 -6.48
C GLU C 168 -21.31 -44.26 -5.35
N THR C 169 -22.49 -44.40 -4.74
CA THR C 169 -22.87 -43.53 -3.63
C THR C 169 -22.78 -44.26 -2.30
N LEU C 170 -23.36 -45.45 -2.23
CA LEU C 170 -23.33 -46.22 -0.99
C LEU C 170 -21.98 -46.86 -0.73
N THR C 171 -21.32 -47.33 -1.78
CA THR C 171 -20.02 -47.97 -1.61
C THR C 171 -19.05 -47.02 -0.90
N PRO C 172 -18.92 -45.78 -1.40
CA PRO C 172 -18.02 -44.83 -0.75
C PRO C 172 -18.43 -44.55 0.69
N LEU C 173 -19.69 -44.16 0.87
CA LEU C 173 -20.20 -43.87 2.21
C LEU C 173 -19.95 -45.00 3.19
N ALA C 174 -20.07 -46.23 2.71
CA ALA C 174 -19.86 -47.39 3.55
C ALA C 174 -18.39 -47.59 3.91
N ASN C 175 -17.51 -47.51 2.92
CA ASN C 175 -16.08 -47.73 3.11
C ASN C 175 -15.20 -46.62 3.69
N THR C 176 -15.81 -45.53 4.15
CA THR C 176 -15.06 -44.43 4.75
C THR C 176 -15.98 -43.58 5.60
N ALA C 177 -15.47 -43.09 6.72
CA ALA C 177 -16.25 -42.26 7.61
C ALA C 177 -16.15 -40.78 7.23
N LYS C 178 -15.34 -40.50 6.21
CA LYS C 178 -15.14 -39.13 5.74
C LYS C 178 -16.24 -38.68 4.79
N HIS C 179 -16.41 -37.36 4.66
CA HIS C 179 -17.41 -36.80 3.78
C HIS C 179 -17.16 -37.30 2.36
N PHE C 180 -18.24 -37.51 1.61
CA PHE C 180 -18.12 -38.00 0.24
C PHE C 180 -18.55 -36.98 -0.78
N HIS C 181 -17.72 -36.84 -1.82
CA HIS C 181 -17.98 -35.91 -2.90
C HIS C 181 -18.13 -36.69 -4.21
N HIS C 182 -19.37 -36.77 -4.71
CA HIS C 182 -19.67 -37.50 -5.92
C HIS C 182 -19.34 -36.73 -7.20
N ILE C 183 -18.31 -37.19 -7.91
CA ILE C 183 -17.85 -36.57 -9.15
C ILE C 183 -18.77 -36.86 -10.34
N ASP C 184 -19.41 -38.02 -10.35
CA ASP C 184 -20.28 -38.38 -11.47
C ASP C 184 -21.72 -38.62 -11.10
N PRO C 185 -22.43 -37.57 -10.66
CA PRO C 185 -23.84 -37.72 -10.29
C PRO C 185 -24.75 -37.68 -11.51
N VAL C 186 -25.94 -38.25 -11.36
CA VAL C 186 -26.92 -38.26 -12.44
C VAL C 186 -28.08 -37.36 -12.06
N GLY C 187 -28.35 -36.39 -12.91
CA GLY C 187 -29.42 -35.43 -12.67
C GLY C 187 -30.73 -36.03 -12.23
N GLU C 188 -31.17 -37.07 -12.93
CA GLU C 188 -32.43 -37.71 -12.60
C GLU C 188 -32.45 -38.51 -11.30
N ASN C 189 -31.29 -38.98 -10.85
CA ASN C 189 -31.23 -39.80 -9.64
C ASN C 189 -30.82 -39.08 -8.36
N VAL C 190 -30.75 -37.75 -8.40
CA VAL C 190 -30.36 -37.00 -7.21
C VAL C 190 -31.23 -37.35 -6.00
N GLU C 191 -32.48 -37.71 -6.23
CA GLU C 191 -33.36 -38.07 -5.12
C GLU C 191 -32.90 -39.35 -4.42
N TYR C 192 -32.30 -40.26 -5.18
CA TYR C 192 -31.80 -41.50 -4.59
C TYR C 192 -30.76 -41.12 -3.56
N TYR C 193 -29.83 -40.26 -3.98
CA TYR C 193 -28.78 -39.79 -3.10
C TYR C 193 -29.39 -39.14 -1.86
N ARG C 194 -30.30 -38.19 -2.07
CA ARG C 194 -30.93 -37.51 -0.94
C ARG C 194 -31.48 -38.53 0.05
N ASP C 195 -32.19 -39.53 -0.47
CA ASP C 195 -32.77 -40.55 0.37
C ASP C 195 -31.70 -41.39 1.06
N ILE C 196 -30.65 -41.75 0.33
CA ILE C 196 -29.56 -42.54 0.90
C ILE C 196 -29.11 -41.86 2.20
N VAL C 197 -28.88 -40.55 2.09
CA VAL C 197 -28.43 -39.75 3.22
C VAL C 197 -29.55 -39.55 4.24
N LYS C 198 -30.77 -39.35 3.74
CA LYS C 198 -31.92 -39.18 4.62
C LYS C 198 -32.04 -40.43 5.48
N ALA C 199 -31.75 -41.58 4.87
CA ALA C 199 -31.82 -42.85 5.56
C ALA C 199 -30.76 -42.92 6.66
N TYR C 200 -29.52 -42.57 6.29
CA TYR C 200 -28.40 -42.59 7.23
C TYR C 200 -28.75 -41.88 8.54
N TYR C 201 -29.48 -40.77 8.44
CA TYR C 201 -29.86 -40.01 9.62
C TYR C 201 -31.21 -40.47 10.19
N GLY C 202 -31.47 -41.76 10.04
CA GLY C 202 -32.70 -42.35 10.54
C GLY C 202 -33.98 -41.76 9.98
N GLY C 203 -33.96 -41.41 8.70
CA GLY C 203 -35.14 -40.85 8.07
C GLY C 203 -35.40 -39.39 8.38
N ASP C 204 -34.42 -38.71 8.99
CA ASP C 204 -34.55 -37.30 9.33
C ASP C 204 -33.92 -36.45 8.23
N GLU C 205 -34.72 -35.66 7.54
CA GLU C 205 -34.22 -34.83 6.45
C GLU C 205 -33.54 -33.57 6.95
N GLU C 206 -34.00 -33.04 8.07
CA GLU C 206 -33.39 -31.83 8.61
C GLU C 206 -31.94 -32.10 8.98
N GLU C 207 -31.69 -33.22 9.64
CA GLU C 207 -30.34 -33.57 10.03
C GLU C 207 -29.46 -33.73 8.80
N ALA C 208 -30.02 -34.34 7.75
CA ALA C 208 -29.26 -34.55 6.52
C ALA C 208 -28.85 -33.21 5.92
N ARG C 209 -29.75 -32.24 5.97
CA ARG C 209 -29.47 -30.91 5.46
C ARG C 209 -28.47 -30.20 6.36
N LYS C 210 -28.65 -30.36 7.66
CA LYS C 210 -27.78 -29.73 8.64
C LYS C 210 -26.37 -30.31 8.67
N LYS C 211 -26.25 -31.61 8.44
CA LYS C 211 -24.95 -32.26 8.47
C LYS C 211 -24.70 -33.06 7.19
N PRO C 212 -24.62 -32.38 6.04
CA PRO C 212 -24.39 -33.05 4.75
C PRO C 212 -23.13 -33.90 4.69
N ILE C 213 -23.30 -35.19 4.46
CA ILE C 213 -22.17 -36.08 4.36
C ILE C 213 -21.96 -36.37 2.88
N PHE C 214 -22.80 -35.74 2.06
CA PHE C 214 -22.73 -35.94 0.62
C PHE C 214 -22.79 -34.61 -0.14
N SER C 215 -22.06 -34.54 -1.24
CA SER C 215 -22.01 -33.35 -2.08
C SER C 215 -21.71 -33.78 -3.52
N MET C 216 -22.11 -32.95 -4.49
CA MET C 216 -21.91 -33.29 -5.91
C MET C 216 -21.05 -32.31 -6.70
N LEU C 217 -20.60 -32.78 -7.86
CA LEU C 217 -19.78 -32.00 -8.77
C LEU C 217 -20.38 -32.08 -10.18
N LEU C 218 -20.36 -30.98 -10.91
CA LEU C 218 -20.90 -30.96 -12.26
C LEU C 218 -20.01 -30.05 -13.10
N CYS C 219 -19.94 -30.31 -14.40
CA CYS C 219 -19.09 -29.52 -15.28
C CYS C 219 -19.82 -28.85 -16.41
N PRO C 220 -19.65 -27.53 -16.56
CA PRO C 220 -20.33 -26.88 -17.67
C PRO C 220 -19.63 -27.42 -18.92
N THR C 221 -20.34 -27.53 -20.04
CA THR C 221 -19.72 -28.05 -21.26
C THR C 221 -19.05 -26.90 -22.02
N SER C 222 -17.72 -26.94 -22.11
CA SER C 222 -16.97 -25.88 -22.79
C SER C 222 -16.97 -26.04 -24.30
N PRO C 223 -17.13 -24.93 -25.04
CA PRO C 223 -17.31 -23.60 -24.45
C PRO C 223 -18.75 -23.07 -24.33
N LEU C 224 -19.03 -22.45 -23.19
CA LEU C 224 -20.30 -21.81 -22.92
C LEU C 224 -21.60 -22.61 -22.97
N GLU C 225 -21.61 -23.79 -22.37
CA GLU C 225 -22.80 -24.64 -22.36
C GLU C 225 -23.13 -25.24 -20.99
N LEU C 226 -24.42 -25.48 -20.77
CA LEU C 226 -24.90 -26.11 -19.54
C LEU C 226 -25.85 -27.25 -19.95
N SER C 227 -25.32 -28.47 -19.91
CA SER C 227 -26.08 -29.65 -20.29
C SER C 227 -27.26 -29.88 -19.36
N VAL C 228 -28.24 -30.61 -19.85
CA VAL C 228 -29.44 -30.92 -19.08
C VAL C 228 -29.05 -31.53 -17.73
N ASN C 229 -28.15 -32.51 -17.77
CA ASN C 229 -27.70 -33.19 -16.57
C ASN C 229 -27.11 -32.21 -15.56
N ALA C 230 -26.29 -31.27 -16.05
CA ALA C 230 -25.66 -30.28 -15.18
C ALA C 230 -26.69 -29.38 -14.50
N CYS C 231 -27.59 -28.81 -15.29
CA CYS C 231 -28.63 -27.91 -14.75
C CYS C 231 -29.47 -28.63 -13.70
N GLN C 232 -29.77 -29.89 -13.96
CA GLN C 232 -30.57 -30.65 -13.01
C GLN C 232 -29.82 -30.92 -11.71
N VAL C 233 -28.53 -31.21 -11.81
CA VAL C 233 -27.72 -31.47 -10.63
C VAL C 233 -27.73 -30.21 -9.76
N ILE C 234 -27.60 -29.07 -10.42
CA ILE C 234 -27.60 -27.78 -9.75
C ILE C 234 -28.94 -27.50 -9.06
N ILE C 235 -30.02 -27.63 -9.83
CA ILE C 235 -31.37 -27.38 -9.33
C ILE C 235 -31.79 -28.27 -8.18
N LYS C 236 -31.61 -29.57 -8.34
CA LYS C 236 -32.00 -30.49 -7.28
C LYS C 236 -31.07 -30.31 -6.09
N GLY C 237 -29.79 -30.09 -6.37
CA GLY C 237 -28.82 -29.90 -5.31
C GLY C 237 -29.22 -28.75 -4.41
N ALA C 238 -29.55 -27.63 -5.02
CA ALA C 238 -29.96 -26.46 -4.26
C ALA C 238 -31.28 -26.75 -3.55
N ARG C 239 -32.19 -27.41 -4.26
CA ARG C 239 -33.49 -27.74 -3.68
C ARG C 239 -33.43 -28.78 -2.57
N PHE C 240 -32.42 -29.66 -2.59
CA PHE C 240 -32.31 -30.70 -1.55
C PHE C 240 -31.31 -30.36 -0.46
N GLY C 241 -30.55 -29.28 -0.63
CA GLY C 241 -29.59 -28.89 0.37
C GLY C 241 -28.28 -29.67 0.30
N ILE C 242 -27.82 -29.91 -0.92
CA ILE C 242 -26.59 -30.64 -1.14
C ILE C 242 -25.58 -29.68 -1.79
N PRO C 243 -24.38 -29.56 -1.21
CA PRO C 243 -23.39 -28.66 -1.80
C PRO C 243 -23.07 -29.06 -3.23
N VAL C 244 -23.09 -28.09 -4.13
CA VAL C 244 -22.80 -28.35 -5.53
C VAL C 244 -21.55 -27.62 -5.99
N ASN C 245 -20.66 -28.37 -6.61
CA ASN C 245 -19.39 -27.86 -7.10
C ASN C 245 -19.43 -27.61 -8.62
N VAL C 246 -19.54 -26.36 -9.02
CA VAL C 246 -19.56 -25.97 -10.43
C VAL C 246 -18.12 -25.88 -10.92
N LEU C 247 -17.59 -27.00 -11.41
CA LEU C 247 -16.20 -27.06 -11.86
C LEU C 247 -16.04 -27.06 -13.38
N SER C 248 -15.26 -26.10 -13.89
CA SER C 248 -15.03 -25.98 -15.32
C SER C 248 -14.09 -27.03 -15.88
N MET C 249 -14.17 -27.24 -17.20
CA MET C 249 -13.34 -28.20 -17.91
C MET C 249 -12.94 -27.63 -19.26
N ALA C 250 -12.57 -26.36 -19.30
CA ALA C 250 -12.16 -25.72 -20.54
C ALA C 250 -10.77 -26.21 -20.92
N MET C 251 -10.40 -25.99 -22.18
CA MET C 251 -9.11 -26.45 -22.65
C MET C 251 -8.48 -25.42 -23.57
N SER C 252 -7.41 -24.80 -23.10
CA SER C 252 -6.71 -23.79 -23.87
C SER C 252 -6.26 -24.40 -25.19
N GLY C 253 -6.63 -23.74 -26.29
CA GLY C 253 -6.26 -24.25 -27.60
C GLY C 253 -7.36 -25.12 -28.18
N GLY C 254 -8.25 -25.60 -27.30
CA GLY C 254 -9.37 -26.44 -27.71
C GLY C 254 -10.72 -25.76 -27.57
N SER C 255 -11.18 -25.54 -26.34
CA SER C 255 -12.46 -24.89 -26.11
C SER C 255 -12.33 -23.48 -25.54
N SER C 256 -11.11 -22.97 -25.50
CA SER C 256 -10.84 -21.63 -24.99
C SER C 256 -9.54 -21.13 -25.62
N PRO C 257 -9.31 -19.81 -25.60
CA PRO C 257 -8.08 -19.25 -26.19
C PRO C 257 -6.81 -19.91 -25.68
N VAL C 258 -5.74 -19.80 -26.46
CA VAL C 258 -4.46 -20.39 -26.07
C VAL C 258 -3.98 -19.68 -24.81
N TYR C 259 -4.15 -18.36 -24.77
CA TYR C 259 -3.74 -17.53 -23.63
C TYR C 259 -4.49 -17.94 -22.36
N LEU C 260 -3.77 -17.99 -21.25
CA LEU C 260 -4.38 -18.37 -19.99
C LEU C 260 -5.45 -17.39 -19.51
N ALA C 261 -5.26 -16.09 -19.76
CA ALA C 261 -6.26 -15.10 -19.33
C ALA C 261 -7.58 -15.37 -20.02
N GLY C 262 -7.55 -15.48 -21.36
CA GLY C 262 -8.75 -15.76 -22.11
C GLY C 262 -9.41 -17.04 -21.62
N THR C 263 -8.58 -18.02 -21.32
CA THR C 263 -9.09 -19.30 -20.84
C THR C 263 -9.83 -19.05 -19.53
N LEU C 264 -9.26 -18.22 -18.68
CA LEU C 264 -9.90 -17.89 -17.41
C LEU C 264 -11.25 -17.22 -17.63
N VAL C 265 -11.36 -16.45 -18.71
CA VAL C 265 -12.61 -15.76 -19.04
C VAL C 265 -13.66 -16.81 -19.41
N THR C 266 -13.30 -17.72 -20.31
CA THR C 266 -14.22 -18.77 -20.73
C THR C 266 -14.68 -19.52 -19.48
N HIS C 267 -13.73 -19.84 -18.62
CA HIS C 267 -14.01 -20.54 -17.38
C HIS C 267 -14.95 -19.74 -16.47
N ASN C 268 -14.60 -18.47 -16.23
CA ASN C 268 -15.40 -17.61 -15.36
C ASN C 268 -16.86 -17.53 -15.82
N ALA C 269 -17.06 -17.38 -17.13
CA ALA C 269 -18.40 -17.30 -17.70
C ALA C 269 -19.19 -18.57 -17.42
N GLU C 270 -18.57 -19.71 -17.69
CA GLU C 270 -19.21 -21.00 -17.45
C GLU C 270 -19.55 -21.24 -16.00
N VAL C 271 -18.56 -21.10 -15.12
CA VAL C 271 -18.82 -21.36 -13.71
C VAL C 271 -19.85 -20.43 -13.12
N LEU C 272 -19.76 -19.14 -13.42
CA LEU C 272 -20.72 -18.19 -12.89
C LEU C 272 -22.15 -18.47 -13.36
N SER C 273 -22.33 -18.83 -14.63
CA SER C 273 -23.66 -19.12 -15.14
C SER C 273 -24.29 -20.21 -14.29
N GLY C 274 -23.48 -21.18 -13.89
CA GLY C 274 -23.96 -22.26 -13.07
C GLY C 274 -24.36 -21.73 -11.71
N ILE C 275 -23.45 -20.99 -11.08
CA ILE C 275 -23.69 -20.42 -9.76
C ILE C 275 -24.91 -19.52 -9.75
N VAL C 276 -25.15 -18.81 -10.85
CA VAL C 276 -26.32 -17.95 -10.94
C VAL C 276 -27.58 -18.80 -10.89
N LEU C 277 -27.58 -19.90 -11.64
CA LEU C 277 -28.73 -20.80 -11.67
C LEU C 277 -29.00 -21.31 -10.27
N ALA C 278 -27.95 -21.74 -9.61
CA ALA C 278 -28.04 -22.25 -8.25
C ALA C 278 -28.75 -21.28 -7.30
N GLN C 279 -28.23 -20.07 -7.22
CA GLN C 279 -28.83 -19.08 -6.33
C GLN C 279 -30.24 -18.65 -6.75
N LEU C 280 -30.48 -18.60 -8.06
CA LEU C 280 -31.80 -18.23 -8.56
C LEU C 280 -32.79 -19.32 -8.17
N THR C 281 -32.30 -20.55 -8.15
CA THR C 281 -33.13 -21.69 -7.78
C THR C 281 -33.47 -21.60 -6.30
N VAL C 282 -32.43 -21.53 -5.47
CA VAL C 282 -32.63 -21.42 -4.03
C VAL C 282 -31.64 -20.42 -3.46
N PRO C 283 -32.12 -19.21 -3.14
CA PRO C 283 -31.21 -18.21 -2.59
C PRO C 283 -30.50 -18.74 -1.35
N GLY C 284 -29.18 -18.81 -1.41
CA GLY C 284 -28.41 -19.29 -0.28
C GLY C 284 -27.84 -20.68 -0.43
N ALA C 285 -28.05 -21.30 -1.60
CA ALA C 285 -27.53 -22.63 -1.86
C ALA C 285 -26.02 -22.66 -1.73
N LYS C 286 -25.49 -23.74 -1.16
CA LYS C 286 -24.03 -23.88 -0.99
C LYS C 286 -23.39 -24.28 -2.32
N VAL C 287 -22.41 -23.51 -2.78
CA VAL C 287 -21.73 -23.80 -4.04
C VAL C 287 -20.24 -23.52 -4.01
N TRP C 288 -19.51 -24.17 -4.91
CA TRP C 288 -18.06 -24.04 -5.05
C TRP C 288 -17.76 -23.40 -6.40
N TYR C 289 -16.71 -22.58 -6.43
CA TYR C 289 -16.25 -21.96 -7.68
C TYR C 289 -15.14 -22.94 -8.03
N GLY C 290 -15.42 -23.83 -8.99
CA GLY C 290 -14.43 -24.84 -9.33
C GLY C 290 -13.77 -24.84 -10.69
N SER C 291 -12.72 -25.65 -10.80
CA SER C 291 -11.99 -25.74 -12.05
C SER C 291 -10.99 -26.88 -12.14
N SER C 292 -10.88 -27.40 -13.35
CA SER C 292 -9.93 -28.45 -13.69
C SER C 292 -9.55 -28.15 -15.12
N THR C 293 -9.77 -26.89 -15.48
CA THR C 293 -9.45 -26.40 -16.81
C THR C 293 -7.95 -26.55 -17.00
N THR C 294 -7.55 -26.83 -18.23
CA THR C 294 -6.14 -27.01 -18.52
C THR C 294 -5.81 -26.63 -19.97
N THR C 295 -4.60 -26.95 -20.39
CA THR C 295 -4.15 -26.66 -21.73
C THR C 295 -4.11 -27.91 -22.60
N PHE C 296 -4.24 -27.70 -23.90
CA PHE C 296 -4.19 -28.79 -24.86
C PHE C 296 -2.82 -28.79 -25.53
N ASP C 297 -2.11 -29.92 -25.42
CA ASP C 297 -0.79 -30.02 -26.05
C ASP C 297 -1.02 -30.36 -27.50
N LEU C 298 -0.98 -29.33 -28.34
CA LEU C 298 -1.19 -29.48 -29.77
C LEU C 298 -0.15 -30.46 -30.32
N LYS C 299 1.07 -30.37 -29.80
CA LYS C 299 2.19 -31.21 -30.23
C LYS C 299 2.15 -32.67 -29.76
N LYS C 300 1.38 -32.96 -28.71
CA LYS C 300 1.28 -34.33 -28.22
C LYS C 300 -0.13 -34.89 -28.38
N GLY C 301 -1.03 -34.07 -28.91
CA GLY C 301 -2.39 -34.52 -29.12
C GLY C 301 -3.10 -34.94 -27.84
N THR C 302 -2.77 -34.29 -26.73
CA THR C 302 -3.40 -34.60 -25.45
C THR C 302 -3.54 -33.35 -24.59
N ALA C 303 -4.17 -33.50 -23.42
CA ALA C 303 -4.37 -32.39 -22.51
C ALA C 303 -3.59 -32.62 -21.23
N PRO C 304 -2.28 -32.27 -21.23
CA PRO C 304 -1.47 -32.47 -20.02
C PRO C 304 -2.10 -31.78 -18.82
N VAL C 305 -2.10 -32.48 -17.69
CA VAL C 305 -2.69 -31.96 -16.48
C VAL C 305 -1.67 -32.02 -15.34
N GLY C 306 -0.40 -32.24 -15.70
CA GLY C 306 0.66 -32.28 -14.71
C GLY C 306 1.61 -31.14 -15.04
N SER C 307 1.17 -30.33 -16.00
CA SER C 307 1.94 -29.19 -16.53
C SER C 307 1.93 -27.93 -15.68
N PRO C 308 2.86 -27.01 -15.96
CA PRO C 308 2.90 -25.77 -15.19
C PRO C 308 1.59 -25.00 -15.44
N GLU C 309 0.99 -25.23 -16.61
CA GLU C 309 -0.27 -24.58 -16.98
C GLU C 309 -1.43 -24.92 -16.04
N LEU C 310 -1.60 -26.21 -15.74
CA LEU C 310 -2.69 -26.57 -14.85
C LEU C 310 -2.49 -25.84 -13.54
N GLY C 311 -1.29 -25.98 -12.97
CA GLY C 311 -0.97 -25.33 -11.71
C GLY C 311 -1.30 -23.84 -11.70
N LEU C 312 -0.93 -23.14 -12.77
CA LEU C 312 -1.23 -21.72 -12.87
C LEU C 312 -2.73 -21.48 -12.91
N ILE C 313 -3.42 -22.20 -13.79
CA ILE C 313 -4.85 -22.06 -13.93
C ILE C 313 -5.57 -22.28 -12.60
N SER C 314 -5.26 -23.39 -11.93
CA SER C 314 -5.89 -23.70 -10.65
C SER C 314 -5.59 -22.63 -9.61
N ALA C 315 -4.39 -22.05 -9.67
CA ALA C 315 -3.99 -21.01 -8.74
C ALA C 315 -4.79 -19.73 -9.00
N ALA C 316 -4.91 -19.36 -10.27
CA ALA C 316 -5.64 -18.16 -10.65
C ALA C 316 -7.13 -18.29 -10.31
N VAL C 317 -7.68 -19.50 -10.41
CA VAL C 317 -9.08 -19.72 -10.09
C VAL C 317 -9.34 -19.52 -8.59
N ALA C 318 -8.38 -19.90 -7.77
CA ALA C 318 -8.53 -19.73 -6.33
C ALA C 318 -8.58 -18.22 -6.06
N LYS C 319 -7.75 -17.47 -6.76
CA LYS C 319 -7.72 -16.01 -6.60
C LYS C 319 -9.03 -15.38 -7.06
N LEU C 320 -9.56 -15.85 -8.19
CA LEU C 320 -10.83 -15.32 -8.69
C LEU C 320 -11.92 -15.68 -7.66
N ALA C 321 -11.80 -16.86 -7.07
CA ALA C 321 -12.77 -17.32 -6.08
C ALA C 321 -12.75 -16.40 -4.87
N GLN C 322 -11.54 -16.13 -4.37
CA GLN C 322 -11.40 -15.27 -3.21
C GLN C 322 -11.91 -13.87 -3.55
N PHE C 323 -11.68 -13.45 -4.78
CA PHE C 323 -12.13 -12.15 -5.29
C PHE C 323 -13.65 -12.06 -5.30
N TYR C 324 -14.32 -13.16 -5.67
CA TYR C 324 -15.76 -13.17 -5.72
C TYR C 324 -16.43 -13.56 -4.40
N GLY C 325 -15.62 -13.85 -3.38
CA GLY C 325 -16.17 -14.20 -2.08
C GLY C 325 -16.66 -15.63 -1.92
N LEU C 326 -16.17 -16.54 -2.76
CA LEU C 326 -16.59 -17.94 -2.73
C LEU C 326 -15.49 -18.96 -2.46
N PRO C 327 -15.88 -20.16 -2.00
CA PRO C 327 -14.95 -21.27 -1.70
C PRO C 327 -14.49 -21.84 -3.04
N SER C 328 -13.28 -22.39 -3.10
CA SER C 328 -12.79 -22.94 -4.36
C SER C 328 -12.47 -24.43 -4.31
N TYR C 329 -12.52 -25.06 -5.48
CA TYR C 329 -12.23 -26.49 -5.66
C TYR C 329 -11.52 -26.58 -7.01
N VAL C 330 -10.24 -26.92 -7.00
CA VAL C 330 -9.46 -26.99 -8.23
C VAL C 330 -8.57 -28.22 -8.40
N ALA C 331 -8.18 -28.49 -9.65
CA ALA C 331 -7.31 -29.60 -9.96
C ALA C 331 -5.93 -29.29 -9.42
N GLY C 332 -5.28 -30.29 -8.86
CA GLY C 332 -3.95 -30.09 -8.31
C GLY C 332 -3.43 -31.41 -7.81
N SER C 333 -2.12 -31.57 -7.77
CA SER C 333 -1.54 -32.82 -7.33
C SER C 333 -1.89 -33.86 -8.39
CA PYL C 334 -2.00 -34.31 -10.81
C PYL C 334 -0.73 -34.56 -11.61
N PYL C 334 -1.73 -33.46 -9.65
N SER C 335 -0.77 -35.56 -12.48
CA SER C 335 0.39 -35.90 -13.29
C SER C 335 -0.01 -36.62 -14.58
N ASP C 336 0.87 -36.57 -15.58
CA ASP C 336 0.63 -37.19 -16.87
C ASP C 336 1.46 -38.47 -17.04
N ALA C 337 2.20 -38.83 -15.99
CA ALA C 337 3.02 -40.02 -16.01
C ALA C 337 2.14 -41.27 -15.90
N LYS C 338 2.55 -42.33 -16.59
CA LYS C 338 1.83 -43.59 -16.57
C LYS C 338 2.22 -44.48 -15.40
N VAL C 339 3.31 -44.12 -14.72
CA VAL C 339 3.81 -44.86 -13.56
C VAL C 339 4.42 -43.94 -12.51
N PRO C 340 4.35 -44.32 -11.22
CA PRO C 340 4.92 -43.49 -10.15
C PRO C 340 6.44 -43.36 -10.18
N ASP C 341 6.94 -42.61 -11.17
CA ASP C 341 8.37 -42.37 -11.34
C ASP C 341 8.79 -40.96 -10.92
N ASP C 342 9.93 -40.52 -11.44
CA ASP C 342 10.48 -39.19 -11.16
C ASP C 342 9.48 -38.14 -11.66
N GLN C 343 8.94 -38.38 -12.85
CA GLN C 343 7.99 -37.48 -13.47
C GLN C 343 6.77 -37.22 -12.59
N ALA C 344 6.22 -38.27 -11.99
CA ALA C 344 5.06 -38.14 -11.13
C ALA C 344 5.35 -37.20 -9.97
N GLY C 345 6.44 -37.46 -9.26
CA GLY C 345 6.81 -36.62 -8.13
C GLY C 345 6.93 -35.15 -8.51
N HIS C 346 7.51 -34.88 -9.68
CA HIS C 346 7.68 -33.51 -10.14
C HIS C 346 6.34 -32.81 -10.37
N GLU C 347 5.58 -33.34 -11.32
CA GLU C 347 4.29 -32.78 -11.69
C GLU C 347 3.33 -32.71 -10.51
N LYS C 348 3.34 -33.73 -9.66
CA LYS C 348 2.46 -33.72 -8.50
C LYS C 348 2.75 -32.48 -7.68
N THR C 349 4.03 -32.19 -7.46
CA THR C 349 4.44 -31.05 -6.66
C THR C 349 4.19 -29.72 -7.38
N MET C 350 4.55 -29.67 -8.65
CA MET C 350 4.35 -28.47 -9.46
C MET C 350 2.89 -28.05 -9.48
N THR C 351 1.98 -29.01 -9.64
CA THR C 351 0.55 -28.73 -9.72
C THR C 351 -0.13 -28.59 -8.37
N THR C 352 0.56 -28.95 -7.30
CA THR C 352 -0.04 -28.84 -5.99
C THR C 352 0.48 -27.59 -5.27
N LEU C 353 1.77 -27.31 -5.43
CA LEU C 353 2.36 -26.16 -4.77
C LEU C 353 1.70 -24.83 -5.17
N LEU C 354 1.50 -24.62 -6.47
CA LEU C 354 0.88 -23.40 -6.96
C LEU C 354 -0.52 -23.12 -6.39
N PRO C 355 -1.45 -24.09 -6.47
CA PRO C 355 -2.80 -23.84 -5.94
C PRO C 355 -2.80 -23.70 -4.41
N ALA C 356 -1.92 -24.46 -3.76
CA ALA C 356 -1.82 -24.43 -2.31
C ALA C 356 -1.33 -23.09 -1.76
N LEU C 357 -0.26 -22.56 -2.35
CA LEU C 357 0.28 -21.28 -1.92
C LEU C 357 -0.69 -20.14 -2.26
N ALA C 358 -1.49 -20.32 -3.31
CA ALA C 358 -2.46 -19.32 -3.70
C ALA C 358 -3.67 -19.34 -2.76
N GLY C 359 -3.87 -20.47 -2.08
CA GLY C 359 -4.99 -20.60 -1.15
C GLY C 359 -6.22 -21.36 -1.62
N ALA C 360 -6.06 -22.32 -2.51
CA ALA C 360 -7.19 -23.12 -2.98
C ALA C 360 -7.77 -23.91 -1.80
N ASN C 361 -9.07 -23.78 -1.57
CA ASN C 361 -9.75 -24.45 -0.45
C ASN C 361 -9.82 -25.97 -0.53
N THR C 362 -9.77 -26.50 -1.75
CA THR C 362 -9.76 -27.93 -1.97
C THR C 362 -8.96 -28.21 -3.22
N ILE C 363 -7.93 -29.02 -3.10
CA ILE C 363 -7.11 -29.39 -4.23
C ILE C 363 -7.34 -30.89 -4.44
N TYR C 364 -7.86 -31.26 -5.62
CA TYR C 364 -8.13 -32.66 -5.91
C TYR C 364 -7.27 -33.21 -7.05
N GLY C 365 -6.91 -34.48 -6.93
CA GLY C 365 -6.09 -35.11 -7.94
C GLY C 365 -5.17 -36.13 -7.29
N ALA C 366 -5.09 -36.10 -5.97
CA ALA C 366 -4.24 -37.03 -5.23
C ALA C 366 -4.51 -38.48 -5.65
N GLY C 367 -3.44 -39.20 -5.96
CA GLY C 367 -3.58 -40.59 -6.37
C GLY C 367 -3.74 -40.82 -7.86
N MET C 368 -3.97 -39.75 -8.61
CA MET C 368 -4.15 -39.86 -10.06
C MET C 368 -2.86 -39.97 -10.87
N LEU C 369 -2.97 -40.62 -12.03
CA LEU C 369 -1.85 -40.80 -12.94
C LEU C 369 -2.43 -40.93 -14.34
N GLU C 370 -1.57 -40.85 -15.35
CA GLU C 370 -2.01 -41.00 -16.73
C GLU C 370 -3.07 -40.00 -17.16
N LEU C 371 -2.71 -38.72 -17.18
CA LEU C 371 -3.60 -37.62 -17.57
C LEU C 371 -5.03 -37.66 -17.02
N GLY C 372 -5.24 -38.37 -15.91
CA GLY C 372 -6.57 -38.45 -15.31
C GLY C 372 -7.36 -39.67 -15.75
N MET C 373 -6.64 -40.71 -16.16
CA MET C 373 -7.26 -41.93 -16.64
C MET C 373 -7.18 -43.04 -15.60
N THR C 374 -6.09 -43.04 -14.85
CA THR C 374 -5.82 -44.07 -13.86
C THR C 374 -5.64 -43.55 -12.45
N PHE C 375 -5.95 -44.40 -11.46
CA PHE C 375 -5.78 -44.05 -10.06
C PHE C 375 -4.71 -45.02 -9.52
N SER C 376 -3.85 -44.53 -8.63
CA SER C 376 -2.79 -45.36 -8.03
C SER C 376 -2.71 -45.21 -6.53
N MET C 377 -2.83 -46.33 -5.82
CA MET C 377 -2.77 -46.31 -4.36
C MET C 377 -1.35 -45.98 -3.90
N GLU C 378 -0.37 -46.32 -4.73
CA GLU C 378 1.01 -46.02 -4.39
C GLU C 378 1.19 -44.51 -4.44
N GLN C 379 0.84 -43.91 -5.57
CA GLN C 379 0.97 -42.47 -5.72
C GLN C 379 0.11 -41.75 -4.68
N LEU C 380 -1.03 -42.34 -4.34
CA LEU C 380 -1.92 -41.73 -3.36
C LEU C 380 -1.25 -41.54 -2.00
N VAL C 381 -0.56 -42.56 -1.51
CA VAL C 381 0.11 -42.45 -0.23
C VAL C 381 1.35 -41.58 -0.36
N ILE C 382 1.93 -41.55 -1.55
CA ILE C 382 3.08 -40.70 -1.80
C ILE C 382 2.59 -39.26 -1.72
N ASP C 383 1.55 -38.95 -2.50
CA ASP C 383 0.95 -37.62 -2.49
C ASP C 383 0.63 -37.19 -1.06
N ASN C 384 0.00 -38.07 -0.29
CA ASN C 384 -0.35 -37.80 1.10
C ASN C 384 0.87 -37.31 1.86
N ASP C 385 2.01 -37.95 1.63
CA ASP C 385 3.23 -37.56 2.30
C ASP C 385 3.69 -36.20 1.77
N ILE C 386 3.54 -36.00 0.46
CA ILE C 386 3.92 -34.74 -0.15
C ILE C 386 3.15 -33.59 0.50
N PHE C 387 1.85 -33.78 0.69
CA PHE C 387 1.03 -32.74 1.30
C PHE C 387 1.53 -32.37 2.68
N SER C 388 2.10 -33.34 3.40
CA SER C 388 2.62 -33.03 4.72
C SER C 388 3.77 -32.05 4.54
N MET C 389 4.57 -32.26 3.50
CA MET C 389 5.72 -31.39 3.24
C MET C 389 5.25 -30.01 2.78
N VAL C 390 4.17 -29.97 2.00
CA VAL C 390 3.64 -28.70 1.52
C VAL C 390 3.14 -27.89 2.71
N LYS C 391 2.58 -28.57 3.70
CA LYS C 391 2.06 -27.89 4.88
C LYS C 391 3.19 -27.30 5.73
N LYS C 392 4.36 -27.91 5.72
CA LYS C 392 5.46 -27.36 6.49
C LYS C 392 5.91 -26.09 5.75
N ALA C 393 6.00 -26.23 4.43
CA ALA C 393 6.39 -25.13 3.58
C ALA C 393 5.48 -23.94 3.79
N MET C 394 4.17 -24.19 3.89
CA MET C 394 3.18 -23.14 4.07
C MET C 394 3.27 -22.40 5.40
N GLN C 395 4.07 -22.94 6.31
CA GLN C 395 4.25 -22.33 7.61
C GLN C 395 5.11 -21.07 7.44
N GLY C 396 5.84 -21.02 6.33
CA GLY C 396 6.68 -19.88 6.03
C GLY C 396 7.73 -19.62 7.09
N ILE C 397 8.08 -18.35 7.27
CA ILE C 397 9.05 -17.98 8.29
C ILE C 397 8.33 -17.10 9.30
N PRO C 398 8.08 -17.68 10.49
CA PRO C 398 7.42 -17.01 11.61
C PRO C 398 8.47 -16.15 12.28
N VAL C 399 8.28 -14.83 12.27
CA VAL C 399 9.25 -13.95 12.87
C VAL C 399 8.76 -13.37 14.20
N SER C 400 9.50 -13.66 15.26
CA SER C 400 9.18 -13.20 16.60
C SER C 400 10.47 -13.20 17.41
N GLU C 401 10.46 -12.54 18.56
CA GLU C 401 11.66 -12.51 19.39
C GLU C 401 12.05 -13.93 19.76
N GLU C 402 11.05 -14.77 19.95
CA GLU C 402 11.30 -16.16 20.31
C GLU C 402 11.96 -16.94 19.17
N THR C 403 11.45 -16.77 17.95
CA THR C 403 12.02 -17.51 16.82
C THR C 403 13.34 -16.94 16.37
N LEU C 404 13.57 -15.64 16.60
CA LEU C 404 14.83 -15.03 16.22
C LEU C 404 15.89 -15.63 17.13
N ALA C 405 15.46 -16.09 18.31
CA ALA C 405 16.31 -16.77 19.29
C ALA C 405 17.73 -16.26 19.54
N VAL C 406 17.92 -14.95 19.53
CA VAL C 406 19.24 -14.38 19.75
C VAL C 406 19.93 -14.94 21.00
N GLU C 407 19.21 -14.99 22.12
CA GLU C 407 19.78 -15.50 23.36
C GLU C 407 20.35 -16.91 23.21
N SER C 408 19.70 -17.71 22.37
CA SER C 408 20.17 -19.07 22.16
C SER C 408 21.49 -19.02 21.43
N ILE C 409 21.51 -18.20 20.38
CA ILE C 409 22.72 -18.06 19.58
C ILE C 409 23.85 -17.58 20.45
N GLN C 410 23.54 -16.67 21.37
CA GLN C 410 24.55 -16.15 22.28
C GLN C 410 24.97 -17.19 23.32
N LYS C 411 24.00 -17.90 23.88
CA LYS C 411 24.32 -18.92 24.87
C LYS C 411 25.20 -20.01 24.25
N VAL C 412 24.78 -20.54 23.10
CA VAL C 412 25.57 -21.56 22.42
C VAL C 412 26.93 -20.99 22.05
N GLY C 413 26.93 -19.75 21.55
CA GLY C 413 28.18 -19.11 21.19
C GLY C 413 28.92 -19.66 20.00
N ILE C 414 30.12 -19.11 19.78
CA ILE C 414 30.97 -19.48 18.67
C ILE C 414 31.51 -20.90 18.70
N GLY C 415 31.42 -21.57 17.57
CA GLY C 415 31.95 -22.92 17.42
C GLY C 415 31.33 -24.07 18.18
N ASN C 416 30.15 -23.90 18.75
CA ASN C 416 29.52 -24.99 19.48
C ASN C 416 28.27 -25.45 18.73
N ASN C 417 27.39 -26.18 19.42
CA ASN C 417 26.17 -26.66 18.78
C ASN C 417 24.96 -26.58 19.69
N PHE C 418 23.78 -26.72 19.08
CA PHE C 418 22.51 -26.64 19.78
C PHE C 418 21.88 -27.94 20.22
N LEU C 419 22.53 -29.06 19.95
CA LEU C 419 21.99 -30.37 20.30
C LEU C 419 21.46 -30.52 21.73
N ALA C 420 22.27 -30.11 22.69
CA ALA C 420 21.90 -30.23 24.10
C ALA C 420 21.07 -29.08 24.63
N LEU C 421 20.85 -28.06 23.81
CA LEU C 421 20.08 -26.91 24.26
C LEU C 421 18.66 -27.35 24.65
N LYS C 422 18.19 -26.88 25.80
CA LYS C 422 16.86 -27.25 26.26
C LYS C 422 15.78 -26.92 25.24
N GLN C 423 15.82 -25.70 24.71
CA GLN C 423 14.84 -25.28 23.72
C GLN C 423 14.84 -26.24 22.52
N THR C 424 16.01 -26.70 22.13
CA THR C 424 16.13 -27.62 20.99
C THR C 424 15.40 -28.92 21.23
N ARG C 425 15.45 -29.40 22.47
CA ARG C 425 14.81 -30.66 22.80
C ARG C 425 13.30 -30.54 22.93
N GLN C 426 12.81 -29.32 23.15
CA GLN C 426 11.37 -29.08 23.28
C GLN C 426 10.75 -29.01 21.88
N LEU C 427 11.60 -28.78 20.89
CA LEU C 427 11.17 -28.66 19.51
C LEU C 427 11.61 -29.84 18.67
N VAL C 428 11.67 -31.02 19.28
CA VAL C 428 12.08 -32.22 18.59
C VAL C 428 11.12 -32.63 17.46
N ASP C 429 9.85 -32.28 17.60
CA ASP C 429 8.84 -32.63 16.59
C ASP C 429 8.49 -31.45 15.68
N TYR C 430 9.22 -30.35 15.84
CA TYR C 430 8.96 -29.15 15.06
C TYR C 430 9.26 -29.30 13.57
N PRO C 431 10.44 -29.86 13.22
CA PRO C 431 10.85 -30.04 11.83
C PRO C 431 9.97 -31.01 11.05
N SER C 432 9.99 -30.90 9.73
CA SER C 432 9.19 -31.79 8.91
C SER C 432 9.66 -33.22 9.17
N ASN C 433 8.73 -34.15 9.15
CA ASN C 433 9.06 -35.55 9.38
C ASN C 433 8.23 -36.40 8.44
N PRO C 434 8.66 -36.50 7.17
CA PRO C 434 7.95 -37.30 6.17
C PRO C 434 7.75 -38.75 6.60
N MET C 435 6.71 -39.38 6.09
CA MET C 435 6.39 -40.76 6.42
C MET C 435 7.10 -41.72 5.47
N LEU C 436 7.11 -41.39 4.19
CA LEU C 436 7.73 -42.24 3.18
C LEU C 436 9.10 -41.74 2.72
N LEU C 437 9.20 -40.46 2.37
CA LEU C 437 10.45 -39.86 1.89
C LEU C 437 11.66 -40.32 2.71
N ASP C 438 12.68 -40.82 2.02
CA ASP C 438 13.88 -41.33 2.67
C ASP C 438 14.97 -40.30 2.92
N ARG C 439 15.34 -40.13 4.19
CA ARG C 439 16.38 -39.19 4.58
C ARG C 439 17.60 -39.86 5.18
N HIS C 440 17.76 -41.15 4.92
CA HIS C 440 18.89 -41.92 5.44
C HIS C 440 20.09 -41.88 4.48
N MET C 441 21.27 -42.19 5.04
CA MET C 441 22.50 -42.22 4.25
C MET C 441 22.52 -43.51 3.44
N PHE C 442 23.37 -43.57 2.42
CA PHE C 442 23.42 -44.76 1.57
C PHE C 442 23.49 -46.08 2.32
N GLY C 443 24.29 -46.11 3.38
CA GLY C 443 24.42 -47.33 4.16
C GLY C 443 23.08 -47.91 4.61
N ASP C 444 22.40 -47.18 5.49
CA ASP C 444 21.11 -47.63 6.01
C ASP C 444 20.08 -47.89 4.93
N TRP C 445 20.18 -47.14 3.82
CA TRP C 445 19.24 -47.32 2.74
C TRP C 445 19.45 -48.65 2.03
N ALA C 446 20.70 -48.96 1.70
CA ALA C 446 21.03 -50.22 1.05
C ALA C 446 20.66 -51.36 2.00
N ALA C 447 21.00 -51.19 3.27
CA ALA C 447 20.71 -52.19 4.28
C ALA C 447 19.22 -52.43 4.41
N ALA C 448 18.43 -51.65 3.70
CA ALA C 448 16.97 -51.79 3.74
C ALA C 448 16.48 -52.37 2.42
N GLY C 449 17.42 -52.71 1.55
CA GLY C 449 17.07 -53.30 0.28
C GLY C 449 17.22 -52.37 -0.90
N SER C 450 17.62 -51.13 -0.64
CA SER C 450 17.80 -50.14 -1.69
C SER C 450 16.47 -49.98 -2.44
N LYS C 451 15.41 -49.76 -1.68
CA LYS C 451 14.07 -49.60 -2.22
C LYS C 451 13.75 -48.17 -2.67
N ASP C 452 13.06 -48.03 -3.80
CA ASP C 452 12.68 -46.70 -4.25
C ASP C 452 11.35 -46.33 -3.59
N LEU C 453 10.92 -45.10 -3.77
CA LEU C 453 9.69 -44.61 -3.15
C LEU C 453 8.44 -45.42 -3.53
N ALA C 454 8.36 -45.85 -4.78
CA ALA C 454 7.22 -46.62 -5.26
C ALA C 454 7.03 -47.92 -4.48
N THR C 455 8.10 -48.68 -4.30
CA THR C 455 8.01 -49.94 -3.58
C THR C 455 7.73 -49.68 -2.11
N VAL C 456 8.42 -48.69 -1.54
CA VAL C 456 8.22 -48.33 -0.14
C VAL C 456 6.75 -47.99 0.10
N ALA C 457 6.19 -47.23 -0.85
CA ALA C 457 4.79 -46.81 -0.79
C ALA C 457 3.89 -48.04 -0.89
N HIS C 458 4.16 -48.88 -1.89
CA HIS C 458 3.38 -50.09 -2.11
C HIS C 458 3.25 -50.88 -0.81
N GLU C 459 4.38 -51.04 -0.12
CA GLU C 459 4.39 -51.76 1.14
C GLU C 459 3.47 -51.09 2.16
N LYS C 460 3.37 -49.77 2.07
CA LYS C 460 2.51 -49.02 2.98
C LYS C 460 1.04 -49.31 2.66
N VAL C 461 0.72 -49.30 1.37
CA VAL C 461 -0.64 -49.57 0.92
C VAL C 461 -1.08 -50.86 1.58
N GLU C 462 -0.29 -51.91 1.39
CA GLU C 462 -0.54 -53.24 1.96
C GLU C 462 -0.92 -53.15 3.43
N ASP C 463 0.02 -52.65 4.23
CA ASP C 463 -0.17 -52.50 5.67
C ASP C 463 -1.48 -51.78 6.02
N VAL C 464 -1.84 -50.78 5.24
CA VAL C 464 -3.05 -50.02 5.52
C VAL C 464 -4.31 -50.81 5.19
N LEU C 465 -4.36 -51.39 3.99
CA LEU C 465 -5.51 -52.18 3.56
C LEU C 465 -5.75 -53.39 4.46
N LYS C 466 -4.66 -53.92 5.01
CA LYS C 466 -4.77 -55.07 5.88
C LYS C 466 -5.10 -54.75 7.32
N ASN C 467 -4.75 -53.56 7.80
CA ASN C 467 -5.01 -53.25 9.21
C ASN C 467 -5.85 -52.03 9.58
N HIS C 468 -6.02 -51.07 8.67
CA HIS C 468 -6.81 -49.90 9.02
C HIS C 468 -8.28 -50.22 9.29
N GLN C 469 -8.78 -49.71 10.41
CA GLN C 469 -10.17 -49.93 10.82
C GLN C 469 -11.04 -48.72 10.45
N VAL C 470 -12.06 -48.96 9.62
CA VAL C 470 -12.97 -47.90 9.21
C VAL C 470 -14.26 -48.00 10.01
N THR C 471 -14.69 -46.90 10.64
CA THR C 471 -15.92 -46.91 11.42
C THR C 471 -17.11 -47.20 10.50
N PRO C 472 -17.75 -48.37 10.67
CA PRO C 472 -18.89 -48.76 9.84
C PRO C 472 -20.25 -48.19 10.23
N ILE C 473 -21.13 -48.14 9.24
CA ILE C 473 -22.49 -47.66 9.43
C ILE C 473 -23.22 -48.68 10.30
N ASP C 474 -24.21 -48.23 11.07
CA ASP C 474 -24.98 -49.15 11.90
C ASP C 474 -25.64 -50.19 10.98
N ALA C 475 -25.58 -51.45 11.39
CA ALA C 475 -26.16 -52.54 10.60
C ALA C 475 -27.56 -52.23 10.08
N ASP C 476 -28.46 -51.87 10.98
CA ASP C 476 -29.83 -51.53 10.62
C ASP C 476 -29.85 -50.41 9.60
N ILE C 477 -29.23 -49.29 9.96
CA ILE C 477 -29.17 -48.14 9.09
C ILE C 477 -28.64 -48.53 7.71
N PHE C 478 -27.62 -49.39 7.69
CA PHE C 478 -27.05 -49.80 6.40
C PHE C 478 -28.09 -50.47 5.52
N LYS C 479 -28.94 -51.29 6.14
CA LYS C 479 -29.99 -51.98 5.40
C LYS C 479 -30.90 -50.97 4.72
N ASP C 480 -31.29 -49.94 5.47
CA ASP C 480 -32.15 -48.88 4.95
C ASP C 480 -31.53 -48.26 3.69
N MET C 481 -30.24 -47.95 3.76
CA MET C 481 -29.53 -47.35 2.63
C MET C 481 -29.39 -48.37 1.52
N GLN C 482 -29.00 -49.59 1.89
CA GLN C 482 -28.85 -50.67 0.94
C GLN C 482 -30.16 -50.83 0.17
N ALA C 483 -31.27 -50.66 0.89
CA ALA C 483 -32.60 -50.78 0.31
C ALA C 483 -32.75 -49.85 -0.90
N ILE C 484 -32.42 -48.57 -0.69
CA ILE C 484 -32.52 -47.57 -1.74
C ILE C 484 -31.69 -47.93 -2.97
N VAL C 485 -30.55 -48.55 -2.75
CA VAL C 485 -29.70 -48.96 -3.86
C VAL C 485 -30.42 -50.04 -4.64
N ASP C 486 -30.91 -51.04 -3.92
CA ASP C 486 -31.64 -52.13 -4.54
C ASP C 486 -32.82 -51.56 -5.32
N LYS C 487 -33.60 -50.73 -4.65
CA LYS C 487 -34.77 -50.10 -5.25
C LYS C 487 -34.40 -49.37 -6.54
N ALA C 488 -33.26 -48.68 -6.51
CA ALA C 488 -32.78 -47.93 -7.66
C ALA C 488 -32.36 -48.87 -8.79
N ASP C 489 -31.72 -49.99 -8.44
CA ASP C 489 -31.28 -50.96 -9.43
C ASP C 489 -32.49 -51.60 -10.11
N LYS C 490 -33.50 -51.92 -9.30
CA LYS C 490 -34.72 -52.51 -9.80
C LYS C 490 -35.33 -51.61 -10.87
N ALA C 491 -35.36 -50.32 -10.56
CA ALA C 491 -35.90 -49.33 -11.48
C ALA C 491 -35.10 -49.28 -12.78
N PHE C 492 -33.78 -49.40 -12.67
CA PHE C 492 -32.92 -49.37 -13.85
C PHE C 492 -33.22 -50.48 -14.83
N ARG C 493 -33.41 -51.69 -14.32
CA ARG C 493 -33.69 -52.84 -15.17
C ARG C 493 -35.00 -52.67 -15.94
N GLY C 494 -35.84 -51.75 -15.49
CA GLY C 494 -37.10 -51.48 -16.16
C GLY C 494 -36.90 -50.71 -17.46
N ALA D 2 -14.39 3.32 -32.14
CA ALA D 2 -13.48 2.25 -32.67
C ALA D 2 -12.95 1.45 -31.49
N LYS D 3 -12.14 0.42 -31.77
CA LYS D 3 -11.58 -0.36 -30.68
C LYS D 3 -10.68 0.62 -29.94
N ASN D 4 -10.78 0.63 -28.62
CA ASN D 4 -9.97 1.55 -27.83
C ASN D 4 -8.49 1.29 -28.01
N ASN D 5 -7.72 2.35 -27.88
CA ASN D 5 -6.28 2.28 -27.98
C ASN D 5 -5.77 3.44 -27.14
N ALA D 6 -6.41 3.61 -25.99
CA ALA D 6 -6.08 4.65 -25.02
C ALA D 6 -6.56 4.21 -23.65
N VAL D 7 -5.61 3.79 -22.80
CA VAL D 7 -5.95 3.34 -21.45
C VAL D 7 -5.17 4.13 -20.39
N ALA D 8 -5.90 4.68 -19.42
CA ALA D 8 -5.27 5.44 -18.34
C ALA D 8 -4.40 4.51 -17.51
N GLY D 9 -3.49 5.09 -16.72
CA GLY D 9 -2.59 4.33 -15.87
C GLY D 9 -3.18 3.04 -15.34
N PHE D 10 -2.47 1.94 -15.58
CA PHE D 10 -2.90 0.60 -15.20
C PHE D 10 -1.86 -0.10 -14.31
N ASN D 11 -2.30 -0.74 -13.24
CA ASN D 11 -1.40 -1.46 -12.35
C ASN D 11 -1.32 -2.92 -12.79
N ALA D 12 -0.11 -3.43 -13.00
CA ALA D 12 0.04 -4.81 -13.45
C ALA D 12 1.03 -5.70 -12.70
N LEU D 13 0.78 -7.00 -12.75
CA LEU D 13 1.66 -7.99 -12.13
C LEU D 13 2.11 -9.04 -13.16
N ASN D 14 3.39 -8.88 -13.50
CA ASN D 14 4.10 -9.73 -14.45
C ASN D 14 4.79 -10.90 -13.78
N GLY D 15 4.20 -12.07 -13.93
CA GLY D 15 4.79 -13.26 -13.35
C GLY D 15 4.11 -13.73 -12.09
N VAL D 16 4.92 -14.20 -11.14
CA VAL D 16 4.40 -14.70 -9.89
C VAL D 16 5.19 -14.11 -8.74
N GLU D 17 4.49 -13.46 -7.82
CA GLU D 17 5.15 -12.87 -6.67
C GLU D 17 4.99 -13.81 -5.47
N LEU D 18 6.10 -14.04 -4.77
CA LEU D 18 6.10 -14.89 -3.59
C LEU D 18 6.67 -14.08 -2.44
N ASN D 19 5.86 -13.87 -1.41
CA ASN D 19 6.29 -13.09 -0.25
C ASN D 19 6.40 -13.86 1.04
N LEU D 20 7.49 -13.57 1.77
CA LEU D 20 7.76 -14.22 3.04
C LEU D 20 7.89 -13.23 4.18
N PHE D 21 8.15 -11.97 3.85
CA PHE D 21 8.36 -10.96 4.90
C PHE D 21 7.76 -9.58 4.64
N THR D 22 7.59 -8.84 5.73
CA THR D 22 7.13 -7.46 5.68
C THR D 22 8.43 -6.72 5.98
N THR D 23 8.50 -5.45 5.63
CA THR D 23 9.71 -4.69 5.92
C THR D 23 10.04 -4.77 7.41
N ASP D 24 9.02 -4.67 8.25
CA ASP D 24 9.23 -4.75 9.69
C ASP D 24 9.99 -6.02 10.06
N GLU D 25 9.58 -7.15 9.49
CA GLU D 25 10.22 -8.40 9.80
C GLU D 25 11.65 -8.45 9.29
N LEU D 26 11.88 -7.92 8.09
CA LEU D 26 13.23 -7.89 7.54
C LEU D 26 14.14 -7.16 8.51
N LYS D 27 13.69 -6.02 9.00
CA LYS D 27 14.48 -5.24 9.93
C LYS D 27 14.71 -5.98 11.24
N ALA D 28 13.72 -6.75 11.68
CA ALA D 28 13.83 -7.51 12.93
C ALA D 28 14.99 -8.49 12.83
N ILE D 29 15.09 -9.16 11.69
CA ILE D 29 16.17 -10.10 11.45
C ILE D 29 17.49 -9.34 11.42
N HIS D 30 17.49 -8.18 10.77
CA HIS D 30 18.70 -7.36 10.69
C HIS D 30 19.24 -6.93 12.05
N TYR D 31 18.37 -6.34 12.89
CA TYR D 31 18.79 -5.90 14.21
C TYR D 31 19.36 -7.06 15.01
N ALA D 32 18.67 -8.19 14.96
CA ALA D 32 19.11 -9.39 15.67
C ALA D 32 20.51 -9.78 15.19
N THR D 33 20.78 -9.59 13.90
CA THR D 33 22.08 -9.94 13.34
C THR D 33 23.15 -8.96 13.82
N MET D 34 22.85 -7.66 13.79
CA MET D 34 23.78 -6.64 14.23
C MET D 34 24.13 -6.90 15.69
N GLU D 35 23.14 -7.41 16.41
CA GLU D 35 23.33 -7.74 17.81
C GLU D 35 24.31 -8.91 17.94
N VAL D 36 24.14 -9.93 17.12
CA VAL D 36 25.05 -11.07 17.18
C VAL D 36 26.46 -10.69 16.76
N LEU D 37 26.59 -9.82 15.74
CA LEU D 37 27.91 -9.40 15.28
C LEU D 37 28.74 -8.67 16.33
N MET D 38 28.08 -8.14 17.35
CA MET D 38 28.75 -7.41 18.42
C MET D 38 28.96 -8.30 19.63
N ASP D 39 28.18 -9.39 19.70
CA ASP D 39 28.26 -10.33 20.81
C ASP D 39 27.55 -11.61 20.44
N PRO D 40 28.29 -12.73 20.35
CA PRO D 40 29.72 -12.95 20.60
C PRO D 40 30.69 -12.29 19.64
N GLY D 41 30.26 -12.13 18.39
CA GLY D 41 31.14 -11.56 17.40
C GLY D 41 31.51 -12.74 16.50
N ILE D 42 32.59 -12.60 15.74
CA ILE D 42 33.00 -13.68 14.86
C ILE D 42 34.47 -14.03 14.98
N GLN D 43 34.74 -15.33 14.99
CA GLN D 43 36.10 -15.80 15.11
C GLN D 43 36.77 -15.82 13.73
N VAL D 44 37.70 -14.91 13.54
CA VAL D 44 38.45 -14.78 12.29
C VAL D 44 39.83 -15.39 12.54
N SER D 45 40.05 -16.59 12.03
CA SER D 45 41.30 -17.30 12.22
C SER D 45 42.49 -16.77 11.43
N ASP D 46 42.25 -16.26 10.24
CA ASP D 46 43.36 -15.73 9.46
C ASP D 46 43.81 -14.40 10.03
N PRO D 47 45.11 -14.29 10.36
CA PRO D 47 45.65 -13.04 10.93
C PRO D 47 45.63 -11.85 9.96
N GLU D 48 45.81 -12.09 8.67
CA GLU D 48 45.78 -11.00 7.71
C GLU D 48 44.38 -10.38 7.65
N ALA D 49 43.38 -11.23 7.79
CA ALA D 49 42.00 -10.79 7.77
C ALA D 49 41.71 -9.99 9.05
N ARG D 50 42.21 -10.45 10.19
CA ARG D 50 41.97 -9.75 11.44
C ARG D 50 42.52 -8.33 11.38
N GLN D 51 43.69 -8.18 10.77
CA GLN D 51 44.31 -6.87 10.64
C GLN D 51 43.45 -5.96 9.76
N ILE D 52 42.80 -6.53 8.74
CA ILE D 52 41.94 -5.74 7.87
C ILE D 52 40.77 -5.21 8.71
N PHE D 53 40.13 -6.10 9.46
CA PHE D 53 39.02 -5.70 10.33
C PHE D 53 39.45 -4.66 11.38
N LYS D 54 40.56 -4.93 12.06
CA LYS D 54 41.09 -4.04 13.11
C LYS D 54 41.32 -2.61 12.59
N GLU D 55 42.05 -2.51 11.48
CA GLU D 55 42.35 -1.23 10.84
C GLU D 55 41.12 -0.38 10.61
N ASN D 56 40.03 -1.02 10.22
CA ASN D 56 38.79 -0.33 9.89
C ASN D 56 37.77 -0.06 11.00
N GLY D 57 38.11 -0.40 12.24
CA GLY D 57 37.18 -0.11 13.33
C GLY D 57 36.69 -1.25 14.21
N CYS D 58 36.92 -2.49 13.82
CA CYS D 58 36.47 -3.62 14.62
C CYS D 58 37.33 -3.85 15.85
N GLU D 59 36.69 -4.33 16.91
CA GLU D 59 37.41 -4.66 18.14
C GLU D 59 37.90 -6.08 17.85
N VAL D 60 39.19 -6.34 18.09
CA VAL D 60 39.73 -7.67 17.85
C VAL D 60 40.48 -8.22 19.06
N ASN D 61 39.98 -9.33 19.60
CA ASN D 61 40.62 -9.98 20.73
C ASN D 61 41.67 -10.87 20.08
N GLU D 62 42.94 -10.49 20.22
CA GLU D 62 44.01 -11.25 19.59
C GLU D 62 44.32 -12.61 20.20
N LYS D 63 43.87 -12.86 21.42
CA LYS D 63 44.12 -14.14 22.05
C LYS D 63 43.05 -15.15 21.63
N THR D 64 41.81 -14.67 21.47
CA THR D 64 40.72 -15.55 21.08
C THR D 64 40.34 -15.43 19.61
N ASN D 65 40.97 -14.48 18.92
CA ASN D 65 40.72 -14.24 17.50
C ASN D 65 39.29 -13.78 17.21
N VAL D 66 38.56 -13.37 18.23
CA VAL D 66 37.21 -12.92 18.03
C VAL D 66 37.17 -11.46 17.57
N VAL D 67 36.37 -11.21 16.53
CA VAL D 67 36.20 -9.88 15.95
C VAL D 67 34.76 -9.42 16.16
N LYS D 68 34.58 -8.17 16.59
CA LYS D 68 33.23 -7.63 16.79
C LYS D 68 33.03 -6.57 15.72
N ILE D 69 32.13 -6.86 14.78
CA ILE D 69 31.86 -5.95 13.68
C ILE D 69 30.72 -4.97 13.94
N PRO D 70 31.04 -3.68 14.05
CA PRO D 70 30.01 -2.66 14.29
C PRO D 70 29.12 -2.47 13.06
N GLU D 71 27.86 -2.15 13.31
CA GLU D 71 26.91 -1.97 12.23
C GLU D 71 27.31 -1.00 11.11
N TYR D 72 28.04 0.07 11.43
CA TYR D 72 28.40 0.98 10.36
C TYR D 72 29.33 0.35 9.31
N LEU D 73 30.13 -0.63 9.71
CA LEU D 73 30.99 -1.30 8.74
C LEU D 73 30.15 -2.19 7.82
N VAL D 74 29.09 -2.79 8.36
CA VAL D 74 28.19 -3.60 7.55
C VAL D 74 27.55 -2.67 6.52
N ARG D 75 27.18 -1.47 6.96
CA ARG D 75 26.57 -0.48 6.07
C ARG D 75 27.56 -0.07 4.99
N LYS D 76 28.78 0.24 5.39
CA LYS D 76 29.81 0.65 4.44
C LYS D 76 30.02 -0.43 3.40
N ALA D 77 30.20 -1.67 3.86
CA ALA D 77 30.39 -2.78 2.94
C ALA D 77 29.25 -2.85 1.93
N LEU D 78 28.03 -2.80 2.42
CA LEU D 78 26.84 -2.87 1.58
C LEU D 78 26.75 -1.72 0.57
N GLN D 79 27.37 -0.60 0.87
CA GLN D 79 27.33 0.52 -0.05
C GLN D 79 28.45 0.41 -1.09
N LEU D 80 29.46 -0.41 -0.79
CA LEU D 80 30.57 -0.59 -1.70
C LEU D 80 30.33 -1.70 -2.71
N ALA D 81 29.70 -2.78 -2.24
CA ALA D 81 29.43 -3.93 -3.10
C ALA D 81 28.55 -3.59 -4.31
N PRO D 82 28.95 -4.05 -5.50
CA PRO D 82 28.16 -3.75 -6.70
C PRO D 82 26.84 -4.54 -6.69
N SER D 83 25.79 -3.97 -7.28
CA SER D 83 24.50 -4.64 -7.29
C SER D 83 24.43 -5.68 -8.38
N ARG D 84 25.42 -5.68 -9.27
N ARG D 84 25.41 -5.67 -9.29
CA ARG D 84 25.44 -6.62 -10.38
CA ARG D 84 25.45 -6.64 -10.36
C ARG D 84 26.83 -6.80 -10.97
C ARG D 84 26.84 -6.80 -10.96
N PHE D 85 27.02 -7.90 -11.69
CA PHE D 85 28.27 -8.20 -12.36
C PHE D 85 27.93 -9.32 -13.33
N VAL D 86 28.77 -9.51 -14.35
CA VAL D 86 28.50 -10.55 -15.33
C VAL D 86 29.49 -11.70 -15.32
N LEU D 87 28.97 -12.92 -15.33
CA LEU D 87 29.81 -14.11 -15.36
C LEU D 87 30.04 -14.42 -16.83
N TRP D 88 31.31 -14.50 -17.23
CA TRP D 88 31.58 -14.78 -18.64
C TRP D 88 31.89 -16.23 -18.94
N GLY D 89 31.61 -16.61 -20.17
CA GLY D 89 31.89 -17.95 -20.63
C GLY D 89 32.96 -17.77 -21.69
N ARG D 90 33.53 -18.87 -22.19
CA ARG D 90 34.53 -18.75 -23.23
C ARG D 90 33.72 -18.37 -24.46
N ASP D 91 32.45 -18.76 -24.42
CA ASP D 91 31.47 -18.48 -25.47
C ASP D 91 30.54 -17.40 -24.94
N LYS D 92 30.74 -16.17 -25.41
CA LYS D 92 29.94 -15.02 -24.98
C LYS D 92 28.45 -15.30 -24.85
N LYS D 93 27.93 -16.18 -25.70
CA LYS D 93 26.51 -16.52 -25.66
C LYS D 93 26.11 -17.19 -24.37
N PHE D 94 27.10 -17.54 -23.55
CA PHE D 94 26.81 -18.20 -22.29
C PHE D 94 26.93 -17.25 -21.11
N ASN D 95 27.30 -16.00 -21.38
CA ASN D 95 27.42 -14.99 -20.33
C ASN D 95 26.15 -14.94 -19.47
N THR D 96 26.33 -14.93 -18.16
CA THR D 96 25.21 -14.91 -17.23
C THR D 96 25.30 -13.73 -16.29
N VAL D 97 24.17 -13.07 -16.11
CA VAL D 97 24.11 -11.91 -15.25
C VAL D 97 23.63 -12.24 -13.85
N GLN D 98 24.28 -11.61 -12.87
CA GLN D 98 23.92 -11.79 -11.47
C GLN D 98 23.63 -10.39 -10.95
N GLU D 99 22.35 -10.12 -10.72
CA GLU D 99 21.90 -8.81 -10.32
C GLU D 99 20.89 -8.83 -9.19
N CYS D 100 20.96 -7.84 -8.31
CA CYS D 100 20.00 -7.74 -7.22
C CYS D 100 18.64 -7.63 -7.89
N GLY D 101 17.69 -8.43 -7.44
CA GLY D 101 16.37 -8.40 -8.04
C GLY D 101 15.91 -9.84 -8.18
N GLY D 102 14.94 -10.09 -9.06
CA GLY D 102 14.43 -11.44 -9.22
C GLY D 102 14.73 -12.18 -10.52
N LYS D 103 15.90 -11.94 -11.11
CA LYS D 103 16.25 -12.64 -12.34
C LYS D 103 16.92 -13.96 -11.97
N VAL D 104 16.14 -15.03 -12.04
CA VAL D 104 16.59 -16.36 -11.68
C VAL D 104 17.42 -17.09 -12.74
N HIS D 105 18.44 -17.80 -12.28
CA HIS D 105 19.34 -18.58 -13.15
C HIS D 105 19.67 -19.90 -12.43
N TRP D 106 20.11 -20.90 -13.18
CA TRP D 106 20.45 -22.19 -12.59
C TRP D 106 21.87 -22.66 -12.88
N THR D 107 22.40 -23.48 -11.97
CA THR D 107 23.73 -24.07 -12.13
C THR D 107 23.62 -25.45 -11.49
N CYS D 108 24.53 -26.35 -11.85
CA CYS D 108 24.49 -27.71 -11.32
C CYS D 108 24.97 -27.76 -9.88
N PHE D 109 24.72 -28.89 -9.23
CA PHE D 109 25.18 -29.08 -7.86
C PHE D 109 26.70 -29.09 -7.78
N GLY D 110 27.20 -28.90 -6.58
CA GLY D 110 28.63 -28.91 -6.33
C GLY D 110 28.81 -28.99 -4.82
N THR D 111 29.69 -29.86 -4.35
CA THR D 111 30.48 -30.75 -5.19
C THR D 111 30.54 -32.10 -4.48
N GLY D 112 30.03 -33.14 -5.13
CA GLY D 112 30.00 -34.47 -4.53
C GLY D 112 31.25 -35.33 -4.66
N VAL D 113 31.26 -36.44 -3.92
CA VAL D 113 32.40 -37.35 -3.95
C VAL D 113 32.05 -38.67 -4.65
N LYS D 114 30.82 -38.79 -5.12
CA LYS D 114 30.38 -40.00 -5.81
C LYS D 114 29.58 -39.70 -7.06
N VAL D 115 29.41 -40.72 -7.90
CA VAL D 115 28.65 -40.60 -9.15
C VAL D 115 27.69 -41.78 -9.30
N CYS D 116 26.49 -41.49 -9.80
CA CYS D 116 25.46 -42.50 -9.99
C CYS D 116 25.48 -42.95 -11.46
N LYS D 117 26.11 -44.09 -11.73
N LYS D 117 26.10 -44.09 -11.74
CA LYS D 117 26.20 -44.60 -13.10
CA LYS D 117 26.19 -44.58 -13.11
C LYS D 117 25.64 -46.02 -13.25
C LYS D 117 25.15 -45.66 -13.46
N TYR D 118 25.40 -46.43 -14.50
N TYR D 118 24.35 -45.38 -14.48
CA TYR D 118 24.84 -47.74 -14.82
CA TYR D 118 23.33 -46.31 -14.95
C TYR D 118 25.94 -48.78 -15.05
C TYR D 118 24.07 -47.41 -15.71
N GLN D 119 25.94 -49.84 -14.22
N GLN D 119 23.98 -48.64 -15.22
CA GLN D 119 26.94 -50.89 -14.34
CA GLN D 119 24.65 -49.77 -15.86
C GLN D 119 26.43 -52.10 -15.12
C GLN D 119 23.70 -50.58 -16.76
N ASP D 120 26.08 -53.17 -14.41
N ASP D 120 22.84 -51.38 -16.14
CA ASP D 120 25.59 -54.38 -15.05
CA ASP D 120 21.90 -52.21 -16.88
C ASP D 120 24.10 -54.57 -14.81
C ASP D 120 20.53 -52.18 -16.20
N GLY D 121 23.28 -53.73 -15.43
N GLY D 121 19.99 -50.98 -16.00
CA GLY D 121 21.85 -53.83 -15.28
CA GLY D 121 18.71 -50.84 -15.35
C GLY D 121 21.32 -53.18 -14.02
C GLY D 121 18.89 -50.51 -13.87
N LYS D 122 22.00 -52.13 -13.56
N LYS D 122 19.86 -51.18 -13.24
CA LYS D 122 21.59 -51.41 -12.35
CA LYS D 122 20.16 -50.95 -11.84
C LYS D 122 22.41 -50.14 -12.15
C LYS D 122 21.05 -49.72 -11.68
N TYR D 123 21.91 -49.24 -11.30
N TYR D 123 21.12 -49.20 -10.45
CA TYR D 123 22.61 -47.99 -11.01
CA TYR D 123 21.93 -48.01 -10.18
C TYR D 123 23.50 -48.17 -9.79
C TYR D 123 23.09 -48.28 -9.24
N VAL D 124 24.80 -48.00 -9.98
N VAL D 124 24.28 -47.86 -9.67
CA VAL D 124 25.76 -48.14 -8.90
CA VAL D 124 25.49 -48.03 -8.88
C VAL D 124 26.42 -46.81 -8.59
C VAL D 124 26.14 -46.68 -8.58
N THR D 125 26.44 -46.45 -7.31
CA THR D 125 27.07 -45.21 -6.88
C THR D 125 28.54 -45.48 -6.61
N VAL D 126 29.41 -44.84 -7.38
CA VAL D 126 30.85 -45.03 -7.25
C VAL D 126 31.59 -43.74 -6.94
N ASP D 127 32.84 -43.88 -6.52
CA ASP D 127 33.66 -42.71 -6.20
C ASP D 127 33.99 -41.94 -7.48
N SER D 128 33.96 -40.62 -7.39
CA SER D 128 34.24 -39.76 -8.55
C SER D 128 35.74 -39.58 -8.79
N VAL D 129 36.06 -39.17 -10.02
CA VAL D 129 37.45 -38.93 -10.42
C VAL D 129 37.44 -37.80 -11.43
N GLU D 130 38.60 -37.19 -11.65
CA GLU D 130 38.72 -36.06 -12.56
C GLU D 130 38.02 -36.31 -13.88
N LYS D 131 38.01 -37.57 -14.31
CA LYS D 131 37.39 -37.96 -15.57
C LYS D 131 35.90 -37.65 -15.54
N ASP D 132 35.26 -37.92 -14.40
CA ASP D 132 33.84 -37.66 -14.24
C ASP D 132 33.51 -36.18 -14.43
N ILE D 133 34.39 -35.31 -13.96
CA ILE D 133 34.19 -33.87 -14.10
C ILE D 133 34.12 -33.48 -15.57
N ALA D 134 35.01 -34.03 -16.38
CA ALA D 134 35.03 -33.73 -17.81
C ALA D 134 33.72 -34.14 -18.47
N ASP D 135 33.21 -35.32 -18.11
CA ASP D 135 31.97 -35.82 -18.67
C ASP D 135 30.77 -34.95 -18.28
N ILE D 136 30.68 -34.63 -16.99
CA ILE D 136 29.58 -33.81 -16.50
C ILE D 136 29.66 -32.41 -17.11
N ALA D 137 30.86 -31.90 -17.28
CA ALA D 137 31.05 -30.57 -17.86
C ALA D 137 30.49 -30.54 -19.28
N LYS D 138 30.63 -31.66 -19.97
CA LYS D 138 30.14 -31.79 -21.35
C LYS D 138 28.61 -31.83 -21.36
N LEU D 139 28.04 -32.55 -20.41
CA LEU D 139 26.59 -32.67 -20.31
C LEU D 139 25.95 -31.32 -19.98
N CYS D 140 26.53 -30.60 -19.02
CA CYS D 140 26.01 -29.31 -18.63
C CYS D 140 26.16 -28.29 -19.75
N ASP D 141 27.18 -28.47 -20.58
CA ASP D 141 27.45 -27.58 -21.70
C ASP D 141 26.26 -27.64 -22.65
N TRP D 142 25.62 -28.81 -22.68
CA TRP D 142 24.45 -29.07 -23.53
C TRP D 142 23.13 -28.61 -22.92
N ALA D 143 22.98 -28.82 -21.61
CA ALA D 143 21.77 -28.45 -20.88
C ALA D 143 21.53 -26.95 -20.91
N GLU D 144 20.54 -26.54 -21.69
CA GLU D 144 20.22 -25.13 -21.84
C GLU D 144 19.96 -24.35 -20.56
N ASN D 145 19.19 -24.92 -19.65
CA ASN D 145 18.85 -24.24 -18.41
C ASN D 145 19.96 -24.15 -17.39
N ILE D 146 21.10 -24.73 -17.70
CA ILE D 146 22.24 -24.68 -16.79
C ILE D 146 23.09 -23.49 -17.27
N ASP D 147 22.81 -22.32 -16.72
CA ASP D 147 23.50 -21.10 -17.11
C ASP D 147 25.01 -21.20 -17.05
N TYR D 148 25.54 -21.70 -15.94
CA TYR D 148 26.98 -21.88 -15.81
C TYR D 148 27.33 -23.14 -15.06
N PHE D 149 28.63 -23.46 -15.05
CA PHE D 149 29.14 -24.68 -14.44
C PHE D 149 29.78 -24.55 -13.07
N SER D 150 29.29 -25.35 -12.12
CA SER D 150 29.83 -25.38 -10.76
C SER D 150 30.43 -26.76 -10.50
N LEU D 151 31.70 -26.81 -10.08
CA LEU D 151 32.42 -28.07 -9.81
C LEU D 151 31.48 -29.15 -9.24
N PRO D 152 31.00 -30.06 -10.10
CA PRO D 152 30.09 -31.14 -9.73
C PRO D 152 30.64 -32.18 -8.77
N VAL D 153 31.80 -32.74 -9.08
CA VAL D 153 32.40 -33.75 -8.19
C VAL D 153 33.89 -33.53 -7.99
N SER D 154 34.42 -34.21 -6.97
CA SER D 154 35.82 -34.11 -6.63
C SER D 154 36.70 -35.03 -7.47
N ALA D 155 37.86 -34.51 -7.87
CA ALA D 155 38.83 -35.29 -8.64
C ALA D 155 39.63 -36.04 -7.58
N ARG D 156 38.95 -36.99 -6.93
CA ARG D 156 39.53 -37.79 -5.85
C ARG D 156 40.81 -38.52 -6.23
N ASP D 157 40.90 -38.97 -7.48
CA ASP D 157 42.08 -39.69 -7.94
C ASP D 157 43.35 -38.83 -7.99
N ILE D 158 43.19 -37.52 -7.86
CA ILE D 158 44.34 -36.60 -7.88
C ILE D 158 44.73 -36.28 -6.44
N ALA D 159 43.93 -36.76 -5.49
CA ALA D 159 44.20 -36.51 -4.08
C ALA D 159 45.61 -36.93 -3.66
N GLY D 160 46.33 -36.02 -3.02
CA GLY D 160 47.67 -36.30 -2.55
C GLY D 160 48.69 -36.51 -3.66
N GLN D 161 48.23 -36.52 -4.91
CA GLN D 161 49.10 -36.74 -6.06
C GLN D 161 49.60 -35.43 -6.66
N GLY D 162 48.90 -34.35 -6.36
CA GLY D 162 49.28 -33.05 -6.87
C GLY D 162 48.30 -32.01 -6.38
N ALA D 163 48.23 -30.88 -7.09
CA ALA D 163 47.31 -29.80 -6.73
C ALA D 163 45.91 -30.12 -7.32
N GLN D 164 45.18 -30.98 -6.62
CA GLN D 164 43.84 -31.40 -7.02
C GLN D 164 42.92 -30.24 -7.37
N ASP D 165 42.96 -29.20 -6.55
CA ASP D 165 42.12 -28.02 -6.76
C ASP D 165 42.44 -27.32 -8.06
N VAL D 166 43.69 -27.35 -8.50
CA VAL D 166 44.07 -26.71 -9.75
C VAL D 166 43.68 -27.61 -10.92
N HIS D 167 43.60 -28.91 -10.65
CA HIS D 167 43.18 -29.85 -11.68
C HIS D 167 41.69 -29.61 -11.86
N GLU D 168 41.01 -29.35 -10.75
CA GLU D 168 39.58 -29.11 -10.75
C GLU D 168 39.23 -27.75 -11.34
N THR D 169 40.24 -27.05 -11.86
CA THR D 169 40.03 -25.75 -12.47
C THR D 169 40.12 -25.86 -13.99
N LEU D 170 41.21 -26.44 -14.50
CA LEU D 170 41.38 -26.57 -15.93
C LEU D 170 40.48 -27.61 -16.60
N THR D 171 40.26 -28.74 -15.93
CA THR D 171 39.39 -29.75 -16.53
C THR D 171 38.03 -29.14 -16.87
N PRO D 172 37.37 -28.45 -15.90
CA PRO D 172 36.07 -27.86 -16.23
C PRO D 172 36.17 -26.83 -17.37
N LEU D 173 37.10 -25.88 -17.26
CA LEU D 173 37.27 -24.87 -18.31
C LEU D 173 37.48 -25.47 -19.69
N ALA D 174 38.11 -26.64 -19.73
CA ALA D 174 38.37 -27.28 -21.00
C ALA D 174 37.15 -28.01 -21.55
N ASN D 175 36.39 -28.65 -20.67
CA ASN D 175 35.22 -29.41 -21.09
C ASN D 175 33.87 -28.68 -21.24
N THR D 176 33.90 -27.36 -21.14
CA THR D 176 32.69 -26.56 -21.31
C THR D 176 33.08 -25.12 -21.59
N ALA D 177 32.29 -24.44 -22.41
CA ALA D 177 32.56 -23.06 -22.75
C ALA D 177 31.82 -22.11 -21.80
N LYS D 178 30.97 -22.66 -20.94
CA LYS D 178 30.21 -21.86 -19.97
C LYS D 178 31.09 -21.45 -18.80
N HIS D 179 30.63 -20.45 -18.06
CA HIS D 179 31.35 -19.93 -16.90
C HIS D 179 31.60 -21.03 -15.87
N PHE D 180 32.72 -20.92 -15.16
CA PHE D 180 33.02 -21.93 -14.15
C PHE D 180 33.06 -21.35 -12.74
N HIS D 181 32.31 -21.99 -11.86
CA HIS D 181 32.24 -21.58 -10.46
C HIS D 181 32.88 -22.71 -9.64
N HIS D 182 33.99 -22.40 -8.98
CA HIS D 182 34.72 -23.37 -8.18
C HIS D 182 34.24 -23.47 -6.72
N ILE D 183 33.60 -24.59 -6.41
CA ILE D 183 33.07 -24.83 -5.08
C ILE D 183 34.17 -25.16 -4.06
N ASP D 184 35.29 -25.73 -4.52
CA ASP D 184 36.37 -26.10 -3.62
C ASP D 184 37.71 -25.41 -3.84
N PRO D 185 37.75 -24.08 -3.77
CA PRO D 185 39.03 -23.40 -3.99
C PRO D 185 39.96 -23.45 -2.77
N VAL D 186 41.26 -23.33 -3.03
CA VAL D 186 42.26 -23.35 -1.97
C VAL D 186 42.93 -21.97 -1.85
N GLY D 187 42.68 -21.32 -0.73
CA GLY D 187 43.22 -20.00 -0.47
C GLY D 187 44.63 -19.73 -0.97
N GLU D 188 45.55 -20.65 -0.67
CA GLU D 188 46.94 -20.48 -1.07
C GLU D 188 47.17 -20.68 -2.56
N ASN D 189 46.21 -21.25 -3.26
CA ASN D 189 46.37 -21.50 -4.68
C ASN D 189 45.58 -20.58 -5.60
N VAL D 190 44.92 -19.56 -5.05
CA VAL D 190 44.14 -18.65 -5.87
C VAL D 190 45.01 -18.04 -6.98
N GLU D 191 46.29 -17.83 -6.71
CA GLU D 191 47.17 -17.27 -7.72
C GLU D 191 47.23 -18.13 -8.96
N TYR D 192 47.04 -19.45 -8.80
CA TYR D 192 47.06 -20.35 -9.95
C TYR D 192 45.81 -20.15 -10.78
N TYR D 193 44.65 -20.05 -10.12
CA TYR D 193 43.40 -19.85 -10.83
C TYR D 193 43.53 -18.56 -11.63
N ARG D 194 44.05 -17.52 -10.97
CA ARG D 194 44.25 -16.23 -11.63
C ARG D 194 45.14 -16.39 -12.84
N ASP D 195 46.24 -17.12 -12.67
CA ASP D 195 47.18 -17.35 -13.76
C ASP D 195 46.58 -18.14 -14.91
N ILE D 196 45.70 -19.10 -14.59
CA ILE D 196 45.08 -19.89 -15.64
C ILE D 196 44.26 -18.98 -16.54
N VAL D 197 43.39 -18.19 -15.92
CA VAL D 197 42.53 -17.27 -16.65
C VAL D 197 43.34 -16.25 -17.44
N LYS D 198 44.39 -15.71 -16.83
CA LYS D 198 45.25 -14.75 -17.51
C LYS D 198 45.84 -15.40 -18.77
N ALA D 199 46.16 -16.69 -18.64
CA ALA D 199 46.73 -17.45 -19.75
C ALA D 199 45.72 -17.60 -20.87
N TYR D 200 44.45 -17.84 -20.50
CA TYR D 200 43.38 -17.98 -21.49
C TYR D 200 43.24 -16.70 -22.31
N TYR D 201 43.45 -15.56 -21.64
CA TYR D 201 43.33 -14.27 -22.30
C TYR D 201 44.68 -13.79 -22.79
N GLY D 202 45.50 -14.74 -23.25
CA GLY D 202 46.82 -14.42 -23.78
C GLY D 202 47.72 -13.55 -22.91
N GLY D 203 47.69 -13.75 -21.60
CA GLY D 203 48.54 -12.98 -20.71
C GLY D 203 48.05 -11.59 -20.38
N ASP D 204 46.83 -11.25 -20.83
CA ASP D 204 46.25 -9.94 -20.58
C ASP D 204 45.36 -9.95 -19.34
N GLU D 205 45.93 -9.56 -18.20
CA GLU D 205 45.19 -9.56 -16.94
C GLU D 205 43.96 -8.65 -16.95
N GLU D 206 44.05 -7.50 -17.61
CA GLU D 206 42.90 -6.61 -17.66
C GLU D 206 41.73 -7.33 -18.30
N GLU D 207 42.00 -8.06 -19.37
CA GLU D 207 40.97 -8.81 -20.07
C GLU D 207 40.31 -9.81 -19.13
N ALA D 208 41.15 -10.52 -18.37
CA ALA D 208 40.67 -11.53 -17.42
C ALA D 208 39.78 -10.91 -16.35
N ARG D 209 40.13 -9.72 -15.93
CA ARG D 209 39.38 -9.00 -14.91
C ARG D 209 38.03 -8.53 -15.44
N LYS D 210 38.03 -8.08 -16.68
CA LYS D 210 36.82 -7.58 -17.32
C LYS D 210 35.88 -8.70 -17.72
N LYS D 211 36.43 -9.81 -18.21
CA LYS D 211 35.62 -10.94 -18.65
C LYS D 211 35.97 -12.20 -17.86
N PRO D 212 35.66 -12.22 -16.56
CA PRO D 212 35.95 -13.37 -15.68
C PRO D 212 35.20 -14.64 -16.03
N ILE D 213 35.94 -15.69 -16.37
CA ILE D 213 35.32 -16.96 -16.71
C ILE D 213 35.36 -17.88 -15.51
N PHE D 214 35.97 -17.40 -14.43
CA PHE D 214 36.11 -18.18 -13.22
C PHE D 214 35.72 -17.38 -11.98
N SER D 215 35.00 -18.05 -11.07
CA SER D 215 34.59 -17.44 -9.81
C SER D 215 34.65 -18.55 -8.78
N MET D 216 34.65 -18.20 -7.50
CA MET D 216 34.76 -19.20 -6.44
C MET D 216 33.83 -18.98 -5.26
N LEU D 217 33.61 -20.05 -4.51
CA LEU D 217 32.74 -20.07 -3.34
C LEU D 217 33.52 -20.44 -2.07
N LEU D 218 33.05 -19.94 -0.92
CA LEU D 218 33.67 -20.23 0.36
C LEU D 218 32.55 -20.31 1.39
N CYS D 219 32.77 -21.08 2.45
CA CYS D 219 31.76 -21.21 3.47
C CYS D 219 32.20 -20.80 4.85
N PRO D 220 31.49 -19.86 5.47
CA PRO D 220 31.89 -19.48 6.83
C PRO D 220 31.63 -20.75 7.63
N THR D 221 32.36 -20.97 8.72
CA THR D 221 32.13 -22.18 9.51
C THR D 221 31.13 -21.89 10.63
N SER D 222 29.96 -22.55 10.55
CA SER D 222 28.89 -22.38 11.53
C SER D 222 29.16 -23.13 12.84
N PRO D 223 28.93 -22.45 13.98
CA PRO D 223 28.42 -21.08 14.00
C PRO D 223 29.46 -19.97 14.20
N LEU D 224 29.25 -18.86 13.49
CA LEU D 224 30.06 -17.66 13.61
C LEU D 224 31.59 -17.72 13.49
N GLU D 225 32.09 -18.40 12.46
CA GLU D 225 33.54 -18.48 12.26
C GLU D 225 33.94 -18.27 10.81
N LEU D 226 35.14 -17.72 10.62
CA LEU D 226 35.70 -17.55 9.28
C LEU D 226 37.05 -18.25 9.37
N SER D 227 37.18 -19.37 8.65
CA SER D 227 38.42 -20.14 8.65
C SER D 227 39.52 -19.41 7.90
N VAL D 228 40.74 -19.90 8.05
CA VAL D 228 41.87 -19.28 7.37
C VAL D 228 41.67 -19.37 5.86
N ASN D 229 41.27 -20.54 5.38
CA ASN D 229 41.05 -20.72 3.95
C ASN D 229 40.03 -19.73 3.42
N ALA D 230 38.86 -19.67 4.06
CA ALA D 230 37.80 -18.77 3.66
C ALA D 230 38.27 -17.32 3.56
N CYS D 231 39.02 -16.86 4.56
CA CYS D 231 39.51 -15.48 4.57
C CYS D 231 40.45 -15.22 3.39
N GLN D 232 41.26 -16.21 3.03
CA GLN D 232 42.20 -16.04 1.94
C GLN D 232 41.49 -16.10 0.59
N VAL D 233 40.44 -16.90 0.51
CA VAL D 233 39.69 -16.98 -0.74
C VAL D 233 39.09 -15.58 -0.97
N ILE D 234 38.47 -15.03 0.08
CA ILE D 234 37.87 -13.70 0.02
C ILE D 234 38.87 -12.61 -0.35
N ILE D 235 39.96 -12.53 0.41
CA ILE D 235 40.97 -11.51 0.18
C ILE D 235 41.61 -11.59 -1.21
N LYS D 236 41.92 -12.79 -1.66
CA LYS D 236 42.54 -12.94 -2.97
C LYS D 236 41.53 -12.77 -4.10
N GLY D 237 40.28 -13.13 -3.82
CA GLY D 237 39.26 -12.96 -4.83
C GLY D 237 39.06 -11.47 -5.07
N ALA D 238 39.04 -10.71 -3.98
CA ALA D 238 38.85 -9.27 -4.06
C ALA D 238 40.01 -8.59 -4.76
N ARG D 239 41.23 -8.93 -4.35
CA ARG D 239 42.42 -8.33 -4.94
C ARG D 239 42.69 -8.73 -6.38
N PHE D 240 42.26 -9.91 -6.80
CA PHE D 240 42.51 -10.35 -8.17
C PHE D 240 41.32 -10.10 -9.09
N GLY D 241 40.21 -9.65 -8.49
CA GLY D 241 39.02 -9.38 -9.27
C GLY D 241 38.31 -10.64 -9.73
N ILE D 242 38.16 -11.59 -8.81
CA ILE D 242 37.47 -12.85 -9.09
C ILE D 242 36.21 -12.85 -8.23
N PRO D 243 35.05 -13.00 -8.86
CA PRO D 243 33.79 -13.01 -8.12
C PRO D 243 33.81 -14.02 -6.97
N VAL D 244 33.45 -13.57 -5.77
CA VAL D 244 33.43 -14.44 -4.61
C VAL D 244 32.04 -14.62 -4.00
N ASN D 245 31.65 -15.89 -3.87
CA ASN D 245 30.35 -16.27 -3.34
C ASN D 245 30.46 -16.69 -1.86
N VAL D 246 30.00 -15.83 -0.96
CA VAL D 246 30.03 -16.11 0.48
C VAL D 246 28.76 -16.88 0.84
N LEU D 247 28.85 -18.20 0.84
CA LEU D 247 27.70 -19.05 1.11
C LEU D 247 27.71 -19.76 2.46
N SER D 248 26.62 -19.61 3.20
CA SER D 248 26.47 -20.22 4.53
C SER D 248 26.13 -21.72 4.46
N MET D 249 26.36 -22.40 5.56
CA MET D 249 26.08 -23.83 5.67
C MET D 249 25.61 -24.19 7.07
N ALA D 250 24.85 -23.30 7.69
CA ALA D 250 24.35 -23.54 9.04
C ALA D 250 23.34 -24.69 9.01
N MET D 251 22.98 -25.18 10.20
CA MET D 251 22.09 -26.31 10.32
C MET D 251 21.17 -26.17 11.54
N SER D 252 19.88 -25.91 11.29
CA SER D 252 18.90 -25.74 12.35
C SER D 252 18.92 -26.88 13.34
N GLY D 253 19.03 -26.56 14.62
CA GLY D 253 19.05 -27.58 15.66
C GLY D 253 20.43 -28.21 15.79
N GLY D 254 21.37 -27.74 14.98
CA GLY D 254 22.73 -28.23 15.01
C GLY D 254 23.70 -27.09 15.27
N SER D 255 23.93 -26.27 14.26
CA SER D 255 24.82 -25.13 14.37
C SER D 255 24.05 -23.80 14.50
N SER D 256 22.73 -23.89 14.51
CA SER D 256 21.89 -22.70 14.64
C SER D 256 20.55 -23.12 15.23
N PRO D 257 19.75 -22.15 15.70
CA PRO D 257 18.44 -22.46 16.30
C PRO D 257 17.57 -23.39 15.45
N VAL D 258 16.64 -24.10 16.11
CA VAL D 258 15.72 -24.98 15.41
C VAL D 258 14.86 -24.11 14.50
N TYR D 259 14.36 -23.00 15.06
CA TYR D 259 13.53 -22.05 14.32
C TYR D 259 14.26 -21.53 13.09
N LEU D 260 13.52 -21.32 12.02
CA LEU D 260 14.13 -20.83 10.79
C LEU D 260 14.59 -19.37 10.89
N ALA D 261 13.80 -18.54 11.53
CA ALA D 261 14.16 -17.12 11.67
C ALA D 261 15.50 -17.02 12.37
N GLY D 262 15.66 -17.76 13.47
CA GLY D 262 16.91 -17.74 14.21
C GLY D 262 18.07 -18.27 13.38
N THR D 263 17.77 -19.24 12.52
CA THR D 263 18.79 -19.82 11.65
C THR D 263 19.24 -18.77 10.64
N LEU D 264 18.29 -18.01 10.11
CA LEU D 264 18.61 -16.97 9.13
C LEU D 264 19.50 -15.91 9.79
N VAL D 265 19.36 -15.75 11.10
CA VAL D 265 20.16 -14.77 11.82
C VAL D 265 21.61 -15.22 11.86
N THR D 266 21.82 -16.49 12.16
CA THR D 266 23.16 -17.07 12.22
C THR D 266 23.76 -16.97 10.83
N HIS D 267 22.96 -17.34 9.84
CA HIS D 267 23.38 -17.28 8.45
C HIS D 267 23.75 -15.85 8.10
N ASN D 268 22.88 -14.91 8.45
CA ASN D 268 23.10 -13.50 8.13
C ASN D 268 24.39 -12.95 8.73
N ALA D 269 24.66 -13.32 9.99
CA ALA D 269 25.87 -12.84 10.67
C ALA D 269 27.14 -13.35 9.97
N GLU D 270 27.13 -14.62 9.62
CA GLU D 270 28.28 -15.24 8.96
C GLU D 270 28.53 -14.67 7.56
N VAL D 271 27.48 -14.66 6.73
CA VAL D 271 27.62 -14.15 5.37
C VAL D 271 28.02 -12.68 5.34
N LEU D 272 27.42 -11.87 6.21
CA LEU D 272 27.76 -10.46 6.22
C LEU D 272 29.20 -10.24 6.66
N SER D 273 29.71 -11.10 7.55
CA SER D 273 31.10 -10.94 7.98
C SER D 273 32.03 -11.12 6.80
N GLY D 274 31.76 -12.15 5.99
CA GLY D 274 32.58 -12.39 4.82
C GLY D 274 32.53 -11.23 3.83
N ILE D 275 31.32 -10.76 3.54
CA ILE D 275 31.15 -9.65 2.61
C ILE D 275 31.87 -8.42 3.11
N VAL D 276 31.80 -8.17 4.42
CA VAL D 276 32.48 -7.02 4.99
C VAL D 276 33.98 -7.13 4.75
N LEU D 277 34.54 -8.31 5.00
CA LEU D 277 35.97 -8.51 4.81
C LEU D 277 36.29 -8.20 3.35
N ALA D 278 35.44 -8.70 2.45
CA ALA D 278 35.62 -8.51 1.03
C ALA D 278 35.68 -7.03 0.66
N GLN D 279 34.66 -6.28 1.05
CA GLN D 279 34.62 -4.86 0.73
C GLN D 279 35.73 -4.07 1.41
N LEU D 280 36.15 -4.51 2.60
CA LEU D 280 37.21 -3.81 3.33
C LEU D 280 38.57 -4.01 2.65
N THR D 281 38.74 -5.14 1.97
CA THR D 281 39.98 -5.44 1.28
C THR D 281 40.06 -4.61 0.00
N VAL D 282 39.06 -4.79 -0.85
CA VAL D 282 38.98 -4.05 -2.10
C VAL D 282 37.57 -3.52 -2.32
N PRO D 283 37.36 -2.22 -2.08
CA PRO D 283 36.05 -1.62 -2.26
C PRO D 283 35.50 -1.87 -3.65
N GLY D 284 34.29 -2.41 -3.72
CA GLY D 284 33.68 -2.69 -5.00
C GLY D 284 33.87 -4.12 -5.48
N ALA D 285 34.40 -4.98 -4.62
CA ALA D 285 34.63 -6.38 -4.97
C ALA D 285 33.31 -7.03 -5.34
N LYS D 286 33.33 -7.85 -6.39
CA LYS D 286 32.12 -8.53 -6.82
C LYS D 286 31.83 -9.69 -5.87
N VAL D 287 30.67 -9.65 -5.21
CA VAL D 287 30.28 -10.70 -4.28
C VAL D 287 28.83 -11.15 -4.35
N TRP D 288 28.60 -12.38 -3.90
CA TRP D 288 27.28 -13.00 -3.84
C TRP D 288 26.91 -13.13 -2.37
N TYR D 289 25.61 -13.09 -2.10
CA TYR D 289 25.09 -13.27 -0.75
C TYR D 289 24.46 -14.65 -0.93
N GLY D 290 25.11 -15.69 -0.41
CA GLY D 290 24.60 -17.04 -0.62
C GLY D 290 24.29 -17.95 0.57
N SER D 291 23.64 -19.06 0.26
CA SER D 291 23.27 -20.01 1.29
C SER D 291 22.88 -21.40 0.81
N SER D 292 23.22 -22.37 1.64
CA SER D 292 22.87 -23.77 1.42
C SER D 292 22.55 -24.26 2.82
N THR D 293 22.32 -23.30 3.72
CA THR D 293 21.97 -23.56 5.10
C THR D 293 20.69 -24.36 5.06
N THR D 294 20.57 -25.33 5.97
CA THR D 294 19.38 -26.16 5.97
C THR D 294 19.02 -26.57 7.38
N THR D 295 18.11 -27.54 7.50
CA THR D 295 17.69 -28.03 8.81
C THR D 295 18.33 -29.38 9.10
N PHE D 296 18.62 -29.63 10.37
CA PHE D 296 19.18 -30.91 10.77
C PHE D 296 18.00 -31.79 11.16
N ASP D 297 18.01 -33.05 10.73
CA ASP D 297 16.92 -33.98 11.06
C ASP D 297 17.33 -34.85 12.24
N LEU D 298 17.00 -34.39 13.44
CA LEU D 298 17.33 -35.08 14.68
C LEU D 298 16.93 -36.56 14.63
N LYS D 299 15.75 -36.83 14.09
CA LYS D 299 15.22 -38.17 13.99
C LYS D 299 15.86 -39.11 12.96
N LYS D 300 16.77 -38.60 12.13
CA LYS D 300 17.43 -39.44 11.12
C LYS D 300 18.95 -39.35 11.19
N GLY D 301 19.44 -38.31 11.86
CA GLY D 301 20.88 -38.12 11.98
C GLY D 301 21.51 -37.56 10.72
N THR D 302 20.68 -37.01 9.84
CA THR D 302 21.17 -36.42 8.60
C THR D 302 20.71 -34.96 8.45
N ALA D 303 21.31 -34.28 7.49
CA ALA D 303 20.94 -32.89 7.19
C ALA D 303 20.20 -32.93 5.86
N PRO D 304 18.89 -33.23 5.90
CA PRO D 304 18.06 -33.32 4.69
C PRO D 304 18.09 -32.00 3.92
N VAL D 305 18.18 -32.12 2.60
CA VAL D 305 18.24 -30.93 1.77
C VAL D 305 17.24 -31.00 0.63
N GLY D 306 16.28 -31.91 0.76
CA GLY D 306 15.23 -32.06 -0.23
C GLY D 306 13.91 -31.73 0.46
N SER D 307 14.06 -31.17 1.66
CA SER D 307 12.95 -30.79 2.53
C SER D 307 12.40 -29.40 2.25
N PRO D 308 11.18 -29.11 2.75
CA PRO D 308 10.58 -27.80 2.55
C PRO D 308 11.38 -26.71 3.28
N GLU D 309 12.10 -27.09 4.33
CA GLU D 309 12.90 -26.13 5.07
C GLU D 309 14.05 -25.61 4.21
N LEU D 310 14.67 -26.47 3.42
CA LEU D 310 15.76 -25.99 2.56
C LEU D 310 15.18 -24.97 1.59
N GLY D 311 14.02 -25.31 1.02
CA GLY D 311 13.34 -24.42 0.08
C GLY D 311 12.98 -23.08 0.71
N LEU D 312 12.36 -23.12 1.89
CA LEU D 312 12.00 -21.89 2.59
C LEU D 312 13.23 -21.06 2.94
N ILE D 313 14.26 -21.71 3.47
CA ILE D 313 15.47 -21.00 3.86
C ILE D 313 16.15 -20.32 2.66
N SER D 314 16.24 -21.04 1.55
CA SER D 314 16.86 -20.50 0.35
C SER D 314 16.03 -19.35 -0.22
N ALA D 315 14.71 -19.50 -0.16
CA ALA D 315 13.82 -18.46 -0.65
C ALA D 315 13.98 -17.22 0.24
N ALA D 316 14.05 -17.47 1.55
CA ALA D 316 14.22 -16.40 2.53
C ALA D 316 15.54 -15.67 2.28
N VAL D 317 16.58 -16.45 2.00
CA VAL D 317 17.89 -15.88 1.75
C VAL D 317 17.87 -14.99 0.50
N ALA D 318 17.10 -15.39 -0.51
CA ALA D 318 16.99 -14.58 -1.71
C ALA D 318 16.31 -13.26 -1.35
N LYS D 319 15.25 -13.34 -0.53
CA LYS D 319 14.53 -12.14 -0.11
C LYS D 319 15.45 -11.23 0.70
N LEU D 320 16.31 -11.83 1.54
CA LEU D 320 17.25 -11.06 2.34
C LEU D 320 18.29 -10.36 1.44
N ALA D 321 18.75 -11.04 0.39
CA ALA D 321 19.73 -10.46 -0.54
C ALA D 321 19.10 -9.29 -1.31
N GLN D 322 17.84 -9.46 -1.68
CA GLN D 322 17.13 -8.41 -2.40
C GLN D 322 17.02 -7.23 -1.44
N PHE D 323 16.74 -7.53 -0.18
CA PHE D 323 16.62 -6.52 0.86
C PHE D 323 17.95 -5.75 1.04
N TYR D 324 19.06 -6.46 0.94
CA TYR D 324 20.37 -5.84 1.10
C TYR D 324 21.00 -5.27 -0.16
N GLY D 325 20.39 -5.53 -1.31
CA GLY D 325 20.93 -5.00 -2.57
C GLY D 325 21.96 -5.88 -3.27
N LEU D 326 22.11 -7.11 -2.82
CA LEU D 326 23.10 -8.00 -3.41
C LEU D 326 22.53 -9.14 -4.23
N PRO D 327 23.36 -9.71 -5.13
CA PRO D 327 22.93 -10.83 -5.97
C PRO D 327 22.92 -12.05 -5.02
N SER D 328 22.03 -13.01 -5.24
CA SER D 328 21.98 -14.19 -4.37
C SER D 328 22.35 -15.49 -5.09
N TYR D 329 22.81 -16.46 -4.30
CA TYR D 329 23.21 -17.78 -4.78
C TYR D 329 22.77 -18.75 -3.68
N VAL D 330 21.72 -19.51 -3.93
CA VAL D 330 21.22 -20.42 -2.91
C VAL D 330 21.04 -21.84 -3.41
N ALA D 331 20.87 -22.75 -2.47
CA ALA D 331 20.69 -24.15 -2.80
C ALA D 331 19.25 -24.36 -3.22
N GLY D 332 19.05 -25.20 -4.22
CA GLY D 332 17.71 -25.50 -4.71
C GLY D 332 17.82 -26.63 -5.69
N SER D 333 16.70 -27.29 -5.97
CA SER D 333 16.72 -28.42 -6.89
C SER D 333 17.58 -29.53 -6.28
CA PYL D 334 18.12 -30.79 -4.27
C PYL D 334 17.22 -31.92 -3.79
N PYL D 334 17.36 -29.77 -4.99
N SER D 335 17.82 -33.03 -3.40
CA SER D 335 17.07 -34.18 -2.91
C SER D 335 17.89 -35.04 -1.97
N ASP D 336 17.19 -35.87 -1.20
CA ASP D 336 17.82 -36.77 -0.24
C ASP D 336 17.64 -38.21 -0.70
N ALA D 337 17.02 -38.37 -1.87
CA ALA D 337 16.78 -39.69 -2.44
C ALA D 337 18.08 -40.27 -3.01
N LYS D 338 18.22 -41.59 -2.90
CA LYS D 338 19.41 -42.29 -3.38
C LYS D 338 19.35 -42.67 -4.86
N VAL D 339 18.19 -42.55 -5.48
CA VAL D 339 18.01 -42.88 -6.90
C VAL D 339 17.02 -41.93 -7.53
N PRO D 340 17.05 -41.81 -8.87
CA PRO D 340 16.12 -40.90 -9.56
C PRO D 340 14.68 -41.42 -9.58
N ASP D 341 14.03 -41.42 -8.42
CA ASP D 341 12.67 -41.92 -8.30
C ASP D 341 11.62 -40.85 -8.00
N ASP D 342 10.42 -41.31 -7.67
CA ASP D 342 9.28 -40.45 -7.35
C ASP D 342 9.65 -39.42 -6.28
N GLN D 343 10.52 -39.82 -5.34
CA GLN D 343 10.95 -38.90 -4.29
C GLN D 343 11.81 -37.79 -4.88
N ALA D 344 12.83 -38.14 -5.63
CA ALA D 344 13.72 -37.15 -6.23
C ALA D 344 12.92 -36.07 -6.96
N GLY D 345 11.93 -36.50 -7.74
CA GLY D 345 11.11 -35.57 -8.49
C GLY D 345 10.44 -34.54 -7.60
N HIS D 346 9.75 -35.04 -6.57
CA HIS D 346 9.05 -34.18 -5.62
C HIS D 346 9.98 -33.18 -4.94
N GLU D 347 11.05 -33.70 -4.32
CA GLU D 347 11.98 -32.85 -3.60
C GLU D 347 12.65 -31.84 -4.51
N LYS D 348 13.10 -32.29 -5.67
CA LYS D 348 13.75 -31.39 -6.61
C LYS D 348 12.84 -30.20 -6.90
N THR D 349 11.57 -30.49 -7.16
CA THR D 349 10.58 -29.47 -7.47
C THR D 349 10.25 -28.56 -6.28
N MET D 350 10.13 -29.15 -5.10
CA MET D 350 9.83 -28.37 -3.89
C MET D 350 10.94 -27.37 -3.56
N THR D 351 12.18 -27.83 -3.63
CA THR D 351 13.33 -26.99 -3.31
C THR D 351 13.78 -26.07 -4.42
N THR D 352 13.19 -26.19 -5.60
CA THR D 352 13.61 -25.30 -6.67
C THR D 352 12.56 -24.22 -6.87
N LEU D 353 11.29 -24.61 -6.77
CA LEU D 353 10.17 -23.69 -6.97
C LEU D 353 10.08 -22.53 -5.98
N LEU D 354 10.28 -22.81 -4.69
CA LEU D 354 10.22 -21.75 -3.69
C LEU D 354 11.29 -20.69 -3.92
N PRO D 355 12.55 -21.09 -4.13
CA PRO D 355 13.62 -20.12 -4.36
C PRO D 355 13.47 -19.38 -5.70
N ALA D 356 12.97 -20.08 -6.71
CA ALA D 356 12.79 -19.49 -8.03
C ALA D 356 11.71 -18.41 -8.01
N LEU D 357 10.55 -18.75 -7.44
CA LEU D 357 9.46 -17.79 -7.35
C LEU D 357 9.87 -16.61 -6.46
N ALA D 358 10.72 -16.88 -5.47
CA ALA D 358 11.20 -15.83 -4.57
C ALA D 358 12.17 -14.91 -5.30
N GLY D 359 12.80 -15.41 -6.37
CA GLY D 359 13.73 -14.60 -7.13
C GLY D 359 15.24 -14.83 -6.94
N ALA D 360 15.63 -16.02 -6.46
CA ALA D 360 17.06 -16.32 -6.27
C ALA D 360 17.77 -16.15 -7.62
N ASN D 361 18.91 -15.47 -7.61
CA ASN D 361 19.64 -15.20 -8.85
C ASN D 361 20.36 -16.42 -9.43
N THR D 362 20.74 -17.33 -8.54
CA THR D 362 21.36 -18.59 -8.94
C THR D 362 20.87 -19.64 -7.98
N ILE D 363 20.32 -20.72 -8.52
CA ILE D 363 19.85 -21.83 -7.71
C ILE D 363 20.73 -23.01 -8.11
N TYR D 364 21.46 -23.58 -7.16
CA TYR D 364 22.35 -24.70 -7.48
C TYR D 364 21.92 -25.98 -6.77
N GLY D 365 22.07 -27.10 -7.47
CA GLY D 365 21.70 -28.39 -6.91
C GLY D 365 21.32 -29.38 -8.00
N ALA D 366 21.07 -28.85 -9.19
CA ALA D 366 20.67 -29.68 -10.33
C ALA D 366 21.63 -30.85 -10.53
N GLY D 367 21.06 -32.04 -10.66
CA GLY D 367 21.86 -33.23 -10.86
C GLY D 367 22.25 -33.90 -9.56
N MET D 368 22.06 -33.21 -8.44
CA MET D 368 22.42 -33.77 -7.15
C MET D 368 21.47 -34.85 -6.66
N LEU D 369 22.00 -35.73 -5.83
CA LEU D 369 21.25 -36.82 -5.23
C LEU D 369 21.94 -37.23 -3.94
N GLU D 370 21.21 -37.95 -3.09
CA GLU D 370 21.79 -38.46 -1.85
C GLU D 370 22.35 -37.38 -0.91
N LEU D 371 21.48 -36.45 -0.51
CA LEU D 371 21.85 -35.38 0.41
C LEU D 371 23.15 -34.63 0.09
N GLY D 372 23.45 -34.48 -1.20
CA GLY D 372 24.66 -33.75 -1.59
C GLY D 372 25.93 -34.58 -1.58
N MET D 373 25.78 -35.88 -1.80
CA MET D 373 26.92 -36.80 -1.80
C MET D 373 27.21 -37.30 -3.21
N THR D 374 26.13 -37.55 -3.95
CA THR D 374 26.22 -38.08 -5.29
C THR D 374 25.71 -37.15 -6.37
N PHE D 375 26.22 -37.35 -7.59
CA PHE D 375 25.80 -36.58 -8.75
C PHE D 375 25.29 -37.61 -9.78
N SER D 376 24.10 -37.39 -10.33
CA SER D 376 23.51 -38.28 -11.32
C SER D 376 23.29 -37.55 -12.64
N MET D 377 23.83 -38.10 -13.72
CA MET D 377 23.66 -37.48 -15.03
C MET D 377 22.22 -37.57 -15.47
N GLU D 378 21.54 -38.64 -15.05
CA GLU D 378 20.14 -38.81 -15.41
C GLU D 378 19.31 -37.72 -14.74
N GLN D 379 19.56 -37.50 -13.46
CA GLN D 379 18.82 -36.50 -12.71
C GLN D 379 19.15 -35.08 -13.22
N LEU D 380 20.36 -34.91 -13.75
CA LEU D 380 20.74 -33.60 -14.27
C LEU D 380 19.82 -33.20 -15.42
N VAL D 381 19.68 -34.09 -16.41
CA VAL D 381 18.83 -33.79 -17.56
C VAL D 381 17.37 -33.76 -17.15
N ILE D 382 17.03 -34.49 -16.09
CA ILE D 382 15.66 -34.49 -15.62
C ILE D 382 15.40 -33.10 -15.04
N ASP D 383 16.31 -32.66 -14.16
CA ASP D 383 16.18 -31.34 -13.53
C ASP D 383 16.15 -30.21 -14.59
N ASN D 384 16.97 -30.37 -15.62
CA ASN D 384 17.03 -29.35 -16.66
C ASN D 384 15.68 -29.19 -17.31
N ASP D 385 15.01 -30.31 -17.55
CA ASP D 385 13.70 -30.25 -18.15
C ASP D 385 12.75 -29.60 -17.15
N ILE D 386 12.94 -29.88 -15.87
CA ILE D 386 12.07 -29.30 -14.85
C ILE D 386 12.17 -27.77 -14.88
N PHE D 387 13.39 -27.23 -14.94
CA PHE D 387 13.56 -25.79 -14.98
C PHE D 387 12.80 -25.17 -16.14
N SER D 388 12.66 -25.92 -17.24
CA SER D 388 11.92 -25.40 -18.37
C SER D 388 10.44 -25.25 -18.01
N MET D 389 9.95 -26.17 -17.18
CA MET D 389 8.56 -26.10 -16.76
C MET D 389 8.42 -24.97 -15.75
N VAL D 390 9.43 -24.77 -14.92
CA VAL D 390 9.40 -23.72 -13.93
C VAL D 390 9.40 -22.34 -14.60
N LYS D 391 10.22 -22.18 -15.64
CA LYS D 391 10.28 -20.91 -16.34
C LYS D 391 8.93 -20.56 -16.96
N LYS D 392 8.16 -21.57 -17.34
CA LYS D 392 6.84 -21.35 -17.92
C LYS D 392 5.89 -20.87 -16.84
N ALA D 393 5.95 -21.51 -15.67
CA ALA D 393 5.12 -21.15 -14.54
C ALA D 393 5.40 -19.70 -14.12
N MET D 394 6.68 -19.32 -14.13
CA MET D 394 7.08 -17.97 -13.75
C MET D 394 6.48 -16.90 -14.66
N GLN D 395 5.82 -17.33 -15.73
CA GLN D 395 5.19 -16.41 -16.66
C GLN D 395 3.87 -15.93 -16.02
N GLY D 396 3.39 -16.68 -15.02
CA GLY D 396 2.15 -16.34 -14.36
C GLY D 396 1.08 -16.06 -15.40
N ILE D 397 0.09 -15.25 -15.04
CA ILE D 397 -0.96 -14.88 -15.98
C ILE D 397 -0.80 -13.44 -16.49
N PRO D 398 -0.49 -13.32 -17.78
CA PRO D 398 -0.30 -12.01 -18.43
C PRO D 398 -1.70 -11.50 -18.79
N VAL D 399 -2.08 -10.37 -18.22
CA VAL D 399 -3.40 -9.83 -18.50
C VAL D 399 -3.31 -8.62 -19.44
N SER D 400 -3.98 -8.71 -20.57
CA SER D 400 -4.01 -7.63 -21.56
C SER D 400 -5.21 -7.88 -22.44
N GLU D 401 -5.62 -6.86 -23.18
CA GLU D 401 -6.77 -7.01 -24.06
C GLU D 401 -6.54 -8.21 -24.98
N GLU D 402 -5.32 -8.37 -25.47
CA GLU D 402 -5.03 -9.48 -26.34
C GLU D 402 -5.10 -10.84 -25.65
N THR D 403 -4.52 -10.97 -24.47
CA THR D 403 -4.56 -12.27 -23.78
C THR D 403 -5.95 -12.62 -23.27
N LEU D 404 -6.78 -11.62 -23.04
CA LEU D 404 -8.15 -11.86 -22.59
C LEU D 404 -8.92 -12.46 -23.76
N ALA D 405 -8.53 -12.05 -24.96
CA ALA D 405 -9.09 -12.53 -26.22
C ALA D 405 -10.60 -12.70 -26.31
N VAL D 406 -11.37 -11.68 -25.91
CA VAL D 406 -12.81 -11.78 -25.98
C VAL D 406 -13.31 -12.02 -27.42
N GLU D 407 -12.76 -11.28 -28.37
CA GLU D 407 -13.14 -11.45 -29.76
C GLU D 407 -12.99 -12.91 -30.21
N SER D 408 -11.92 -13.56 -29.78
CA SER D 408 -11.69 -14.96 -30.16
C SER D 408 -12.81 -15.82 -29.58
N ILE D 409 -13.10 -15.62 -28.30
CA ILE D 409 -14.15 -16.37 -27.62
C ILE D 409 -15.46 -16.18 -28.37
N GLN D 410 -15.67 -14.97 -28.86
CA GLN D 410 -16.89 -14.64 -29.59
C GLN D 410 -16.87 -15.20 -31.01
N LYS D 411 -15.75 -15.04 -31.72
CA LYS D 411 -15.66 -15.56 -33.08
C LYS D 411 -15.97 -17.05 -33.07
N VAL D 412 -15.31 -17.80 -32.18
CA VAL D 412 -15.56 -19.23 -32.07
C VAL D 412 -17.02 -19.45 -31.73
N GLY D 413 -17.49 -18.76 -30.69
CA GLY D 413 -18.88 -18.92 -30.30
C GLY D 413 -19.11 -20.16 -29.45
N ILE D 414 -20.35 -20.31 -29.00
CA ILE D 414 -20.75 -21.44 -28.17
C ILE D 414 -20.60 -22.80 -28.86
N GLY D 415 -20.09 -23.78 -28.11
CA GLY D 415 -19.94 -25.13 -28.61
C GLY D 415 -18.94 -25.48 -29.71
N ASN D 416 -18.04 -24.56 -30.06
CA ASN D 416 -17.05 -24.86 -31.11
C ASN D 416 -15.64 -25.08 -30.55
N ASN D 417 -14.62 -24.95 -31.39
CA ASN D 417 -13.25 -25.13 -30.94
C ASN D 417 -12.32 -24.09 -31.56
N PHE D 418 -11.14 -23.93 -30.97
CA PHE D 418 -10.17 -22.94 -31.43
C PHE D 418 -9.07 -23.48 -32.33
N LEU D 419 -9.09 -24.78 -32.61
CA LEU D 419 -8.06 -25.41 -33.42
C LEU D 419 -7.71 -24.70 -34.73
N ALA D 420 -8.74 -24.31 -35.48
CA ALA D 420 -8.54 -23.65 -36.77
C ALA D 420 -8.19 -22.17 -36.68
N LEU D 421 -8.59 -21.53 -35.59
CA LEU D 421 -8.33 -20.11 -35.38
C LEU D 421 -6.87 -19.75 -35.72
N LYS D 422 -6.69 -18.63 -36.41
CA LYS D 422 -5.36 -18.17 -36.83
C LYS D 422 -4.47 -17.78 -35.66
N GLN D 423 -5.06 -17.15 -34.64
CA GLN D 423 -4.31 -16.76 -33.46
C GLN D 423 -3.74 -18.01 -32.81
N THR D 424 -4.54 -19.08 -32.81
CA THR D 424 -4.14 -20.35 -32.23
C THR D 424 -2.93 -20.94 -32.93
N ARG D 425 -2.97 -20.97 -34.26
CA ARG D 425 -1.88 -21.52 -35.03
C ARG D 425 -0.61 -20.69 -34.89
N GLN D 426 -0.76 -19.41 -34.57
CA GLN D 426 0.39 -18.53 -34.40
C GLN D 426 1.06 -18.76 -33.06
N LEU D 427 0.28 -19.23 -32.08
CA LEU D 427 0.79 -19.49 -30.74
C LEU D 427 1.13 -20.98 -30.57
N VAL D 428 1.52 -21.62 -31.66
CA VAL D 428 1.85 -23.04 -31.61
C VAL D 428 3.00 -23.35 -30.66
N ASP D 429 3.90 -22.39 -30.48
CA ASP D 429 5.04 -22.57 -29.58
C ASP D 429 4.93 -21.80 -28.28
N TYR D 430 3.72 -21.41 -27.92
CA TYR D 430 3.52 -20.66 -26.70
C TYR D 430 3.49 -21.55 -25.45
N PRO D 431 2.81 -22.70 -25.53
CA PRO D 431 2.69 -23.62 -24.39
C PRO D 431 3.99 -24.33 -24.01
N SER D 432 4.00 -24.91 -22.82
CA SER D 432 5.17 -25.63 -22.33
C SER D 432 5.35 -26.88 -23.19
N ASN D 433 6.59 -27.15 -23.56
CA ASN D 433 6.92 -28.30 -24.41
C ASN D 433 8.12 -29.03 -23.78
N PRO D 434 7.86 -29.87 -22.75
CA PRO D 434 8.93 -30.60 -22.08
C PRO D 434 9.77 -31.47 -23.01
N MET D 435 11.04 -31.66 -22.63
CA MET D 435 11.95 -32.47 -23.42
C MET D 435 11.85 -33.94 -23.06
N LEU D 436 11.72 -34.25 -21.78
CA LEU D 436 11.63 -35.64 -21.33
C LEU D 436 10.30 -36.06 -20.73
N LEU D 437 9.62 -35.15 -20.05
CA LEU D 437 8.32 -35.49 -19.44
C LEU D 437 7.40 -36.10 -20.51
N ASP D 438 6.77 -37.22 -20.17
CA ASP D 438 5.90 -37.93 -21.11
C ASP D 438 4.43 -37.55 -21.02
N ARG D 439 3.89 -37.01 -22.10
CA ARG D 439 2.49 -36.60 -22.13
C ARG D 439 1.64 -37.41 -23.11
N HIS D 440 2.05 -38.66 -23.36
CA HIS D 440 1.36 -39.53 -24.29
C HIS D 440 0.27 -40.42 -23.68
N MET D 441 -0.59 -40.94 -24.54
CA MET D 441 -1.66 -41.85 -24.13
C MET D 441 -0.95 -43.15 -23.76
N PHE D 442 -1.55 -43.92 -22.86
CA PHE D 442 -0.95 -45.18 -22.43
C PHE D 442 -0.41 -46.01 -23.60
N GLY D 443 -1.18 -46.05 -24.70
CA GLY D 443 -0.77 -46.80 -25.87
C GLY D 443 0.57 -46.41 -26.48
N ASP D 444 0.68 -45.17 -26.94
CA ASP D 444 1.91 -44.69 -27.55
C ASP D 444 3.12 -44.87 -26.63
N TRP D 445 2.88 -44.73 -25.33
CA TRP D 445 3.93 -44.86 -24.33
C TRP D 445 4.37 -46.31 -24.18
N ALA D 446 3.39 -47.22 -24.16
CA ALA D 446 3.69 -48.64 -24.04
C ALA D 446 4.45 -49.09 -25.27
N ALA D 447 3.95 -48.70 -26.44
CA ALA D 447 4.58 -49.05 -27.71
C ALA D 447 6.00 -48.50 -27.80
N ALA D 448 6.32 -47.51 -26.95
CA ALA D 448 7.64 -46.92 -26.94
C ALA D 448 8.54 -47.66 -25.95
N GLY D 449 7.98 -48.67 -25.29
CA GLY D 449 8.75 -49.47 -24.35
C GLY D 449 8.31 -49.41 -22.90
N SER D 450 7.24 -48.67 -22.61
CA SER D 450 6.76 -48.53 -21.24
C SER D 450 7.90 -48.08 -20.32
N LYS D 451 8.71 -47.15 -20.82
CA LYS D 451 9.86 -46.61 -20.11
C LYS D 451 9.50 -45.55 -19.07
N ASP D 452 10.27 -45.48 -17.98
CA ASP D 452 10.01 -44.47 -16.96
C ASP D 452 10.92 -43.28 -17.27
N LEU D 453 10.82 -42.22 -16.47
CA LEU D 453 11.61 -41.03 -16.72
C LEU D 453 13.11 -41.26 -16.62
N ALA D 454 13.54 -41.99 -15.60
CA ALA D 454 14.96 -42.27 -15.39
C ALA D 454 15.60 -42.91 -16.61
N THR D 455 14.98 -43.97 -17.11
CA THR D 455 15.51 -44.67 -18.28
C THR D 455 15.48 -43.76 -19.50
N VAL D 456 14.41 -42.97 -19.66
CA VAL D 456 14.32 -42.08 -20.80
C VAL D 456 15.47 -41.07 -20.69
N ALA D 457 15.67 -40.56 -19.49
CA ALA D 457 16.74 -39.61 -19.23
C ALA D 457 18.09 -40.25 -19.54
N HIS D 458 18.26 -41.49 -19.11
CA HIS D 458 19.51 -42.22 -19.34
C HIS D 458 19.84 -42.26 -20.82
N GLU D 459 18.86 -42.62 -21.62
CA GLU D 459 19.06 -42.69 -23.07
C GLU D 459 19.47 -41.32 -23.59
N LYS D 460 18.98 -40.27 -22.95
CA LYS D 460 19.30 -38.91 -23.37
C LYS D 460 20.76 -38.60 -23.09
N VAL D 461 21.19 -38.93 -21.88
CA VAL D 461 22.56 -38.68 -21.46
C VAL D 461 23.53 -39.31 -22.46
N GLU D 462 23.34 -40.59 -22.73
CA GLU D 462 24.18 -41.34 -23.67
C GLU D 462 24.32 -40.61 -24.99
N ASP D 463 23.19 -40.13 -25.53
CA ASP D 463 23.18 -39.42 -26.80
C ASP D 463 23.99 -38.12 -26.72
N VAL D 464 23.80 -37.34 -25.66
CA VAL D 464 24.51 -36.09 -25.48
C VAL D 464 26.02 -36.30 -25.42
N LEU D 465 26.44 -37.20 -24.53
CA LEU D 465 27.85 -37.49 -24.35
C LEU D 465 28.51 -37.98 -25.62
N LYS D 466 27.74 -38.69 -26.44
CA LYS D 466 28.26 -39.22 -27.68
C LYS D 466 28.29 -38.20 -28.81
N ASN D 467 27.25 -37.37 -28.93
CA ASN D 467 27.20 -36.41 -30.05
C ASN D 467 27.24 -34.92 -29.79
N HIS D 468 27.54 -34.48 -28.57
CA HIS D 468 27.58 -33.04 -28.34
C HIS D 468 28.96 -32.45 -28.56
N GLN D 469 29.03 -31.31 -29.24
CA GLN D 469 30.29 -30.64 -29.53
C GLN D 469 30.51 -29.45 -28.59
N VAL D 470 31.65 -29.44 -27.92
CA VAL D 470 32.00 -28.35 -27.02
C VAL D 470 33.07 -27.48 -27.65
N THR D 471 32.89 -26.17 -27.60
CA THR D 471 33.88 -25.27 -28.18
C THR D 471 35.20 -25.47 -27.46
N PRO D 472 36.19 -26.03 -28.17
CA PRO D 472 37.52 -26.29 -27.60
C PRO D 472 38.33 -25.03 -27.42
N ILE D 473 39.27 -25.09 -26.48
CA ILE D 473 40.15 -23.96 -26.21
C ILE D 473 41.24 -23.99 -27.28
N ASP D 474 41.78 -22.82 -27.63
CA ASP D 474 42.82 -22.78 -28.64
C ASP D 474 43.97 -23.72 -28.28
N ALA D 475 44.41 -24.51 -29.24
CA ALA D 475 45.49 -25.47 -29.04
C ALA D 475 46.70 -24.92 -28.29
N ASP D 476 47.13 -23.71 -28.65
CA ASP D 476 48.29 -23.11 -28.00
C ASP D 476 47.98 -22.57 -26.61
N ILE D 477 46.88 -21.83 -26.49
CA ILE D 477 46.50 -21.27 -25.20
C ILE D 477 46.31 -22.37 -24.17
N PHE D 478 45.69 -23.48 -24.60
CA PHE D 478 45.48 -24.58 -23.68
C PHE D 478 46.80 -25.06 -23.09
N LYS D 479 47.85 -25.02 -23.91
CA LYS D 479 49.18 -25.44 -23.45
C LYS D 479 49.68 -24.49 -22.37
N ASP D 480 49.47 -23.19 -22.58
CA ASP D 480 49.90 -22.19 -21.62
C ASP D 480 49.20 -22.44 -20.30
N MET D 481 47.93 -22.85 -20.38
CA MET D 481 47.14 -23.12 -19.19
C MET D 481 47.59 -24.42 -18.52
N GLN D 482 47.88 -25.43 -19.32
CA GLN D 482 48.31 -26.72 -18.79
C GLN D 482 49.61 -26.55 -18.04
N ALA D 483 50.44 -25.61 -18.51
CA ALA D 483 51.72 -25.34 -17.88
C ALA D 483 51.55 -24.91 -16.43
N ILE D 484 50.50 -24.12 -16.16
CA ILE D 484 50.25 -23.66 -14.81
C ILE D 484 49.86 -24.83 -13.90
N VAL D 485 49.08 -25.75 -14.44
CA VAL D 485 48.66 -26.92 -13.67
C VAL D 485 49.87 -27.79 -13.33
N ASP D 486 50.77 -27.94 -14.29
CA ASP D 486 51.96 -28.74 -14.07
C ASP D 486 52.81 -28.06 -13.01
N LYS D 487 52.91 -26.74 -13.10
CA LYS D 487 53.69 -25.97 -12.15
C LYS D 487 53.13 -26.20 -10.75
N ALA D 488 51.80 -26.22 -10.65
CA ALA D 488 51.14 -26.41 -9.36
C ALA D 488 51.38 -27.80 -8.79
N ASP D 489 51.31 -28.81 -9.63
CA ASP D 489 51.54 -30.19 -9.17
C ASP D 489 52.98 -30.33 -8.67
N LYS D 490 53.90 -29.71 -9.40
CA LYS D 490 55.32 -29.74 -9.05
C LYS D 490 55.53 -29.10 -7.69
N ALA D 491 55.04 -27.87 -7.53
CA ALA D 491 55.18 -27.16 -6.26
C ALA D 491 54.56 -27.98 -5.13
N PHE D 492 53.49 -28.69 -5.45
CA PHE D 492 52.80 -29.51 -4.46
C PHE D 492 53.67 -30.68 -4.01
N ARG D 493 54.23 -31.41 -4.98
CA ARG D 493 55.05 -32.57 -4.67
C ARG D 493 56.41 -32.20 -4.09
N GLY D 494 56.94 -31.03 -4.46
CA GLY D 494 58.23 -30.63 -3.93
C GLY D 494 58.05 -30.07 -2.52
N MET D 495 56.86 -30.34 -1.97
CA MET D 495 56.44 -29.89 -0.64
C MET D 495 56.76 -28.42 -0.41
N ALA E 2 10.32 33.18 -7.02
CA ALA E 2 9.60 33.68 -5.83
C ALA E 2 9.24 32.51 -4.93
N LYS E 3 8.56 32.82 -3.82
CA LYS E 3 8.13 31.79 -2.88
C LYS E 3 7.29 30.80 -3.70
N ASN E 4 7.54 29.51 -3.51
CA ASN E 4 6.80 28.51 -4.26
C ASN E 4 5.31 28.51 -3.96
N ASN E 5 4.51 28.28 -4.99
CA ASN E 5 3.08 28.22 -4.82
C ASN E 5 2.52 27.28 -5.89
N ALA E 6 3.18 26.15 -6.02
CA ALA E 6 2.80 25.12 -6.98
C ALA E 6 3.49 23.82 -6.59
N VAL E 7 2.79 22.98 -5.84
CA VAL E 7 3.34 21.69 -5.40
C VAL E 7 2.57 20.51 -5.97
N ALA E 8 3.30 19.47 -6.38
CA ALA E 8 2.70 18.29 -6.97
C ALA E 8 1.99 17.39 -5.94
N GLY E 9 1.28 16.39 -6.45
CA GLY E 9 0.56 15.45 -5.61
C GLY E 9 1.33 15.13 -4.34
N PHE E 10 0.71 15.39 -3.21
CA PHE E 10 1.33 15.19 -1.90
C PHE E 10 0.39 14.38 -1.00
N ASN E 11 0.93 13.36 -0.34
CA ASN E 11 0.15 12.53 0.57
C ASN E 11 0.23 13.05 2.00
N ALA E 12 -0.93 13.24 2.62
CA ALA E 12 -0.94 13.77 3.97
C ALA E 12 -1.73 12.96 4.97
N LEU E 13 -1.43 13.18 6.25
CA LEU E 13 -2.12 12.53 7.36
C LEU E 13 -2.61 13.59 8.35
N ASN E 14 -3.93 13.81 8.25
CA ASN E 14 -4.65 14.75 9.10
C ASN E 14 -5.17 14.04 10.34
N GLY E 15 -4.63 14.42 11.49
CA GLY E 15 -5.06 13.80 12.74
C GLY E 15 -4.17 12.62 13.12
N VAL E 16 -4.74 11.69 13.87
CA VAL E 16 -4.01 10.52 14.33
C VAL E 16 -4.76 9.26 13.95
N GLU E 17 -4.04 8.35 13.31
CA GLU E 17 -4.62 7.11 12.86
C GLU E 17 -4.28 5.99 13.84
N LEU E 18 -5.28 5.19 14.21
CA LEU E 18 -5.04 4.08 15.12
C LEU E 18 -5.51 2.82 14.42
N ASN E 19 -4.59 1.88 14.22
CA ASN E 19 -4.95 0.64 13.55
C ASN E 19 -4.91 -0.60 14.43
N LEU E 20 -5.87 -1.49 14.17
CA LEU E 20 -5.97 -2.74 14.91
C LEU E 20 -6.11 -3.99 14.05
N PHE E 21 -6.51 -3.83 12.79
CA PHE E 21 -6.71 -4.98 11.92
C PHE E 21 -6.33 -4.77 10.48
N THR E 22 -5.97 -5.87 9.82
CA THR E 22 -5.68 -5.86 8.40
C THR E 22 -7.03 -6.28 7.84
N THR E 23 -7.24 -6.10 6.54
CA THR E 23 -8.50 -6.50 5.95
C THR E 23 -8.69 -8.00 6.18
N ASP E 24 -7.62 -8.78 5.98
CA ASP E 24 -7.69 -10.24 6.18
C ASP E 24 -8.24 -10.58 7.55
N GLU E 25 -7.80 -9.84 8.56
CA GLU E 25 -8.24 -10.10 9.93
C GLU E 25 -9.69 -9.73 10.13
N LEU E 26 -10.13 -8.64 9.50
CA LEU E 26 -11.52 -8.22 9.63
C LEU E 26 -12.39 -9.32 9.03
N LYS E 27 -12.00 -9.80 7.85
CA LYS E 27 -12.76 -10.85 7.19
C LYS E 27 -12.84 -12.10 8.06
N ALA E 28 -11.74 -12.44 8.74
CA ALA E 28 -11.71 -13.61 9.59
C ALA E 28 -12.78 -13.52 10.67
N ILE E 29 -12.93 -12.34 11.25
CA ILE E 29 -13.91 -12.15 12.30
C ILE E 29 -15.31 -12.31 11.72
N HIS E 30 -15.52 -11.76 10.53
CA HIS E 30 -16.80 -11.84 9.84
C HIS E 30 -17.19 -13.30 9.59
N TYR E 31 -16.28 -14.09 9.02
CA TYR E 31 -16.55 -15.49 8.73
C TYR E 31 -16.95 -16.25 10.00
N ALA E 32 -16.19 -16.05 11.08
CA ALA E 32 -16.49 -16.72 12.34
C ALA E 32 -17.89 -16.36 12.79
N THR E 33 -18.24 -15.08 12.66
CA THR E 33 -19.56 -14.62 13.06
C THR E 33 -20.64 -15.29 12.23
N MET E 34 -20.45 -15.34 10.91
CA MET E 34 -21.44 -15.97 10.04
C MET E 34 -21.61 -17.45 10.43
N GLU E 35 -20.52 -18.04 10.92
CA GLU E 35 -20.56 -19.44 11.33
C GLU E 35 -21.42 -19.57 12.59
N VAL E 36 -21.16 -18.69 13.56
CA VAL E 36 -21.92 -18.69 14.81
C VAL E 36 -23.41 -18.46 14.57
N LEU E 37 -23.74 -17.59 13.62
CA LEU E 37 -25.15 -17.28 13.31
C LEU E 37 -25.93 -18.49 12.77
N MET E 38 -25.21 -19.45 12.20
CA MET E 38 -25.85 -20.65 11.67
C MET E 38 -25.80 -21.79 12.69
N ASP E 39 -24.87 -21.69 13.64
CA ASP E 39 -24.72 -22.71 14.66
C ASP E 39 -23.87 -22.17 15.80
N PRO E 40 -24.45 -22.04 17.01
CA PRO E 40 -25.82 -22.37 17.44
C PRO E 40 -26.96 -21.47 16.97
N GLY E 41 -26.63 -20.34 16.36
CA GLY E 41 -27.68 -19.45 15.91
C GLY E 41 -28.03 -18.52 17.06
N ILE E 42 -29.22 -17.91 17.02
CA ILE E 42 -29.61 -17.00 18.08
C ILE E 42 -31.03 -17.23 18.59
N GLN E 43 -31.17 -17.14 19.92
CA GLN E 43 -32.45 -17.35 20.55
C GLN E 43 -33.31 -16.09 20.57
N VAL E 44 -34.27 -16.03 19.66
CA VAL E 44 -35.19 -14.91 19.57
C VAL E 44 -36.45 -15.26 20.32
N SER E 45 -36.65 -14.64 21.47
CA SER E 45 -37.81 -14.91 22.31
C SER E 45 -39.14 -14.37 21.79
N ASP E 46 -39.20 -13.08 21.47
CA ASP E 46 -40.42 -12.50 20.97
C ASP E 46 -40.95 -13.20 19.72
N PRO E 47 -42.21 -13.64 19.76
CA PRO E 47 -42.84 -14.33 18.62
C PRO E 47 -42.96 -13.47 17.36
N GLU E 48 -43.30 -12.19 17.52
CA GLU E 48 -43.43 -11.32 16.35
C GLU E 48 -42.13 -11.28 15.55
N ALA E 49 -41.01 -11.16 16.26
CA ALA E 49 -39.71 -11.11 15.61
C ALA E 49 -39.38 -12.43 14.91
N ARG E 50 -39.63 -13.54 15.60
CA ARG E 50 -39.36 -14.86 15.02
C ARG E 50 -40.04 -15.01 13.67
N GLN E 51 -41.26 -14.48 13.58
CA GLN E 51 -42.04 -14.55 12.36
C GLN E 51 -41.34 -13.73 11.28
N ILE E 52 -40.94 -12.51 11.63
CA ILE E 52 -40.27 -11.62 10.68
C ILE E 52 -39.02 -12.30 10.15
N PHE E 53 -38.28 -12.98 11.02
CA PHE E 53 -37.08 -13.69 10.60
C PHE E 53 -37.49 -14.82 9.67
N LYS E 54 -38.45 -15.61 10.13
CA LYS E 54 -38.97 -16.75 9.40
C LYS E 54 -39.46 -16.38 8.00
N GLU E 55 -40.29 -15.34 7.92
CA GLU E 55 -40.84 -14.86 6.65
C GLU E 55 -39.77 -14.45 5.67
N ASN E 56 -38.57 -14.20 6.18
CA ASN E 56 -37.47 -13.76 5.32
C ASN E 56 -36.42 -14.79 4.93
N GLY E 57 -36.59 -16.03 5.37
CA GLY E 57 -35.64 -17.06 4.99
C GLY E 57 -34.88 -17.79 6.09
N CYS E 58 -34.96 -17.31 7.31
CA CYS E 58 -34.24 -17.94 8.40
C CYS E 58 -34.89 -19.22 8.87
N GLU E 59 -34.09 -20.16 9.35
CA GLU E 59 -34.61 -21.40 9.89
C GLU E 59 -35.01 -21.04 11.31
N VAL E 60 -36.25 -21.35 11.67
CA VAL E 60 -36.71 -21.03 13.02
C VAL E 60 -37.30 -22.22 13.76
N ASN E 61 -36.60 -22.68 14.79
CA ASN E 61 -37.07 -23.80 15.59
C ASN E 61 -38.03 -23.19 16.62
N GLU E 62 -39.33 -23.37 16.36
CA GLU E 62 -40.36 -22.80 17.22
C GLU E 62 -40.40 -23.31 18.66
N LYS E 63 -39.78 -24.45 18.95
CA LYS E 63 -39.79 -24.96 20.32
C LYS E 63 -38.67 -24.33 21.15
N THR E 64 -37.48 -24.22 20.54
CA THR E 64 -36.33 -23.64 21.21
C THR E 64 -36.22 -22.14 20.98
N ASN E 65 -37.02 -21.63 20.06
CA ASN E 65 -37.00 -20.21 19.72
C ASN E 65 -35.67 -19.81 19.11
N VAL E 66 -34.94 -20.80 18.60
CA VAL E 66 -33.65 -20.55 18.00
C VAL E 66 -33.74 -20.27 16.51
N VAL E 67 -33.24 -19.10 16.12
CA VAL E 67 -33.25 -18.66 14.73
C VAL E 67 -31.83 -18.70 14.17
N LYS E 68 -31.68 -19.28 12.99
CA LYS E 68 -30.38 -19.35 12.33
C LYS E 68 -30.39 -18.40 11.15
N ILE E 69 -29.57 -17.36 11.24
CA ILE E 69 -29.52 -16.34 10.19
C ILE E 69 -28.46 -16.57 9.13
N PRO E 70 -28.90 -16.65 7.86
CA PRO E 70 -27.94 -16.87 6.77
C PRO E 70 -27.26 -15.55 6.43
N GLU E 71 -26.03 -15.63 5.97
CA GLU E 71 -25.23 -14.46 5.63
C GLU E 71 -25.90 -13.52 4.63
N TYR E 72 -26.62 -14.06 3.66
CA TYR E 72 -27.24 -13.21 2.66
C TYR E 72 -28.22 -12.21 3.28
N LEU E 73 -28.80 -12.55 4.44
CA LEU E 73 -29.70 -11.61 5.09
C LEU E 73 -28.86 -10.59 5.88
N VAL E 74 -27.68 -11.00 6.31
CA VAL E 74 -26.78 -10.08 7.01
C VAL E 74 -26.35 -9.02 5.99
N ARG E 75 -26.03 -9.48 4.78
CA ARG E 75 -25.61 -8.58 3.70
C ARG E 75 -26.75 -7.64 3.29
N LYS E 76 -27.95 -8.19 3.17
CA LYS E 76 -29.09 -7.39 2.77
C LYS E 76 -29.33 -6.29 3.80
N ALA E 77 -29.27 -6.67 5.06
CA ALA E 77 -29.49 -5.74 6.17
C ALA E 77 -28.51 -4.56 6.13
N LEU E 78 -27.24 -4.86 5.85
CA LEU E 78 -26.22 -3.83 5.80
C LEU E 78 -26.38 -2.95 4.57
N GLN E 79 -26.89 -3.52 3.49
CA GLN E 79 -27.09 -2.73 2.29
C GLN E 79 -28.31 -1.83 2.44
N LEU E 80 -29.18 -2.17 3.40
CA LEU E 80 -30.38 -1.39 3.65
C LEU E 80 -30.20 -0.27 4.65
N ALA E 81 -29.43 -0.52 5.70
CA ALA E 81 -29.20 0.47 6.75
C ALA E 81 -28.43 1.68 6.25
N PRO E 82 -28.90 2.89 6.60
CA PRO E 82 -28.21 4.11 6.16
C PRO E 82 -26.87 4.27 6.88
N SER E 83 -25.90 4.85 6.19
CA SER E 83 -24.59 5.04 6.79
C SER E 83 -24.53 6.25 7.74
N ARG E 84 -25.57 7.08 7.72
N ARG E 84 -25.57 7.09 7.71
CA ARG E 84 -25.59 8.26 8.57
CA ARG E 84 -25.59 8.25 8.60
C ARG E 84 -27.00 8.75 8.87
C ARG E 84 -26.99 8.75 8.88
N PHE E 85 -27.12 9.56 9.92
CA PHE E 85 -28.39 10.15 10.31
C PHE E 85 -28.10 11.23 11.35
N VAL E 86 -29.03 12.14 11.53
CA VAL E 86 -28.83 13.24 12.47
C VAL E 86 -29.68 13.19 13.73
N LEU E 87 -29.03 13.38 14.86
CA LEU E 87 -29.74 13.41 16.14
C LEU E 87 -30.09 14.87 16.39
N TRP E 88 -31.38 15.15 16.49
CA TRP E 88 -31.82 16.51 16.73
C TRP E 88 -32.02 16.80 18.20
N GLY E 89 -31.69 18.02 18.60
CA GLY E 89 -31.91 18.42 19.97
C GLY E 89 -33.07 19.39 19.85
N ARG E 90 -33.67 19.81 20.97
CA ARG E 90 -34.76 20.77 20.88
C ARG E 90 -34.16 22.06 20.30
N ASP E 91 -32.87 22.25 20.56
CA ASP E 91 -32.14 23.40 20.07
C ASP E 91 -31.31 22.91 18.89
N LYS E 92 -31.63 23.41 17.70
CA LYS E 92 -30.94 23.02 16.48
C LYS E 92 -29.40 23.03 16.58
N LYS E 93 -28.87 23.90 17.43
CA LYS E 93 -27.41 23.99 17.60
C LYS E 93 -26.78 22.76 18.24
N PHE E 94 -27.58 21.94 18.91
CA PHE E 94 -27.05 20.74 19.54
C PHE E 94 -27.20 19.53 18.63
N ASN E 95 -27.62 19.75 17.40
CA ASN E 95 -27.78 18.64 16.45
C ASN E 95 -26.45 17.92 16.29
N THR E 96 -26.49 16.61 16.49
CA THR E 96 -25.29 15.79 16.41
C THR E 96 -25.41 14.76 15.30
N VAL E 97 -24.38 14.69 14.47
CA VAL E 97 -24.35 13.74 13.37
C VAL E 97 -23.75 12.41 13.78
N GLN E 98 -24.33 11.32 13.30
CA GLN E 98 -23.85 9.98 13.56
C GLN E 98 -23.64 9.41 12.17
N GLU E 99 -22.36 9.25 11.81
CA GLU E 99 -21.99 8.79 10.49
C GLU E 99 -20.85 7.80 10.46
N CYS E 100 -20.95 6.83 9.56
CA CYS E 100 -19.92 5.81 9.38
C CYS E 100 -18.60 6.50 9.06
N GLY E 101 -17.60 6.28 9.90
CA GLY E 101 -16.32 6.90 9.68
C GLY E 101 -15.73 7.30 11.01
N GLY E 102 -14.83 8.29 11.01
CA GLY E 102 -14.17 8.70 12.24
C GLY E 102 -14.61 9.92 13.01
N LYS E 103 -15.79 10.47 12.73
CA LYS E 103 -16.24 11.67 13.47
C LYS E 103 -16.73 11.25 14.87
N VAL E 104 -15.96 11.64 15.87
CA VAL E 104 -16.22 11.29 17.26
C VAL E 104 -17.12 12.25 18.03
N HIS E 105 -17.87 11.68 18.97
CA HIS E 105 -18.75 12.48 19.83
C HIS E 105 -18.86 11.78 21.16
N TRP E 106 -19.26 12.55 22.18
CA TRP E 106 -19.41 12.01 23.51
C TRP E 106 -20.80 12.26 24.09
N THR E 107 -21.23 11.34 24.95
CA THR E 107 -22.50 11.43 25.65
C THR E 107 -22.20 10.87 27.04
N CYS E 108 -22.93 11.32 28.05
CA CYS E 108 -22.69 10.86 29.41
C CYS E 108 -23.03 9.38 29.57
N PHE E 109 -22.64 8.84 30.72
CA PHE E 109 -22.90 7.44 31.02
C PHE E 109 -24.40 7.22 31.13
N GLY E 110 -24.79 5.94 31.19
CA GLY E 110 -26.18 5.56 31.32
C GLY E 110 -26.28 4.04 31.42
N THR E 111 -27.02 3.55 32.41
CA THR E 111 -27.68 4.39 33.40
C THR E 111 -27.46 3.72 34.76
N GLY E 112 -27.06 4.51 35.74
CA GLY E 112 -26.79 3.98 37.07
C GLY E 112 -27.95 4.06 38.04
N VAL E 113 -27.74 3.53 39.23
CA VAL E 113 -28.76 3.51 40.26
C VAL E 113 -28.36 4.37 41.46
N LYS E 114 -27.09 4.80 41.47
CA LYS E 114 -26.59 5.61 42.56
C LYS E 114 -25.92 6.89 42.09
N VAL E 115 -25.79 7.84 43.00
CA VAL E 115 -25.16 9.12 42.72
C VAL E 115 -24.10 9.41 43.77
N CYS E 116 -22.89 9.77 43.32
CA CYS E 116 -21.78 10.08 44.24
C CYS E 116 -21.89 11.57 44.56
N LYS E 117 -22.42 11.88 45.75
N LYS E 117 -22.40 11.90 45.75
CA LYS E 117 -22.59 13.26 46.19
CA LYS E 117 -22.55 13.29 46.14
C LYS E 117 -21.91 13.59 47.52
C LYS E 117 -21.40 13.83 47.01
N TYR E 118 -21.62 14.88 47.72
N TYR E 118 -20.97 15.05 46.69
CA TYR E 118 -20.95 15.37 48.93
CA TYR E 118 -19.91 15.73 47.45
C TYR E 118 -21.92 15.47 50.11
C TYR E 118 -20.61 16.44 48.60
N GLN E 119 -21.50 14.97 51.26
N GLN E 119 -20.40 15.94 49.82
CA GLN E 119 -22.35 14.98 52.45
CA GLN E 119 -21.01 16.51 51.02
C GLN E 119 -21.79 15.88 53.57
C GLN E 119 -20.19 17.67 51.58
N ASP E 120 -21.47 15.28 54.71
N ASP E 120 -19.34 17.38 52.54
CA ASP E 120 -20.95 16.03 55.85
CA ASP E 120 -18.50 18.41 53.16
C ASP E 120 -19.43 16.02 55.89
C ASP E 120 -17.03 18.05 52.98
N GLY E 121 -18.79 16.39 54.78
N GLY E 121 -16.66 17.72 51.75
CA GLY E 121 -17.35 16.42 54.72
CA GLY E 121 -15.28 17.35 51.46
C GLY E 121 -16.74 15.53 53.65
C GLY E 121 -15.13 15.85 51.28
N LYS E 122 -17.31 14.35 53.45
N LYS E 122 -16.09 15.10 51.80
CA LYS E 122 -16.80 13.42 52.45
CA LYS E 122 -16.08 13.64 51.70
C LYS E 122 -17.85 13.16 51.38
C LYS E 122 -17.05 13.21 50.60
N TYR E 123 -17.50 12.35 50.38
N TYR E 123 -17.12 11.90 50.36
CA TYR E 123 -18.42 12.01 49.31
CA TYR E 123 -18.01 11.38 49.33
C TYR E 123 -19.21 10.76 49.68
C TYR E 123 -19.07 10.40 49.85
N VAL E 124 -20.52 10.83 49.50
N VAL E 124 -20.29 10.60 49.38
CA VAL E 124 -21.40 9.71 49.82
CA VAL E 124 -21.43 9.78 49.78
C VAL E 124 -22.19 9.25 48.60
C VAL E 124 -22.20 9.25 48.56
N THR E 125 -22.19 7.94 48.37
CA THR E 125 -22.89 7.33 47.24
C THR E 125 -24.27 6.84 47.70
N VAL E 126 -25.31 7.56 47.28
CA VAL E 126 -26.68 7.23 47.64
C VAL E 126 -27.49 6.79 46.43
N ASP E 127 -28.66 6.19 46.66
CA ASP E 127 -29.52 5.74 45.57
C ASP E 127 -30.08 6.94 44.81
N SER E 128 -30.34 6.75 43.52
CA SER E 128 -30.85 7.82 42.67
C SER E 128 -32.37 8.03 42.68
N VAL E 129 -32.80 9.17 42.14
CA VAL E 129 -34.21 9.53 42.04
C VAL E 129 -34.42 10.49 40.87
N GLU E 130 -35.63 10.51 40.32
CA GLU E 130 -35.96 11.36 39.18
C GLU E 130 -35.41 12.79 39.26
N LYS E 131 -35.23 13.30 40.47
CA LYS E 131 -34.73 14.65 40.64
C LYS E 131 -33.27 14.71 40.16
N ASP E 132 -32.52 13.65 40.42
CA ASP E 132 -31.12 13.60 39.99
C ASP E 132 -31.01 13.66 38.48
N ILE E 133 -31.96 13.04 37.81
CA ILE E 133 -31.96 13.04 36.35
C ILE E 133 -32.09 14.47 35.86
N ALA E 134 -32.92 15.25 36.55
CA ALA E 134 -33.14 16.64 36.17
C ALA E 134 -31.88 17.48 36.37
N ASP E 135 -31.17 17.23 37.46
CA ASP E 135 -29.95 17.98 37.75
C ASP E 135 -28.85 17.65 36.76
N ILE E 136 -28.56 16.36 36.62
CA ILE E 136 -27.55 15.88 35.70
C ILE E 136 -27.81 16.34 34.27
N ALA E 137 -29.09 16.47 33.91
CA ALA E 137 -29.43 16.93 32.57
C ALA E 137 -29.01 18.40 32.38
N LYS E 138 -29.25 19.20 33.42
CA LYS E 138 -28.92 20.61 33.38
C LYS E 138 -27.41 20.73 33.22
N LEU E 139 -26.70 19.93 34.01
CA LEU E 139 -25.25 19.92 34.00
C LEU E 139 -24.74 19.60 32.60
N CYS E 140 -25.28 18.54 32.00
CA CYS E 140 -24.87 18.14 30.66
C CYS E 140 -25.29 19.15 29.60
N ASP E 141 -26.38 19.86 29.85
CA ASP E 141 -26.84 20.85 28.88
C ASP E 141 -25.74 21.92 28.77
N TRP E 142 -24.97 22.03 29.84
CA TRP E 142 -23.88 23.00 29.94
C TRP E 142 -22.57 22.51 29.30
N ALA E 143 -22.16 21.30 29.63
CA ALA E 143 -20.93 20.71 29.12
C ALA E 143 -20.87 20.64 27.59
N GLU E 144 -19.99 21.42 26.98
CA GLU E 144 -19.89 21.46 25.53
C GLU E 144 -19.46 20.18 24.84
N ASN E 145 -18.60 19.39 25.47
CA ASN E 145 -18.16 18.16 24.84
C ASN E 145 -19.17 17.04 24.92
N ILE E 146 -20.25 17.28 25.65
CA ILE E 146 -21.33 16.30 25.77
C ILE E 146 -22.32 16.69 24.67
N ASP E 147 -22.24 15.99 23.54
CA ASP E 147 -23.11 16.28 22.40
C ASP E 147 -24.58 16.03 22.67
N TYR E 148 -24.89 14.89 23.27
CA TYR E 148 -26.26 14.59 23.61
C TYR E 148 -26.38 13.94 24.99
N PHE E 149 -27.62 13.86 25.46
CA PHE E 149 -27.93 13.34 26.78
C PHE E 149 -28.43 11.89 26.73
N SER E 150 -27.85 11.04 27.57
CA SER E 150 -28.25 9.65 27.68
C SER E 150 -28.69 9.44 29.13
N LEU E 151 -29.85 8.82 29.33
CA LEU E 151 -30.37 8.61 30.69
C LEU E 151 -29.28 8.16 31.66
N PRO E 152 -28.80 9.08 32.51
CA PRO E 152 -27.75 8.80 33.49
C PRO E 152 -28.10 7.90 34.67
N VAL E 153 -29.28 8.10 35.26
CA VAL E 153 -29.69 7.30 36.41
C VAL E 153 -31.16 6.94 36.42
N SER E 154 -31.50 5.90 37.17
CA SER E 154 -32.87 5.42 37.28
C SER E 154 -33.73 6.25 38.21
N ALA E 155 -34.92 6.64 37.75
CA ALA E 155 -35.85 7.40 38.58
C ALA E 155 -36.43 6.35 39.51
N ARG E 156 -35.61 5.88 40.44
CA ARG E 156 -35.99 4.84 41.38
C ARG E 156 -37.20 5.20 42.23
N ASP E 157 -37.35 6.48 42.57
CA ASP E 157 -38.47 6.91 43.40
C ASP E 157 -39.82 6.71 42.70
N ILE E 158 -39.79 6.41 41.41
CA ILE E 158 -41.02 6.19 40.63
C ILE E 158 -41.36 4.70 40.54
N ALA E 159 -40.42 3.85 40.96
CA ALA E 159 -40.63 2.41 40.89
C ALA E 159 -41.91 1.94 41.59
N GLY E 160 -42.70 1.15 40.86
CA GLY E 160 -43.95 0.64 41.40
C GLY E 160 -44.90 1.72 41.84
N GLN E 161 -44.93 2.84 41.11
CA GLN E 161 -45.80 3.96 41.44
C GLN E 161 -46.39 4.55 40.16
N GLY E 162 -45.68 4.34 39.05
CA GLY E 162 -46.13 4.84 37.77
C GLY E 162 -45.21 4.30 36.69
N ALA E 163 -45.31 4.85 35.48
CA ALA E 163 -44.46 4.43 34.37
C ALA E 163 -43.11 5.12 34.51
N GLN E 164 -42.20 4.46 35.22
CA GLN E 164 -40.88 4.98 35.48
C GLN E 164 -40.15 5.37 34.21
N ASP E 165 -40.18 4.49 33.22
CA ASP E 165 -39.52 4.72 31.94
C ASP E 165 -40.09 5.89 31.16
N VAL E 166 -41.38 6.16 31.35
CA VAL E 166 -42.01 7.28 30.65
C VAL E 166 -41.69 8.55 31.42
N HIS E 167 -41.30 8.38 32.68
CA HIS E 167 -40.91 9.50 33.53
C HIS E 167 -39.47 9.84 33.14
N GLU E 168 -38.70 8.79 32.90
CA GLU E 168 -37.32 8.91 32.50
C GLU E 168 -37.20 9.45 31.07
N THR E 169 -38.34 9.76 30.48
CA THR E 169 -38.35 10.29 29.12
C THR E 169 -38.58 11.80 29.11
N LEU E 170 -39.63 12.25 29.79
CA LEU E 170 -39.96 13.67 29.81
C LEU E 170 -39.02 14.51 30.67
N THR E 171 -38.64 14.02 31.85
CA THR E 171 -37.73 14.79 32.70
C THR E 171 -36.49 15.16 31.91
N PRO E 172 -35.90 14.20 31.18
CA PRO E 172 -34.70 14.52 30.40
C PRO E 172 -35.00 15.58 29.34
N LEU E 173 -35.97 15.30 28.48
CA LEU E 173 -36.36 16.21 27.41
C LEU E 173 -36.64 17.63 27.89
N ALA E 174 -37.23 17.73 29.07
CA ALA E 174 -37.57 19.02 29.63
C ALA E 174 -36.37 19.71 30.28
N ASN E 175 -35.44 18.94 30.82
CA ASN E 175 -34.28 19.50 31.48
C ASN E 175 -33.02 19.75 30.64
N THR E 176 -33.15 19.66 29.33
CA THR E 176 -32.05 19.93 28.41
C THR E 176 -32.57 19.97 27.00
N ALA E 177 -31.99 20.86 26.19
CA ALA E 177 -32.39 21.03 24.80
C ALA E 177 -31.57 20.13 23.87
N LYS E 178 -30.75 19.26 24.46
CA LYS E 178 -29.95 18.34 23.68
C LYS E 178 -30.72 17.04 23.45
N HIS E 179 -30.43 16.37 22.34
CA HIS E 179 -31.08 15.11 22.00
C HIS E 179 -31.07 14.15 23.19
N PHE E 180 -32.06 13.27 23.26
CA PHE E 180 -32.12 12.32 24.37
C PHE E 180 -32.06 10.88 23.89
N HIS E 181 -31.15 10.11 24.49
CA HIS E 181 -30.96 8.71 24.16
C HIS E 181 -31.36 7.88 25.37
N HIS E 182 -32.53 7.25 25.29
CA HIS E 182 -33.04 6.44 26.39
C HIS E 182 -32.31 5.10 26.48
N ILE E 183 -31.57 4.90 27.57
CA ILE E 183 -30.83 3.65 27.74
C ILE E 183 -31.67 2.59 28.45
N ASP E 184 -32.81 2.99 29.00
CA ASP E 184 -33.69 2.05 29.69
C ASP E 184 -35.12 2.09 29.17
N PRO E 185 -35.31 1.84 27.86
CA PRO E 185 -36.64 1.85 27.22
C PRO E 185 -37.44 0.56 27.40
N VAL E 186 -38.76 0.69 27.55
CA VAL E 186 -39.64 -0.47 27.72
C VAL E 186 -40.41 -0.72 26.41
N GLY E 187 -40.14 -1.86 25.80
CA GLY E 187 -40.79 -2.22 24.54
C GLY E 187 -42.27 -1.91 24.43
N GLU E 188 -43.02 -2.23 25.48
CA GLU E 188 -44.44 -2.00 25.47
C GLU E 188 -44.84 -0.53 25.53
N ASN E 189 -43.92 0.33 25.93
CA ASN E 189 -44.22 1.74 26.07
C ASN E 189 -43.65 2.65 24.99
N VAL E 190 -43.05 2.07 23.95
CA VAL E 190 -42.47 2.90 22.91
C VAL E 190 -43.48 3.89 22.33
N GLU E 191 -44.75 3.49 22.30
CA GLU E 191 -45.80 4.38 21.79
C GLU E 191 -45.88 5.64 22.64
N TYR E 192 -45.63 5.50 23.94
CA TYR E 192 -45.67 6.65 24.84
C TYR E 192 -44.58 7.63 24.43
N TYR E 193 -43.39 7.08 24.14
CA TYR E 193 -42.26 7.88 23.73
C TYR E 193 -42.60 8.60 22.43
N ARG E 194 -43.07 7.83 21.44
CA ARG E 194 -43.43 8.42 20.15
C ARG E 194 -44.43 9.54 20.39
N ASP E 195 -45.42 9.27 21.24
CA ASP E 195 -46.45 10.25 21.53
C ASP E 195 -45.87 11.50 22.19
N ILE E 196 -45.01 11.32 23.19
CA ILE E 196 -44.40 12.46 23.86
C ILE E 196 -43.70 13.33 22.80
N VAL E 197 -42.97 12.69 21.89
CA VAL E 197 -42.25 13.41 20.86
C VAL E 197 -43.19 14.06 19.86
N LYS E 198 -44.27 13.35 19.53
CA LYS E 198 -45.27 13.86 18.59
C LYS E 198 -45.92 15.11 19.19
N ALA E 199 -46.09 15.09 20.51
CA ALA E 199 -46.68 16.22 21.22
C ALA E 199 -45.76 17.43 21.08
N TYR E 200 -44.47 17.21 21.33
CA TYR E 200 -43.49 18.28 21.25
C TYR E 200 -43.57 19.00 19.91
N TYR E 201 -43.79 18.25 18.85
CA TYR E 201 -43.89 18.82 17.52
C TYR E 201 -45.32 19.22 17.19
N GLY E 202 -46.10 19.47 18.23
CA GLY E 202 -47.48 19.90 18.05
C GLY E 202 -48.36 18.94 17.28
N GLY E 203 -48.09 17.65 17.41
CA GLY E 203 -48.90 16.65 16.74
C GLY E 203 -48.44 16.24 15.35
N ASP E 204 -47.43 16.94 14.83
CA ASP E 204 -46.90 16.64 13.50
C ASP E 204 -45.97 15.42 13.57
N GLU E 205 -46.49 14.23 13.25
CA GLU E 205 -45.67 13.03 13.30
C GLU E 205 -44.56 13.11 12.26
N GLU E 206 -44.80 13.80 11.15
CA GLU E 206 -43.79 13.94 10.11
C GLU E 206 -42.56 14.61 10.70
N GLU E 207 -42.76 15.75 11.35
CA GLU E 207 -41.66 16.48 11.99
C GLU E 207 -40.93 15.57 12.95
N ALA E 208 -41.68 14.96 13.87
CA ALA E 208 -41.09 14.08 14.86
C ALA E 208 -40.12 13.10 14.24
N ARG E 209 -40.45 12.62 13.04
CA ARG E 209 -39.61 11.67 12.33
C ARG E 209 -38.40 12.30 11.62
N LYS E 210 -38.61 13.46 10.99
CA LYS E 210 -37.55 14.15 10.28
C LYS E 210 -36.53 14.73 11.24
N LYS E 211 -37.01 15.17 12.40
CA LYS E 211 -36.16 15.79 13.41
C LYS E 211 -36.21 15.04 14.74
N PRO E 212 -35.81 13.76 14.75
CA PRO E 212 -35.82 12.96 15.98
C PRO E 212 -35.02 13.52 17.14
N ILE E 213 -35.71 13.88 18.21
CA ILE E 213 -35.06 14.41 19.40
C ILE E 213 -34.94 13.31 20.45
N PHE E 214 -35.42 12.11 20.11
CA PHE E 214 -35.39 10.96 21.01
C PHE E 214 -34.92 9.70 20.28
N SER E 215 -34.07 8.92 20.96
CA SER E 215 -33.52 7.68 20.41
C SER E 215 -33.36 6.67 21.55
N MET E 216 -33.19 5.40 21.23
CA MET E 216 -33.07 4.40 22.30
C MET E 216 -32.14 3.23 22.09
N LEU E 217 -31.66 2.71 23.22
CA LEU E 217 -30.73 1.59 23.26
C LEU E 217 -31.39 0.31 23.77
N LEU E 218 -30.79 -0.82 23.40
CA LEU E 218 -31.25 -2.14 23.82
C LEU E 218 -30.03 -3.05 23.72
N CYS E 219 -29.95 -4.07 24.57
CA CYS E 219 -28.81 -4.97 24.54
C CYS E 219 -29.15 -6.42 24.25
N PRO E 220 -28.50 -7.02 23.26
CA PRO E 220 -28.84 -8.44 23.05
C PRO E 220 -28.34 -9.09 24.33
N THR E 221 -28.88 -10.24 24.71
CA THR E 221 -28.43 -10.90 25.94
C THR E 221 -27.31 -11.90 25.64
N SER E 222 -26.18 -11.74 26.30
CA SER E 222 -25.05 -12.63 26.06
C SER E 222 -25.10 -13.92 26.87
N PRO E 223 -24.84 -15.06 26.23
CA PRO E 223 -24.53 -15.06 24.79
C PRO E 223 -25.63 -15.50 23.83
N LEU E 224 -25.62 -14.88 22.66
CA LEU E 224 -26.53 -15.18 21.58
C LEU E 224 -28.04 -15.17 21.82
N GLU E 225 -28.57 -14.08 22.38
CA GLU E 225 -30.01 -13.99 22.63
C GLU E 225 -30.58 -12.60 22.39
N LEU E 226 -31.88 -12.55 22.12
CA LEU E 226 -32.61 -11.30 21.92
C LEU E 226 -33.91 -11.41 22.70
N SER E 227 -33.93 -10.78 23.87
CA SER E 227 -35.10 -10.79 24.75
C SER E 227 -36.32 -10.23 24.05
N VAL E 228 -37.49 -10.52 24.61
CA VAL E 228 -38.74 -10.03 24.05
C VAL E 228 -38.73 -8.51 24.05
N ASN E 229 -38.25 -7.91 25.13
CA ASN E 229 -38.21 -6.47 25.23
C ASN E 229 -37.28 -5.89 24.16
N ALA E 230 -36.13 -6.54 23.98
CA ALA E 230 -35.15 -6.10 22.98
C ALA E 230 -35.78 -6.05 21.59
N CYS E 231 -36.42 -7.15 21.20
CA CYS E 231 -37.07 -7.23 19.88
C CYS E 231 -38.12 -6.15 19.70
N GLN E 232 -38.95 -5.95 20.72
CA GLN E 232 -39.99 -4.94 20.62
C GLN E 232 -39.41 -3.52 20.46
N VAL E 233 -38.30 -3.24 21.13
CA VAL E 233 -37.69 -1.93 21.00
C VAL E 233 -37.18 -1.76 19.56
N ILE E 234 -36.61 -2.82 19.00
CA ILE E 234 -36.11 -2.77 17.64
C ILE E 234 -37.25 -2.59 16.64
N ILE E 235 -38.27 -3.44 16.75
CA ILE E 235 -39.41 -3.40 15.84
C ILE E 235 -40.20 -2.11 15.92
N LYS E 236 -40.54 -1.66 17.13
CA LYS E 236 -41.30 -0.43 17.26
C LYS E 236 -40.43 0.75 16.86
N GLY E 237 -39.16 0.70 17.25
CA GLY E 237 -38.24 1.77 16.92
C GLY E 237 -38.18 1.94 15.41
N ALA E 238 -38.02 0.83 14.70
CA ALA E 238 -37.94 0.85 13.25
C ALA E 238 -39.24 1.36 12.64
N ARG E 239 -40.37 1.00 13.25
CA ARG E 239 -41.67 1.42 12.76
C ARG E 239 -42.06 2.86 13.06
N PHE E 240 -41.58 3.40 14.17
CA PHE E 240 -41.92 4.77 14.53
C PHE E 240 -40.93 5.82 14.09
N GLY E 241 -39.82 5.39 13.48
CA GLY E 241 -38.81 6.34 13.04
C GLY E 241 -37.91 6.82 14.17
N ILE E 242 -37.65 5.93 15.13
CA ILE E 242 -36.81 6.24 16.29
C ILE E 242 -35.47 5.50 16.17
N PRO E 243 -34.36 6.24 16.02
CA PRO E 243 -33.04 5.61 15.90
C PRO E 243 -32.82 4.64 17.04
N VAL E 244 -32.41 3.42 16.71
CA VAL E 244 -32.18 2.40 17.72
C VAL E 244 -30.71 1.97 17.77
N ASN E 245 -30.19 1.87 18.97
CA ASN E 245 -28.81 1.48 19.22
C ASN E 245 -28.74 0.02 19.70
N VAL E 246 -28.27 -0.88 18.84
CA VAL E 246 -28.13 -2.28 19.21
C VAL E 246 -26.76 -2.43 19.88
N LEU E 247 -26.74 -2.32 21.20
CA LEU E 247 -25.49 -2.39 21.95
C LEU E 247 -25.26 -3.66 22.77
N SER E 248 -24.16 -4.35 22.46
CA SER E 248 -23.80 -5.59 23.14
C SER E 248 -23.20 -5.34 24.53
N MET E 249 -23.23 -6.36 25.37
CA MET E 249 -22.67 -6.28 26.71
C MET E 249 -22.14 -7.60 27.17
N ALA E 250 -21.29 -8.21 26.35
CA ALA E 250 -20.69 -9.48 26.67
C ALA E 250 -19.57 -9.29 27.70
N MET E 251 -19.11 -10.40 28.27
CA MET E 251 -18.03 -10.40 29.26
C MET E 251 -17.02 -11.47 28.91
N SER E 252 -15.81 -11.05 28.58
CA SER E 252 -14.77 -11.98 28.22
C SER E 252 -14.54 -12.90 29.40
N GLY E 253 -14.59 -14.21 29.14
CA GLY E 253 -14.41 -15.20 30.19
C GLY E 253 -15.70 -15.48 30.94
N GLY E 254 -16.70 -14.63 30.74
CA GLY E 254 -17.98 -14.81 31.41
C GLY E 254 -19.07 -15.28 30.47
N SER E 255 -19.36 -14.49 29.45
CA SER E 255 -20.41 -14.84 28.48
C SER E 255 -19.87 -14.85 27.05
N SER E 256 -18.56 -14.93 26.92
CA SER E 256 -17.91 -14.99 25.62
C SER E 256 -16.50 -15.48 25.90
N PRO E 257 -15.75 -15.84 24.86
CA PRO E 257 -14.38 -16.34 25.12
C PRO E 257 -13.49 -15.33 25.85
N VAL E 258 -12.48 -15.84 26.54
CA VAL E 258 -11.55 -14.98 27.27
C VAL E 258 -10.83 -14.07 26.27
N TYR E 259 -10.43 -14.65 25.14
CA TYR E 259 -9.75 -13.88 24.11
C TYR E 259 -10.63 -12.75 23.57
N LEU E 260 -10.03 -11.60 23.30
CA LEU E 260 -10.79 -10.46 22.79
C LEU E 260 -11.36 -10.73 21.39
N ALA E 261 -10.65 -11.51 20.58
CA ALA E 261 -11.13 -11.85 19.24
C ALA E 261 -12.44 -12.62 19.33
N GLY E 262 -12.42 -13.72 20.08
CA GLY E 262 -13.62 -14.53 20.24
C GLY E 262 -14.72 -13.70 20.86
N THR E 263 -14.35 -12.81 21.77
CA THR E 263 -15.32 -11.94 22.41
C THR E 263 -15.99 -11.06 21.35
N LEU E 264 -15.22 -10.58 20.37
CA LEU E 264 -15.79 -9.74 19.34
C LEU E 264 -16.74 -10.55 18.47
N VAL E 265 -16.42 -11.82 18.25
CA VAL E 265 -17.29 -12.68 17.44
C VAL E 265 -18.66 -12.76 18.11
N THR E 266 -18.66 -13.04 19.41
CA THR E 266 -19.90 -13.13 20.18
C THR E 266 -20.66 -11.83 20.06
N HIS E 267 -19.94 -10.74 20.25
CA HIS E 267 -20.49 -9.39 20.16
C HIS E 267 -21.09 -9.17 18.78
N ASN E 268 -20.32 -9.49 17.74
CA ASN E 268 -20.74 -9.32 16.36
C ASN E 268 -22.02 -10.10 16.04
N ALA E 269 -22.00 -11.41 16.28
CA ALA E 269 -23.17 -12.23 16.02
C ALA E 269 -24.38 -11.61 16.71
N GLU E 270 -24.18 -11.18 17.96
CA GLU E 270 -25.25 -10.58 18.74
C GLU E 270 -25.79 -9.28 18.16
N VAL E 271 -24.92 -8.33 17.86
CA VAL E 271 -25.36 -7.05 17.33
C VAL E 271 -25.91 -7.13 15.90
N LEU E 272 -25.30 -7.96 15.07
CA LEU E 272 -25.77 -8.11 13.70
C LEU E 272 -27.17 -8.72 13.67
N SER E 273 -27.46 -9.63 14.59
CA SER E 273 -28.78 -10.25 14.63
C SER E 273 -29.85 -9.19 14.87
N GLY E 274 -29.53 -8.21 15.71
CA GLY E 274 -30.48 -7.16 15.99
C GLY E 274 -30.62 -6.24 14.81
N ILE E 275 -29.51 -5.95 14.15
CA ILE E 275 -29.53 -5.06 13.00
C ILE E 275 -30.30 -5.69 11.85
N VAL E 276 -30.18 -7.01 11.68
CA VAL E 276 -30.91 -7.69 10.62
C VAL E 276 -32.40 -7.57 10.88
N LEU E 277 -32.80 -7.73 12.14
CA LEU E 277 -34.20 -7.65 12.53
C LEU E 277 -34.74 -6.26 12.20
N ALA E 278 -33.99 -5.23 12.59
CA ALA E 278 -34.40 -3.86 12.34
C ALA E 278 -34.68 -3.57 10.87
N GLN E 279 -33.77 -4.00 9.99
CA GLN E 279 -33.93 -3.76 8.55
C GLN E 279 -35.03 -4.61 7.94
N LEU E 280 -35.19 -5.84 8.43
CA LEU E 280 -36.23 -6.72 7.93
C LEU E 280 -37.59 -6.16 8.35
N THR E 281 -37.63 -5.46 9.48
CA THR E 281 -38.86 -4.85 9.95
C THR E 281 -39.17 -3.65 9.05
N VAL E 282 -38.24 -2.72 8.99
CA VAL E 282 -38.39 -1.52 8.17
C VAL E 282 -37.07 -1.22 7.47
N PRO E 283 -36.96 -1.55 6.17
CA PRO E 283 -35.73 -1.30 5.43
C PRO E 283 -35.35 0.18 5.44
N GLY E 284 -34.14 0.46 5.92
CA GLY E 284 -33.66 1.82 5.98
C GLY E 284 -33.70 2.40 7.38
N ALA E 285 -34.17 1.62 8.35
CA ALA E 285 -34.26 2.07 9.72
C ALA E 285 -32.89 2.54 10.22
N LYS E 286 -32.91 3.57 11.07
CA LYS E 286 -31.67 4.12 11.62
C LYS E 286 -31.20 3.28 12.79
N VAL E 287 -29.99 2.73 12.68
CA VAL E 287 -29.44 1.88 13.74
C VAL E 287 -27.96 2.16 14.01
N TRP E 288 -27.52 1.80 15.20
CA TRP E 288 -26.12 1.95 15.62
C TRP E 288 -25.55 0.55 15.84
N TYR E 289 -24.28 0.38 15.51
CA TYR E 289 -23.58 -0.89 15.72
C TYR E 289 -22.89 -0.57 17.04
N GLY E 290 -23.47 -1.02 18.17
CA GLY E 290 -22.93 -0.68 19.47
C GLY E 290 -22.28 -1.70 20.40
N SER E 291 -21.58 -1.18 21.40
CA SER E 291 -20.91 -2.05 22.35
C SER E 291 -20.47 -1.44 23.68
N SER E 292 -20.52 -2.29 24.70
CA SER E 292 -20.07 -1.95 26.03
C SER E 292 -19.53 -3.27 26.55
N THR E 293 -19.21 -4.14 25.61
CA THR E 293 -18.65 -5.45 25.92
C THR E 293 -17.27 -5.21 26.52
N THR E 294 -16.95 -5.92 27.59
CA THR E 294 -15.65 -5.76 28.22
C THR E 294 -15.12 -7.12 28.68
N THR E 295 -14.01 -7.11 29.40
CA THR E 295 -13.45 -8.36 29.88
C THR E 295 -13.90 -8.60 31.31
N PHE E 296 -13.97 -9.85 31.71
CA PHE E 296 -14.34 -10.19 33.07
C PHE E 296 -13.02 -10.36 33.79
N ASP E 297 -12.98 -10.07 35.09
CA ASP E 297 -11.75 -10.26 35.84
C ASP E 297 -11.90 -11.60 36.53
N LEU E 298 -11.23 -12.62 36.00
CA LEU E 298 -11.31 -13.96 36.57
C LEU E 298 -10.73 -14.08 37.98
N LYS E 299 -10.00 -13.07 38.42
CA LYS E 299 -9.40 -13.11 39.76
C LYS E 299 -10.20 -12.30 40.76
N LYS E 300 -10.85 -11.24 40.31
CA LYS E 300 -11.63 -10.41 41.22
C LYS E 300 -13.11 -10.75 41.17
N GLY E 301 -13.51 -11.48 40.13
CA GLY E 301 -14.90 -11.87 39.98
C GLY E 301 -15.82 -10.71 39.64
N THR E 302 -15.25 -9.71 38.97
CA THR E 302 -16.01 -8.52 38.56
C THR E 302 -15.71 -8.23 37.08
N ALA E 303 -16.43 -7.26 36.52
CA ALA E 303 -16.22 -6.89 35.13
C ALA E 303 -15.63 -5.48 35.05
N PRO E 304 -14.28 -5.38 35.12
CA PRO E 304 -13.60 -4.09 35.06
C PRO E 304 -13.93 -3.38 33.75
N VAL E 305 -14.50 -2.20 33.89
CA VAL E 305 -14.89 -1.43 32.73
C VAL E 305 -14.00 -0.17 32.59
N GLY E 306 -12.93 -0.12 33.37
CA GLY E 306 -12.00 0.98 33.32
C GLY E 306 -10.67 0.36 32.94
N SER E 307 -10.74 -0.85 32.43
CA SER E 307 -9.58 -1.64 32.04
C SER E 307 -9.14 -1.41 30.60
N PRO E 308 -7.89 -1.80 30.29
CA PRO E 308 -7.43 -1.60 28.91
C PRO E 308 -8.24 -2.44 27.92
N GLU E 309 -8.85 -3.52 28.41
CA GLU E 309 -9.64 -4.38 27.54
C GLU E 309 -10.88 -3.64 27.04
N LEU E 310 -11.56 -2.92 27.93
CA LEU E 310 -12.75 -2.20 27.50
C LEU E 310 -12.39 -1.26 26.36
N GLY E 311 -11.29 -0.51 26.53
CA GLY E 311 -10.85 0.42 25.51
C GLY E 311 -10.51 -0.26 24.20
N LEU E 312 -9.81 -1.39 24.28
CA LEU E 312 -9.43 -2.13 23.07
C LEU E 312 -10.70 -2.61 22.36
N ILE E 313 -11.60 -3.20 23.12
CA ILE E 313 -12.84 -3.72 22.58
C ILE E 313 -13.66 -2.62 21.95
N SER E 314 -13.84 -1.51 22.66
CA SER E 314 -14.62 -0.42 22.10
C SER E 314 -14.01 0.12 20.81
N ALA E 315 -12.68 0.18 20.76
CA ALA E 315 -11.98 0.67 19.58
C ALA E 315 -12.12 -0.31 18.42
N ALA E 316 -12.06 -1.61 18.73
CA ALA E 316 -12.20 -2.64 17.72
C ALA E 316 -13.64 -2.61 17.16
N VAL E 317 -14.61 -2.37 18.05
CA VAL E 317 -16.01 -2.31 17.63
C VAL E 317 -16.18 -1.16 16.63
N ALA E 318 -15.44 -0.07 16.86
CA ALA E 318 -15.51 1.08 15.98
C ALA E 318 -14.97 0.70 14.61
N LYS E 319 -13.87 -0.04 14.59
CA LYS E 319 -13.27 -0.47 13.34
C LYS E 319 -14.22 -1.41 12.60
N LEU E 320 -14.91 -2.25 13.37
CA LEU E 320 -15.86 -3.19 12.77
C LEU E 320 -17.04 -2.42 12.20
N ALA E 321 -17.51 -1.41 12.91
CA ALA E 321 -18.62 -0.61 12.41
C ALA E 321 -18.20 0.05 11.11
N GLN E 322 -16.96 0.56 11.08
CA GLN E 322 -16.45 1.22 9.88
C GLN E 322 -16.36 0.23 8.72
N PHE E 323 -15.93 -0.99 9.04
CA PHE E 323 -15.81 -2.05 8.07
C PHE E 323 -17.19 -2.38 7.49
N TYR E 324 -18.21 -2.39 8.36
CA TYR E 324 -19.57 -2.73 7.94
C TYR E 324 -20.38 -1.58 7.35
N GLY E 325 -19.94 -0.35 7.57
CA GLY E 325 -20.61 0.81 7.01
C GLY E 325 -21.66 1.45 7.90
N LEU E 326 -21.55 1.23 9.19
CA LEU E 326 -22.52 1.77 10.16
C LEU E 326 -21.92 2.72 11.19
N PRO E 327 -22.78 3.50 11.87
CA PRO E 327 -22.33 4.44 12.90
C PRO E 327 -22.07 3.58 14.14
N SER E 328 -21.10 3.96 14.96
CA SER E 328 -20.79 3.19 16.15
C SER E 328 -21.13 3.92 17.44
N TYR E 329 -21.43 3.14 18.48
CA TYR E 329 -21.78 3.67 19.79
C TYR E 329 -21.06 2.75 20.78
N VAL E 330 -20.00 3.25 21.40
CA VAL E 330 -19.24 2.42 22.32
C VAL E 330 -18.96 3.04 23.68
N ALA E 331 -18.66 2.18 24.65
CA ALA E 331 -18.35 2.60 26.00
C ALA E 331 -16.97 3.22 25.98
N GLY E 332 -16.78 4.27 26.77
CA GLY E 332 -15.51 4.94 26.83
C GLY E 332 -15.58 5.97 27.92
N SER E 333 -14.45 6.30 28.52
CA SER E 333 -14.44 7.27 29.60
C SER E 333 -15.16 6.62 30.81
CA PYL E 334 -15.42 4.64 32.18
C PYL E 334 -14.32 4.36 33.21
N PYL E 334 -14.83 5.36 31.06
N SER E 335 -14.75 4.03 34.43
CA SER E 335 -13.80 3.73 35.48
C SER E 335 -14.40 2.78 36.48
N ASP E 336 -13.55 2.06 37.20
CA ASP E 336 -14.03 1.12 38.20
C ASP E 336 -13.83 1.68 39.60
N ALA E 337 -13.28 2.90 39.65
CA ALA E 337 -13.01 3.57 40.92
C ALA E 337 -14.30 3.95 41.63
N LYS E 338 -14.25 3.95 42.95
CA LYS E 338 -15.41 4.29 43.76
C LYS E 338 -15.49 5.78 44.07
N VAL E 339 -14.41 6.51 43.79
CA VAL E 339 -14.38 7.95 44.05
C VAL E 339 -13.52 8.61 42.98
N PRO E 340 -13.83 9.87 42.63
CA PRO E 340 -13.07 10.58 41.61
C PRO E 340 -11.62 10.83 42.02
N ASP E 341 -10.80 9.79 41.97
CA ASP E 341 -9.40 9.89 42.37
C ASP E 341 -8.43 9.67 41.21
N ASP E 342 -7.17 9.38 41.56
CA ASP E 342 -6.10 9.15 40.58
C ASP E 342 -6.46 8.01 39.62
N GLN E 343 -7.09 6.97 40.16
CA GLN E 343 -7.49 5.83 39.35
C GLN E 343 -8.53 6.27 38.33
N ALA E 344 -9.49 7.06 38.79
CA ALA E 344 -10.54 7.54 37.90
C ALA E 344 -9.90 8.26 36.73
N GLY E 345 -9.01 9.21 37.02
CA GLY E 345 -8.35 9.96 35.96
C GLY E 345 -7.71 9.06 34.92
N HIS E 346 -6.97 8.08 35.39
CA HIS E 346 -6.29 7.14 34.51
C HIS E 346 -7.23 6.34 33.61
N GLU E 347 -8.15 5.60 34.22
CA GLU E 347 -9.08 4.76 33.46
C GLU E 347 -9.96 5.51 32.48
N LYS E 348 -10.43 6.68 32.90
CA LYS E 348 -11.26 7.49 32.03
C LYS E 348 -10.49 7.86 30.78
N THR E 349 -9.21 8.11 30.93
CA THR E 349 -8.37 8.49 29.80
C THR E 349 -8.02 7.29 28.94
N MET E 350 -7.69 6.18 29.59
CA MET E 350 -7.37 4.94 28.90
C MET E 350 -8.53 4.49 28.01
N THR E 351 -9.72 4.44 28.61
CA THR E 351 -10.91 3.99 27.91
C THR E 351 -11.53 4.98 26.94
N THR E 352 -11.20 6.26 27.05
CA THR E 352 -11.77 7.20 26.10
C THR E 352 -10.85 7.41 24.90
N LEU E 353 -9.54 7.38 25.17
CA LEU E 353 -8.53 7.60 24.14
C LEU E 353 -8.43 6.52 23.05
N LEU E 354 -8.43 5.26 23.44
CA LEU E 354 -8.35 4.20 22.45
C LEU E 354 -9.55 4.27 21.48
N PRO E 355 -10.79 4.37 21.99
CA PRO E 355 -11.96 4.45 21.10
C PRO E 355 -11.96 5.74 20.26
N ALA E 356 -11.56 6.85 20.86
CA ALA E 356 -11.53 8.14 20.17
C ALA E 356 -10.59 8.16 18.98
N LEU E 357 -9.35 7.76 19.20
CA LEU E 357 -8.38 7.72 18.11
C LEU E 357 -8.85 6.73 17.05
N ALA E 358 -9.61 5.72 17.48
CA ALA E 358 -10.11 4.70 16.56
C ALA E 358 -11.23 5.25 15.68
N GLY E 359 -12.00 6.21 16.19
CA GLY E 359 -13.08 6.79 15.41
C GLY E 359 -14.49 6.44 15.84
N ALA E 360 -14.67 6.00 17.09
CA ALA E 360 -16.00 5.69 17.58
C ALA E 360 -16.88 6.91 17.39
N ASN E 361 -18.03 6.73 16.78
CA ASN E 361 -18.94 7.84 16.49
C ASN E 361 -19.61 8.46 17.72
N THR E 362 -19.70 7.67 18.79
CA THR E 362 -20.25 8.12 20.06
C THR E 362 -19.58 7.31 21.15
N ILE E 363 -19.03 8.01 22.14
CA ILE E 363 -18.38 7.35 23.25
C ILE E 363 -19.18 7.71 24.49
N TYR E 364 -19.81 6.71 25.12
CA TYR E 364 -20.60 6.97 26.30
C TYR E 364 -19.97 6.43 27.59
N GLY E 365 -20.04 7.23 28.65
CA GLY E 365 -19.47 6.85 29.92
C GLY E 365 -19.22 8.05 30.83
N ALA E 366 -19.09 9.23 30.23
CA ALA E 366 -18.85 10.45 30.99
C ALA E 366 -19.67 10.55 32.27
N GLY E 367 -19.00 10.83 33.38
CA GLY E 367 -19.68 10.96 34.66
C GLY E 367 -19.71 9.69 35.48
N MET E 368 -19.58 8.54 34.81
CA MET E 368 -19.64 7.25 35.49
C MET E 368 -18.49 6.91 36.44
N LEU E 369 -18.81 6.06 37.42
CA LEU E 369 -17.87 5.56 38.42
C LEU E 369 -18.46 4.23 38.93
N GLU E 370 -17.65 3.48 39.68
CA GLU E 370 -18.10 2.22 40.25
C GLU E 370 -18.61 1.17 39.26
N LEU E 371 -17.75 0.78 38.33
CA LEU E 371 -18.08 -0.24 37.32
C LEU E 371 -19.44 -0.10 36.63
N GLY E 372 -19.99 1.11 36.61
CA GLY E 372 -21.26 1.32 35.94
C GLY E 372 -22.48 1.47 36.85
N MET E 373 -22.21 1.47 38.16
CA MET E 373 -23.26 1.57 39.15
C MET E 373 -23.58 3.01 39.58
N THR E 374 -22.57 3.88 39.50
CA THR E 374 -22.71 5.25 39.97
C THR E 374 -22.41 6.38 38.99
N PHE E 375 -23.02 7.53 39.23
CA PHE E 375 -22.81 8.71 38.40
C PHE E 375 -22.34 9.83 39.32
N SER E 376 -21.26 10.51 38.92
CA SER E 376 -20.69 11.62 39.71
C SER E 376 -20.67 12.90 38.90
N MET E 377 -21.24 13.97 39.46
CA MET E 377 -21.25 15.25 38.75
C MET E 377 -19.85 15.82 38.66
N GLU E 378 -19.06 15.59 39.71
CA GLU E 378 -17.68 16.07 39.71
C GLU E 378 -16.97 15.43 38.53
N GLN E 379 -16.95 14.09 38.52
CA GLN E 379 -16.29 13.36 37.44
C GLN E 379 -16.82 13.76 36.06
N LEU E 380 -18.10 14.11 35.98
CA LEU E 380 -18.67 14.51 34.70
C LEU E 380 -18.00 15.76 34.16
N VAL E 381 -17.86 16.80 34.99
CA VAL E 381 -17.22 18.02 34.50
C VAL E 381 -15.74 17.76 34.23
N ILE E 382 -15.16 16.83 34.96
CA ILE E 382 -13.76 16.46 34.77
C ILE E 382 -13.62 15.79 33.40
N ASP E 383 -14.47 14.78 33.17
CA ASP E 383 -14.44 14.06 31.90
C ASP E 383 -14.66 15.04 30.75
N ASN E 384 -15.53 16.02 30.93
CA ASN E 384 -15.80 17.00 29.89
C ASN E 384 -14.53 17.78 29.55
N ASP E 385 -13.70 18.05 30.56
CA ASP E 385 -12.45 18.77 30.34
C ASP E 385 -11.47 17.81 29.64
N ILE E 386 -11.49 16.56 30.09
CA ILE E 386 -10.62 15.53 29.52
C ILE E 386 -10.86 15.41 28.01
N PHE E 387 -12.11 15.55 27.58
CA PHE E 387 -12.44 15.45 26.17
C PHE E 387 -11.86 16.62 25.37
N SER E 388 -11.76 17.79 26.00
CA SER E 388 -11.18 18.94 25.33
C SER E 388 -9.73 18.61 25.02
N MET E 389 -9.08 17.93 25.95
CA MET E 389 -7.70 17.53 25.77
C MET E 389 -7.58 16.49 24.65
N VAL E 390 -8.50 15.55 24.60
CA VAL E 390 -8.47 14.53 23.55
C VAL E 390 -8.65 15.17 22.17
N LYS E 391 -9.47 16.21 22.09
CA LYS E 391 -9.71 16.85 20.81
C LYS E 391 -8.45 17.54 20.28
N LYS E 392 -7.58 18.00 21.18
CA LYS E 392 -6.34 18.64 20.76
C LYS E 392 -5.40 17.53 20.29
N ALA E 393 -5.41 16.43 21.01
CA ALA E 393 -4.58 15.31 20.64
C ALA E 393 -4.95 14.82 19.25
N MET E 394 -6.26 14.76 18.96
CA MET E 394 -6.72 14.29 17.66
C MET E 394 -6.30 15.20 16.51
N GLN E 395 -5.79 16.38 16.84
CA GLN E 395 -5.33 17.30 15.81
C GLN E 395 -4.04 16.72 15.22
N GLY E 396 -3.33 15.92 16.02
CA GLY E 396 -2.09 15.33 15.57
C GLY E 396 -1.07 16.38 15.18
N ILE E 397 -0.28 16.10 14.16
CA ILE E 397 0.70 17.05 13.69
C ILE E 397 0.35 17.47 12.26
N PRO E 398 -0.14 18.70 12.14
CA PRO E 398 -0.52 19.26 10.85
C PRO E 398 0.76 19.74 10.22
N VAL E 399 1.09 19.20 9.05
CA VAL E 399 2.30 19.58 8.36
C VAL E 399 2.02 20.36 7.09
N SER E 400 2.56 21.57 7.04
CA SER E 400 2.41 22.49 5.91
C SER E 400 3.53 23.52 6.02
N GLU E 401 3.82 24.23 4.93
CA GLU E 401 4.88 25.24 4.95
C GLU E 401 4.63 26.19 6.11
N GLU E 402 3.38 26.56 6.30
CA GLU E 402 3.06 27.48 7.39
C GLU E 402 3.33 26.88 8.78
N THR E 403 2.95 25.62 8.99
CA THR E 403 3.20 25.02 10.30
C THR E 403 4.68 24.71 10.50
N LEU E 404 5.38 24.40 9.42
CA LEU E 404 6.82 24.14 9.51
C LEU E 404 7.51 25.42 9.98
N ALA E 405 6.93 26.55 9.59
CA ALA E 405 7.39 27.88 9.98
C ALA E 405 8.90 28.14 9.99
N VAL E 406 9.57 27.77 8.91
CA VAL E 406 11.01 27.99 8.84
C VAL E 406 11.38 29.48 8.91
N GLU E 407 10.67 30.33 8.17
CA GLU E 407 10.96 31.75 8.19
C GLU E 407 10.91 32.30 9.61
N SER E 408 9.99 31.76 10.42
CA SER E 408 9.87 32.19 11.82
C SER E 408 11.13 31.81 12.58
N ILE E 409 11.57 30.56 12.41
CA ILE E 409 12.76 30.08 13.10
C ILE E 409 13.96 30.94 12.71
N GLN E 410 14.04 31.26 11.43
CA GLN E 410 15.14 32.08 10.94
C GLN E 410 15.07 33.52 11.43
N LYS E 411 13.87 34.07 11.48
CA LYS E 411 13.72 35.44 11.95
C LYS E 411 14.06 35.54 13.44
N VAL E 412 13.50 34.66 14.26
CA VAL E 412 13.80 34.69 15.68
C VAL E 412 15.30 34.40 15.86
N GLY E 413 15.81 33.49 15.06
CA GLY E 413 17.23 33.15 15.10
C GLY E 413 17.76 32.48 16.35
N ILE E 414 19.07 32.26 16.35
CA ILE E 414 19.77 31.60 17.44
C ILE E 414 19.66 32.31 18.79
N GLY E 415 19.38 31.52 19.83
CA GLY E 415 19.31 32.04 21.18
C GLY E 415 18.25 33.06 21.58
N ASN E 416 17.23 33.26 20.76
CA ASN E 416 16.19 34.23 21.10
C ASN E 416 14.86 33.57 21.43
N ASN E 417 13.81 34.37 21.62
CA ASN E 417 12.53 33.76 21.94
C ASN E 417 11.36 34.24 21.10
N PHE E 418 10.33 33.39 21.02
CA PHE E 418 9.13 33.64 20.22
C PHE E 418 7.98 34.35 20.92
N LEU E 419 8.11 34.62 22.22
CA LEU E 419 7.03 35.27 22.96
C LEU E 419 6.50 36.57 22.36
N ALA E 420 7.37 37.35 21.77
CA ALA E 420 6.96 38.63 21.18
C ALA E 420 6.62 38.60 19.69
N LEU E 421 6.99 37.53 19.00
CA LEU E 421 6.71 37.41 17.55
C LEU E 421 5.23 37.62 17.27
N LYS E 422 4.91 38.27 16.15
CA LYS E 422 3.51 38.52 15.84
C LYS E 422 2.73 37.23 15.61
N GLN E 423 3.33 36.29 14.90
CA GLN E 423 2.71 35.00 14.63
C GLN E 423 2.29 34.36 15.96
N THR E 424 3.17 34.45 16.94
CA THR E 424 2.93 33.87 18.25
C THR E 424 1.71 34.48 18.94
N ARG E 425 1.58 35.79 18.87
CA ARG E 425 0.46 36.47 19.51
C ARG E 425 -0.85 36.17 18.79
N GLN E 426 -0.76 35.93 17.47
CA GLN E 426 -1.94 35.60 16.69
C GLN E 426 -2.45 34.21 17.04
N LEU E 427 -1.54 33.35 17.50
CA LEU E 427 -1.91 31.99 17.86
C LEU E 427 -2.02 31.81 19.37
N VAL E 428 -2.54 32.81 20.07
CA VAL E 428 -2.67 32.71 21.51
C VAL E 428 -3.72 31.70 21.98
N ASP E 429 -4.72 31.43 21.15
CA ASP E 429 -5.76 30.47 21.51
C ASP E 429 -5.52 29.08 20.92
N TYR E 430 -4.49 28.93 20.09
CA TYR E 430 -4.15 27.66 19.44
C TYR E 430 -3.83 26.51 20.41
N PRO E 431 -3.02 26.77 21.45
CA PRO E 431 -2.70 25.70 22.41
C PRO E 431 -3.88 25.24 23.25
N SER E 432 -3.76 24.04 23.81
CA SER E 432 -4.81 23.49 24.66
C SER E 432 -5.00 24.42 25.86
N ASN E 433 -6.23 24.49 26.36
CA ASN E 433 -6.54 25.37 27.47
C ASN E 433 -7.60 24.75 28.35
N PRO E 434 -7.20 23.77 29.18
CA PRO E 434 -8.17 23.13 30.06
C PRO E 434 -8.94 24.10 30.95
N MET E 435 -10.14 23.69 31.32
CA MET E 435 -11.01 24.48 32.18
C MET E 435 -10.66 24.19 33.65
N LEU E 436 -10.56 22.92 33.99
CA LEU E 436 -10.28 22.51 35.36
C LEU E 436 -8.84 22.07 35.66
N LEU E 437 -8.17 21.40 34.73
CA LEU E 437 -6.81 20.96 34.98
C LEU E 437 -5.93 22.15 35.39
N ASP E 438 -5.23 22.00 36.52
CA ASP E 438 -4.39 23.07 37.04
C ASP E 438 -2.99 23.09 36.45
N ARG E 439 -2.62 24.23 35.88
CA ARG E 439 -1.30 24.39 35.26
C ARG E 439 -0.46 25.48 35.94
N HIS E 440 -0.84 25.86 37.16
CA HIS E 440 -0.12 26.88 37.93
C HIS E 440 1.05 26.32 38.72
N MET E 441 1.99 27.21 39.06
CA MET E 441 3.13 26.81 39.87
C MET E 441 2.57 26.59 41.26
N PHE E 442 3.29 25.81 42.07
CA PHE E 442 2.85 25.48 43.42
C PHE E 442 2.36 26.69 44.23
N GLY E 443 3.10 27.79 44.14
CA GLY E 443 2.71 28.98 44.87
C GLY E 443 1.27 29.41 44.68
N ASP E 444 0.91 29.74 43.45
CA ASP E 444 -0.45 30.18 43.14
C ASP E 444 -1.49 29.14 43.55
N TRP E 445 -1.13 27.87 43.35
CA TRP E 445 -2.02 26.77 43.68
C TRP E 445 -2.32 26.68 45.18
N ALA E 446 -1.30 26.81 46.02
CA ALA E 446 -1.50 26.75 47.46
C ALA E 446 -2.31 27.96 47.91
N ALA E 447 -2.07 29.09 47.25
CA ALA E 447 -2.77 30.34 47.55
C ALA E 447 -4.24 30.29 47.11
N ALA E 448 -4.60 29.26 46.36
CA ALA E 448 -5.98 29.09 45.90
C ALA E 448 -6.69 28.12 46.82
N GLY E 449 -5.93 27.47 47.68
CA GLY E 449 -6.52 26.53 48.62
C GLY E 449 -5.93 25.13 48.58
N SER E 450 -4.99 24.90 47.68
CA SER E 450 -4.36 23.58 47.54
C SER E 450 -5.46 22.54 47.32
N LYS E 451 -6.42 22.90 46.47
CA LYS E 451 -7.55 22.06 46.13
C LYS E 451 -7.23 21.02 45.04
N ASP E 452 -7.61 19.76 45.26
CA ASP E 452 -7.36 18.75 44.23
C ASP E 452 -8.40 18.93 43.12
N LEU E 453 -8.23 18.22 42.01
CA LEU E 453 -9.14 18.37 40.89
C LEU E 453 -10.60 18.12 41.25
N ALA E 454 -10.84 17.17 42.14
CA ALA E 454 -12.20 16.84 42.53
C ALA E 454 -12.94 17.99 43.21
N THR E 455 -12.30 18.64 44.18
CA THR E 455 -12.96 19.74 44.86
C THR E 455 -13.16 20.91 43.91
N VAL E 456 -12.22 21.12 42.99
CA VAL E 456 -12.36 22.22 42.03
C VAL E 456 -13.56 21.94 41.13
N ALA E 457 -13.76 20.67 40.80
CA ALA E 457 -14.86 20.26 39.95
C ALA E 457 -16.18 20.49 40.67
N HIS E 458 -16.23 20.08 41.94
CA HIS E 458 -17.44 20.27 42.74
C HIS E 458 -17.88 21.73 42.66
N GLU E 459 -16.92 22.63 42.83
CA GLU E 459 -17.22 24.04 42.79
C GLU E 459 -17.84 24.43 41.46
N LYS E 460 -17.35 23.84 40.37
CA LYS E 460 -17.88 24.14 39.05
C LYS E 460 -19.32 23.65 38.96
N VAL E 461 -19.56 22.44 39.46
CA VAL E 461 -20.89 21.86 39.44
C VAL E 461 -21.87 22.81 40.12
N GLU E 462 -21.52 23.25 41.32
CA GLU E 462 -22.36 24.17 42.06
C GLU E 462 -22.66 25.40 41.21
N ASP E 463 -21.61 26.01 40.69
CA ASP E 463 -21.76 27.21 39.87
C ASP E 463 -22.67 26.96 38.66
N VAL E 464 -22.54 25.80 38.02
CA VAL E 464 -23.36 25.49 36.87
C VAL E 464 -24.82 25.30 37.26
N LEU E 465 -25.07 24.43 38.22
CA LEU E 465 -26.43 24.16 38.67
C LEU E 465 -27.15 25.41 39.12
N LYS E 466 -26.39 26.35 39.67
CA LYS E 466 -26.93 27.60 40.18
C LYS E 466 -27.05 28.71 39.14
N ASN E 467 -26.47 28.54 37.96
CA ASN E 467 -26.55 29.61 36.97
C ASN E 467 -26.80 29.25 35.52
N HIS E 468 -26.67 27.98 35.15
CA HIS E 468 -26.92 27.66 33.75
C HIS E 468 -28.40 27.74 33.42
N GLN E 469 -28.70 28.25 32.22
CA GLN E 469 -30.07 28.39 31.77
C GLN E 469 -30.34 27.39 30.63
N VAL E 470 -31.35 26.56 30.81
CA VAL E 470 -31.71 25.58 29.79
C VAL E 470 -32.94 26.10 29.05
N THR E 471 -32.92 26.06 27.72
CA THR E 471 -34.05 26.52 26.93
C THR E 471 -35.28 25.66 27.23
N PRO E 472 -36.28 26.22 27.93
CA PRO E 472 -37.49 25.50 28.31
C PRO E 472 -38.45 25.20 27.16
N ILE E 473 -39.24 24.14 27.33
CA ILE E 473 -40.22 23.74 26.34
C ILE E 473 -41.40 24.71 26.44
N ASP E 474 -42.03 25.02 25.31
CA ASP E 474 -43.18 25.91 25.33
C ASP E 474 -44.14 25.44 26.42
N ALA E 475 -44.66 26.38 27.19
CA ALA E 475 -45.57 26.06 28.29
C ALA E 475 -46.76 25.22 27.86
N ASP E 476 -47.39 25.57 26.75
CA ASP E 476 -48.55 24.84 26.23
C ASP E 476 -48.17 23.42 25.81
N ILE E 477 -47.08 23.32 25.05
CA ILE E 477 -46.58 22.04 24.56
C ILE E 477 -46.23 21.11 25.73
N PHE E 478 -45.57 21.65 26.75
CA PHE E 478 -45.19 20.85 27.91
C PHE E 478 -46.41 20.19 28.53
N LYS E 479 -47.53 20.92 28.53
CA LYS E 479 -48.78 20.42 29.08
C LYS E 479 -49.18 19.15 28.33
N ASP E 480 -49.18 19.25 27.00
CA ASP E 480 -49.53 18.13 26.15
C ASP E 480 -48.63 16.94 26.43
N MET E 481 -47.34 17.22 26.65
CA MET E 481 -46.38 16.17 26.93
C MET E 481 -46.58 15.59 28.33
N GLN E 482 -46.79 16.47 29.31
CA GLN E 482 -47.00 16.03 30.68
C GLN E 482 -48.20 15.09 30.73
N ALA E 483 -49.24 15.43 29.96
CA ALA E 483 -50.45 14.63 29.91
C ALA E 483 -50.17 13.16 29.61
N ILE E 484 -49.35 12.90 28.59
CA ILE E 484 -49.00 11.53 28.18
C ILE E 484 -48.37 10.75 29.32
N VAL E 485 -47.56 11.43 30.12
CA VAL E 485 -46.90 10.80 31.25
C VAL E 485 -47.95 10.39 32.29
N ASP E 486 -48.88 11.31 32.57
CA ASP E 486 -49.93 11.04 33.53
C ASP E 486 -50.78 9.85 33.06
N LYS E 487 -51.17 9.89 31.79
CA LYS E 487 -51.97 8.81 31.23
C LYS E 487 -51.22 7.51 31.42
N ALA E 488 -49.91 7.56 31.20
CA ALA E 488 -49.04 6.39 31.34
C ALA E 488 -49.05 5.85 32.76
N ASP E 489 -49.00 6.73 33.75
CA ASP E 489 -49.01 6.33 35.15
C ASP E 489 -50.37 5.77 35.53
N LYS E 490 -51.42 6.35 34.96
CA LYS E 490 -52.77 5.89 35.24
C LYS E 490 -52.87 4.42 34.86
N ALA E 491 -52.47 4.10 33.64
CA ALA E 491 -52.51 2.72 33.16
C ALA E 491 -51.72 1.79 34.06
N PHE E 492 -50.52 2.23 34.46
CA PHE E 492 -49.70 1.39 35.32
C PHE E 492 -50.43 1.13 36.64
N ARG E 493 -50.92 2.20 37.27
CA ARG E 493 -51.61 2.07 38.53
C ARG E 493 -52.78 1.09 38.45
N GLY E 494 -53.39 1.00 37.26
CA GLY E 494 -54.50 0.07 37.09
C GLY E 494 -54.00 -1.35 36.94
N MET E 495 -52.89 -1.67 37.60
CA MET E 495 -52.28 -2.99 37.54
C MET E 495 -52.16 -3.49 36.09
N ALA F 2 -23.74 18.48 19.02
CA ALA F 2 -23.27 19.71 18.32
C ALA F 2 -22.46 19.36 17.09
N LYS F 3 -22.05 20.37 16.33
CA LYS F 3 -21.25 20.16 15.13
C LYS F 3 -19.97 19.47 15.59
N ASN F 4 -19.47 18.54 14.79
CA ASN F 4 -18.27 17.80 15.15
C ASN F 4 -16.98 18.58 15.02
N ASN F 5 -16.05 18.30 15.94
CA ASN F 5 -14.75 18.93 15.93
C ASN F 5 -13.75 17.95 16.53
N ALA F 6 -13.86 16.71 16.09
CA ALA F 6 -12.99 15.61 16.50
C ALA F 6 -13.09 14.53 15.44
N VAL F 7 -12.06 14.42 14.62
CA VAL F 7 -12.05 13.43 13.55
C VAL F 7 -10.77 12.59 13.60
N ALA F 8 -10.95 11.28 13.68
CA ALA F 8 -9.82 10.36 13.74
C ALA F 8 -8.97 10.44 12.47
N GLY F 9 -7.80 9.82 12.51
CA GLY F 9 -6.89 9.82 11.38
C GLY F 9 -7.55 9.70 10.04
N PHE F 10 -7.30 10.68 9.17
CA PHE F 10 -7.89 10.73 7.84
C PHE F 10 -6.75 10.81 6.81
N ASN F 11 -6.83 10.02 5.74
CA ASN F 11 -5.81 10.02 4.68
C ASN F 11 -6.22 11.00 3.57
N ALA F 12 -5.31 11.88 3.18
CA ALA F 12 -5.65 12.87 2.16
C ALA F 12 -4.67 13.05 1.01
N LEU F 13 -5.19 13.64 -0.07
CA LEU F 13 -4.43 13.95 -1.26
C LEU F 13 -4.58 15.43 -1.65
N ASN F 14 -3.49 16.14 -1.38
CA ASN F 14 -3.36 17.56 -1.67
C ASN F 14 -2.72 17.72 -3.03
N GLY F 15 -3.51 18.15 -4.00
CA GLY F 15 -2.99 18.35 -5.33
C GLY F 15 -3.35 17.22 -6.28
N VAL F 16 -2.54 17.11 -7.33
CA VAL F 16 -2.75 16.12 -8.36
C VAL F 16 -1.48 15.30 -8.42
N GLU F 17 -1.62 14.00 -8.24
CA GLU F 17 -0.48 13.09 -8.26
C GLU F 17 -0.37 12.37 -9.61
N LEU F 18 0.80 12.43 -10.22
CA LEU F 18 1.03 11.77 -11.50
C LEU F 18 2.09 10.70 -11.28
N ASN F 19 1.80 9.48 -11.75
CA ASN F 19 2.74 8.36 -11.59
C ASN F 19 3.13 7.70 -12.90
N LEU F 20 4.42 7.39 -13.02
CA LEU F 20 4.96 6.75 -14.21
C LEU F 20 5.70 5.45 -13.91
N PHE F 21 6.16 5.30 -12.67
CA PHE F 21 6.93 4.12 -12.30
C PHE F 21 6.60 3.50 -10.95
N THR F 22 6.89 2.21 -10.85
CA THR F 22 6.75 1.48 -9.60
C THR F 22 8.20 1.50 -9.13
N THR F 23 8.45 1.17 -7.87
CA THR F 23 9.82 1.15 -7.39
C THR F 23 10.65 0.14 -8.19
N ASP F 24 10.06 -1.00 -8.52
CA ASP F 24 10.78 -2.01 -9.30
C ASP F 24 11.29 -1.46 -10.63
N GLU F 25 10.45 -0.69 -11.32
CA GLU F 25 10.85 -0.13 -12.60
C GLU F 25 11.97 0.89 -12.40
N LEU F 26 11.89 1.70 -11.35
CA LEU F 26 12.95 2.67 -11.12
C LEU F 26 14.25 1.87 -10.95
N LYS F 27 14.24 0.87 -10.07
CA LYS F 27 15.43 0.06 -9.85
C LYS F 27 15.98 -0.53 -11.15
N ALA F 28 15.07 -0.99 -12.02
CA ALA F 28 15.48 -1.56 -13.30
C ALA F 28 16.23 -0.55 -14.16
N ILE F 29 15.75 0.70 -14.15
CA ILE F 29 16.40 1.76 -14.91
C ILE F 29 17.78 2.00 -14.31
N HIS F 30 17.86 1.88 -12.99
CA HIS F 30 19.11 2.08 -12.26
C HIS F 30 20.17 1.03 -12.62
N TYR F 31 19.83 -0.24 -12.43
CA TYR F 31 20.76 -1.32 -12.76
C TYR F 31 21.27 -1.19 -14.19
N ALA F 32 20.36 -0.90 -15.11
CA ALA F 32 20.75 -0.76 -16.51
C ALA F 32 21.78 0.36 -16.63
N THR F 33 21.54 1.45 -15.90
CA THR F 33 22.45 2.61 -15.94
C THR F 33 23.82 2.25 -15.36
N MET F 34 23.84 1.54 -14.24
CA MET F 34 25.10 1.15 -13.62
C MET F 34 25.88 0.22 -14.55
N GLU F 35 25.16 -0.66 -15.23
CA GLU F 35 25.74 -1.60 -16.17
C GLU F 35 26.43 -0.85 -17.30
N VAL F 36 25.80 0.25 -17.74
CA VAL F 36 26.33 1.07 -18.81
C VAL F 36 27.50 1.95 -18.34
N LEU F 37 27.51 2.35 -17.08
CA LEU F 37 28.62 3.16 -16.57
C LEU F 37 29.90 2.34 -16.50
N MET F 38 29.76 1.02 -16.56
CA MET F 38 30.90 0.12 -16.51
C MET F 38 31.28 -0.39 -17.90
N ASP F 39 30.32 -0.37 -18.82
CA ASP F 39 30.56 -0.81 -20.19
C ASP F 39 29.44 -0.28 -21.08
N PRO F 40 29.78 0.60 -22.05
CA PRO F 40 31.10 1.12 -22.42
C PRO F 40 31.81 2.10 -21.49
N GLY F 41 31.09 2.67 -20.53
CA GLY F 41 31.72 3.64 -19.66
C GLY F 41 31.54 5.03 -20.27
N ILE F 42 32.24 6.03 -19.75
CA ILE F 42 32.10 7.39 -20.27
C ILE F 42 33.40 8.05 -20.68
N GLN F 43 33.37 8.69 -21.83
CA GLN F 43 34.53 9.38 -22.36
C GLN F 43 34.67 10.78 -21.77
N VAL F 44 35.65 10.94 -20.90
CA VAL F 44 35.92 12.22 -20.26
C VAL F 44 37.10 12.83 -21.00
N SER F 45 36.82 13.89 -21.77
CA SER F 45 37.85 14.53 -22.55
C SER F 45 38.83 15.39 -21.76
N ASP F 46 38.39 15.95 -20.65
CA ASP F 46 39.28 16.77 -19.84
C ASP F 46 40.20 15.93 -18.96
N PRO F 47 41.52 16.14 -19.09
CA PRO F 47 42.52 15.41 -18.32
C PRO F 47 42.43 15.67 -16.82
N GLU F 48 42.07 16.90 -16.43
CA GLU F 48 41.95 17.21 -15.02
C GLU F 48 40.82 16.38 -14.40
N ALA F 49 39.74 16.24 -15.15
CA ALA F 49 38.59 15.47 -14.69
C ALA F 49 38.94 13.98 -14.60
N ARG F 50 39.67 13.47 -15.58
CA ARG F 50 40.06 12.05 -15.54
C ARG F 50 40.85 11.77 -14.27
N GLN F 51 41.72 12.70 -13.89
CA GLN F 51 42.53 12.52 -12.69
C GLN F 51 41.61 12.45 -11.47
N ILE F 52 40.65 13.36 -11.41
CA ILE F 52 39.69 13.39 -10.30
C ILE F 52 39.01 12.02 -10.19
N PHE F 53 38.58 11.46 -11.32
CA PHE F 53 37.92 10.16 -11.34
C PHE F 53 38.85 9.04 -10.89
N LYS F 54 40.02 8.97 -11.54
CA LYS F 54 41.01 7.95 -11.26
C LYS F 54 41.39 7.90 -9.78
N GLU F 55 41.74 9.06 -9.22
CA GLU F 55 42.12 9.17 -7.81
C GLU F 55 41.11 8.52 -6.88
N ASN F 56 39.84 8.62 -7.23
CA ASN F 56 38.79 8.08 -6.39
C ASN F 56 38.35 6.64 -6.67
N GLY F 57 39.06 5.95 -7.56
CA GLY F 57 38.74 4.56 -7.80
C GLY F 57 38.22 4.17 -9.17
N CYS F 58 38.18 5.11 -10.09
CA CYS F 58 37.69 4.80 -11.44
C CYS F 58 38.76 4.23 -12.33
N GLU F 59 38.37 3.25 -13.15
CA GLU F 59 39.29 2.66 -14.10
C GLU F 59 39.34 3.63 -15.26
N VAL F 60 40.50 4.27 -15.46
CA VAL F 60 40.63 5.22 -16.55
C VAL F 60 41.63 4.76 -17.61
N ASN F 61 41.15 4.69 -18.84
CA ASN F 61 41.95 4.30 -19.99
C ASN F 61 42.45 5.59 -20.63
N GLU F 62 43.67 6.00 -20.28
CA GLU F 62 44.25 7.23 -20.77
C GLU F 62 44.44 7.39 -22.28
N LYS F 63 44.46 6.27 -23.01
CA LYS F 63 44.62 6.35 -24.45
C LYS F 63 43.29 6.73 -25.12
N THR F 64 42.20 6.14 -24.64
CA THR F 64 40.87 6.41 -25.18
C THR F 64 40.14 7.51 -24.40
N ASN F 65 40.63 7.83 -23.21
CA ASN F 65 40.02 8.84 -22.35
C ASN F 65 38.70 8.31 -21.77
N VAL F 66 38.52 6.99 -21.79
CA VAL F 66 37.30 6.37 -21.26
C VAL F 66 37.39 6.03 -19.78
N VAL F 67 36.40 6.50 -19.02
CA VAL F 67 36.30 6.28 -17.58
C VAL F 67 35.15 5.34 -17.27
N LYS F 68 35.41 4.36 -16.41
CA LYS F 68 34.38 3.42 -16.01
C LYS F 68 34.06 3.71 -14.55
N ILE F 69 32.84 4.18 -14.31
CA ILE F 69 32.40 4.56 -12.97
C ILE F 69 31.73 3.45 -12.17
N PRO F 70 32.37 3.01 -11.07
CA PRO F 70 31.83 1.95 -10.22
C PRO F 70 30.60 2.44 -9.50
N GLU F 71 29.64 1.55 -9.29
CA GLU F 71 28.40 1.93 -8.64
C GLU F 71 28.60 2.59 -7.27
N TYR F 72 29.63 2.18 -6.53
CA TYR F 72 29.82 2.77 -5.20
C TYR F 72 30.14 4.26 -5.24
N LEU F 73 30.71 4.74 -6.34
CA LEU F 73 30.99 6.18 -6.43
C LEU F 73 29.71 6.96 -6.72
N VAL F 74 28.77 6.36 -7.46
CA VAL F 74 27.50 7.02 -7.73
C VAL F 74 26.78 7.21 -6.39
N ARG F 75 26.71 6.14 -5.61
CA ARG F 75 26.10 6.17 -4.28
C ARG F 75 26.73 7.24 -3.41
N LYS F 76 28.06 7.29 -3.40
CA LYS F 76 28.78 8.26 -2.59
C LYS F 76 28.43 9.69 -2.97
N ALA F 77 28.41 9.95 -4.27
CA ALA F 77 28.11 11.29 -4.77
C ALA F 77 26.69 11.68 -4.42
N LEU F 78 25.77 10.72 -4.51
CA LEU F 78 24.38 10.99 -4.19
C LEU F 78 24.20 11.22 -2.71
N GLN F 79 25.09 10.65 -1.90
CA GLN F 79 25.00 10.84 -0.47
C GLN F 79 25.60 12.19 -0.08
N LEU F 80 26.53 12.69 -0.89
CA LEU F 80 27.18 13.98 -0.63
C LEU F 80 26.41 15.20 -1.12
N ALA F 81 25.77 15.07 -2.28
CA ALA F 81 25.02 16.19 -2.86
C ALA F 81 23.86 16.62 -1.97
N PRO F 82 23.70 17.94 -1.80
CA PRO F 82 22.61 18.47 -0.98
C PRO F 82 21.22 18.27 -1.60
N SER F 83 20.24 17.97 -0.77
CA SER F 83 18.89 17.75 -1.27
C SER F 83 18.21 19.05 -1.66
N ARG F 84 18.78 20.17 -1.26
N ARG F 84 18.76 20.18 -1.24
CA ARG F 84 18.19 21.47 -1.58
CA ARG F 84 18.16 21.46 -1.60
C ARG F 84 19.21 22.59 -1.51
C ARG F 84 19.15 22.62 -1.44
N PHE F 85 18.84 23.72 -2.12
CA PHE F 85 19.69 24.91 -2.10
C PHE F 85 18.86 26.07 -2.66
N VAL F 86 19.18 27.29 -2.23
CA VAL F 86 18.44 28.47 -2.67
C VAL F 86 19.10 29.34 -3.73
N LEU F 87 18.34 29.69 -4.76
CA LEU F 87 18.83 30.56 -5.83
C LEU F 87 18.43 31.98 -5.43
N TRP F 88 19.42 32.86 -5.26
CA TRP F 88 19.12 34.23 -4.87
C TRP F 88 18.94 35.17 -6.05
N GLY F 89 18.15 36.20 -5.82
CA GLY F 89 17.96 37.22 -6.84
C GLY F 89 18.55 38.47 -6.22
N ARG F 90 18.75 39.53 -6.98
CA ARG F 90 19.28 40.77 -6.39
C ARG F 90 18.22 41.24 -5.40
N ASP F 91 16.96 40.99 -5.74
CA ASP F 91 15.84 41.30 -4.86
C ASP F 91 15.51 40.00 -4.13
N LYS F 92 15.67 40.01 -2.82
CA LYS F 92 15.41 38.84 -1.98
C LYS F 92 14.05 38.19 -2.26
N LYS F 93 13.09 38.99 -2.74
CA LYS F 93 11.75 38.48 -3.02
C LYS F 93 11.71 37.51 -4.21
N PHE F 94 12.75 37.53 -5.03
CA PHE F 94 12.81 36.65 -6.18
C PHE F 94 13.56 35.35 -5.88
N ASN F 95 13.98 35.18 -4.63
CA ASN F 95 14.70 33.99 -4.22
C ASN F 95 13.84 32.76 -4.53
N THR F 96 14.44 31.78 -5.20
CA THR F 96 13.75 30.57 -5.58
C THR F 96 14.41 29.32 -5.04
N VAL F 97 13.63 28.49 -4.33
CA VAL F 97 14.15 27.24 -3.78
C VAL F 97 14.09 26.10 -4.77
N GLN F 98 15.18 25.32 -4.80
CA GLN F 98 15.30 24.15 -5.66
C GLN F 98 15.55 23.00 -4.68
N GLU F 99 14.51 22.22 -4.45
CA GLU F 99 14.54 21.15 -3.47
C GLU F 99 13.95 19.83 -3.95
N CYS F 100 14.62 18.73 -3.61
CA CYS F 100 14.16 17.40 -4.00
C CYS F 100 12.69 17.32 -3.59
N GLY F 101 11.83 16.91 -4.52
CA GLY F 101 10.42 16.83 -4.22
C GLY F 101 9.54 17.34 -5.36
N GLY F 102 8.36 17.85 -5.04
CA GLY F 102 7.46 18.32 -6.08
C GLY F 102 7.18 19.81 -6.19
N LYS F 103 7.98 20.65 -5.53
CA LYS F 103 7.80 22.09 -5.61
C LYS F 103 8.22 22.57 -7.01
N VAL F 104 7.23 22.92 -7.82
CA VAL F 104 7.47 23.34 -9.19
C VAL F 104 7.76 24.84 -9.36
N HIS F 105 8.65 25.16 -10.30
CA HIS F 105 9.02 26.53 -10.62
C HIS F 105 9.30 26.59 -12.12
N TRP F 106 9.17 27.79 -12.70
CA TRP F 106 9.40 27.98 -14.13
C TRP F 106 10.46 29.02 -14.41
N THR F 107 11.06 28.91 -15.59
CA THR F 107 12.07 29.85 -16.05
C THR F 107 11.92 29.90 -17.55
N CYS F 108 12.39 30.97 -18.17
CA CYS F 108 12.28 31.10 -19.61
C CYS F 108 13.24 30.17 -20.32
N PHE F 109 13.04 30.01 -21.63
CA PHE F 109 13.87 29.15 -22.44
C PHE F 109 15.28 29.71 -22.60
N GLY F 110 16.19 28.83 -23.02
CA GLY F 110 17.56 29.22 -23.24
C GLY F 110 18.27 28.18 -24.08
N THR F 111 18.94 28.61 -25.16
CA THR F 111 18.98 30.01 -25.57
C THR F 111 18.89 30.05 -27.10
N GLY F 112 18.02 30.90 -27.61
CA GLY F 112 17.85 31.01 -29.05
C GLY F 112 18.89 31.87 -29.74
N VAL F 113 18.89 31.78 -31.05
CA VAL F 113 19.80 32.56 -31.90
C VAL F 113 19.00 33.63 -32.63
N LYS F 114 17.67 33.47 -32.64
CA LYS F 114 16.76 34.39 -33.30
C LYS F 114 15.63 34.85 -32.38
N VAL F 115 15.05 36.00 -32.70
CA VAL F 115 13.95 36.57 -31.93
C VAL F 115 12.75 36.77 -32.86
N CYS F 116 11.56 36.54 -32.33
CA CYS F 116 10.33 36.68 -33.11
C CYS F 116 9.69 38.02 -32.74
N LYS F 117 9.78 38.98 -33.66
N LYS F 117 9.72 38.97 -33.68
CA LYS F 117 9.23 40.32 -33.42
CA LYS F 117 9.14 40.28 -33.42
C LYS F 117 8.35 40.87 -34.55
C LYS F 117 7.80 40.50 -34.14
N TYR F 118 7.69 42.00 -34.27
N TYR F 118 6.82 41.06 -33.42
CA TYR F 118 6.78 42.65 -35.22
CA TYR F 118 5.49 41.34 -33.96
C TYR F 118 7.49 43.79 -35.96
C TYR F 118 5.57 42.72 -34.62
N GLN F 119 7.71 43.61 -37.26
N GLN F 119 5.89 42.74 -35.91
CA GLN F 119 8.39 44.62 -38.08
CA GLN F 119 6.01 43.99 -36.65
C GLN F 119 7.46 45.64 -38.73
C GLN F 119 4.68 44.73 -36.72
N ASP F 120 7.11 45.39 -39.99
N ASP F 120 3.95 44.52 -37.80
CA ASP F 120 6.23 46.29 -40.74
CA ASP F 120 2.65 45.18 -37.98
C ASP F 120 4.94 45.60 -41.15
C ASP F 120 1.58 44.13 -38.27
N GLY F 121 4.04 45.42 -40.19
N GLY F 121 1.21 43.39 -37.24
CA GLY F 121 2.77 44.79 -40.48
CA GLY F 121 0.19 42.35 -37.39
C GLY F 121 2.72 43.30 -40.20
C GLY F 121 0.78 41.02 -37.75
N LYS F 122 3.86 42.71 -39.85
N LYS F 122 1.83 41.02 -38.58
CA LYS F 122 3.90 41.28 -39.55
CA LYS F 122 2.50 39.80 -39.00
C LYS F 122 5.07 40.86 -38.65
C LYS F 122 3.74 39.51 -38.15
N TYR F 123 5.01 39.62 -38.17
N TYR F 123 4.39 38.38 -38.42
CA TYR F 123 6.05 39.07 -37.31
CA TYR F 123 5.56 37.98 -37.65
C TYR F 123 7.17 38.53 -38.19
C TYR F 123 6.85 37.87 -38.46
N VAL F 124 8.40 38.97 -37.91
N VAL F 124 7.95 38.33 -37.86
CA VAL F 124 9.54 38.50 -38.68
CA VAL F 124 9.27 38.29 -38.51
C VAL F 124 10.62 37.97 -37.74
C VAL F 124 10.31 37.72 -37.55
N THR F 125 11.09 36.76 -38.03
CA THR F 125 12.12 36.12 -37.23
C THR F 125 13.52 36.63 -37.61
N VAL F 126 14.13 37.40 -36.72
CA VAL F 126 15.46 37.95 -36.98
C VAL F 126 16.53 37.50 -35.97
N ASP F 127 17.79 37.63 -36.38
CA ASP F 127 18.92 37.25 -35.53
C ASP F 127 18.96 38.10 -34.26
N SER F 128 19.31 37.44 -33.15
CA SER F 128 19.38 38.10 -31.86
C SER F 128 20.66 38.92 -31.64
N VAL F 129 20.60 39.80 -30.64
CA VAL F 129 21.71 40.67 -30.28
C VAL F 129 21.69 40.89 -28.79
N GLU F 130 22.81 41.37 -28.23
CA GLU F 130 22.90 41.59 -26.79
C GLU F 130 21.76 42.44 -26.24
N LYS F 131 21.19 43.29 -27.10
CA LYS F 131 20.11 44.16 -26.68
C LYS F 131 18.84 43.33 -26.41
N ASP F 132 18.60 42.34 -27.26
CA ASP F 132 17.43 41.48 -27.11
C ASP F 132 17.43 40.78 -25.75
N ILE F 133 18.62 40.49 -25.24
CA ILE F 133 18.74 39.84 -23.94
C ILE F 133 18.21 40.79 -22.88
N ALA F 134 18.57 42.06 -23.00
CA ALA F 134 18.14 43.08 -22.05
C ALA F 134 16.62 43.20 -22.00
N ASP F 135 16.00 43.29 -23.18
CA ASP F 135 14.55 43.41 -23.28
C ASP F 135 13.85 42.24 -22.62
N ILE F 136 14.15 41.05 -23.14
CA ILE F 136 13.56 39.82 -22.64
C ILE F 136 13.73 39.72 -21.12
N ALA F 137 14.88 40.18 -20.60
CA ALA F 137 15.13 40.14 -19.17
C ALA F 137 14.14 41.05 -18.45
N LYS F 138 13.83 42.20 -19.04
CA LYS F 138 12.89 43.15 -18.45
C LYS F 138 11.48 42.56 -18.45
N LEU F 139 11.16 41.82 -19.50
CA LEU F 139 9.84 41.20 -19.62
C LEU F 139 9.70 40.10 -18.56
N CYS F 140 10.71 39.23 -18.48
CA CYS F 140 10.73 38.16 -17.51
C CYS F 140 10.81 38.67 -16.07
N ASP F 141 11.30 39.90 -15.90
CA ASP F 141 11.42 40.49 -14.57
C ASP F 141 10.01 40.78 -14.07
N TRP F 142 9.14 41.09 -15.02
CA TRP F 142 7.75 41.42 -14.73
C TRP F 142 6.87 40.18 -14.57
N ALA F 143 7.12 39.15 -15.38
CA ALA F 143 6.34 37.91 -15.33
C ALA F 143 6.49 37.16 -14.00
N GLU F 144 5.46 37.20 -13.17
CA GLU F 144 5.46 36.55 -11.86
C GLU F 144 5.72 35.05 -11.84
N ASN F 145 5.20 34.32 -12.82
CA ASN F 145 5.40 32.88 -12.83
C ASN F 145 6.76 32.46 -13.34
N ILE F 146 7.56 33.45 -13.73
CA ILE F 146 8.92 33.22 -14.19
C ILE F 146 9.78 33.47 -12.97
N ASP F 147 10.07 32.41 -12.22
CA ASP F 147 10.85 32.51 -11.00
C ASP F 147 12.24 33.10 -11.20
N TYR F 148 12.99 32.59 -12.16
CA TYR F 148 14.30 33.14 -12.43
C TYR F 148 14.58 33.18 -13.92
N PHE F 149 15.63 33.93 -14.27
CA PHE F 149 16.01 34.16 -15.67
C PHE F 149 17.11 33.25 -16.20
N SER F 150 16.86 32.69 -17.39
CA SER F 150 17.84 31.81 -18.04
C SER F 150 18.19 32.44 -19.39
N LEU F 151 19.48 32.69 -19.63
CA LEU F 151 19.93 33.30 -20.89
C LEU F 151 19.04 32.88 -22.06
N PRO F 152 18.09 33.75 -22.44
CA PRO F 152 17.14 33.50 -23.54
C PRO F 152 17.72 33.39 -24.95
N VAL F 153 18.56 34.34 -25.34
CA VAL F 153 19.17 34.33 -26.67
C VAL F 153 20.64 34.72 -26.63
N SER F 154 21.37 34.38 -27.69
CA SER F 154 22.80 34.70 -27.76
C SER F 154 23.06 36.16 -28.10
N ALA F 155 24.14 36.70 -27.56
CA ALA F 155 24.55 38.07 -27.85
C ALA F 155 25.45 37.91 -29.08
N ARG F 156 24.83 37.61 -30.22
CA ARG F 156 25.55 37.38 -31.47
C ARG F 156 26.41 38.56 -31.92
N ASP F 157 25.93 39.78 -31.72
CA ASP F 157 26.68 40.96 -32.15
C ASP F 157 28.01 41.14 -31.40
N ILE F 158 28.30 40.26 -30.44
CA ILE F 158 29.55 40.35 -29.68
C ILE F 158 30.49 39.23 -30.10
N ALA F 159 29.99 38.31 -30.92
CA ALA F 159 30.78 37.19 -31.38
C ALA F 159 31.99 37.67 -32.16
N GLY F 160 33.13 37.03 -31.92
CA GLY F 160 34.35 37.39 -32.61
C GLY F 160 34.91 38.76 -32.30
N GLN F 161 34.17 39.58 -31.56
CA GLN F 161 34.64 40.93 -31.22
C GLN F 161 34.91 41.07 -29.73
N GLY F 162 34.64 40.01 -28.98
CA GLY F 162 34.86 40.04 -27.55
C GLY F 162 34.44 38.76 -26.84
N ALA F 163 34.38 38.81 -25.52
CA ALA F 163 33.99 37.66 -24.71
C ALA F 163 32.46 37.63 -24.65
N GLN F 164 31.87 37.00 -25.65
CA GLN F 164 30.41 36.90 -25.75
C GLN F 164 29.74 36.45 -24.46
N ASP F 165 30.18 35.31 -23.94
CA ASP F 165 29.64 34.72 -22.72
C ASP F 165 29.68 35.65 -21.51
N VAL F 166 30.71 36.48 -21.42
CA VAL F 166 30.79 37.39 -20.28
C VAL F 166 29.82 38.55 -20.44
N HIS F 167 29.51 38.90 -21.69
CA HIS F 167 28.55 39.96 -21.95
C HIS F 167 27.19 39.36 -21.60
N GLU F 168 27.06 38.07 -21.91
CA GLU F 168 25.85 37.30 -21.64
C GLU F 168 25.68 37.01 -20.15
N THR F 169 26.46 37.68 -19.31
CA THR F 169 26.39 37.48 -17.88
C THR F 169 25.97 38.76 -17.19
N LEU F 170 26.69 39.85 -17.47
CA LEU F 170 26.37 41.12 -16.85
C LEU F 170 25.07 41.70 -17.35
N THR F 171 24.81 41.60 -18.65
CA THR F 171 23.57 42.13 -19.22
C THR F 171 22.35 41.59 -18.47
N PRO F 172 22.23 40.25 -18.35
CA PRO F 172 21.09 39.66 -17.65
C PRO F 172 20.98 40.21 -16.21
N LEU F 173 22.07 40.09 -15.47
CA LEU F 173 22.12 40.57 -14.08
C LEU F 173 21.68 42.03 -13.95
N ALA F 174 21.96 42.81 -14.97
CA ALA F 174 21.63 44.23 -14.94
C ALA F 174 20.18 44.52 -15.26
N ASN F 175 19.64 43.77 -16.22
CA ASN F 175 18.27 43.97 -16.68
C ASN F 175 17.13 43.26 -15.91
N THR F 176 17.49 42.58 -14.84
CA THR F 176 16.50 41.90 -13.99
C THR F 176 17.12 41.63 -12.61
N ALA F 177 16.29 41.68 -11.58
CA ALA F 177 16.74 41.44 -10.22
C ALA F 177 16.49 40.01 -9.79
N LYS F 178 16.16 39.15 -10.75
CA LYS F 178 15.91 37.75 -10.48
C LYS F 178 17.15 36.92 -10.77
N HIS F 179 17.32 35.80 -10.06
CA HIS F 179 18.46 34.92 -10.25
C HIS F 179 18.74 34.70 -11.74
N PHE F 180 20.02 34.54 -12.08
CA PHE F 180 20.41 34.29 -13.47
C PHE F 180 21.06 32.93 -13.66
N HIS F 181 20.54 32.19 -14.63
CA HIS F 181 21.03 30.87 -14.95
C HIS F 181 21.64 30.97 -16.34
N HIS F 182 22.96 30.75 -16.42
CA HIS F 182 23.65 30.85 -17.69
C HIS F 182 23.64 29.52 -18.43
N ILE F 183 22.91 29.50 -19.55
CA ILE F 183 22.77 28.31 -20.38
C ILE F 183 24.03 28.01 -21.20
N ASP F 184 24.81 29.03 -21.53
CA ASP F 184 26.02 28.79 -22.31
C ASP F 184 27.29 29.39 -21.72
N PRO F 185 27.74 28.85 -20.57
CA PRO F 185 28.95 29.32 -19.89
C PRO F 185 30.18 28.73 -20.54
N VAL F 186 31.29 29.45 -20.44
CA VAL F 186 32.55 29.00 -21.02
C VAL F 186 33.48 28.53 -19.90
N GLY F 187 33.82 27.24 -19.93
CA GLY F 187 34.68 26.66 -18.93
C GLY F 187 35.84 27.53 -18.48
N GLU F 188 36.60 28.03 -19.45
CA GLU F 188 37.76 28.86 -19.12
C GLU F 188 37.44 30.23 -18.53
N ASN F 189 36.27 30.78 -18.83
CA ASN F 189 35.90 32.09 -18.32
C ASN F 189 35.09 32.10 -17.03
N VAL F 190 34.92 30.94 -16.41
CA VAL F 190 34.15 30.88 -15.18
C VAL F 190 34.67 31.83 -14.10
N GLU F 191 35.99 32.02 -14.03
CA GLU F 191 36.56 32.93 -13.03
C GLU F 191 35.96 34.32 -13.20
N TYR F 192 35.67 34.70 -14.45
CA TYR F 192 35.08 36.00 -14.74
C TYR F 192 33.71 36.13 -14.10
N TYR F 193 32.89 35.08 -14.25
CA TYR F 193 31.56 35.10 -13.67
C TYR F 193 31.71 35.26 -12.15
N ARG F 194 32.55 34.41 -11.56
CA ARG F 194 32.78 34.48 -10.12
C ARG F 194 33.12 35.90 -9.68
N ASP F 195 34.05 36.53 -10.39
CA ASP F 195 34.46 37.89 -10.05
C ASP F 195 33.32 38.91 -10.26
N ILE F 196 32.50 38.68 -11.27
CA ILE F 196 31.37 39.58 -11.55
C ILE F 196 30.45 39.58 -10.32
N VAL F 197 30.14 38.37 -9.84
CA VAL F 197 29.25 38.19 -8.68
C VAL F 197 29.92 38.72 -7.42
N LYS F 198 31.20 38.43 -7.26
CA LYS F 198 31.95 38.89 -6.10
C LYS F 198 31.91 40.42 -6.11
N ALA F 199 31.98 40.98 -7.32
CA ALA F 199 31.93 42.42 -7.51
C ALA F 199 30.60 42.96 -7.00
N TYR F 200 29.52 42.27 -7.34
CA TYR F 200 28.19 42.69 -6.90
C TYR F 200 28.13 42.79 -5.38
N TYR F 201 28.71 41.81 -4.70
CA TYR F 201 28.72 41.81 -3.24
C TYR F 201 29.87 42.62 -2.66
N GLY F 202 30.36 43.59 -3.44
CA GLY F 202 31.45 44.43 -3.01
C GLY F 202 32.68 43.70 -2.51
N GLY F 203 33.14 42.71 -3.27
CA GLY F 203 34.33 41.96 -2.89
C GLY F 203 34.15 40.82 -1.88
N ASP F 204 33.05 40.81 -1.15
CA ASP F 204 32.80 39.77 -0.16
C ASP F 204 32.51 38.44 -0.86
N GLU F 205 33.52 37.59 -0.97
CA GLU F 205 33.33 36.30 -1.64
C GLU F 205 32.41 35.38 -0.86
N GLU F 206 32.41 35.50 0.47
CA GLU F 206 31.55 34.67 1.30
C GLU F 206 30.09 34.94 0.92
N GLU F 207 29.73 36.21 0.86
CA GLU F 207 28.37 36.59 0.49
C GLU F 207 27.97 35.99 -0.85
N ALA F 208 28.84 36.13 -1.84
CA ALA F 208 28.57 35.60 -3.17
C ALA F 208 28.20 34.12 -3.08
N ARG F 209 28.92 33.39 -2.23
CA ARG F 209 28.69 31.97 -2.03
C ARG F 209 27.40 31.70 -1.25
N LYS F 210 27.15 32.53 -0.25
CA LYS F 210 25.97 32.38 0.60
C LYS F 210 24.68 32.81 -0.11
N LYS F 211 24.80 33.73 -1.06
CA LYS F 211 23.62 34.23 -1.78
C LYS F 211 23.87 34.25 -3.29
N PRO F 212 24.06 33.07 -3.88
CA PRO F 212 24.31 32.96 -5.33
C PRO F 212 23.21 33.56 -6.19
N ILE F 213 23.60 34.53 -7.00
CA ILE F 213 22.66 35.18 -7.92
C ILE F 213 22.98 34.64 -9.31
N PHE F 214 23.99 33.79 -9.38
CA PHE F 214 24.42 33.23 -10.63
C PHE F 214 24.60 31.71 -10.53
N SER F 215 24.19 31.00 -11.57
CA SER F 215 24.31 29.54 -11.64
C SER F 215 24.49 29.21 -13.12
N MET F 216 24.99 28.02 -13.44
CA MET F 216 25.21 27.67 -14.84
C MET F 216 24.79 26.27 -15.26
N LEU F 217 24.76 26.04 -16.57
CA LEU F 217 24.35 24.77 -17.15
C LEU F 217 25.36 24.22 -18.16
N LEU F 218 25.49 22.90 -18.17
CA LEU F 218 26.38 22.20 -19.09
C LEU F 218 25.65 20.96 -19.60
N CYS F 219 26.00 20.51 -20.79
CA CYS F 219 25.37 19.32 -21.34
C CYS F 219 26.31 18.18 -21.69
N PRO F 220 26.06 17.00 -21.12
CA PRO F 220 26.96 15.90 -21.47
C PRO F 220 26.72 15.71 -22.96
N THR F 221 27.71 15.24 -23.69
CA THR F 221 27.55 15.04 -25.12
C THR F 221 27.08 13.61 -25.36
N SER F 222 25.88 13.49 -25.91
CA SER F 222 25.31 12.18 -26.17
C SER F 222 25.87 11.57 -27.45
N PRO F 223 26.18 10.27 -27.41
CA PRO F 223 26.01 9.47 -26.20
C PRO F 223 27.27 9.22 -25.36
N LEU F 224 27.10 9.18 -24.04
CA LEU F 224 28.16 8.88 -23.09
C LEU F 224 29.48 9.65 -23.20
N GLU F 225 29.42 10.98 -23.24
CA GLU F 225 30.62 11.80 -23.34
C GLU F 225 30.60 13.06 -22.49
N LEU F 226 31.74 13.41 -21.93
CA LEU F 226 31.88 14.63 -21.13
C LEU F 226 33.00 15.45 -21.77
N SER F 227 32.63 16.58 -22.37
CA SER F 227 33.58 17.45 -23.03
C SER F 227 34.47 18.14 -22.03
N VAL F 228 35.53 18.77 -22.52
CA VAL F 228 36.45 19.51 -21.68
C VAL F 228 35.72 20.68 -21.03
N ASN F 229 34.95 21.38 -21.84
CA ASN F 229 34.21 22.53 -21.33
C ASN F 229 33.24 22.11 -20.23
N ALA F 230 32.49 21.05 -20.48
CA ALA F 230 31.53 20.55 -19.49
C ALA F 230 32.22 20.28 -18.17
N CYS F 231 33.32 19.52 -18.24
CA CYS F 231 34.08 19.16 -17.04
C CYS F 231 34.59 20.39 -16.30
N GLN F 232 35.11 21.37 -17.05
CA GLN F 232 35.62 22.57 -16.42
C GLN F 232 34.49 23.33 -15.74
N VAL F 233 33.33 23.37 -16.39
CA VAL F 233 32.18 24.06 -15.81
C VAL F 233 31.84 23.37 -14.49
N ILE F 234 31.75 22.04 -14.52
CA ILE F 234 31.43 21.26 -13.33
C ILE F 234 32.44 21.54 -12.23
N ILE F 235 33.71 21.37 -12.56
CA ILE F 235 34.79 21.58 -11.58
C ILE F 235 34.86 23.00 -11.02
N LYS F 236 34.95 24.00 -11.89
CA LYS F 236 35.02 25.36 -11.40
C LYS F 236 33.76 25.74 -10.64
N GLY F 237 32.62 25.29 -11.15
CA GLY F 237 31.37 25.59 -10.47
C GLY F 237 31.44 25.10 -9.05
N ALA F 238 31.81 23.82 -8.90
CA ALA F 238 31.92 23.22 -7.59
C ALA F 238 32.89 23.98 -6.69
N ARG F 239 34.09 24.24 -7.19
CA ARG F 239 35.10 24.95 -6.40
C ARG F 239 34.75 26.40 -6.06
N PHE F 240 34.08 27.11 -6.94
CA PHE F 240 33.74 28.51 -6.67
C PHE F 240 32.43 28.65 -5.88
N GLY F 241 31.67 27.57 -5.80
CA GLY F 241 30.42 27.61 -5.07
C GLY F 241 29.26 28.09 -5.92
N ILE F 242 29.28 27.75 -7.20
CA ILE F 242 28.22 28.12 -8.14
C ILE F 242 27.37 26.90 -8.49
N PRO F 243 26.05 27.00 -8.29
CA PRO F 243 25.18 25.86 -8.61
C PRO F 243 25.36 25.41 -10.04
N VAL F 244 25.52 24.11 -10.24
CA VAL F 244 25.70 23.55 -11.58
C VAL F 244 24.56 22.61 -11.98
N ASN F 245 24.05 22.82 -13.19
CA ASN F 245 22.94 22.03 -13.73
C ASN F 245 23.45 21.06 -14.80
N VAL F 246 23.59 19.79 -14.44
CA VAL F 246 24.02 18.76 -15.38
C VAL F 246 22.78 18.38 -16.19
N LEU F 247 22.66 18.93 -17.38
CA LEU F 247 21.49 18.69 -18.21
C LEU F 247 21.78 17.89 -19.46
N SER F 248 21.08 16.76 -19.61
CA SER F 248 21.24 15.89 -20.76
C SER F 248 20.53 16.44 -22.00
N MET F 249 21.04 16.06 -23.16
CA MET F 249 20.47 16.48 -24.43
C MET F 249 20.51 15.30 -25.38
N ALA F 250 20.10 14.15 -24.88
CA ALA F 250 20.08 12.95 -25.72
C ALA F 250 18.97 13.12 -26.73
N MET F 251 18.77 12.11 -27.57
CA MET F 251 17.75 12.19 -28.61
C MET F 251 17.40 10.81 -29.13
N SER F 252 16.21 10.33 -28.74
CA SER F 252 15.73 9.02 -29.13
C SER F 252 15.85 8.78 -30.63
N GLY F 253 16.36 7.62 -31.01
CA GLY F 253 16.52 7.29 -32.41
C GLY F 253 17.76 7.91 -33.04
N GLY F 254 18.47 8.73 -32.26
CA GLY F 254 19.68 9.38 -32.74
C GLY F 254 20.88 9.03 -31.87
N SER F 255 20.96 9.64 -30.70
CA SER F 255 22.08 9.37 -29.80
C SER F 255 21.69 8.45 -28.65
N SER F 256 20.48 7.88 -28.73
CA SER F 256 19.99 6.95 -27.70
C SER F 256 18.90 6.09 -28.35
N PRO F 257 18.53 4.97 -27.71
CA PRO F 257 17.49 4.08 -28.25
C PRO F 257 16.16 4.79 -28.53
N VAL F 258 15.43 4.29 -29.51
CA VAL F 258 14.13 4.85 -29.87
C VAL F 258 13.20 4.77 -28.66
N TYR F 259 13.25 3.67 -27.93
CA TYR F 259 12.41 3.50 -26.75
C TYR F 259 12.71 4.56 -25.69
N LEU F 260 11.67 5.00 -24.97
CA LEU F 260 11.85 6.01 -23.95
C LEU F 260 12.67 5.50 -22.76
N ALA F 261 12.41 4.25 -22.33
CA ALA F 261 13.16 3.69 -21.21
C ALA F 261 14.66 3.74 -21.52
N GLY F 262 15.07 3.11 -22.63
CA GLY F 262 16.46 3.09 -23.03
C GLY F 262 17.04 4.50 -23.11
N THR F 263 16.26 5.45 -23.58
CA THR F 263 16.72 6.83 -23.67
C THR F 263 17.00 7.34 -22.24
N LEU F 264 16.13 6.98 -21.30
CA LEU F 264 16.33 7.42 -19.92
C LEU F 264 17.65 6.88 -19.35
N VAL F 265 17.96 5.63 -19.71
CA VAL F 265 19.20 5.01 -19.25
C VAL F 265 20.40 5.85 -19.71
N THR F 266 20.40 6.17 -21.01
CA THR F 266 21.47 6.98 -21.60
C THR F 266 21.58 8.32 -20.88
N HIS F 267 20.42 8.93 -20.64
CA HIS F 267 20.35 10.21 -19.95
C HIS F 267 20.92 10.09 -18.53
N ASN F 268 20.54 9.01 -17.85
CA ASN F 268 20.96 8.75 -16.48
C ASN F 268 22.48 8.60 -16.40
N ALA F 269 23.02 7.70 -17.23
CA ALA F 269 24.46 7.47 -17.25
C ALA F 269 25.18 8.80 -17.46
N GLU F 270 24.71 9.56 -18.45
CA GLU F 270 25.32 10.85 -18.73
C GLU F 270 25.25 11.84 -17.58
N VAL F 271 24.06 12.09 -17.06
CA VAL F 271 23.90 13.05 -15.98
C VAL F 271 24.58 12.64 -14.69
N LEU F 272 24.46 11.37 -14.31
CA LEU F 272 25.11 10.89 -13.09
C LEU F 272 26.63 11.04 -13.17
N SER F 273 27.21 10.83 -14.35
CA SER F 273 28.65 10.97 -14.48
C SER F 273 29.05 12.40 -14.13
N GLY F 274 28.24 13.36 -14.58
CA GLY F 274 28.53 14.75 -14.28
C GLY F 274 28.41 15.03 -12.79
N ILE F 275 27.38 14.48 -12.17
CA ILE F 275 27.13 14.67 -10.74
C ILE F 275 28.24 14.03 -9.90
N VAL F 276 28.69 12.86 -10.32
CA VAL F 276 29.78 12.18 -9.62
C VAL F 276 31.02 13.08 -9.68
N LEU F 277 31.33 13.60 -10.87
CA LEU F 277 32.50 14.47 -11.03
C LEU F 277 32.41 15.64 -10.06
N ALA F 278 31.22 16.25 -9.99
CA ALA F 278 31.00 17.39 -9.12
C ALA F 278 31.26 17.11 -7.65
N GLN F 279 30.71 16.01 -7.15
CA GLN F 279 30.89 15.68 -5.75
C GLN F 279 32.32 15.26 -5.41
N LEU F 280 33.00 14.61 -6.35
CA LEU F 280 34.38 14.20 -6.12
C LEU F 280 35.27 15.44 -6.08
N THR F 281 34.92 16.45 -6.87
CA THR F 281 35.70 17.68 -6.92
C THR F 281 35.50 18.44 -5.62
N VAL F 282 34.25 18.58 -5.21
CA VAL F 282 33.94 19.26 -3.95
C VAL F 282 32.70 18.64 -3.34
N PRO F 283 32.87 17.87 -2.26
CA PRO F 283 31.73 17.23 -1.61
C PRO F 283 30.73 18.27 -1.10
N GLY F 284 29.46 18.11 -1.49
CA GLY F 284 28.42 19.03 -1.07
C GLY F 284 28.09 20.08 -2.11
N ALA F 285 28.73 19.99 -3.27
CA ALA F 285 28.49 20.95 -4.34
C ALA F 285 27.04 20.92 -4.82
N LYS F 286 26.42 22.11 -4.88
CA LYS F 286 25.03 22.24 -5.30
C LYS F 286 24.88 21.88 -6.78
N VAL F 287 24.06 20.86 -7.07
CA VAL F 287 23.84 20.45 -8.45
C VAL F 287 22.38 20.11 -8.76
N TRP F 288 22.07 20.03 -10.04
CA TRP F 288 20.73 19.71 -10.53
C TRP F 288 20.80 18.45 -11.38
N TYR F 289 19.73 17.66 -11.34
CA TYR F 289 19.63 16.46 -12.16
C TYR F 289 18.72 17.00 -13.27
N GLY F 290 19.31 17.39 -14.39
CA GLY F 290 18.52 17.97 -15.46
C GLY F 290 18.40 17.25 -16.79
N SER F 291 17.47 17.73 -17.62
CA SER F 291 17.27 17.12 -18.91
C SER F 291 16.48 17.94 -19.91
N SER F 292 16.79 17.70 -21.18
CA SER F 292 16.09 18.32 -22.29
C SER F 292 16.16 17.29 -23.40
N THR F 293 16.38 16.04 -22.98
CA THR F 293 16.45 14.92 -23.90
C THR F 293 15.10 14.81 -24.57
N THR F 294 15.10 14.49 -25.87
CA THR F 294 13.85 14.37 -26.61
C THR F 294 13.92 13.28 -27.67
N THR F 295 12.94 13.26 -28.58
CA THR F 295 12.89 12.26 -29.64
C THR F 295 13.29 12.88 -30.96
N PHE F 296 13.71 12.03 -31.90
CA PHE F 296 14.09 12.47 -33.23
C PHE F 296 13.00 11.99 -34.19
N ASP F 297 12.46 12.91 -35.00
CA ASP F 297 11.44 12.51 -35.95
C ASP F 297 12.11 12.22 -37.28
N LEU F 298 12.35 10.94 -37.55
CA LEU F 298 13.00 10.50 -38.79
C LEU F 298 12.19 11.01 -39.97
N LYS F 299 10.88 10.99 -39.81
CA LYS F 299 9.95 11.42 -40.85
C LYS F 299 9.96 12.92 -41.14
N LYS F 300 10.60 13.72 -40.29
CA LYS F 300 10.66 15.17 -40.51
C LYS F 300 12.09 15.71 -40.51
N GLY F 301 13.05 14.88 -40.14
CA GLY F 301 14.44 15.31 -40.12
C GLY F 301 14.74 16.30 -39.00
N THR F 302 13.91 16.27 -37.95
CA THR F 302 14.09 17.18 -36.82
C THR F 302 13.86 16.47 -35.49
N ALA F 303 14.22 17.16 -34.40
CA ALA F 303 14.03 16.64 -33.06
C ALA F 303 12.94 17.50 -32.42
N PRO F 304 11.66 17.12 -32.62
CA PRO F 304 10.50 17.83 -32.07
C PRO F 304 10.60 17.98 -30.57
N VAL F 305 10.28 19.16 -30.07
CA VAL F 305 10.37 19.40 -28.65
C VAL F 305 9.04 19.92 -28.08
N GLY F 306 7.97 19.70 -28.84
CA GLY F 306 6.65 20.11 -28.41
C GLY F 306 5.80 18.85 -28.46
N SER F 307 6.49 17.71 -28.49
CA SER F 307 5.86 16.41 -28.58
C SER F 307 5.46 15.77 -27.25
N PRO F 308 4.54 14.80 -27.30
CA PRO F 308 4.16 14.18 -26.03
C PRO F 308 5.39 13.48 -25.44
N GLU F 309 6.29 13.05 -26.32
CA GLU F 309 7.52 12.37 -25.90
C GLU F 309 8.36 13.27 -25.02
N LEU F 310 8.48 14.54 -25.39
CA LEU F 310 9.27 15.48 -24.61
C LEU F 310 8.67 15.63 -23.22
N GLY F 311 7.35 15.75 -23.17
CA GLY F 311 6.68 15.88 -21.89
C GLY F 311 6.94 14.67 -21.03
N LEU F 312 6.75 13.49 -21.61
CA LEU F 312 6.95 12.24 -20.88
C LEU F 312 8.37 12.12 -20.34
N ILE F 313 9.36 12.37 -21.19
CA ILE F 313 10.76 12.29 -20.79
C ILE F 313 11.09 13.23 -19.65
N SER F 314 10.60 14.46 -19.75
CA SER F 314 10.84 15.45 -18.71
C SER F 314 10.18 15.06 -17.42
N ALA F 315 8.98 14.51 -17.50
CA ALA F 315 8.26 14.08 -16.30
C ALA F 315 9.01 12.91 -15.67
N ALA F 316 9.52 12.02 -16.51
CA ALA F 316 10.28 10.85 -16.06
C ALA F 316 11.56 11.26 -15.35
N VAL F 317 12.21 12.30 -15.88
CA VAL F 317 13.45 12.80 -15.29
C VAL F 317 13.20 13.37 -13.90
N ALA F 318 12.01 13.95 -13.69
CA ALA F 318 11.68 14.51 -12.39
C ALA F 318 11.47 13.35 -11.41
N LYS F 319 10.76 12.32 -11.84
CA LYS F 319 10.53 11.17 -10.98
C LYS F 319 11.86 10.54 -10.62
N LEU F 320 12.75 10.43 -11.60
CA LEU F 320 14.08 9.86 -11.35
C LEU F 320 14.86 10.71 -10.37
N ALA F 321 14.76 12.03 -10.52
CA ALA F 321 15.47 12.93 -9.63
C ALA F 321 14.95 12.73 -8.21
N GLN F 322 13.64 12.70 -8.07
CA GLN F 322 13.01 12.52 -6.76
C GLN F 322 13.44 11.17 -6.15
N PHE F 323 13.71 10.22 -7.03
CA PHE F 323 14.15 8.88 -6.66
C PHE F 323 15.58 8.96 -6.13
N TYR F 324 16.44 9.66 -6.85
CA TYR F 324 17.84 9.81 -6.44
C TYR F 324 18.03 10.87 -5.34
N GLY F 325 16.99 11.62 -5.02
CA GLY F 325 17.09 12.62 -3.96
C GLY F 325 17.64 13.97 -4.39
N LEU F 326 17.59 14.27 -5.69
CA LEU F 326 18.12 15.52 -6.21
C LEU F 326 17.06 16.46 -6.80
N PRO F 327 17.37 17.77 -6.88
CA PRO F 327 16.44 18.75 -7.45
C PRO F 327 16.46 18.54 -8.98
N SER F 328 15.34 18.79 -9.65
CA SER F 328 15.31 18.60 -11.10
C SER F 328 15.16 19.90 -11.89
N TYR F 329 15.59 19.84 -13.14
CA TYR F 329 15.54 20.97 -14.08
C TYR F 329 15.28 20.33 -15.44
N VAL F 330 14.05 20.46 -15.94
CA VAL F 330 13.69 19.84 -17.21
C VAL F 330 13.03 20.76 -18.23
N ALA F 331 13.03 20.30 -19.48
CA ALA F 331 12.43 21.05 -20.58
C ALA F 331 10.92 20.90 -20.51
N GLY F 332 10.22 21.99 -20.77
CA GLY F 332 8.77 21.97 -20.73
C GLY F 332 8.26 23.31 -21.20
N SER F 333 7.01 23.36 -21.65
CA SER F 333 6.45 24.61 -22.14
C SER F 333 7.23 24.97 -23.41
CA PYL F 334 8.13 24.09 -25.52
C PYL F 334 7.21 23.82 -26.72
N PYL F 334 7.41 23.96 -24.26
N SER F 335 7.57 24.35 -27.88
CA SER F 335 6.78 24.15 -29.09
C SER F 335 7.65 24.13 -30.34
N ASP F 336 7.16 23.46 -31.38
CA ASP F 336 7.87 23.36 -32.64
C ASP F 336 7.33 24.35 -33.67
N ALA F 337 6.23 25.02 -33.32
CA ALA F 337 5.60 25.98 -34.22
C ALA F 337 6.47 27.21 -34.44
N LYS F 338 6.36 27.80 -35.63
CA LYS F 338 7.14 28.98 -35.98
C LYS F 338 6.45 30.28 -35.57
N VAL F 339 5.18 30.20 -35.21
CA VAL F 339 4.44 31.38 -34.79
C VAL F 339 3.55 31.04 -33.61
N PRO F 340 3.19 32.05 -32.80
CA PRO F 340 2.33 31.83 -31.63
C PRO F 340 0.89 31.54 -32.03
N ASP F 341 0.64 30.33 -32.51
CA ASP F 341 -0.69 29.95 -32.96
C ASP F 341 -1.32 28.81 -32.15
N ASP F 342 -2.36 28.20 -32.73
CA ASP F 342 -3.09 27.09 -32.12
C ASP F 342 -2.10 25.97 -31.71
N GLN F 343 -1.14 25.68 -32.57
CA GLN F 343 -0.16 24.65 -32.29
C GLN F 343 0.70 24.99 -31.08
N ALA F 344 1.24 26.20 -31.06
CA ALA F 344 2.07 26.61 -29.93
C ALA F 344 1.33 26.35 -28.63
N GLY F 345 0.13 26.93 -28.51
CA GLY F 345 -0.68 26.77 -27.32
C GLY F 345 -0.80 25.33 -26.86
N HIS F 346 -1.16 24.46 -27.80
CA HIS F 346 -1.31 23.05 -27.48
C HIS F 346 -0.02 22.43 -26.94
N GLU F 347 1.03 22.43 -27.75
CA GLU F 347 2.32 21.86 -27.38
C GLU F 347 2.85 22.46 -26.07
N LYS F 348 2.76 23.77 -25.94
CA LYS F 348 3.25 24.42 -24.73
C LYS F 348 2.62 23.79 -23.49
N THR F 349 1.32 23.54 -23.56
CA THR F 349 0.56 22.97 -22.46
C THR F 349 0.85 21.47 -22.29
N MET F 350 0.98 20.78 -23.42
CA MET F 350 1.28 19.36 -23.40
C MET F 350 2.61 19.13 -22.68
N THR F 351 3.62 19.91 -23.05
CA THR F 351 4.96 19.77 -22.50
C THR F 351 5.23 20.44 -21.15
N THR F 352 4.27 21.19 -20.63
CA THR F 352 4.48 21.82 -19.35
C THR F 352 3.65 21.09 -18.27
N LEU F 353 2.46 20.64 -18.65
CA LEU F 353 1.57 19.96 -17.73
C LEU F 353 2.12 18.62 -17.21
N LEU F 354 2.71 17.81 -18.09
CA LEU F 354 3.28 16.53 -17.65
C LEU F 354 4.38 16.71 -16.60
N PRO F 355 5.40 17.52 -16.90
CA PRO F 355 6.46 17.71 -15.91
C PRO F 355 5.94 18.38 -14.64
N ALA F 356 5.00 19.31 -14.80
CA ALA F 356 4.47 20.03 -13.64
C ALA F 356 3.75 19.12 -12.67
N LEU F 357 2.83 18.32 -13.20
CA LEU F 357 2.06 17.38 -12.39
C LEU F 357 3.01 16.34 -11.80
N ALA F 358 4.12 16.10 -12.48
CA ALA F 358 5.12 15.13 -12.04
C ALA F 358 5.98 15.71 -10.91
N GLY F 359 6.09 17.04 -10.88
CA GLY F 359 6.87 17.67 -9.84
C GLY F 359 8.23 18.26 -10.20
N ALA F 360 8.52 18.47 -11.49
CA ALA F 360 9.80 19.06 -11.88
C ALA F 360 10.04 20.34 -11.06
N ASN F 361 11.23 20.44 -10.46
CA ASN F 361 11.55 21.59 -9.62
C ASN F 361 11.75 22.86 -10.42
N THR F 362 12.06 22.68 -11.70
CA THR F 362 12.22 23.78 -12.63
C THR F 362 11.86 23.30 -14.03
N ILE F 363 10.99 24.04 -14.72
CA ILE F 363 10.61 23.71 -16.08
C ILE F 363 11.03 24.92 -16.91
N TYR F 364 11.92 24.71 -17.89
CA TYR F 364 12.39 25.81 -18.73
C TYR F 364 11.94 25.64 -20.18
N GLY F 365 11.62 26.75 -20.83
CA GLY F 365 11.16 26.70 -22.20
C GLY F 365 10.20 27.85 -22.53
N ALA F 366 9.70 28.50 -21.48
CA ALA F 366 8.78 29.62 -21.65
C ALA F 366 9.34 30.65 -22.63
N GLY F 367 8.48 31.13 -23.52
CA GLY F 367 8.87 32.13 -24.49
C GLY F 367 9.48 31.57 -25.76
N MET F 368 9.73 30.27 -25.77
CA MET F 368 10.37 29.63 -26.93
C MET F 368 9.45 29.18 -28.04
N LEU F 369 9.99 29.17 -29.25
CA LEU F 369 9.28 28.73 -30.45
C LEU F 369 10.33 28.13 -31.39
N GLU F 370 9.87 27.56 -32.50
CA GLU F 370 10.75 27.00 -33.51
C GLU F 370 11.80 26.00 -33.02
N LEU F 371 11.35 24.91 -32.41
CA LEU F 371 12.21 23.85 -31.94
C LEU F 371 13.44 24.26 -31.10
N GLY F 372 13.35 25.41 -30.44
CA GLY F 372 14.46 25.86 -29.61
C GLY F 372 15.39 26.83 -30.32
N MET F 373 14.92 27.36 -31.44
CA MET F 373 15.70 28.29 -32.24
C MET F 373 15.36 29.75 -31.96
N THR F 374 14.08 30.02 -31.74
CA THR F 374 13.59 31.38 -31.53
C THR F 374 12.96 31.69 -30.18
N PHE F 375 12.95 32.98 -29.84
CA PHE F 375 12.36 33.44 -28.60
C PHE F 375 11.30 34.51 -28.91
N SER F 376 10.06 34.25 -28.51
CA SER F 376 8.95 35.17 -28.75
C SER F 376 8.43 35.78 -27.45
N MET F 377 8.48 37.11 -27.37
CA MET F 377 8.01 37.80 -26.18
C MET F 377 6.50 37.63 -26.02
N GLU F 378 5.80 37.46 -27.14
CA GLU F 378 4.36 37.27 -27.11
C GLU F 378 4.10 35.90 -26.47
N GLN F 379 4.75 34.87 -27.00
CA GLN F 379 4.59 33.53 -26.47
C GLN F 379 5.04 33.49 -25.01
N LEU F 380 5.95 34.39 -24.63
CA LEU F 380 6.42 34.42 -23.25
C LEU F 380 5.31 34.86 -22.28
N VAL F 381 4.69 36.01 -22.53
CA VAL F 381 3.61 36.47 -21.66
C VAL F 381 2.43 35.49 -21.71
N ILE F 382 2.25 34.84 -22.86
CA ILE F 382 1.20 33.85 -23.03
C ILE F 382 1.51 32.64 -22.12
N ASP F 383 2.74 32.14 -22.23
CA ASP F 383 3.16 31.00 -21.42
C ASP F 383 3.04 31.33 -19.94
N ASN F 384 3.46 32.52 -19.57
CA ASN F 384 3.39 32.95 -18.19
C ASN F 384 1.96 32.89 -17.64
N ASP F 385 0.99 33.14 -18.52
CA ASP F 385 -0.41 33.11 -18.12
C ASP F 385 -0.86 31.66 -18.02
N ILE F 386 -0.37 30.83 -18.95
CA ILE F 386 -0.69 29.41 -18.95
C ILE F 386 -0.25 28.80 -17.62
N PHE F 387 0.93 29.18 -17.14
CA PHE F 387 1.42 28.65 -15.88
C PHE F 387 0.46 28.97 -14.75
N SER F 388 -0.23 30.11 -14.85
CA SER F 388 -1.20 30.48 -13.82
C SER F 388 -2.39 29.51 -13.83
N MET F 389 -2.73 29.02 -15.02
CA MET F 389 -3.82 28.08 -15.13
C MET F 389 -3.29 26.73 -14.62
N VAL F 390 -2.03 26.43 -14.94
CA VAL F 390 -1.45 25.19 -14.47
C VAL F 390 -1.41 25.20 -12.95
N LYS F 391 -1.07 26.34 -12.35
CA LYS F 391 -1.02 26.40 -10.90
C LYS F 391 -2.37 26.13 -10.25
N LYS F 392 -3.45 26.54 -10.92
CA LYS F 392 -4.77 26.29 -10.39
C LYS F 392 -5.09 24.80 -10.48
N ALA F 393 -4.76 24.21 -11.63
CA ALA F 393 -5.00 22.79 -11.84
C ALA F 393 -4.30 21.96 -10.78
N MET F 394 -3.12 22.41 -10.36
CA MET F 394 -2.33 21.73 -9.35
C MET F 394 -2.89 21.82 -7.95
N GLN F 395 -3.99 22.53 -7.82
CA GLN F 395 -4.65 22.66 -6.53
C GLN F 395 -5.46 21.36 -6.34
N GLY F 396 -5.82 20.73 -7.45
CA GLY F 396 -6.60 19.50 -7.41
C GLY F 396 -7.92 19.75 -6.70
N ILE F 397 -8.42 18.74 -5.98
CA ILE F 397 -9.66 18.93 -5.23
C ILE F 397 -9.38 18.82 -3.72
N PRO F 398 -9.49 19.96 -3.04
CA PRO F 398 -9.26 19.99 -1.60
C PRO F 398 -10.57 19.49 -1.00
N VAL F 399 -10.49 18.42 -0.21
CA VAL F 399 -11.66 17.85 0.41
C VAL F 399 -11.64 18.08 1.92
N SER F 400 -12.63 18.83 2.41
CA SER F 400 -12.75 19.12 3.84
C SER F 400 -14.20 19.43 4.08
N GLU F 401 -14.61 19.45 5.35
CA GLU F 401 -16.00 19.74 5.67
C GLU F 401 -16.36 21.10 5.08
N GLU F 402 -15.39 22.01 5.08
CA GLU F 402 -15.65 23.33 4.53
C GLU F 402 -15.85 23.32 3.02
N THR F 403 -14.93 22.72 2.27
CA THR F 403 -15.10 22.70 0.83
C THR F 403 -16.31 21.88 0.39
N LEU F 404 -16.65 20.83 1.13
CA LEU F 404 -17.81 20.02 0.77
C LEU F 404 -19.04 20.93 0.86
N ALA F 405 -18.97 21.88 1.78
CA ALA F 405 -20.02 22.88 2.01
C ALA F 405 -21.46 22.41 1.91
N VAL F 406 -21.83 21.39 2.68
CA VAL F 406 -23.19 20.90 2.63
C VAL F 406 -24.18 21.94 3.18
N GLU F 407 -23.81 22.61 4.25
CA GLU F 407 -24.69 23.60 4.82
C GLU F 407 -25.05 24.65 3.78
N SER F 408 -24.10 24.99 2.93
CA SER F 408 -24.33 25.97 1.87
C SER F 408 -25.32 25.43 0.88
N ILE F 409 -25.12 24.19 0.47
CA ILE F 409 -26.01 23.54 -0.49
C ILE F 409 -27.41 23.54 0.09
N GLN F 410 -27.51 23.23 1.37
CA GLN F 410 -28.81 23.19 2.05
C GLN F 410 -29.40 24.58 2.23
N LYS F 411 -28.56 25.56 2.58
CA LYS F 411 -29.06 26.91 2.76
C LYS F 411 -29.68 27.43 1.46
N VAL F 412 -28.91 27.42 0.37
CA VAL F 412 -29.41 27.90 -0.92
C VAL F 412 -30.66 27.13 -1.35
N GLY F 413 -30.68 25.84 -1.05
CA GLY F 413 -31.83 25.02 -1.39
C GLY F 413 -32.02 24.66 -2.85
N ILE F 414 -33.03 23.84 -3.10
CA ILE F 414 -33.39 23.37 -4.43
C ILE F 414 -33.74 24.50 -5.40
N GLY F 415 -33.28 24.37 -6.63
CA GLY F 415 -33.56 25.35 -7.67
C GLY F 415 -33.22 26.81 -7.42
N ASN F 416 -32.25 27.09 -6.57
CA ASN F 416 -31.87 28.48 -6.29
C ASN F 416 -30.49 28.91 -6.79
N ASN F 417 -30.11 30.12 -6.40
CA ASN F 417 -28.83 30.70 -6.83
C ASN F 417 -27.81 30.89 -5.70
N PHE F 418 -26.53 30.71 -6.03
CA PHE F 418 -25.44 30.87 -5.06
C PHE F 418 -24.73 32.22 -5.12
N LEU F 419 -24.95 32.98 -6.18
CA LEU F 419 -24.32 34.29 -6.35
C LEU F 419 -24.48 35.21 -5.16
N ALA F 420 -25.70 35.31 -4.65
CA ALA F 420 -25.96 36.19 -3.51
C ALA F 420 -25.39 35.71 -2.19
N LEU F 421 -25.12 34.41 -2.09
CA LEU F 421 -24.60 33.82 -0.85
C LEU F 421 -23.35 34.51 -0.34
N LYS F 422 -23.29 34.76 0.96
CA LYS F 422 -22.13 35.44 1.53
C LYS F 422 -20.83 34.69 1.29
N GLN F 423 -20.84 33.38 1.47
CA GLN F 423 -19.63 32.59 1.26
C GLN F 423 -19.12 32.80 -0.16
N THR F 424 -20.02 32.84 -1.12
CA THR F 424 -19.66 33.02 -2.52
C THR F 424 -18.97 34.36 -2.74
N ARG F 425 -19.53 35.42 -2.16
CA ARG F 425 -18.96 36.74 -2.31
C ARG F 425 -17.55 36.77 -1.74
N GLN F 426 -17.35 36.07 -0.62
CA GLN F 426 -16.05 36.02 0.02
C GLN F 426 -15.03 35.25 -0.80
N LEU F 427 -15.50 34.34 -1.65
CA LEU F 427 -14.60 33.54 -2.47
C LEU F 427 -14.43 34.04 -3.89
N VAL F 428 -14.78 35.30 -4.13
CA VAL F 428 -14.69 35.88 -5.46
C VAL F 428 -13.30 35.79 -6.10
N ASP F 429 -12.25 35.73 -5.28
CA ASP F 429 -10.89 35.63 -5.81
C ASP F 429 -10.37 34.18 -5.84
N TYR F 430 -11.24 33.22 -5.55
CA TYR F 430 -10.84 31.82 -5.52
C TYR F 430 -10.67 31.17 -6.91
N PRO F 431 -11.61 31.42 -7.83
CA PRO F 431 -11.51 30.84 -9.18
C PRO F 431 -10.30 31.34 -9.95
N SER F 432 -9.94 30.63 -11.02
CA SER F 432 -8.81 31.03 -11.84
C SER F 432 -9.15 32.36 -12.50
N ASN F 433 -8.15 33.22 -12.65
CA ASN F 433 -8.37 34.53 -13.23
C ASN F 433 -7.25 34.85 -14.21
N PRO F 434 -7.28 34.22 -15.39
CA PRO F 434 -6.24 34.45 -16.41
C PRO F 434 -6.11 35.93 -16.76
N MET F 435 -4.89 36.32 -17.12
CA MET F 435 -4.58 37.69 -17.48
C MET F 435 -4.90 38.01 -18.94
N LEU F 436 -4.59 37.08 -19.84
CA LEU F 436 -4.82 37.28 -21.27
C LEU F 436 -5.92 36.43 -21.87
N LEU F 437 -6.04 35.19 -21.41
CA LEU F 437 -7.07 34.29 -21.91
C LEU F 437 -8.42 35.01 -21.91
N ASP F 438 -9.08 35.03 -23.06
CA ASP F 438 -10.36 35.71 -23.18
C ASP F 438 -11.58 34.87 -22.79
N ARG F 439 -12.29 35.34 -21.77
CA ARG F 439 -13.49 34.65 -21.30
C ARG F 439 -14.76 35.48 -21.47
N HIS F 440 -14.77 36.37 -22.48
CA HIS F 440 -15.92 37.21 -22.76
C HIS F 440 -16.81 36.61 -23.83
N MET F 441 -18.08 37.01 -23.84
CA MET F 441 -19.04 36.54 -24.83
C MET F 441 -18.63 37.17 -26.16
N PHE F 442 -19.00 36.53 -27.27
CA PHE F 442 -18.60 37.05 -28.58
C PHE F 442 -18.70 38.56 -28.76
N GLY F 443 -19.84 39.12 -28.37
CA GLY F 443 -20.05 40.55 -28.50
C GLY F 443 -18.97 41.44 -27.93
N ASP F 444 -18.70 41.31 -26.64
CA ASP F 444 -17.68 42.12 -25.98
C ASP F 444 -16.33 41.94 -26.64
N TRP F 445 -16.03 40.71 -27.04
CA TRP F 445 -14.77 40.40 -27.69
C TRP F 445 -14.64 41.14 -29.01
N ALA F 446 -15.67 41.07 -29.83
CA ALA F 446 -15.66 41.74 -31.14
C ALA F 446 -15.55 43.25 -30.95
N ALA F 447 -16.22 43.76 -29.92
CA ALA F 447 -16.18 45.18 -29.62
C ALA F 447 -14.76 45.60 -29.24
N ALA F 448 -13.99 44.67 -28.70
CA ALA F 448 -12.62 44.96 -28.30
C ALA F 448 -11.66 44.83 -29.49
N GLY F 449 -12.20 44.48 -30.65
CA GLY F 449 -11.35 44.35 -31.83
C GLY F 449 -11.22 42.99 -32.47
N SER F 450 -11.89 41.98 -31.90
CA SER F 450 -11.79 40.63 -32.44
C SER F 450 -10.31 40.26 -32.52
N LYS F 451 -9.57 40.57 -31.46
CA LYS F 451 -8.14 40.29 -31.38
C LYS F 451 -7.86 38.87 -30.88
N ASP F 452 -6.95 38.16 -31.53
CA ASP F 452 -6.64 36.81 -31.06
C ASP F 452 -5.65 36.95 -29.90
N LEU F 453 -5.32 35.84 -29.24
CA LEU F 453 -4.40 35.88 -28.10
C LEU F 453 -3.03 36.45 -28.45
N ALA F 454 -2.51 36.07 -29.61
CA ALA F 454 -1.21 36.57 -30.04
C ALA F 454 -1.16 38.10 -30.02
N THR F 455 -2.08 38.75 -30.73
CA THR F 455 -2.10 40.20 -30.77
C THR F 455 -2.34 40.80 -29.37
N VAL F 456 -3.22 40.18 -28.58
CA VAL F 456 -3.49 40.67 -27.23
C VAL F 456 -2.22 40.63 -26.40
N ALA F 457 -1.42 39.58 -26.63
CA ALA F 457 -0.15 39.39 -25.94
C ALA F 457 0.84 40.48 -26.37
N HIS F 458 0.94 40.68 -27.68
CA HIS F 458 1.84 41.69 -28.24
C HIS F 458 1.62 43.05 -27.55
N GLU F 459 0.37 43.36 -27.25
CA GLU F 459 0.05 44.61 -26.61
C GLU F 459 0.56 44.66 -25.17
N LYS F 460 0.42 43.56 -24.45
CA LYS F 460 0.88 43.50 -23.08
C LYS F 460 2.41 43.65 -23.07
N VAL F 461 3.06 43.09 -24.08
CA VAL F 461 4.52 43.18 -24.19
C VAL F 461 4.89 44.64 -24.28
N GLU F 462 4.34 45.32 -25.28
CA GLU F 462 4.61 46.72 -25.49
C GLU F 462 4.37 47.51 -24.21
N ASP F 463 3.28 47.19 -23.52
CA ASP F 463 2.95 47.89 -22.28
C ASP F 463 3.95 47.65 -21.15
N VAL F 464 4.48 46.43 -21.07
CA VAL F 464 5.45 46.12 -20.02
C VAL F 464 6.80 46.75 -20.32
N LEU F 465 7.27 46.56 -21.55
CA LEU F 465 8.55 47.11 -21.98
C LEU F 465 8.61 48.62 -21.79
N LYS F 466 7.45 49.27 -21.91
CA LYS F 466 7.38 50.70 -21.77
C LYS F 466 7.26 51.17 -20.32
N ASN F 467 6.54 50.41 -19.49
CA ASN F 467 6.31 50.83 -18.13
C ASN F 467 6.87 50.03 -16.96
N HIS F 468 7.41 48.84 -17.21
CA HIS F 468 7.93 48.09 -16.07
C HIS F 468 9.29 48.60 -15.60
N GLN F 469 9.41 48.73 -14.28
CA GLN F 469 10.64 49.20 -13.64
C GLN F 469 11.43 48.03 -13.04
N VAL F 470 12.73 48.03 -13.25
CA VAL F 470 13.60 46.99 -12.71
C VAL F 470 14.50 47.62 -11.65
N THR F 471 14.62 46.99 -10.49
CA THR F 471 15.49 47.55 -9.45
C THR F 471 16.90 47.54 -10.02
N PRO F 472 17.50 48.72 -10.18
CA PRO F 472 18.85 48.83 -10.72
C PRO F 472 19.97 48.44 -9.76
N ILE F 473 21.10 48.07 -10.34
CA ILE F 473 22.27 47.69 -9.57
C ILE F 473 22.89 49.03 -9.14
N ASP F 474 23.42 49.09 -7.93
CA ASP F 474 24.03 50.33 -7.44
C ASP F 474 25.01 50.86 -8.49
N ALA F 475 24.92 52.15 -8.79
CA ALA F 475 25.79 52.77 -9.79
C ALA F 475 27.26 52.41 -9.64
N ASP F 476 27.78 52.53 -8.41
CA ASP F 476 29.19 52.22 -8.14
C ASP F 476 29.50 50.76 -8.43
N ILE F 477 28.76 49.87 -7.79
CA ILE F 477 28.95 48.44 -7.96
C ILE F 477 28.92 48.05 -9.43
N PHE F 478 27.99 48.65 -10.19
CA PHE F 478 27.90 48.33 -11.62
C PHE F 478 29.19 48.70 -12.35
N LYS F 479 29.89 49.71 -11.84
CA LYS F 479 31.14 50.15 -12.45
C LYS F 479 32.18 49.04 -12.32
N ASP F 480 32.32 48.52 -11.11
CA ASP F 480 33.27 47.45 -10.86
C ASP F 480 32.92 46.23 -11.71
N MET F 481 31.63 45.96 -11.84
CA MET F 481 31.17 44.83 -12.64
C MET F 481 31.45 45.02 -14.12
N GLN F 482 31.06 46.19 -14.63
CA GLN F 482 31.28 46.51 -16.04
C GLN F 482 32.78 46.40 -16.35
N ALA F 483 33.59 46.69 -15.34
CA ALA F 483 35.05 46.64 -15.45
C ALA F 483 35.51 45.24 -15.82
N ILE F 484 35.07 44.26 -15.04
CA ILE F 484 35.43 42.86 -15.28
C ILE F 484 35.13 42.48 -16.71
N VAL F 485 33.96 42.88 -17.20
CA VAL F 485 33.56 42.57 -18.56
C VAL F 485 34.58 43.17 -19.53
N ASP F 486 34.92 44.44 -19.33
CA ASP F 486 35.90 45.10 -20.19
C ASP F 486 37.22 44.36 -20.13
N LYS F 487 37.66 44.01 -18.92
CA LYS F 487 38.91 43.28 -18.73
C LYS F 487 38.86 41.95 -19.49
N ALA F 488 37.67 41.35 -19.52
CA ALA F 488 37.49 40.09 -20.23
C ALA F 488 37.61 40.33 -21.73
N ASP F 489 36.93 41.36 -22.21
CA ASP F 489 36.98 41.68 -23.62
C ASP F 489 38.40 41.98 -24.02
N LYS F 490 39.04 42.91 -23.31
CA LYS F 490 40.41 43.27 -23.59
C LYS F 490 41.25 42.01 -23.76
N ALA F 491 41.04 41.05 -22.87
CA ALA F 491 41.77 39.80 -22.92
C ALA F 491 41.48 39.05 -24.22
N PHE F 492 40.21 39.01 -24.62
CA PHE F 492 39.82 38.32 -25.84
C PHE F 492 40.54 38.86 -27.07
N ARG F 493 40.59 40.19 -27.18
CA ARG F 493 41.23 40.83 -28.31
C ARG F 493 42.72 40.50 -28.43
N GLY F 494 43.44 40.52 -27.31
CA GLY F 494 44.86 40.21 -27.33
C GLY F 494 45.20 38.74 -27.50
N MET F 495 44.88 38.18 -28.66
CA MET F 495 45.17 36.78 -28.94
C MET F 495 44.74 36.37 -30.35
#